data_7R39
#
_entry.id   7R39
#
_cell.length_a   84.362
_cell.length_b   88.364
_cell.length_c   138.537
_cell.angle_alpha   78.863
_cell.angle_beta   74.849
_cell.angle_gamma   64.843
#
_symmetry.space_group_name_H-M   'P 1'
#
loop_
_entity.id
_entity.type
_entity.pdbx_description
1 polymer Adenosylhomocysteinase
2 non-polymer NICOTINAMIDE-ADENINE-DINUCLEOTIDE
3 non-polymer ADENOSINE
4 water water
#
_entity_poly.entity_id   1
_entity_poly.type   'polypeptide(L)'
_entity_poly.pdbx_seq_one_letter_code
;MGSSHHHHHHSSGLVPRGSHMASMDYRVKDLSLAEQGRKQIEWAELHMPALMEIRKRFNAEKPLDGIRIGAVLHVTKETA
VLVETLKAGGAEIALAGSNPLSTQDDVAAGLAKNGIHVYAWRGETEKDYYDNIREILKYEPHVIMDDGGDLHAYVHENNL
TSKIVGGTEETTTGVIRLKAMEEEKVLKYPVIAVNNAFTKYLFDNRIGTGQSTIDGILRATNILIAGKVAVVIGYGWVGR
GIASRFKGMGARVIVVESSPFRALEALMDGFDVMTMNRASEIGDIFVTATGNLNVVSRDHILRMKDGAVLANSGHFNVEI
DVKGLKEISVETREVRQNLEEYKLRNGKRIYLLADGRLVNLVAAEGHPSEVMDLSFCNQALSVEHLIKNKGKLENKVYNV
PIEIDEQVARLKLKALGIEIEELTIEQKEYIKQWKYGT
;
_entity_poly.pdbx_strand_id   A,B,C,D,E,F,G,H
#
# COMPACT_ATOMS: atom_id res chain seq x y z
N ARG A 27 16.71 -10.46 -15.00
CA ARG A 27 15.80 -9.96 -16.02
C ARG A 27 16.40 -8.81 -16.83
N VAL A 28 16.80 -9.09 -18.06
CA VAL A 28 17.39 -8.10 -18.94
C VAL A 28 16.66 -8.15 -20.28
N LYS A 29 17.07 -7.26 -21.19
CA LYS A 29 16.39 -7.13 -22.47
C LYS A 29 16.72 -8.28 -23.41
N ASP A 30 18.00 -8.47 -23.73
CA ASP A 30 18.43 -9.46 -24.71
C ASP A 30 19.69 -10.14 -24.22
N LEU A 31 19.57 -11.42 -23.82
CA LEU A 31 20.71 -12.17 -23.34
C LEU A 31 21.71 -12.50 -24.44
N SER A 32 21.34 -12.30 -25.71
CA SER A 32 22.21 -12.56 -26.84
C SER A 32 23.29 -11.49 -27.05
N LEU A 33 23.15 -10.33 -26.41
CA LEU A 33 24.14 -9.27 -26.51
C LEU A 33 25.26 -9.43 -25.48
N ALA A 34 25.25 -10.53 -24.72
CA ALA A 34 26.23 -10.74 -23.66
C ALA A 34 27.66 -10.76 -24.17
N GLU A 35 27.90 -11.13 -25.44
CA GLU A 35 29.28 -11.16 -25.91
C GLU A 35 29.82 -9.77 -26.20
N GLN A 36 29.01 -8.92 -26.82
CA GLN A 36 29.42 -7.53 -27.00
C GLN A 36 29.62 -6.83 -25.67
N GLY A 37 28.75 -7.11 -24.69
CA GLY A 37 28.90 -6.49 -23.39
C GLY A 37 30.16 -6.92 -22.67
N ARG A 38 30.54 -8.20 -22.78
CA ARG A 38 31.73 -8.67 -22.11
C ARG A 38 32.99 -8.00 -22.68
N LYS A 39 33.03 -7.81 -24.00
CA LYS A 39 34.14 -7.06 -24.58
C LYS A 39 34.19 -5.65 -24.05
N GLN A 40 33.03 -5.09 -23.68
CA GLN A 40 32.97 -3.75 -23.12
C GLN A 40 33.40 -3.74 -21.66
N ILE A 41 33.08 -4.78 -20.91
CA ILE A 41 33.55 -4.86 -19.53
C ILE A 41 35.06 -5.08 -19.49
N GLU A 42 35.58 -5.87 -20.44
CA GLU A 42 37.02 -6.07 -20.48
C GLU A 42 37.73 -4.75 -20.78
N TRP A 43 37.12 -3.95 -21.64
CA TRP A 43 37.64 -2.62 -21.92
C TRP A 43 37.73 -1.78 -20.65
N ALA A 44 36.67 -1.80 -19.85
CA ALA A 44 36.68 -1.04 -18.60
C ALA A 44 37.72 -1.59 -17.62
N GLU A 45 37.86 -2.91 -17.52
CA GLU A 45 38.83 -3.48 -16.58
C GLU A 45 40.24 -3.00 -16.89
N LEU A 46 40.60 -2.95 -18.17
CA LEU A 46 41.93 -2.49 -18.55
C LEU A 46 42.14 -1.01 -18.23
N HIS A 47 41.06 -0.25 -18.07
CA HIS A 47 41.14 1.18 -17.79
C HIS A 47 40.69 1.54 -16.39
N MET A 48 40.52 0.55 -15.51
CA MET A 48 40.27 0.79 -14.09
C MET A 48 41.34 0.05 -13.29
N PRO A 49 42.61 0.43 -13.42
CA PRO A 49 43.67 -0.39 -12.82
C PRO A 49 43.59 -0.43 -11.30
N ALA A 50 43.23 0.69 -10.65
CA ALA A 50 43.20 0.70 -9.20
C ALA A 50 42.09 -0.19 -8.65
N LEU A 51 40.92 -0.19 -9.30
CA LEU A 51 39.87 -1.12 -8.88
C LEU A 51 40.27 -2.55 -9.18
N MET A 52 41.09 -2.75 -10.21
CA MET A 52 41.61 -4.07 -10.50
C MET A 52 42.58 -4.53 -9.42
N GLU A 53 43.27 -3.58 -8.77
CA GLU A 53 44.17 -3.95 -7.68
C GLU A 53 43.41 -4.35 -6.44
N ILE A 54 42.29 -3.70 -6.16
CA ILE A 54 41.45 -4.10 -5.02
C ILE A 54 40.78 -5.45 -5.28
N ARG A 55 40.37 -5.72 -6.51
CA ARG A 55 39.70 -6.99 -6.80
C ARG A 55 40.56 -8.20 -6.45
N LYS A 56 41.87 -8.13 -6.72
CA LYS A 56 42.76 -9.24 -6.40
C LYS A 56 42.91 -9.40 -4.89
N ARG A 57 43.01 -8.29 -4.16
CA ARG A 57 43.03 -8.38 -2.71
C ARG A 57 41.68 -8.88 -2.19
N PHE A 58 40.61 -8.67 -2.96
CA PHE A 58 39.30 -9.16 -2.55
C PHE A 58 39.16 -10.66 -2.80
N ASN A 59 39.63 -11.12 -3.96
CA ASN A 59 39.53 -12.53 -4.30
C ASN A 59 40.42 -13.40 -3.43
N ALA A 60 41.36 -12.77 -2.73
CA ALA A 60 42.31 -13.50 -1.89
C ALA A 60 41.93 -13.45 -0.41
N GLU A 61 41.48 -12.30 0.08
CA GLU A 61 41.14 -12.18 1.50
C GLU A 61 39.66 -12.36 1.76
N LYS A 62 38.85 -12.53 0.71
CA LYS A 62 37.39 -12.66 0.74
C LYS A 62 36.73 -11.86 1.85
N PRO A 63 36.86 -10.53 1.85
CA PRO A 63 36.33 -9.74 2.97
C PRO A 63 34.81 -9.59 2.99
N LEU A 64 34.11 -9.89 1.90
CA LEU A 64 32.66 -9.70 1.85
C LEU A 64 31.92 -11.03 1.73
N ASP A 65 32.48 -12.11 2.29
CA ASP A 65 31.87 -13.41 2.13
C ASP A 65 30.60 -13.53 2.98
N GLY A 66 29.56 -14.13 2.40
CA GLY A 66 28.28 -14.25 3.06
C GLY A 66 27.50 -12.97 3.16
N ILE A 67 27.88 -11.95 2.38
CA ILE A 67 27.23 -10.65 2.40
C ILE A 67 26.39 -10.51 1.13
N ARG A 68 25.15 -10.04 1.31
CA ARG A 68 24.23 -9.80 0.21
C ARG A 68 24.11 -8.30 -0.01
N ILE A 69 24.37 -7.85 -1.22
CA ILE A 69 24.40 -6.43 -1.56
C ILE A 69 23.30 -6.13 -2.56
N GLY A 70 22.50 -5.11 -2.27
CA GLY A 70 21.51 -4.62 -3.21
C GLY A 70 21.88 -3.24 -3.71
N ALA A 71 22.02 -3.07 -5.01
CA ALA A 71 22.56 -1.85 -5.59
C ALA A 71 21.62 -1.28 -6.63
N VAL A 72 21.38 0.03 -6.56
CA VAL A 72 20.72 0.78 -7.62
C VAL A 72 21.75 1.77 -8.14
N LEU A 73 22.33 1.44 -9.29
CA LEU A 73 23.39 2.23 -9.93
C LEU A 73 23.10 2.26 -11.42
N HIS A 74 23.82 3.09 -12.16
CA HIS A 74 23.72 3.07 -13.62
C HIS A 74 24.42 1.83 -14.14
N VAL A 75 23.70 1.00 -14.89
CA VAL A 75 24.21 -0.28 -15.36
C VAL A 75 25.12 -0.06 -16.56
N THR A 76 26.39 0.19 -16.28
CA THR A 76 27.40 0.49 -17.28
C THR A 76 28.50 -0.55 -17.20
N LYS A 77 29.43 -0.49 -18.16
CA LYS A 77 30.60 -1.34 -18.09
C LYS A 77 31.40 -1.06 -16.83
N GLU A 78 31.28 0.16 -16.28
CA GLU A 78 32.01 0.53 -15.08
C GLU A 78 31.35 -0.01 -13.83
N THR A 79 30.01 0.01 -13.76
CA THR A 79 29.34 -0.68 -12.67
C THR A 79 29.59 -2.19 -12.71
N ALA A 80 29.74 -2.74 -13.92
CA ALA A 80 30.00 -4.17 -14.05
C ALA A 80 31.34 -4.54 -13.43
N VAL A 81 32.34 -3.67 -13.60
CA VAL A 81 33.66 -3.94 -13.03
C VAL A 81 33.62 -3.85 -11.51
N LEU A 82 32.81 -2.94 -10.97
CA LEU A 82 32.69 -2.82 -9.52
C LEU A 82 31.86 -3.96 -8.93
N VAL A 83 30.75 -4.29 -9.59
CA VAL A 83 29.84 -5.31 -9.08
C VAL A 83 30.51 -6.68 -9.13
N GLU A 84 31.31 -6.96 -10.17
CA GLU A 84 32.05 -8.21 -10.19
C GLU A 84 33.23 -8.17 -9.22
N THR A 85 33.78 -6.97 -8.96
CA THR A 85 34.82 -6.84 -7.94
C THR A 85 34.25 -7.17 -6.57
N LEU A 86 32.99 -6.80 -6.33
CA LEU A 86 32.35 -7.19 -5.07
C LEU A 86 32.10 -8.69 -5.01
N LYS A 87 31.70 -9.28 -6.15
CA LYS A 87 31.53 -10.74 -6.19
C LYS A 87 32.85 -11.46 -5.95
N ALA A 88 33.97 -10.89 -6.41
CA ALA A 88 35.28 -11.47 -6.15
C ALA A 88 35.58 -11.49 -4.65
N GLY A 89 35.11 -10.50 -3.91
CA GLY A 89 35.26 -10.48 -2.47
C GLY A 89 34.33 -11.39 -1.70
N GLY A 90 33.57 -12.23 -2.39
CA GLY A 90 32.69 -13.18 -1.75
C GLY A 90 31.28 -12.70 -1.53
N ALA A 91 30.86 -11.65 -2.23
CA ALA A 91 29.55 -11.05 -2.03
C ALA A 91 28.57 -11.53 -3.09
N GLU A 92 27.30 -11.53 -2.73
CA GLU A 92 26.19 -11.84 -3.63
C GLU A 92 25.46 -10.53 -3.91
N ILE A 93 25.34 -10.16 -5.19
CA ILE A 93 24.91 -8.82 -5.57
C ILE A 93 23.67 -8.90 -6.45
N ALA A 94 22.67 -8.07 -6.15
CA ALA A 94 21.50 -7.85 -6.99
C ALA A 94 21.52 -6.41 -7.46
N LEU A 95 21.37 -6.20 -8.78
CA LEU A 95 21.56 -4.89 -9.40
C LEU A 95 20.31 -4.44 -10.14
N ALA A 96 19.95 -3.17 -9.94
CA ALA A 96 18.85 -2.53 -10.67
C ALA A 96 19.31 -1.17 -11.16
N GLY A 97 18.79 -0.75 -12.31
CA GLY A 97 19.20 0.52 -12.89
C GLY A 97 18.70 1.71 -12.07
N SER A 98 19.57 2.73 -11.98
CA SER A 98 19.26 3.96 -11.26
C SER A 98 18.49 4.96 -12.11
N ASN A 99 18.54 4.82 -13.43
CA ASN A 99 17.91 5.72 -14.37
C ASN A 99 17.32 4.83 -15.46
N PRO A 100 16.10 5.10 -15.92
CA PRO A 100 15.45 4.20 -16.88
C PRO A 100 16.06 4.21 -18.28
N LEU A 101 16.97 5.13 -18.60
CA LEU A 101 17.58 5.19 -19.91
C LEU A 101 19.10 5.06 -19.86
N SER A 102 19.67 4.79 -18.69
CA SER A 102 21.12 4.73 -18.54
C SER A 102 21.69 3.34 -18.76
N THR A 103 20.88 2.29 -18.59
CA THR A 103 21.37 0.91 -18.64
C THR A 103 21.99 0.61 -20.01
N GLN A 104 23.21 0.06 -19.98
CA GLN A 104 23.84 -0.49 -21.17
C GLN A 104 23.41 -1.95 -21.29
N ASP A 105 22.52 -2.23 -22.27
CA ASP A 105 21.86 -3.53 -22.34
C ASP A 105 22.83 -4.68 -22.54
N ASP A 106 23.84 -4.49 -23.38
CA ASP A 106 24.84 -5.53 -23.57
C ASP A 106 25.60 -5.81 -22.27
N VAL A 107 25.87 -4.76 -21.48
CA VAL A 107 26.57 -4.96 -20.22
C VAL A 107 25.68 -5.70 -19.23
N ALA A 108 24.37 -5.42 -19.27
CA ALA A 108 23.44 -6.12 -18.40
C ALA A 108 23.34 -7.60 -18.76
N ALA A 109 23.29 -7.91 -20.06
CA ALA A 109 23.34 -9.31 -20.50
C ALA A 109 24.60 -10.00 -20.02
N GLY A 110 25.76 -9.37 -20.27
CA GLY A 110 27.01 -9.95 -19.82
C GLY A 110 27.05 -10.21 -18.32
N LEU A 111 26.42 -9.33 -17.53
CA LEU A 111 26.40 -9.54 -16.08
C LEU A 111 25.50 -10.70 -15.68
N ALA A 112 24.40 -10.93 -16.42
CA ALA A 112 23.48 -12.00 -16.06
C ALA A 112 24.11 -13.37 -16.33
N LYS A 113 24.85 -13.49 -17.44
CA LYS A 113 25.59 -14.71 -17.73
C LYS A 113 26.63 -15.03 -16.66
N ASN A 114 27.11 -14.03 -15.93
CA ASN A 114 27.96 -14.28 -14.78
C ASN A 114 27.01 -14.51 -13.62
N GLY A 115 27.37 -14.13 -12.40
CA GLY A 115 26.45 -14.49 -11.31
C GLY A 115 25.65 -13.34 -10.75
N ILE A 116 25.37 -12.32 -11.57
CA ILE A 116 24.77 -11.08 -11.10
C ILE A 116 23.28 -11.10 -11.35
N HIS A 117 22.50 -10.92 -10.28
CA HIS A 117 21.04 -10.82 -10.36
C HIS A 117 20.68 -9.39 -10.79
N VAL A 118 20.81 -9.15 -12.09
CA VAL A 118 20.63 -7.83 -12.69
C VAL A 118 19.23 -7.71 -13.28
N TYR A 119 18.47 -6.73 -12.82
CA TYR A 119 17.12 -6.43 -13.32
C TYR A 119 17.12 -5.01 -13.90
N ALA A 120 17.46 -4.88 -15.18
CA ALA A 120 17.58 -3.56 -15.79
C ALA A 120 17.63 -3.69 -17.31
N TRP A 121 17.08 -2.68 -17.98
CA TRP A 121 17.15 -2.56 -19.44
C TRP A 121 16.84 -1.11 -19.80
N ARG A 122 17.33 -0.70 -20.97
CA ARG A 122 17.04 0.65 -21.46
C ARG A 122 15.60 0.74 -21.92
N GLY A 123 14.94 1.82 -21.53
CA GLY A 123 13.56 2.02 -21.87
C GLY A 123 12.59 1.60 -20.80
N GLU A 124 13.04 1.48 -19.56
CA GLU A 124 12.16 1.04 -18.48
C GLU A 124 11.05 2.06 -18.29
N THR A 125 9.93 1.59 -17.76
CA THR A 125 8.90 2.50 -17.30
C THR A 125 9.06 2.71 -15.81
N GLU A 126 8.44 3.77 -15.30
CA GLU A 126 8.56 4.08 -13.89
C GLU A 126 8.00 2.94 -13.03
N LYS A 127 7.01 2.21 -13.54
CA LYS A 127 6.52 1.02 -12.86
C LYS A 127 7.58 -0.08 -12.88
N ASP A 128 8.20 -0.31 -14.05
CA ASP A 128 9.28 -1.26 -14.16
C ASP A 128 10.43 -0.90 -13.22
N TYR A 129 10.74 0.40 -13.10
CA TYR A 129 11.82 0.86 -12.25
C TYR A 129 11.64 0.38 -10.81
N TYR A 130 10.46 0.63 -10.23
CA TYR A 130 10.22 0.22 -8.85
C TYR A 130 9.86 -1.25 -8.74
N ASP A 131 9.42 -1.89 -9.83
CA ASP A 131 9.31 -3.34 -9.82
C ASP A 131 10.69 -3.97 -9.68
N ASN A 132 11.67 -3.44 -10.42
CA ASN A 132 13.03 -3.96 -10.36
C ASN A 132 13.68 -3.72 -9.01
N ILE A 133 13.28 -2.66 -8.30
CA ILE A 133 13.86 -2.41 -6.99
C ILE A 133 13.31 -3.41 -5.98
N ARG A 134 12.03 -3.77 -6.12
CA ARG A 134 11.49 -4.84 -5.29
C ARG A 134 12.14 -6.18 -5.62
N GLU A 135 12.54 -6.39 -6.88
CA GLU A 135 13.21 -7.61 -7.27
C GLU A 135 14.54 -7.77 -6.55
N ILE A 136 15.42 -6.76 -6.65
CA ILE A 136 16.71 -6.81 -5.99
C ILE A 136 16.54 -6.81 -4.48
N LEU A 137 15.41 -6.31 -3.99
CA LEU A 137 15.16 -6.23 -2.56
C LEU A 137 14.61 -7.54 -1.98
N LYS A 138 14.25 -8.50 -2.84
CA LYS A 138 13.77 -9.78 -2.35
C LYS A 138 14.88 -10.61 -1.71
N TYR A 139 16.13 -10.37 -2.10
CA TYR A 139 17.21 -11.11 -1.47
C TYR A 139 17.52 -10.60 -0.07
N GLU A 140 16.85 -9.55 0.39
CA GLU A 140 17.01 -8.97 1.72
C GLU A 140 18.46 -8.61 1.96
N PRO A 141 18.96 -7.53 1.36
CA PRO A 141 20.40 -7.25 1.43
C PRO A 141 20.80 -6.70 2.78
N HIS A 142 22.07 -6.95 3.14
CA HIS A 142 22.66 -6.30 4.29
C HIS A 142 23.25 -4.94 3.94
N VAL A 143 23.62 -4.72 2.69
CA VAL A 143 24.20 -3.46 2.25
C VAL A 143 23.38 -2.87 1.12
N ILE A 144 23.19 -1.55 1.18
CA ILE A 144 22.44 -0.79 0.17
C ILE A 144 23.43 0.12 -0.56
N MET A 145 23.61 -0.11 -1.85
CA MET A 145 24.39 0.80 -2.67
C MET A 145 23.42 1.58 -3.56
N ASP A 146 23.43 2.90 -3.41
CA ASP A 146 22.44 3.77 -4.01
C ASP A 146 23.13 4.87 -4.80
N ASP A 147 22.42 5.40 -5.80
CA ASP A 147 22.93 6.49 -6.61
C ASP A 147 22.21 7.80 -6.33
N GLY A 148 20.91 7.87 -6.59
CA GLY A 148 20.17 9.09 -6.39
C GLY A 148 19.31 9.15 -5.13
N GLY A 149 19.40 8.17 -4.25
CA GLY A 149 18.62 8.16 -3.03
C GLY A 149 17.33 7.37 -3.08
N ASP A 150 16.94 6.88 -4.27
CA ASP A 150 15.65 6.20 -4.39
C ASP A 150 15.62 4.90 -3.58
N LEU A 151 16.70 4.12 -3.64
CA LEU A 151 16.72 2.87 -2.90
C LEU A 151 16.74 3.11 -1.41
N HIS A 152 17.48 4.12 -0.95
CA HIS A 152 17.45 4.45 0.47
C HIS A 152 16.06 4.92 0.89
N ALA A 153 15.38 5.67 0.03
CA ALA A 153 14.05 6.16 0.35
C ALA A 153 13.02 5.04 0.38
N TYR A 154 13.02 4.19 -0.66
CA TYR A 154 12.07 3.09 -0.71
C TYR A 154 12.23 2.17 0.49
N VAL A 155 13.47 1.83 0.82
CA VAL A 155 13.74 0.90 1.91
C VAL A 155 13.23 1.45 3.24
N HIS A 156 13.24 2.78 3.40
CA HIS A 156 12.73 3.40 4.61
C HIS A 156 11.22 3.65 4.56
N GLU A 157 10.69 4.07 3.40
CA GLU A 157 9.27 4.37 3.29
C GLU A 157 8.40 3.12 3.32
N ASN A 158 8.93 1.96 2.96
CA ASN A 158 8.19 0.72 2.97
C ASN A 158 8.58 -0.17 4.15
N ASN A 159 9.26 0.39 5.15
CA ASN A 159 9.54 -0.27 6.42
C ASN A 159 10.32 -1.57 6.26
N LEU A 160 11.38 -1.56 5.45
CA LEU A 160 12.26 -2.72 5.40
C LEU A 160 13.40 -2.57 6.41
N THR A 161 14.55 -2.07 5.96
CA THR A 161 15.72 -1.79 6.81
C THR A 161 16.05 -2.80 7.92
N SER A 162 15.22 -3.81 8.16
CA SER A 162 15.40 -4.70 9.30
C SER A 162 16.78 -5.34 9.29
N LYS A 163 17.15 -5.97 8.16
CA LYS A 163 18.40 -6.69 8.02
C LYS A 163 19.54 -5.84 7.48
N ILE A 164 19.30 -4.56 7.21
CA ILE A 164 20.29 -3.72 6.53
C ILE A 164 21.36 -3.27 7.50
N VAL A 165 22.61 -3.54 7.15
CA VAL A 165 23.75 -3.23 8.00
C VAL A 165 24.41 -1.89 7.64
N GLY A 166 24.26 -1.42 6.41
CA GLY A 166 24.85 -0.14 6.04
C GLY A 166 24.62 0.14 4.58
N GLY A 167 25.08 1.31 4.16
CA GLY A 167 24.87 1.71 2.77
C GLY A 167 25.86 2.76 2.31
N THR A 168 25.79 3.03 1.00
CA THR A 168 26.63 4.04 0.38
C THR A 168 25.79 4.91 -0.54
N GLU A 169 26.24 6.15 -0.74
CA GLU A 169 25.58 7.09 -1.63
C GLU A 169 26.60 7.63 -2.62
N GLU A 170 26.26 7.58 -3.91
CA GLU A 170 27.21 7.90 -4.96
C GLU A 170 27.13 9.34 -5.45
N THR A 171 25.96 9.97 -5.45
CA THR A 171 25.83 11.26 -6.10
C THR A 171 25.34 12.32 -5.10
N THR A 172 25.59 13.58 -5.47
CA THR A 172 25.24 14.72 -4.61
C THR A 172 23.76 14.72 -4.26
N THR A 173 22.90 14.46 -5.24
CA THR A 173 21.46 14.50 -4.99
C THR A 173 21.08 13.49 -3.91
N GLY A 174 21.69 12.32 -3.92
CA GLY A 174 21.39 11.34 -2.90
C GLY A 174 21.88 11.73 -1.52
N VAL A 175 23.01 12.45 -1.45
CA VAL A 175 23.55 12.81 -0.15
C VAL A 175 22.65 13.83 0.54
N ILE A 176 22.09 14.77 -0.22
CA ILE A 176 21.16 15.75 0.36
C ILE A 176 19.91 15.07 0.90
N ARG A 177 19.31 14.16 0.13
CA ARG A 177 18.12 13.46 0.63
C ARG A 177 18.45 12.68 1.89
N LEU A 178 19.58 11.98 1.91
CA LEU A 178 19.94 11.19 3.09
C LEU A 178 20.26 12.07 4.29
N LYS A 179 20.76 13.29 4.07
CA LYS A 179 21.03 14.19 5.19
C LYS A 179 19.74 14.71 5.80
N ALA A 180 18.70 14.93 4.97
CA ALA A 180 17.39 15.27 5.50
C ALA A 180 16.80 14.11 6.31
N MET A 181 16.97 12.88 5.80
CA MET A 181 16.57 11.71 6.57
C MET A 181 17.27 11.65 7.91
N GLU A 182 18.51 12.15 7.99
CA GLU A 182 19.23 12.12 9.24
C GLU A 182 18.72 13.21 10.20
N GLU A 183 18.39 14.38 9.66
CA GLU A 183 17.78 15.44 10.46
C GLU A 183 16.38 15.07 10.91
N GLU A 184 15.68 14.23 10.16
CA GLU A 184 14.36 13.74 10.54
C GLU A 184 14.44 12.50 11.41
N LYS A 185 15.65 11.99 11.67
CA LYS A 185 15.86 10.81 12.52
C LYS A 185 15.10 9.59 11.99
N VAL A 186 15.07 9.44 10.67
CA VAL A 186 14.41 8.30 10.05
C VAL A 186 15.43 7.25 9.59
N LEU A 187 16.66 7.70 9.33
CA LEU A 187 17.71 6.80 8.88
C LEU A 187 17.99 5.70 9.91
N LYS A 188 18.11 4.46 9.43
CA LYS A 188 18.20 3.30 10.31
C LYS A 188 19.51 2.53 10.22
N TYR A 189 20.36 2.79 9.25
CA TYR A 189 21.67 2.18 9.16
C TYR A 189 22.71 3.24 8.85
N PRO A 190 23.99 2.98 9.11
CA PRO A 190 25.02 3.95 8.73
C PRO A 190 25.17 4.00 7.22
N VAL A 191 25.45 5.19 6.70
CA VAL A 191 25.58 5.40 5.27
C VAL A 191 26.88 6.15 4.99
N ILE A 192 27.62 5.69 3.99
CA ILE A 192 28.86 6.31 3.56
C ILE A 192 28.57 7.23 2.38
N ALA A 193 28.85 8.52 2.54
CA ALA A 193 28.68 9.51 1.47
C ALA A 193 29.90 9.45 0.57
N VAL A 194 29.88 8.51 -0.39
CA VAL A 194 30.99 8.33 -1.31
C VAL A 194 31.19 9.57 -2.18
N ASN A 195 30.13 10.35 -2.39
CA ASN A 195 30.24 11.55 -3.20
C ASN A 195 31.18 12.59 -2.59
N ASN A 196 31.27 12.66 -1.26
CA ASN A 196 32.01 13.73 -0.59
C ASN A 196 33.50 13.47 -0.45
N ALA A 197 34.01 12.32 -0.90
CA ALA A 197 35.45 12.07 -0.87
C ALA A 197 36.15 12.90 -1.94
N PHE A 198 37.35 13.40 -1.60
CA PHE A 198 38.11 14.21 -2.55
C PHE A 198 38.35 13.48 -3.86
N THR A 199 38.73 12.21 -3.79
CA THR A 199 39.00 11.47 -5.01
C THR A 199 37.74 11.18 -5.82
N LYS A 200 36.56 11.54 -5.30
CA LYS A 200 35.32 11.43 -6.06
C LYS A 200 34.91 12.78 -6.62
N TYR A 201 34.51 13.72 -5.74
CA TYR A 201 33.92 14.96 -6.22
C TYR A 201 34.93 15.84 -6.96
N LEU A 202 36.22 15.71 -6.67
CA LEU A 202 37.18 16.49 -7.44
C LEU A 202 37.43 15.95 -8.84
N PHE A 203 37.04 14.70 -9.11
CA PHE A 203 37.38 14.10 -10.41
C PHE A 203 36.16 13.57 -11.15
N ASP A 204 35.32 12.81 -10.45
CA ASP A 204 34.07 12.33 -11.04
C ASP A 204 33.15 13.51 -11.38
N ASN A 205 32.75 14.26 -10.36
CA ASN A 205 31.78 15.33 -10.57
C ASN A 205 32.31 16.41 -11.48
N ARG A 206 33.60 16.72 -11.41
CA ARG A 206 34.15 17.84 -12.17
C ARG A 206 34.73 17.39 -13.49
N ILE A 207 35.81 16.60 -13.46
CA ILE A 207 36.51 16.23 -14.68
C ILE A 207 35.69 15.25 -15.51
N GLY A 208 35.09 14.25 -14.84
CA GLY A 208 34.34 13.25 -15.57
C GLY A 208 33.13 13.85 -16.26
N THR A 209 32.28 14.56 -15.50
CA THR A 209 31.06 15.12 -16.07
C THR A 209 31.35 16.19 -17.11
N GLY A 210 32.46 16.92 -16.96
CA GLY A 210 32.83 17.92 -17.95
C GLY A 210 32.99 17.33 -19.33
N GLN A 211 33.82 16.30 -19.45
CA GLN A 211 33.98 15.58 -20.72
C GLN A 211 32.70 14.82 -21.05
N SER A 212 32.12 14.15 -20.05
CA SER A 212 30.96 13.31 -20.28
C SER A 212 29.79 14.09 -20.87
N THR A 213 29.52 15.29 -20.33
CA THR A 213 28.37 16.08 -20.79
C THR A 213 28.57 16.60 -22.21
N ILE A 214 29.76 17.13 -22.52
CA ILE A 214 30.03 17.59 -23.88
C ILE A 214 29.98 16.42 -24.86
N ASP A 215 30.47 15.25 -24.44
CA ASP A 215 30.36 14.06 -25.29
C ASP A 215 28.91 13.71 -25.57
N GLY A 216 28.07 13.74 -24.54
CA GLY A 216 26.64 13.46 -24.74
C GLY A 216 25.97 14.46 -25.65
N ILE A 217 26.29 15.74 -25.49
CA ILE A 217 25.73 16.76 -26.37
C ILE A 217 26.15 16.51 -27.81
N LEU A 218 27.41 16.14 -28.01
CA LEU A 218 27.91 15.92 -29.36
C LEU A 218 27.33 14.66 -29.99
N ARG A 219 26.91 13.69 -29.18
CA ARG A 219 26.33 12.47 -29.72
C ARG A 219 24.86 12.65 -30.08
N ALA A 220 24.14 13.50 -29.35
CA ALA A 220 22.73 13.76 -29.66
C ALA A 220 22.58 14.75 -30.81
N THR A 221 23.53 15.66 -30.96
CA THR A 221 23.59 16.67 -32.01
C THR A 221 25.04 16.83 -32.39
N ASN A 222 25.33 16.98 -33.67
CA ASN A 222 26.70 17.37 -34.05
C ASN A 222 26.79 18.88 -34.12
N ILE A 223 26.54 19.50 -32.98
CA ILE A 223 26.46 20.95 -32.88
C ILE A 223 27.88 21.46 -32.72
N LEU A 224 28.19 22.57 -33.38
CA LEU A 224 29.46 23.25 -33.17
C LEU A 224 29.43 23.97 -31.83
N ILE A 225 30.39 23.67 -30.96
CA ILE A 225 30.43 24.36 -29.68
C ILE A 225 31.12 25.70 -29.82
N ALA A 226 32.10 25.80 -30.74
CA ALA A 226 33.01 26.93 -30.80
C ALA A 226 32.28 28.27 -30.83
N GLY A 227 31.40 28.48 -31.80
CA GLY A 227 30.94 29.86 -31.89
C GLY A 227 29.80 30.26 -30.98
N LYS A 228 29.42 29.41 -30.04
CA LYS A 228 28.14 29.49 -29.35
C LYS A 228 28.26 30.07 -27.94
N VAL A 229 27.13 30.62 -27.48
CA VAL A 229 26.92 31.05 -26.10
C VAL A 229 26.31 29.88 -25.34
N ALA A 230 27.06 29.29 -24.41
CA ALA A 230 26.57 28.21 -23.57
C ALA A 230 26.30 28.71 -22.16
N VAL A 231 25.13 28.34 -21.63
CA VAL A 231 24.72 28.75 -20.29
C VAL A 231 24.80 27.52 -19.41
N VAL A 232 25.59 27.62 -18.35
CA VAL A 232 25.72 26.57 -17.33
C VAL A 232 25.02 27.10 -16.09
N ILE A 233 23.93 26.44 -15.68
CA ILE A 233 23.21 26.82 -14.48
C ILE A 233 23.69 25.93 -13.36
N GLY A 234 24.38 26.52 -12.40
CA GLY A 234 25.00 25.78 -11.32
C GLY A 234 26.50 25.76 -11.51
N TYR A 235 27.25 26.36 -10.59
CA TYR A 235 28.70 26.36 -10.65
C TYR A 235 29.30 25.58 -9.49
N GLY A 236 28.71 24.44 -9.17
CA GLY A 236 29.33 23.49 -8.26
C GLY A 236 30.41 22.72 -8.98
N TRP A 237 30.72 21.53 -8.44
CA TRP A 237 31.80 20.74 -9.03
C TRP A 237 31.43 20.24 -10.41
N VAL A 238 30.16 19.88 -10.62
CA VAL A 238 29.71 19.47 -11.94
C VAL A 238 29.70 20.66 -12.90
N GLY A 239 29.07 21.77 -12.50
CA GLY A 239 28.91 22.88 -13.41
C GLY A 239 30.21 23.55 -13.81
N ARG A 240 31.15 23.63 -12.88
CA ARG A 240 32.43 24.26 -13.19
C ARG A 240 33.26 23.37 -14.12
N GLY A 241 33.09 22.04 -14.01
CA GLY A 241 33.71 21.14 -14.97
C GLY A 241 33.10 21.27 -16.35
N ILE A 242 31.78 21.46 -16.42
CA ILE A 242 31.13 21.68 -17.71
C ILE A 242 31.57 23.01 -18.32
N ALA A 243 31.66 24.05 -17.49
CA ALA A 243 32.10 25.35 -17.99
C ALA A 243 33.54 25.28 -18.49
N SER A 244 34.40 24.57 -17.78
CA SER A 244 35.78 24.39 -18.22
C SER A 244 35.83 23.75 -19.61
N ARG A 245 34.96 22.78 -19.86
CA ARG A 245 34.99 22.06 -21.13
C ARG A 245 34.30 22.81 -22.25
N PHE A 246 33.23 23.56 -21.95
CA PHE A 246 32.70 24.48 -22.94
C PHE A 246 33.76 25.52 -23.35
N LYS A 247 34.48 26.07 -22.36
CA LYS A 247 35.55 27.01 -22.66
C LYS A 247 36.67 26.34 -23.45
N GLY A 248 37.03 25.12 -23.08
CA GLY A 248 38.03 24.39 -23.82
C GLY A 248 37.61 23.98 -25.23
N MET A 249 36.31 23.92 -25.49
CA MET A 249 35.81 23.65 -26.84
C MET A 249 35.54 24.91 -27.65
N GLY A 250 35.87 26.08 -27.10
CA GLY A 250 35.76 27.32 -27.82
C GLY A 250 34.49 28.12 -27.60
N ALA A 251 33.63 27.71 -26.67
CA ALA A 251 32.36 28.40 -26.49
C ALA A 251 32.52 29.64 -25.61
N ARG A 252 31.54 30.54 -25.71
CA ARG A 252 31.40 31.68 -24.81
C ARG A 252 30.51 31.25 -23.62
N VAL A 253 31.12 31.08 -22.46
CA VAL A 253 30.43 30.45 -21.33
C VAL A 253 29.80 31.51 -20.45
N ILE A 254 28.52 31.33 -20.15
CA ILE A 254 27.79 32.16 -19.20
C ILE A 254 27.36 31.26 -18.04
N VAL A 255 27.54 31.73 -16.82
CA VAL A 255 27.16 30.98 -15.62
C VAL A 255 26.00 31.68 -14.93
N VAL A 256 25.01 30.88 -14.53
CA VAL A 256 23.92 31.32 -13.66
C VAL A 256 24.09 30.59 -12.34
N GLU A 257 24.12 31.35 -11.25
CA GLU A 257 24.37 30.79 -9.92
C GLU A 257 23.44 31.43 -8.91
N SER A 258 23.13 30.68 -7.85
CA SER A 258 22.31 31.18 -6.74
C SER A 258 23.07 31.45 -5.45
N SER A 259 24.30 30.99 -5.35
CA SER A 259 25.21 31.21 -4.22
C SER A 259 26.13 32.40 -4.51
N PRO A 260 26.25 33.35 -3.59
CA PRO A 260 27.22 34.44 -3.80
C PRO A 260 28.66 33.98 -3.94
N PHE A 261 29.08 32.95 -3.18
CA PHE A 261 30.46 32.48 -3.26
C PHE A 261 30.80 31.95 -4.66
N ARG A 262 29.94 31.06 -5.19
CA ARG A 262 30.25 30.41 -6.45
C ARG A 262 30.05 31.33 -7.65
N ALA A 263 29.15 32.32 -7.53
CA ALA A 263 29.02 33.31 -8.59
C ALA A 263 30.30 34.14 -8.69
N LEU A 264 30.90 34.45 -7.54
CA LEU A 264 32.18 35.13 -7.54
C LEU A 264 33.29 34.21 -8.07
N GLU A 265 33.21 32.92 -7.75
CA GLU A 265 34.14 31.96 -8.33
C GLU A 265 34.04 31.93 -9.85
N ALA A 266 32.81 31.93 -10.37
CA ALA A 266 32.64 31.86 -11.82
C ALA A 266 33.09 33.14 -12.49
N LEU A 267 32.88 34.29 -11.85
CA LEU A 267 33.31 35.56 -12.43
C LEU A 267 34.82 35.65 -12.50
N MET A 268 35.51 35.30 -11.41
CA MET A 268 36.97 35.39 -11.41
C MET A 268 37.60 34.33 -12.30
N ASP A 269 36.84 33.32 -12.72
CA ASP A 269 37.31 32.35 -13.71
C ASP A 269 37.03 32.82 -15.12
N GLY A 270 36.56 34.06 -15.27
CA GLY A 270 36.41 34.68 -16.57
C GLY A 270 35.09 34.47 -17.26
N PHE A 271 34.06 34.02 -16.55
CA PHE A 271 32.76 33.76 -17.16
C PHE A 271 31.77 34.89 -16.83
N ASP A 272 30.97 35.27 -17.83
CA ASP A 272 29.89 36.22 -17.60
C ASP A 272 28.83 35.59 -16.70
N VAL A 273 28.51 36.27 -15.60
CA VAL A 273 27.54 35.78 -14.62
C VAL A 273 26.31 36.66 -14.68
N MET A 274 25.14 36.04 -14.79
CA MET A 274 23.89 36.77 -14.90
C MET A 274 22.76 35.88 -14.42
N THR A 275 21.55 36.46 -14.35
CA THR A 275 20.36 35.71 -13.99
C THR A 275 19.88 34.88 -15.17
N MET A 276 19.10 33.84 -14.85
CA MET A 276 18.44 33.05 -15.89
C MET A 276 17.54 33.91 -16.77
N ASN A 277 16.94 34.95 -16.19
CA ASN A 277 16.09 35.84 -16.98
C ASN A 277 16.88 36.52 -18.09
N ARG A 278 18.10 37.00 -17.79
CA ARG A 278 18.93 37.58 -18.84
C ARG A 278 19.56 36.50 -19.72
N ALA A 279 20.09 35.43 -19.12
CA ALA A 279 20.76 34.39 -19.89
C ALA A 279 19.81 33.69 -20.85
N SER A 280 18.52 33.59 -20.53
CA SER A 280 17.59 32.87 -21.38
C SER A 280 17.46 33.50 -22.76
N GLU A 281 17.64 34.81 -22.87
CA GLU A 281 17.51 35.48 -24.16
C GLU A 281 18.80 35.46 -24.97
N ILE A 282 19.88 34.96 -24.41
CA ILE A 282 21.21 35.07 -25.01
C ILE A 282 21.76 33.69 -25.34
N GLY A 283 21.45 32.70 -24.50
CA GLY A 283 22.09 31.41 -24.61
C GLY A 283 21.66 30.63 -25.84
N ASP A 284 22.62 29.87 -26.39
CA ASP A 284 22.35 28.90 -27.44
C ASP A 284 22.18 27.49 -26.89
N ILE A 285 22.94 27.14 -25.87
CA ILE A 285 22.84 25.85 -25.20
C ILE A 285 22.70 26.11 -23.71
N PHE A 286 21.79 25.39 -23.08
CA PHE A 286 21.58 25.49 -21.64
C PHE A 286 21.78 24.11 -21.05
N VAL A 287 22.71 24.00 -20.11
CA VAL A 287 22.96 22.76 -19.39
C VAL A 287 22.79 23.04 -17.91
N THR A 288 21.98 22.24 -17.24
CA THR A 288 21.70 22.41 -15.83
C THR A 288 22.56 21.48 -15.00
N ALA A 289 23.07 21.99 -13.89
CA ALA A 289 23.93 21.20 -13.01
C ALA A 289 23.67 21.64 -11.57
N THR A 290 22.41 21.75 -11.21
CA THR A 290 21.95 21.98 -9.85
C THR A 290 21.39 20.67 -9.32
N GLY A 291 21.08 20.63 -8.03
CA GLY A 291 20.31 19.49 -7.58
C GLY A 291 18.87 19.87 -7.35
N ASN A 292 18.32 20.71 -8.23
CA ASN A 292 17.16 21.50 -7.89
C ASN A 292 16.10 21.41 -8.98
N LEU A 293 14.99 22.10 -8.74
CA LEU A 293 13.73 21.95 -9.47
C LEU A 293 13.39 23.21 -10.27
N ASN A 294 12.86 23.02 -11.48
CA ASN A 294 12.40 24.10 -12.34
C ASN A 294 13.43 25.22 -12.40
N VAL A 295 14.69 24.81 -12.56
CA VAL A 295 15.78 25.76 -12.67
C VAL A 295 15.80 26.39 -14.05
N VAL A 296 15.30 25.67 -15.05
CA VAL A 296 14.98 26.23 -16.36
C VAL A 296 13.46 26.17 -16.45
N SER A 297 12.82 27.32 -16.33
CA SER A 297 11.38 27.34 -16.15
C SER A 297 10.68 27.49 -17.50
N ARG A 298 9.37 27.23 -17.49
CA ARG A 298 8.57 27.37 -18.70
C ARG A 298 8.59 28.81 -19.22
N ASP A 299 8.51 29.79 -18.30
CA ASP A 299 8.63 31.19 -18.71
C ASP A 299 10.01 31.49 -19.27
N HIS A 300 11.05 30.85 -18.73
CA HIS A 300 12.38 31.01 -19.28
C HIS A 300 12.44 30.50 -20.72
N ILE A 301 11.81 29.36 -20.99
CA ILE A 301 11.93 28.74 -22.31
C ILE A 301 11.28 29.58 -23.39
N LEU A 302 10.18 30.27 -23.08
CA LEU A 302 9.52 31.09 -24.08
C LEU A 302 10.37 32.28 -24.49
N ARG A 303 11.32 32.68 -23.66
CA ARG A 303 12.17 33.83 -23.91
C ARG A 303 13.39 33.45 -24.75
N MET A 304 13.59 32.16 -25.00
CA MET A 304 14.80 31.65 -25.60
C MET A 304 14.84 31.88 -27.11
N LYS A 305 16.04 31.78 -27.66
CA LYS A 305 16.17 31.93 -29.11
C LYS A 305 15.63 30.70 -29.81
N ASP A 306 15.34 30.86 -31.10
CA ASP A 306 14.89 29.76 -31.93
C ASP A 306 16.11 28.88 -32.26
N GLY A 307 16.02 27.59 -31.93
CA GLY A 307 17.12 26.67 -32.09
C GLY A 307 17.89 26.34 -30.82
N ALA A 308 17.51 26.92 -29.68
CA ALA A 308 18.18 26.67 -28.40
C ALA A 308 18.16 25.20 -28.03
N VAL A 309 19.27 24.71 -27.49
CA VAL A 309 19.41 23.33 -27.04
C VAL A 309 19.32 23.32 -25.51
N LEU A 310 18.53 22.38 -24.96
CA LEU A 310 18.42 22.19 -23.51
C LEU A 310 18.90 20.80 -23.14
N ALA A 311 19.72 20.72 -22.09
CA ALA A 311 20.18 19.45 -21.56
C ALA A 311 20.34 19.56 -20.05
N ASN A 312 20.27 18.40 -19.38
CA ASN A 312 20.40 18.32 -17.93
C ASN A 312 21.53 17.39 -17.54
N SER A 313 22.34 17.81 -16.57
CA SER A 313 23.41 16.98 -16.03
C SER A 313 23.23 16.63 -14.57
N GLY A 314 22.33 17.30 -13.85
CA GLY A 314 21.99 16.88 -12.51
C GLY A 314 21.11 15.65 -12.53
N HIS A 315 21.03 14.97 -11.39
CA HIS A 315 20.20 13.77 -11.33
C HIS A 315 18.72 14.15 -11.29
N PHE A 316 17.90 13.28 -11.89
CA PHE A 316 16.46 13.45 -12.03
C PHE A 316 16.15 14.50 -13.10
N ASN A 317 15.08 14.27 -13.87
CA ASN A 317 14.69 15.08 -15.01
C ASN A 317 13.83 16.29 -14.64
N VAL A 318 14.06 16.92 -13.49
CA VAL A 318 13.21 18.03 -13.05
C VAL A 318 13.95 19.37 -13.01
N GLU A 319 15.20 19.43 -13.46
CA GLU A 319 15.91 20.71 -13.47
C GLU A 319 15.37 21.61 -14.56
N ILE A 320 15.03 21.03 -15.71
CA ILE A 320 14.30 21.70 -16.78
C ILE A 320 12.83 21.38 -16.59
N ASP A 321 11.98 22.40 -16.68
CA ASP A 321 10.54 22.16 -16.60
C ASP A 321 10.10 21.45 -17.88
N VAL A 322 10.47 20.18 -18.01
CA VAL A 322 10.13 19.41 -19.20
C VAL A 322 8.63 19.18 -19.27
N LYS A 323 7.98 18.99 -18.12
CA LYS A 323 6.52 18.87 -18.11
C LYS A 323 5.90 20.18 -18.59
N GLY A 324 6.48 21.31 -18.18
CA GLY A 324 6.03 22.58 -18.69
C GLY A 324 6.30 22.77 -20.17
N LEU A 325 7.48 22.33 -20.63
CA LEU A 325 7.81 22.51 -22.04
C LEU A 325 6.88 21.73 -22.95
N LYS A 326 6.44 20.55 -22.52
CA LYS A 326 5.51 19.75 -23.32
C LYS A 326 4.13 20.39 -23.39
N GLU A 327 3.76 21.17 -22.38
CA GLU A 327 2.44 21.81 -22.37
C GLU A 327 2.44 23.14 -23.11
N ILE A 328 3.61 23.77 -23.28
CA ILE A 328 3.70 25.01 -24.03
C ILE A 328 3.91 24.79 -25.51
N SER A 329 4.12 23.54 -25.92
CA SER A 329 4.43 23.22 -27.30
C SER A 329 3.17 22.80 -28.06
N VAL A 330 3.19 23.06 -29.36
CA VAL A 330 2.08 22.66 -30.22
C VAL A 330 2.41 21.45 -31.07
N GLU A 331 3.68 21.17 -31.33
CA GLU A 331 4.00 19.99 -32.11
C GLU A 331 5.35 19.49 -31.63
N THR A 332 5.49 18.18 -31.42
CA THR A 332 6.76 17.59 -31.03
C THR A 332 7.13 16.45 -31.97
N ARG A 333 8.43 16.21 -32.11
CA ARG A 333 8.95 15.15 -32.96
C ARG A 333 10.39 14.85 -32.57
N GLU A 334 10.80 13.60 -32.77
CA GLU A 334 12.19 13.21 -32.51
C GLU A 334 12.98 13.34 -33.82
N VAL A 335 14.08 14.08 -33.75
CA VAL A 335 14.94 14.25 -34.90
C VAL A 335 15.92 13.09 -35.02
N ARG A 336 16.50 12.67 -33.90
CA ARG A 336 17.36 11.50 -33.82
C ARG A 336 17.37 11.04 -32.37
N GLN A 337 18.10 9.97 -32.08
CA GLN A 337 18.17 9.47 -30.71
C GLN A 337 18.58 10.57 -29.74
N ASN A 338 17.72 10.80 -28.74
CA ASN A 338 17.90 11.73 -27.63
C ASN A 338 17.73 13.19 -28.02
N LEU A 339 17.20 13.47 -29.20
CA LEU A 339 16.95 14.84 -29.65
C LEU A 339 15.49 14.99 -30.07
N GLU A 340 14.69 15.68 -29.28
CA GLU A 340 13.31 15.99 -29.65
C GLU A 340 13.19 17.46 -29.98
N GLU A 341 12.47 17.76 -31.06
CA GLU A 341 12.19 19.12 -31.46
C GLU A 341 10.79 19.50 -30.98
N TYR A 342 10.70 20.65 -30.32
CA TYR A 342 9.43 21.18 -29.84
C TYR A 342 9.16 22.49 -30.56
N LYS A 343 7.97 22.62 -31.12
CA LYS A 343 7.55 23.85 -31.77
C LYS A 343 6.78 24.66 -30.74
N LEU A 344 7.21 25.90 -30.51
CA LEU A 344 6.55 26.71 -29.51
C LEU A 344 5.42 27.51 -30.15
N ARG A 345 4.55 28.05 -29.29
CA ARG A 345 3.44 28.86 -29.78
C ARG A 345 3.93 30.12 -30.49
N ASN A 346 5.02 30.71 -30.02
CA ASN A 346 5.62 31.83 -30.74
C ASN A 346 6.22 31.43 -32.08
N GLY A 347 6.18 30.15 -32.44
CA GLY A 347 6.79 29.67 -33.66
C GLY A 347 8.24 29.22 -33.54
N LYS A 348 8.88 29.46 -32.40
CA LYS A 348 10.29 29.12 -32.25
C LYS A 348 10.45 27.64 -31.96
N ARG A 349 11.58 27.10 -32.38
CA ARG A 349 11.91 25.68 -32.17
C ARG A 349 12.84 25.55 -30.97
N ILE A 350 12.52 24.62 -30.07
CA ILE A 350 13.33 24.30 -28.91
C ILE A 350 13.69 22.82 -28.98
N TYR A 351 14.98 22.52 -28.86
CA TYR A 351 15.50 21.16 -28.92
C TYR A 351 15.79 20.68 -27.50
N LEU A 352 15.18 19.56 -27.11
CA LEU A 352 15.44 18.94 -25.82
C LEU A 352 16.31 17.70 -26.00
N LEU A 353 17.23 17.48 -25.09
CA LEU A 353 18.17 16.34 -25.21
C LEU A 353 17.95 15.33 -24.08
N ALA A 354 17.96 14.04 -24.41
CA ALA A 354 17.86 12.95 -23.41
C ALA A 354 16.60 13.06 -22.54
N ASP A 355 15.53 13.67 -23.05
CA ASP A 355 14.25 13.87 -22.32
C ASP A 355 14.45 14.56 -20.97
N GLY A 356 15.46 15.42 -20.85
CA GLY A 356 15.71 16.15 -19.61
C GLY A 356 16.46 15.32 -18.60
N ARG A 357 16.95 14.17 -19.02
CA ARG A 357 17.66 13.28 -18.08
C ARG A 357 19.16 13.42 -18.29
N LEU A 358 19.96 12.88 -17.38
CA LEU A 358 21.44 12.98 -17.46
C LEU A 358 21.86 12.72 -18.91
N VAL A 359 22.35 13.75 -19.60
CA VAL A 359 22.68 13.64 -21.06
C VAL A 359 23.98 12.88 -21.24
N ASN A 360 24.82 12.90 -20.22
CA ASN A 360 26.13 12.20 -20.29
C ASN A 360 25.85 10.69 -20.31
N LEU A 361 24.90 10.24 -19.50
CA LEU A 361 24.65 8.80 -19.32
C LEU A 361 23.62 8.26 -20.31
N VAL A 362 22.80 9.13 -20.94
CA VAL A 362 21.71 8.63 -21.85
C VAL A 362 22.09 8.87 -23.32
N ALA A 363 22.70 9.99 -23.63
CA ALA A 363 23.04 10.30 -25.04
C ALA A 363 24.45 9.79 -25.30
N ALA A 364 25.17 9.41 -24.26
CA ALA A 364 26.51 8.84 -24.42
C ALA A 364 26.69 7.64 -23.49
N GLU A 365 27.87 7.47 -22.92
CA GLU A 365 28.17 6.25 -22.13
C GLU A 365 28.60 6.63 -20.72
N GLY A 366 28.23 7.82 -20.29
CA GLY A 366 28.64 8.29 -18.96
C GLY A 366 30.11 8.62 -18.86
N HIS A 367 30.59 8.74 -17.63
CA HIS A 367 32.01 9.11 -17.40
C HIS A 367 32.95 8.02 -17.89
N PRO A 368 34.14 8.41 -18.38
CA PRO A 368 35.14 7.44 -18.78
C PRO A 368 35.51 6.47 -17.64
N SER A 369 36.02 5.30 -18.01
CA SER A 369 36.35 4.26 -17.02
C SER A 369 37.51 4.69 -16.12
N GLU A 370 38.42 5.50 -16.64
CA GLU A 370 39.53 5.96 -15.83
C GLU A 370 39.08 6.86 -14.68
N VAL A 371 38.00 7.62 -14.86
CA VAL A 371 37.54 8.45 -13.74
C VAL A 371 36.68 7.64 -12.79
N MET A 372 35.85 6.72 -13.32
CA MET A 372 35.03 5.87 -12.46
C MET A 372 35.88 4.91 -11.66
N ASP A 373 37.11 4.65 -12.11
CA ASP A 373 38.06 3.90 -11.32
C ASP A 373 38.19 4.48 -9.92
N LEU A 374 38.26 5.82 -9.81
CA LEU A 374 38.39 6.45 -8.50
C LEU A 374 37.11 6.34 -7.69
N SER A 375 35.95 6.62 -8.30
CA SER A 375 34.70 6.63 -7.53
C SER A 375 34.31 5.22 -7.09
N PHE A 376 34.55 4.22 -7.93
CA PHE A 376 34.18 2.85 -7.56
C PHE A 376 35.25 2.16 -6.74
N CYS A 377 36.45 2.75 -6.65
CA CYS A 377 37.42 2.34 -5.65
C CYS A 377 36.99 2.77 -4.25
N ASN A 378 36.47 3.98 -4.12
CA ASN A 378 35.89 4.40 -2.85
C ASN A 378 34.68 3.57 -2.52
N GLN A 379 33.84 3.30 -3.53
CA GLN A 379 32.69 2.41 -3.36
C GLN A 379 33.12 1.07 -2.77
N ALA A 380 34.06 0.40 -3.43
CA ALA A 380 34.49 -0.94 -3.01
C ALA A 380 35.11 -0.91 -1.62
N LEU A 381 36.02 0.03 -1.38
CA LEU A 381 36.69 0.11 -0.10
C LEU A 381 35.75 0.52 1.04
N SER A 382 34.70 1.29 0.74
CA SER A 382 33.79 1.72 1.79
C SER A 382 32.77 0.65 2.14
N VAL A 383 32.52 -0.29 1.24
CA VAL A 383 31.67 -1.42 1.56
C VAL A 383 32.38 -2.35 2.54
N GLU A 384 33.63 -2.69 2.26
CA GLU A 384 34.41 -3.49 3.21
C GLU A 384 34.53 -2.77 4.55
N HIS A 385 34.70 -1.44 4.53
CA HIS A 385 34.77 -0.69 5.79
C HIS A 385 33.46 -0.79 6.56
N LEU A 386 32.33 -0.86 5.83
CA LEU A 386 31.05 -1.05 6.50
C LEU A 386 30.94 -2.45 7.09
N ILE A 387 31.55 -3.44 6.44
CA ILE A 387 31.49 -4.82 6.95
C ILE A 387 32.51 -5.01 8.07
N LYS A 388 33.70 -4.43 7.92
CA LYS A 388 34.69 -4.52 9.00
C LYS A 388 34.15 -3.94 10.30
N ASN A 389 33.22 -3.01 10.22
CA ASN A 389 32.69 -2.34 11.39
C ASN A 389 31.21 -2.64 11.56
N LYS A 390 30.70 -2.29 12.74
CA LYS A 390 29.33 -2.50 13.16
C LYS A 390 29.11 -1.71 14.43
N GLY A 391 30.17 -1.02 14.88
CA GLY A 391 30.07 -0.10 15.99
C GLY A 391 29.94 1.33 15.50
N LYS A 392 29.36 1.50 14.33
CA LYS A 392 29.08 2.83 13.82
C LYS A 392 27.65 3.17 14.20
N LEU A 393 27.35 4.47 14.27
CA LEU A 393 26.01 4.87 14.66
C LEU A 393 25.04 4.48 13.56
N GLU A 394 24.17 3.50 13.83
CA GLU A 394 23.26 3.01 12.82
C GLU A 394 22.17 4.02 12.49
N ASN A 395 22.55 5.31 12.44
CA ASN A 395 21.61 6.37 12.07
C ASN A 395 22.31 7.59 11.50
N LYS A 396 23.52 7.48 10.94
CA LYS A 396 24.34 8.64 10.61
C LYS A 396 24.97 8.48 9.24
N VAL A 397 25.07 9.59 8.53
CA VAL A 397 25.81 9.66 7.26
C VAL A 397 27.26 10.02 7.55
N TYR A 398 28.18 9.21 7.03
CA TYR A 398 29.60 9.46 7.18
C TYR A 398 30.19 9.86 5.84
N ASN A 399 31.23 10.68 5.91
CA ASN A 399 32.07 10.89 4.75
C ASN A 399 33.00 9.69 4.60
N VAL A 400 33.60 9.57 3.42
CA VAL A 400 34.52 8.44 3.25
C VAL A 400 35.68 8.61 4.22
N PRO A 401 36.08 7.56 4.93
CA PRO A 401 37.26 7.65 5.81
C PRO A 401 38.49 8.13 5.05
N ILE A 402 39.19 9.09 5.66
CA ILE A 402 40.32 9.76 5.01
C ILE A 402 41.42 8.78 4.62
N GLU A 403 41.58 7.68 5.36
CA GLU A 403 42.58 6.69 4.97
C GLU A 403 42.23 6.06 3.62
N ILE A 404 40.96 5.76 3.40
CA ILE A 404 40.53 5.14 2.16
C ILE A 404 40.63 6.14 1.01
N ASP A 405 40.20 7.39 1.25
CA ASP A 405 40.37 8.43 0.25
C ASP A 405 41.83 8.54 -0.18
N GLU A 406 42.76 8.46 0.78
CA GLU A 406 44.17 8.57 0.45
C GLU A 406 44.70 7.33 -0.25
N GLN A 407 44.21 6.13 0.10
CA GLN A 407 44.66 4.94 -0.62
C GLN A 407 44.23 4.99 -2.07
N VAL A 408 43.02 5.49 -2.33
CA VAL A 408 42.52 5.62 -3.70
C VAL A 408 43.46 6.50 -4.52
N ALA A 409 43.89 7.63 -3.95
CA ALA A 409 44.78 8.53 -4.66
C ALA A 409 46.12 7.87 -4.96
N ARG A 410 46.71 7.20 -3.96
CA ARG A 410 47.99 6.54 -4.19
C ARG A 410 47.88 5.39 -5.17
N LEU A 411 46.77 4.64 -5.14
CA LEU A 411 46.60 3.54 -6.08
C LEU A 411 46.51 4.06 -7.51
N LYS A 412 45.79 5.15 -7.72
CA LYS A 412 45.71 5.74 -9.05
C LYS A 412 47.06 6.31 -9.48
N LEU A 413 47.77 6.97 -8.57
CA LEU A 413 49.07 7.55 -8.92
C LEU A 413 50.07 6.48 -9.31
N LYS A 414 50.14 5.38 -8.54
CA LYS A 414 51.02 4.27 -8.91
C LYS A 414 50.68 3.69 -10.27
N ALA A 415 49.38 3.49 -10.56
CA ALA A 415 48.99 2.89 -11.84
C ALA A 415 49.33 3.80 -13.01
N LEU A 416 49.29 5.12 -12.82
CA LEU A 416 49.65 6.06 -13.87
C LEU A 416 51.14 6.33 -13.94
N GLY A 417 51.92 5.78 -13.00
CA GLY A 417 53.35 5.96 -13.02
C GLY A 417 53.81 7.34 -12.58
N ILE A 418 53.09 7.98 -11.68
CA ILE A 418 53.38 9.35 -11.26
C ILE A 418 54.03 9.32 -9.89
N GLU A 419 55.22 9.93 -9.80
CA GLU A 419 55.99 10.00 -8.58
C GLU A 419 55.68 11.28 -7.84
N ILE A 420 55.50 11.18 -6.53
CA ILE A 420 55.28 12.36 -5.69
C ILE A 420 56.46 12.52 -4.73
N GLU A 421 56.71 13.76 -4.35
CA GLU A 421 57.86 14.07 -3.50
C GLU A 421 57.67 13.54 -2.08
N GLU A 422 58.78 13.09 -1.49
CA GLU A 422 58.79 12.63 -0.11
C GLU A 422 59.34 13.74 0.79
N LEU A 423 58.59 14.06 1.83
CA LEU A 423 58.98 15.11 2.75
C LEU A 423 60.18 14.67 3.58
N THR A 424 61.12 15.59 3.78
CA THR A 424 62.31 15.29 4.56
C THR A 424 61.96 15.28 6.06
N ILE A 425 62.86 14.73 6.86
CA ILE A 425 62.68 14.70 8.31
C ILE A 425 62.77 16.12 8.87
N GLU A 426 63.65 16.93 8.29
CA GLU A 426 63.77 18.33 8.66
C GLU A 426 62.52 19.11 8.28
N GLN A 427 61.88 18.73 7.16
CA GLN A 427 60.68 19.41 6.71
C GLN A 427 59.48 19.07 7.59
N LYS A 428 59.41 17.84 8.09
CA LYS A 428 58.29 17.46 8.95
C LYS A 428 58.32 18.22 10.28
N GLU A 429 59.51 18.54 10.77
CA GLU A 429 59.62 19.34 11.98
C GLU A 429 59.25 20.80 11.72
N TYR A 430 59.88 21.42 10.73
CA TYR A 430 59.45 22.73 10.25
C TYR A 430 58.05 22.63 9.67
N ILE A 431 57.04 22.88 10.50
CA ILE A 431 55.61 22.81 10.17
C ILE A 431 54.89 22.63 11.49
N LYS A 432 55.60 22.05 12.48
CA LYS A 432 55.13 22.00 13.85
C LYS A 432 55.74 23.10 14.71
N GLN A 433 56.84 23.70 14.25
CA GLN A 433 57.44 24.84 14.94
C GLN A 433 56.63 26.11 14.67
N TRP A 434 56.73 27.05 15.61
CA TRP A 434 56.01 28.30 15.51
C TRP A 434 56.83 29.47 16.06
N LYS A 435 57.88 29.16 16.83
CA LYS A 435 58.64 30.17 17.53
C LYS A 435 59.61 30.87 16.57
N TYR A 436 60.37 31.82 17.13
CA TYR A 436 61.32 32.57 16.32
C TYR A 436 62.58 31.78 16.00
N GLY A 437 62.75 31.44 14.73
CA GLY A 437 63.93 30.76 14.26
C GLY A 437 63.93 29.27 14.52
N THR A 438 65.12 28.79 14.86
CA THR A 438 65.41 27.40 15.21
C THR A 438 66.82 27.35 15.80
N ARG B 27 -32.45 34.28 -26.22
CA ARG B 27 -31.88 33.05 -25.69
C ARG B 27 -31.46 33.31 -24.24
N VAL B 28 -32.33 32.95 -23.31
CA VAL B 28 -32.12 33.15 -21.88
C VAL B 28 -32.48 31.86 -21.16
N LYS B 29 -32.35 31.90 -19.83
CA LYS B 29 -32.56 30.68 -19.04
C LYS B 29 -34.04 30.32 -18.99
N ASP B 30 -34.86 31.17 -18.38
CA ASP B 30 -36.29 30.94 -18.27
C ASP B 30 -37.03 32.26 -18.35
N LEU B 31 -37.84 32.42 -19.39
CA LEU B 31 -38.63 33.63 -19.63
C LEU B 31 -39.69 33.84 -18.56
N SER B 32 -39.88 32.90 -17.63
CA SER B 32 -40.87 33.03 -16.58
C SER B 32 -40.50 34.04 -15.50
N LEU B 33 -39.23 34.42 -15.38
CA LEU B 33 -38.80 35.39 -14.38
C LEU B 33 -38.85 36.82 -14.88
N ALA B 34 -39.33 37.04 -16.12
CA ALA B 34 -39.30 38.39 -16.69
C ALA B 34 -40.03 39.40 -15.81
N GLU B 35 -41.02 38.94 -15.05
CA GLU B 35 -41.77 39.85 -14.18
C GLU B 35 -41.01 40.13 -12.89
N GLN B 36 -40.35 39.13 -12.31
CA GLN B 36 -39.52 39.39 -11.15
C GLN B 36 -38.39 40.35 -11.51
N GLY B 37 -37.80 40.15 -12.69
CA GLY B 37 -36.76 41.06 -13.14
C GLY B 37 -37.29 42.45 -13.38
N ARG B 38 -38.55 42.53 -13.83
CA ARG B 38 -39.17 43.82 -14.12
C ARG B 38 -39.22 44.70 -12.88
N LYS B 39 -39.49 44.11 -11.72
CA LYS B 39 -39.44 44.86 -10.47
C LYS B 39 -38.03 45.36 -10.18
N GLN B 40 -37.00 44.63 -10.64
CA GLN B 40 -35.62 45.07 -10.48
C GLN B 40 -35.23 46.14 -11.50
N ILE B 41 -35.75 46.05 -12.73
CA ILE B 41 -35.49 47.12 -13.69
C ILE B 41 -36.20 48.40 -13.30
N GLU B 42 -37.42 48.28 -12.74
CA GLU B 42 -38.11 49.48 -12.28
C GLU B 42 -37.41 50.09 -11.07
N TRP B 43 -36.92 49.25 -10.14
CA TRP B 43 -36.14 49.74 -9.01
C TRP B 43 -34.91 50.48 -9.49
N ALA B 44 -34.21 49.93 -10.50
CA ALA B 44 -33.05 50.62 -11.07
C ALA B 44 -33.45 51.93 -11.74
N GLU B 45 -34.60 51.94 -12.43
CA GLU B 45 -35.04 53.15 -13.11
C GLU B 45 -35.20 54.31 -12.13
N LEU B 46 -35.78 54.02 -10.96
CA LEU B 46 -35.99 55.03 -9.94
C LEU B 46 -34.69 55.57 -9.36
N HIS B 47 -33.58 54.84 -9.53
CA HIS B 47 -32.28 55.25 -9.00
C HIS B 47 -31.30 55.68 -10.08
N MET B 48 -31.74 55.84 -11.32
CA MET B 48 -30.94 56.42 -12.39
C MET B 48 -31.68 57.61 -12.97
N PRO B 49 -31.89 58.66 -12.16
CA PRO B 49 -32.75 59.76 -12.62
C PRO B 49 -32.20 60.52 -13.79
N ALA B 50 -30.87 60.68 -13.87
CA ALA B 50 -30.29 61.42 -14.98
C ALA B 50 -30.44 60.67 -16.30
N LEU B 51 -30.25 59.36 -16.27
CA LEU B 51 -30.44 58.57 -17.48
C LEU B 51 -31.90 58.50 -17.89
N MET B 52 -32.81 58.63 -16.92
CA MET B 52 -34.23 58.64 -17.27
C MET B 52 -34.59 59.91 -18.03
N GLU B 53 -33.91 61.01 -17.74
CA GLU B 53 -34.15 62.24 -18.48
C GLU B 53 -33.53 62.18 -19.87
N ILE B 54 -32.44 61.44 -20.04
CA ILE B 54 -31.92 61.21 -21.38
C ILE B 54 -32.91 60.37 -22.18
N ARG B 55 -33.56 59.41 -21.53
CA ARG B 55 -34.61 58.63 -22.19
C ARG B 55 -35.73 59.53 -22.68
N LYS B 56 -36.03 60.59 -21.94
CA LYS B 56 -37.13 61.47 -22.32
C LYS B 56 -36.84 62.20 -23.62
N ARG B 57 -35.66 62.81 -23.75
CA ARG B 57 -35.34 63.46 -25.02
C ARG B 57 -35.07 62.44 -26.12
N PHE B 58 -34.69 61.21 -25.76
CA PHE B 58 -34.45 60.19 -26.76
C PHE B 58 -35.76 59.67 -27.34
N ASN B 59 -36.76 59.43 -26.47
CA ASN B 59 -38.05 58.94 -26.91
C ASN B 59 -38.84 60.01 -27.64
N ALA B 60 -38.41 61.26 -27.56
CA ALA B 60 -39.07 62.39 -28.21
C ALA B 60 -38.38 62.81 -29.50
N GLU B 61 -37.05 62.74 -29.53
CA GLU B 61 -36.26 63.16 -30.68
C GLU B 61 -35.84 62.00 -31.58
N LYS B 62 -36.09 60.75 -31.17
CA LYS B 62 -35.68 59.51 -31.84
C LYS B 62 -34.34 59.66 -32.56
N PRO B 63 -33.25 59.99 -31.87
CA PRO B 63 -31.98 60.26 -32.56
C PRO B 63 -31.27 59.03 -33.11
N LEU B 64 -31.66 57.81 -32.73
CA LEU B 64 -30.98 56.60 -33.18
C LEU B 64 -31.89 55.76 -34.08
N ASP B 65 -32.70 56.43 -34.89
CA ASP B 65 -33.64 55.72 -35.75
C ASP B 65 -32.87 55.00 -36.85
N GLY B 66 -33.20 53.73 -37.07
CA GLY B 66 -32.52 52.92 -38.06
C GLY B 66 -31.10 52.50 -37.74
N ILE B 67 -30.65 52.64 -36.49
CA ILE B 67 -29.30 52.27 -36.09
C ILE B 67 -29.38 50.98 -35.28
N ARG B 68 -28.51 50.03 -35.60
CA ARG B 68 -28.46 48.72 -34.97
C ARG B 68 -27.23 48.63 -34.06
N ILE B 69 -27.43 48.24 -32.81
CA ILE B 69 -26.39 48.24 -31.79
C ILE B 69 -26.10 46.82 -31.32
N GLY B 70 -24.84 46.46 -31.29
CA GLY B 70 -24.37 45.22 -30.68
C GLY B 70 -23.54 45.51 -29.45
N ALA B 71 -23.93 44.89 -28.32
CA ALA B 71 -23.35 45.22 -27.03
C ALA B 71 -22.84 43.97 -26.32
N VAL B 72 -21.63 44.07 -25.76
CA VAL B 72 -21.11 43.09 -24.81
C VAL B 72 -20.95 43.82 -23.48
N LEU B 73 -21.93 43.63 -22.59
CA LEU B 73 -21.99 44.32 -21.32
C LEU B 73 -22.41 43.34 -20.23
N HIS B 74 -22.30 43.78 -18.98
CA HIS B 74 -22.78 42.99 -17.86
C HIS B 74 -24.30 43.09 -17.79
N VAL B 75 -24.96 41.93 -17.85
CA VAL B 75 -26.43 41.86 -17.92
C VAL B 75 -27.02 42.09 -16.54
N THR B 76 -27.19 43.35 -16.18
CA THR B 76 -27.71 43.76 -14.89
C THR B 76 -28.96 44.62 -15.06
N LYS B 77 -29.59 44.93 -13.94
CA LYS B 77 -30.70 45.88 -13.96
C LYS B 77 -30.27 47.22 -14.52
N GLU B 78 -29.00 47.59 -14.35
CA GLU B 78 -28.51 48.89 -14.80
C GLU B 78 -28.24 48.88 -16.30
N THR B 79 -27.68 47.78 -16.82
CA THR B 79 -27.59 47.63 -18.28
C THR B 79 -28.97 47.62 -18.90
N ALA B 80 -29.98 47.11 -18.17
CA ALA B 80 -31.34 47.09 -18.67
C ALA B 80 -31.90 48.51 -18.83
N VAL B 81 -31.60 49.40 -17.88
CA VAL B 81 -32.08 50.78 -18.01
C VAL B 81 -31.36 51.50 -19.14
N LEU B 82 -30.09 51.16 -19.38
CA LEU B 82 -29.38 51.78 -20.49
C LEU B 82 -29.86 51.22 -21.82
N VAL B 83 -30.01 49.90 -21.89
CA VAL B 83 -30.37 49.26 -23.16
C VAL B 83 -31.78 49.64 -23.58
N GLU B 84 -32.72 49.73 -22.64
CA GLU B 84 -34.07 50.16 -23.04
C GLU B 84 -34.11 51.64 -23.35
N THR B 85 -33.24 52.44 -22.73
CA THR B 85 -33.13 53.85 -23.09
C THR B 85 -32.61 54.01 -24.51
N LEU B 86 -31.67 53.16 -24.92
CA LEU B 86 -31.20 53.21 -26.30
C LEU B 86 -32.31 52.79 -27.26
N LYS B 87 -33.11 51.80 -26.84
CA LYS B 87 -34.28 51.39 -27.63
C LYS B 87 -35.28 52.53 -27.79
N ALA B 88 -35.45 53.33 -26.73
CA ALA B 88 -36.39 54.44 -26.78
C ALA B 88 -36.00 55.48 -27.84
N GLY B 89 -34.70 55.66 -28.07
CA GLY B 89 -34.24 56.54 -29.12
C GLY B 89 -34.38 56.00 -30.52
N GLY B 90 -35.01 54.84 -30.69
CA GLY B 90 -35.26 54.27 -32.00
C GLY B 90 -34.23 53.29 -32.51
N ALA B 91 -33.39 52.73 -31.64
CA ALA B 91 -32.33 51.82 -32.03
C ALA B 91 -32.74 50.38 -31.81
N GLU B 92 -32.13 49.48 -32.57
CA GLU B 92 -32.28 48.04 -32.40
C GLU B 92 -31.01 47.49 -31.77
N ILE B 93 -31.16 46.78 -30.65
CA ILE B 93 -30.02 46.45 -29.79
C ILE B 93 -29.93 44.94 -29.66
N ALA B 94 -28.71 44.42 -29.82
CA ALA B 94 -28.38 43.03 -29.51
C ALA B 94 -27.36 43.03 -28.37
N LEU B 95 -27.65 42.27 -27.31
CA LEU B 95 -26.87 42.29 -26.08
C LEU B 95 -26.37 40.90 -25.76
N ALA B 96 -25.09 40.80 -25.39
CA ALA B 96 -24.47 39.57 -24.93
C ALA B 96 -23.68 39.86 -23.66
N GLY B 97 -23.63 38.87 -22.78
CA GLY B 97 -22.98 39.08 -21.48
C GLY B 97 -21.49 39.30 -21.61
N SER B 98 -20.96 40.20 -20.76
CA SER B 98 -19.55 40.53 -20.78
C SER B 98 -18.70 39.55 -19.98
N ASN B 99 -19.31 38.83 -19.04
CA ASN B 99 -18.62 37.89 -18.18
C ASN B 99 -19.57 36.73 -18.02
N PRO B 100 -19.06 35.48 -18.03
CA PRO B 100 -19.96 34.33 -17.99
C PRO B 100 -20.69 34.12 -16.66
N LEU B 101 -20.34 34.84 -15.60
CA LEU B 101 -21.01 34.64 -14.31
C LEU B 101 -21.68 35.91 -13.77
N SER B 102 -21.69 37.00 -14.52
CA SER B 102 -22.27 38.25 -14.04
C SER B 102 -23.76 38.39 -14.34
N THR B 103 -24.26 37.68 -15.35
CA THR B 103 -25.63 37.85 -15.80
C THR B 103 -26.64 37.56 -14.71
N GLN B 104 -27.54 38.52 -14.50
CA GLN B 104 -28.74 38.33 -13.68
C GLN B 104 -29.87 37.87 -14.59
N ASP B 105 -30.23 36.59 -14.49
CA ASP B 105 -31.14 35.97 -15.45
C ASP B 105 -32.53 36.61 -15.47
N ASP B 106 -33.04 37.04 -14.32
CA ASP B 106 -34.35 37.69 -14.32
C ASP B 106 -34.35 38.96 -15.17
N VAL B 107 -33.24 39.71 -15.16
CA VAL B 107 -33.16 40.91 -15.97
C VAL B 107 -33.09 40.55 -17.45
N ALA B 108 -32.37 39.46 -17.77
CA ALA B 108 -32.31 39.01 -19.16
C ALA B 108 -33.68 38.55 -19.64
N ALA B 109 -34.42 37.84 -18.78
CA ALA B 109 -35.80 37.49 -19.10
C ALA B 109 -36.64 38.74 -19.31
N GLY B 110 -36.62 39.67 -18.35
CA GLY B 110 -37.38 40.89 -18.49
C GLY B 110 -37.03 41.66 -19.74
N LEU B 111 -35.75 41.67 -20.11
CA LEU B 111 -35.33 42.31 -21.34
C LEU B 111 -35.79 41.52 -22.56
N ALA B 112 -35.86 40.19 -22.43
CA ALA B 112 -36.34 39.35 -23.51
C ALA B 112 -37.84 39.51 -23.72
N LYS B 113 -38.60 39.70 -22.63
CA LYS B 113 -40.03 39.92 -22.76
C LYS B 113 -40.36 41.12 -23.64
N ASN B 114 -39.47 42.10 -23.70
CA ASN B 114 -39.62 43.20 -24.63
C ASN B 114 -38.92 42.87 -25.94
N GLY B 115 -38.35 43.87 -26.61
CA GLY B 115 -37.80 43.63 -27.93
C GLY B 115 -36.29 43.58 -28.01
N ILE B 116 -35.63 43.13 -26.94
CA ILE B 116 -34.17 43.17 -26.85
C ILE B 116 -33.63 41.81 -27.28
N HIS B 117 -32.76 41.81 -28.29
CA HIS B 117 -32.13 40.57 -28.76
C HIS B 117 -30.96 40.23 -27.82
N VAL B 118 -31.32 39.69 -26.66
CA VAL B 118 -30.37 39.39 -25.58
C VAL B 118 -30.06 37.90 -25.58
N TYR B 119 -28.77 37.56 -25.71
CA TYR B 119 -28.27 36.19 -25.71
C TYR B 119 -27.33 35.99 -24.51
N ALA B 120 -27.89 35.66 -23.34
CA ALA B 120 -27.04 35.56 -22.15
C ALA B 120 -27.77 34.88 -20.99
N TRP B 121 -26.99 34.19 -20.16
CA TRP B 121 -27.46 33.60 -18.91
C TRP B 121 -26.25 33.31 -18.03
N ARG B 122 -26.50 33.24 -16.72
CA ARG B 122 -25.42 32.93 -15.78
C ARG B 122 -25.03 31.46 -15.83
N GLY B 123 -23.73 31.21 -15.77
CA GLY B 123 -23.19 29.86 -15.82
C GLY B 123 -22.71 29.43 -17.18
N GLU B 124 -22.47 30.37 -18.09
CA GLU B 124 -22.05 30.08 -19.44
C GLU B 124 -20.69 29.41 -19.46
N THR B 125 -20.44 28.66 -20.53
CA THR B 125 -19.09 28.18 -20.81
C THR B 125 -18.42 29.14 -21.77
N GLU B 126 -17.09 29.04 -21.86
CA GLU B 126 -16.34 29.95 -22.71
C GLU B 126 -16.76 29.79 -24.17
N LYS B 127 -17.23 28.58 -24.54
CA LYS B 127 -17.78 28.35 -25.87
C LYS B 127 -19.10 29.09 -26.07
N ASP B 128 -20.02 28.99 -25.11
CA ASP B 128 -21.28 29.71 -25.20
C ASP B 128 -21.04 31.21 -25.34
N TYR B 129 -20.04 31.73 -24.61
CA TYR B 129 -19.73 33.14 -24.66
C TYR B 129 -19.46 33.61 -26.08
N TYR B 130 -18.61 32.88 -26.82
CA TYR B 130 -18.27 33.31 -28.17
C TYR B 130 -19.31 32.93 -29.20
N ASP B 131 -20.15 31.94 -28.91
CA ASP B 131 -21.32 31.72 -29.75
C ASP B 131 -22.31 32.88 -29.62
N ASN B 132 -22.49 33.37 -28.39
CA ASN B 132 -23.39 34.50 -28.17
C ASN B 132 -22.89 35.76 -28.85
N ILE B 133 -21.57 35.91 -29.01
CA ILE B 133 -21.06 37.09 -29.70
C ILE B 133 -21.33 36.96 -31.19
N ARG B 134 -21.18 35.75 -31.73
CA ARG B 134 -21.53 35.49 -33.12
C ARG B 134 -23.02 35.69 -33.33
N GLU B 135 -23.82 35.34 -32.32
CA GLU B 135 -25.27 35.50 -32.39
C GLU B 135 -25.66 36.96 -32.50
N ILE B 136 -25.19 37.79 -31.57
CA ILE B 136 -25.54 39.21 -31.61
C ILE B 136 -24.94 39.89 -32.83
N LEU B 137 -23.86 39.34 -33.39
CA LEU B 137 -23.17 39.98 -34.49
C LEU B 137 -23.80 39.71 -35.85
N LYS B 138 -24.77 38.80 -35.96
CA LYS B 138 -25.36 38.57 -37.28
C LYS B 138 -26.26 39.74 -37.69
N TYR B 139 -26.76 40.52 -36.74
CA TYR B 139 -27.59 41.64 -37.16
C TYR B 139 -26.77 42.75 -37.81
N GLU B 140 -25.45 42.59 -37.85
CA GLU B 140 -24.52 43.53 -38.46
C GLU B 140 -24.71 44.92 -37.87
N PRO B 141 -24.22 45.17 -36.67
CA PRO B 141 -24.50 46.43 -36.00
C PRO B 141 -23.69 47.56 -36.59
N HIS B 142 -24.25 48.77 -36.49
CA HIS B 142 -23.50 49.96 -36.86
C HIS B 142 -22.65 50.47 -35.71
N VAL B 143 -23.05 50.20 -34.46
CA VAL B 143 -22.31 50.63 -33.29
C VAL B 143 -22.00 49.42 -32.43
N ILE B 144 -20.77 49.37 -31.90
CA ILE B 144 -20.30 48.29 -31.04
C ILE B 144 -20.09 48.85 -29.63
N MET B 145 -20.87 48.35 -28.67
CA MET B 145 -20.67 48.69 -27.26
C MET B 145 -20.00 47.52 -26.57
N ASP B 146 -18.82 47.76 -26.01
CA ASP B 146 -18.02 46.70 -25.43
C ASP B 146 -17.69 47.05 -23.99
N ASP B 147 -17.46 46.03 -23.18
CA ASP B 147 -17.10 46.23 -21.78
C ASP B 147 -15.65 45.84 -21.50
N GLY B 148 -15.25 44.61 -21.80
CA GLY B 148 -13.88 44.21 -21.55
C GLY B 148 -12.97 44.19 -22.76
N GLY B 149 -13.44 44.63 -23.93
CA GLY B 149 -12.64 44.64 -25.13
C GLY B 149 -12.81 43.42 -26.02
N ASP B 150 -13.56 42.41 -25.57
CA ASP B 150 -13.67 41.16 -26.31
C ASP B 150 -14.41 41.35 -27.63
N LEU B 151 -15.48 42.13 -27.63
CA LEU B 151 -16.25 42.32 -28.86
C LEU B 151 -15.48 43.11 -29.91
N HIS B 152 -14.71 44.11 -29.48
CA HIS B 152 -13.89 44.87 -30.43
C HIS B 152 -12.84 43.98 -31.10
N ALA B 153 -12.27 43.04 -30.35
CA ALA B 153 -11.24 42.15 -30.92
C ALA B 153 -11.85 41.19 -31.94
N TYR B 154 -12.94 40.51 -31.56
CA TYR B 154 -13.57 39.57 -32.47
C TYR B 154 -13.99 40.25 -33.76
N VAL B 155 -14.58 41.44 -33.65
CA VAL B 155 -15.06 42.16 -34.82
C VAL B 155 -13.92 42.50 -35.77
N HIS B 156 -12.73 42.75 -35.24
CA HIS B 156 -11.56 43.06 -36.04
C HIS B 156 -10.86 41.81 -36.53
N GLU B 157 -10.82 40.78 -35.68
CA GLU B 157 -10.11 39.56 -36.01
C GLU B 157 -10.82 38.75 -37.11
N ASN B 158 -12.13 38.90 -37.25
CA ASN B 158 -12.88 38.19 -38.29
C ASN B 158 -13.36 39.11 -39.42
N ASN B 159 -12.84 40.34 -39.51
CA ASN B 159 -13.09 41.23 -40.65
C ASN B 159 -14.58 41.51 -40.87
N LEU B 160 -15.31 41.86 -39.80
CA LEU B 160 -16.71 42.25 -39.89
C LEU B 160 -16.94 43.75 -39.72
N THR B 161 -15.88 44.55 -39.65
CA THR B 161 -16.00 46.00 -39.50
C THR B 161 -16.56 46.72 -40.74
N SER B 162 -17.19 45.99 -41.67
CA SER B 162 -17.60 46.61 -42.93
C SER B 162 -18.56 47.77 -42.71
N LYS B 163 -19.69 47.52 -42.06
CA LYS B 163 -20.73 48.53 -41.86
C LYS B 163 -20.68 49.21 -40.50
N ILE B 164 -19.65 48.96 -39.70
CA ILE B 164 -19.58 49.52 -38.35
C ILE B 164 -19.16 50.98 -38.44
N VAL B 165 -19.95 51.87 -37.87
CA VAL B 165 -19.67 53.30 -37.93
C VAL B 165 -18.94 53.81 -36.70
N GLY B 166 -19.03 53.12 -35.57
CA GLY B 166 -18.30 53.54 -34.38
C GLY B 166 -18.65 52.65 -33.20
N GLY B 167 -18.01 52.92 -32.07
CA GLY B 167 -18.21 52.11 -30.90
C GLY B 167 -17.84 52.81 -29.60
N THR B 168 -18.12 52.12 -28.49
CA THR B 168 -17.78 52.60 -27.16
C THR B 168 -17.10 51.50 -26.35
N GLU B 169 -16.26 51.92 -25.41
CA GLU B 169 -15.57 51.02 -24.49
C GLU B 169 -15.78 51.49 -23.07
N GLU B 170 -16.15 50.56 -22.18
CA GLU B 170 -16.58 50.93 -20.83
C GLU B 170 -15.49 50.86 -19.77
N THR B 171 -14.51 49.97 -19.90
CA THR B 171 -13.57 49.74 -18.81
C THR B 171 -12.14 50.03 -19.25
N THR B 172 -11.28 50.23 -18.24
CA THR B 172 -9.87 50.54 -18.50
C THR B 172 -9.20 49.46 -19.34
N THR B 173 -9.45 48.19 -19.01
CA THR B 173 -8.78 47.10 -19.70
C THR B 173 -9.09 47.09 -21.20
N GLY B 174 -10.33 47.41 -21.56
CA GLY B 174 -10.69 47.49 -22.96
C GLY B 174 -10.04 48.68 -23.64
N VAL B 175 -9.83 49.77 -22.89
CA VAL B 175 -9.19 50.95 -23.47
C VAL B 175 -7.74 50.69 -23.79
N ILE B 176 -7.04 49.92 -22.94
CA ILE B 176 -5.65 49.58 -23.20
C ILE B 176 -5.53 48.76 -24.48
N ARG B 177 -6.39 47.74 -24.65
CA ARG B 177 -6.37 46.94 -25.87
C ARG B 177 -6.69 47.81 -27.09
N LEU B 178 -7.72 48.65 -26.98
CA LEU B 178 -8.10 49.49 -28.11
C LEU B 178 -7.01 50.48 -28.47
N LYS B 179 -6.22 50.93 -27.48
CA LYS B 179 -5.08 51.79 -27.79
C LYS B 179 -3.99 50.97 -28.47
N ALA B 180 -3.85 49.70 -28.10
CA ALA B 180 -2.92 48.81 -28.79
C ALA B 180 -3.34 48.61 -30.25
N MET B 181 -4.64 48.39 -30.49
CA MET B 181 -5.14 48.32 -31.86
C MET B 181 -4.88 49.62 -32.60
N GLU B 182 -4.93 50.76 -31.89
CA GLU B 182 -4.66 52.05 -32.51
C GLU B 182 -3.16 52.24 -32.73
N GLU B 183 -2.35 51.76 -31.78
CA GLU B 183 -0.91 51.71 -31.99
C GLU B 183 -0.53 50.73 -33.10
N GLU B 184 -1.34 49.70 -33.31
CA GLU B 184 -1.12 48.74 -34.38
C GLU B 184 -1.82 49.13 -35.68
N LYS B 185 -2.55 50.25 -35.68
CA LYS B 185 -3.22 50.81 -36.86
C LYS B 185 -4.15 49.79 -37.53
N VAL B 186 -4.79 48.94 -36.73
CA VAL B 186 -5.78 48.01 -37.24
C VAL B 186 -7.21 48.47 -36.92
N LEU B 187 -7.38 49.37 -35.96
CA LEU B 187 -8.69 49.89 -35.60
C LEU B 187 -9.36 50.47 -36.85
N LYS B 188 -10.64 50.15 -37.02
CA LYS B 188 -11.32 50.42 -38.28
C LYS B 188 -12.45 51.44 -38.18
N TYR B 189 -12.91 51.76 -36.98
CA TYR B 189 -13.92 52.78 -36.75
C TYR B 189 -13.51 53.61 -35.54
N PRO B 190 -14.09 54.81 -35.38
CA PRO B 190 -13.80 55.59 -34.17
C PRO B 190 -14.42 54.94 -32.94
N VAL B 191 -13.72 55.04 -31.82
CA VAL B 191 -14.16 54.43 -30.56
C VAL B 191 -14.08 55.49 -29.47
N ILE B 192 -15.13 55.56 -28.65
CA ILE B 192 -15.21 56.51 -27.55
C ILE B 192 -14.79 55.78 -26.27
N ALA B 193 -13.72 56.24 -25.64
CA ALA B 193 -13.26 55.67 -24.38
C ALA B 193 -14.11 56.25 -23.25
N VAL B 194 -15.28 55.64 -23.06
CA VAL B 194 -16.20 56.12 -22.04
C VAL B 194 -15.62 55.95 -20.65
N ASN B 195 -14.69 55.01 -20.46
CA ASN B 195 -14.07 54.82 -19.16
C ASN B 195 -13.27 56.04 -18.72
N ASN B 196 -12.70 56.78 -19.66
CA ASN B 196 -11.80 57.89 -19.34
C ASN B 196 -12.51 59.19 -19.03
N ALA B 197 -13.84 59.19 -19.03
CA ALA B 197 -14.60 60.38 -18.65
C ALA B 197 -14.48 60.65 -17.16
N PHE B 198 -14.38 61.93 -16.81
CA PHE B 198 -14.24 62.29 -15.39
C PHE B 198 -15.40 61.74 -14.56
N THR B 199 -16.63 61.91 -15.04
CA THR B 199 -17.78 61.38 -14.31
C THR B 199 -17.84 59.87 -14.33
N LYS B 200 -16.93 59.21 -15.05
CA LYS B 200 -16.87 57.75 -15.06
C LYS B 200 -15.80 57.22 -14.11
N TYR B 201 -14.52 57.44 -14.42
CA TYR B 201 -13.46 56.80 -13.63
C TYR B 201 -13.36 57.34 -12.21
N LEU B 202 -13.83 58.55 -11.94
CA LEU B 202 -13.82 59.07 -10.58
C LEU B 202 -14.92 58.51 -9.69
N PHE B 203 -15.96 57.91 -10.27
CA PHE B 203 -17.12 57.43 -9.51
C PHE B 203 -17.41 55.97 -9.74
N ASP B 204 -17.47 55.52 -10.99
CA ASP B 204 -17.63 54.09 -11.26
C ASP B 204 -16.41 53.32 -10.77
N ASN B 205 -15.22 53.64 -11.31
CA ASN B 205 -14.03 52.88 -11.00
C ASN B 205 -13.64 53.01 -9.54
N ARG B 206 -13.85 54.20 -8.94
CA ARG B 206 -13.41 54.45 -7.56
C ARG B 206 -14.52 54.19 -6.56
N ILE B 207 -15.59 54.97 -6.62
CA ILE B 207 -16.64 54.92 -5.61
C ILE B 207 -17.44 53.62 -5.73
N GLY B 208 -17.81 53.23 -6.96
CA GLY B 208 -18.61 52.04 -7.12
C GLY B 208 -17.89 50.76 -6.74
N THR B 209 -16.69 50.55 -7.30
CA THR B 209 -15.96 49.31 -7.02
C THR B 209 -15.55 49.21 -5.55
N GLY B 210 -15.33 50.35 -4.89
CA GLY B 210 -15.06 50.32 -3.46
C GLY B 210 -16.19 49.67 -2.68
N GLN B 211 -17.43 50.15 -2.91
CA GLN B 211 -18.58 49.54 -2.25
C GLN B 211 -18.87 48.14 -2.77
N SER B 212 -18.88 47.99 -4.11
CA SER B 212 -19.25 46.70 -4.70
C SER B 212 -18.31 45.57 -4.28
N THR B 213 -16.99 45.83 -4.28
CA THR B 213 -16.03 44.77 -3.97
C THR B 213 -16.16 44.33 -2.51
N ILE B 214 -16.31 45.27 -1.58
CA ILE B 214 -16.52 44.91 -0.18
C ILE B 214 -17.83 44.15 -0.03
N ASP B 215 -18.86 44.57 -0.76
CA ASP B 215 -20.14 43.87 -0.72
C ASP B 215 -20.01 42.44 -1.21
N GLY B 216 -19.32 42.25 -2.34
CA GLY B 216 -19.11 40.92 -2.86
C GLY B 216 -18.34 40.02 -1.90
N ILE B 217 -17.33 40.58 -1.25
CA ILE B 217 -16.56 39.83 -0.26
C ILE B 217 -17.47 39.40 0.88
N LEU B 218 -18.36 40.30 1.33
CA LEU B 218 -19.23 39.99 2.46
C LEU B 218 -20.34 39.00 2.10
N ARG B 219 -20.77 38.96 0.83
CA ARG B 219 -21.83 38.05 0.45
C ARG B 219 -21.32 36.64 0.23
N ALA B 220 -20.08 36.49 -0.25
CA ALA B 220 -19.48 35.17 -0.42
C ALA B 220 -18.96 34.63 0.91
N THR B 221 -18.53 35.51 1.82
CA THR B 221 -18.05 35.16 3.15
C THR B 221 -18.55 36.25 4.09
N ASN B 222 -19.06 35.87 5.25
CA ASN B 222 -19.42 36.92 6.21
C ASN B 222 -18.24 37.21 7.13
N ILE B 223 -17.17 37.64 6.48
CA ILE B 223 -15.87 37.80 7.12
C ILE B 223 -15.81 39.15 7.82
N LEU B 224 -15.14 39.17 8.97
CA LEU B 224 -14.84 40.42 9.66
C LEU B 224 -13.75 41.19 8.92
N ILE B 225 -14.04 42.44 8.59
CA ILE B 225 -13.05 43.29 7.94
C ILE B 225 -12.10 43.93 8.96
N ALA B 226 -12.60 44.20 10.16
CA ALA B 226 -11.94 45.07 11.12
C ALA B 226 -10.46 44.78 11.36
N GLY B 227 -10.15 43.79 12.18
CA GLY B 227 -8.78 43.69 12.63
C GLY B 227 -7.83 43.08 11.63
N LYS B 228 -8.29 42.94 10.40
CA LYS B 228 -7.65 42.07 9.43
C LYS B 228 -6.68 42.86 8.57
N VAL B 229 -5.67 42.17 8.05
CA VAL B 229 -4.73 42.74 7.11
C VAL B 229 -5.29 42.53 5.71
N ALA B 230 -5.69 43.62 5.06
CA ALA B 230 -6.16 43.58 3.69
C ALA B 230 -5.09 44.10 2.76
N VAL B 231 -4.79 43.33 1.72
CA VAL B 231 -3.76 43.68 0.75
C VAL B 231 -4.46 44.01 -0.57
N VAL B 232 -4.27 45.24 -1.03
CA VAL B 232 -4.80 45.70 -2.31
C VAL B 232 -3.63 45.81 -3.27
N ILE B 233 -3.65 44.99 -4.31
CA ILE B 233 -2.63 45.04 -5.36
C ILE B 233 -3.19 45.87 -6.49
N GLY B 234 -2.59 47.03 -6.71
CA GLY B 234 -3.07 47.99 -7.67
C GLY B 234 -3.64 49.17 -6.93
N TYR B 235 -3.02 50.33 -7.08
CA TYR B 235 -3.49 51.56 -6.46
C TYR B 235 -3.93 52.55 -7.53
N GLY B 236 -4.60 52.06 -8.55
CA GLY B 236 -5.27 52.92 -9.51
C GLY B 236 -6.56 53.40 -8.91
N TRP B 237 -7.50 53.74 -9.78
CA TRP B 237 -8.78 54.26 -9.32
C TRP B 237 -9.60 53.19 -8.62
N VAL B 238 -9.54 51.95 -9.11
CA VAL B 238 -10.27 50.86 -8.48
C VAL B 238 -9.63 50.51 -7.15
N GLY B 239 -8.31 50.34 -7.13
CA GLY B 239 -7.65 49.90 -5.93
C GLY B 239 -7.70 50.92 -4.79
N ARG B 240 -7.63 52.20 -5.13
CA ARG B 240 -7.72 53.22 -4.08
C ARG B 240 -9.14 53.32 -3.53
N GLY B 241 -10.14 53.03 -4.36
CA GLY B 241 -11.50 52.91 -3.85
C GLY B 241 -11.68 51.69 -2.97
N ILE B 242 -11.03 50.58 -3.32
CA ILE B 242 -11.10 49.38 -2.50
C ILE B 242 -10.35 49.57 -1.17
N ALA B 243 -9.16 50.17 -1.22
CA ALA B 243 -8.43 50.46 0.00
C ALA B 243 -9.21 51.43 0.89
N SER B 244 -9.85 52.43 0.26
CA SER B 244 -10.66 53.39 1.01
C SER B 244 -11.75 52.70 1.82
N ARG B 245 -12.42 51.70 1.23
CA ARG B 245 -13.52 51.04 1.92
C ARG B 245 -13.04 49.96 2.88
N PHE B 246 -11.94 49.26 2.56
CA PHE B 246 -11.31 48.40 3.56
C PHE B 246 -10.90 49.22 4.78
N LYS B 247 -10.30 50.39 4.56
CA LYS B 247 -9.92 51.25 5.66
C LYS B 247 -11.14 51.76 6.41
N GLY B 248 -12.20 52.14 5.69
CA GLY B 248 -13.42 52.58 6.32
C GLY B 248 -14.19 51.47 7.01
N MET B 249 -13.95 50.23 6.62
CA MET B 249 -14.55 49.10 7.30
C MET B 249 -13.68 48.58 8.43
N GLY B 250 -12.58 49.25 8.74
CA GLY B 250 -11.75 48.93 9.88
C GLY B 250 -10.50 48.11 9.62
N ALA B 251 -10.19 47.77 8.36
CA ALA B 251 -9.04 46.92 8.09
C ALA B 251 -7.74 47.73 8.07
N ARG B 252 -6.63 47.01 8.28
CA ARG B 252 -5.29 47.55 8.12
C ARG B 252 -4.82 47.29 6.70
N VAL B 253 -4.73 48.34 5.89
CA VAL B 253 -4.56 48.21 4.45
C VAL B 253 -3.09 48.24 4.07
N ILE B 254 -2.69 47.27 3.24
CA ILE B 254 -1.37 47.20 2.62
C ILE B 254 -1.56 47.33 1.12
N VAL B 255 -0.73 48.14 0.47
CA VAL B 255 -0.80 48.35 -0.97
C VAL B 255 0.43 47.77 -1.64
N VAL B 256 0.21 47.10 -2.77
CA VAL B 256 1.27 46.64 -3.66
C VAL B 256 1.15 47.43 -4.95
N GLU B 257 2.26 48.03 -5.41
CA GLU B 257 2.22 48.84 -6.61
C GLU B 257 3.46 48.59 -7.46
N SER B 258 3.31 48.77 -8.77
CA SER B 258 4.42 48.72 -9.71
C SER B 258 4.79 50.09 -10.29
N SER B 259 3.94 51.10 -10.12
CA SER B 259 4.22 52.47 -10.54
C SER B 259 4.76 53.26 -9.36
N PRO B 260 5.91 53.93 -9.50
CA PRO B 260 6.41 54.78 -8.40
C PRO B 260 5.45 55.90 -8.00
N PHE B 261 4.74 56.51 -8.96
CA PHE B 261 3.79 57.57 -8.61
C PHE B 261 2.72 57.04 -7.67
N ARG B 262 2.12 55.91 -8.02
CA ARG B 262 0.99 55.39 -7.27
C ARG B 262 1.41 54.74 -5.96
N ALA B 263 2.64 54.22 -5.88
CA ALA B 263 3.13 53.74 -4.60
C ALA B 263 3.31 54.90 -3.62
N LEU B 264 3.79 56.03 -4.11
CA LEU B 264 3.90 57.22 -3.28
C LEU B 264 2.52 57.77 -2.91
N GLU B 265 1.56 57.69 -3.84
CA GLU B 265 0.20 58.05 -3.50
C GLU B 265 -0.34 57.19 -2.38
N ALA B 266 -0.11 55.88 -2.44
CA ALA B 266 -0.64 54.99 -1.40
C ALA B 266 0.05 55.21 -0.07
N LEU B 267 1.34 55.53 -0.09
CA LEU B 267 2.08 55.78 1.14
C LEU B 267 1.56 57.03 1.84
N MET B 268 1.40 58.13 1.10
CA MET B 268 0.97 59.39 1.68
C MET B 268 -0.49 59.37 2.11
N ASP B 269 -1.26 58.37 1.70
CA ASP B 269 -2.60 58.15 2.20
C ASP B 269 -2.62 57.25 3.43
N GLY B 270 -1.46 56.96 4.01
CA GLY B 270 -1.39 56.24 5.26
C GLY B 270 -1.33 54.74 5.16
N PHE B 271 -1.04 54.19 3.98
CA PHE B 271 -1.01 52.75 3.78
C PHE B 271 0.43 52.23 3.69
N ASP B 272 0.65 51.06 4.29
CA ASP B 272 1.92 50.35 4.12
C ASP B 272 2.06 49.88 2.68
N VAL B 273 3.18 50.23 2.05
CA VAL B 273 3.45 49.83 0.67
C VAL B 273 4.64 48.87 0.68
N MET B 274 4.46 47.71 0.04
CA MET B 274 5.52 46.70 0.00
C MET B 274 5.33 45.81 -1.22
N THR B 275 6.27 44.89 -1.40
CA THR B 275 6.23 43.90 -2.47
C THR B 275 5.20 42.82 -2.17
N MET B 276 4.77 42.14 -3.24
CA MET B 276 3.92 40.97 -3.08
C MET B 276 4.59 39.88 -2.27
N ASN B 277 5.91 39.72 -2.40
CA ASN B 277 6.61 38.72 -1.59
C ASN B 277 6.46 39.00 -0.11
N ARG B 278 6.61 40.27 0.29
CA ARG B 278 6.43 40.63 1.68
C ARG B 278 4.96 40.65 2.08
N ALA B 279 4.10 41.20 1.21
CA ALA B 279 2.68 41.25 1.54
C ALA B 279 2.05 39.87 1.59
N SER B 280 2.54 38.92 0.78
CA SER B 280 1.95 37.59 0.74
C SER B 280 2.07 36.86 2.06
N GLU B 281 3.09 37.18 2.86
CA GLU B 281 3.30 36.49 4.13
C GLU B 281 2.52 37.12 5.27
N ILE B 282 1.84 38.24 5.04
CA ILE B 282 1.22 39.01 6.11
C ILE B 282 -0.30 39.11 5.91
N GLY B 283 -0.73 39.13 4.66
CA GLY B 283 -2.12 39.44 4.37
C GLY B 283 -3.10 38.38 4.82
N ASP B 284 -4.30 38.84 5.21
CA ASP B 284 -5.46 38.01 5.45
C ASP B 284 -6.39 37.98 4.25
N ILE B 285 -6.53 39.11 3.56
CA ILE B 285 -7.35 39.26 2.37
C ILE B 285 -6.49 39.89 1.27
N PHE B 286 -6.58 39.34 0.06
CA PHE B 286 -5.89 39.86 -1.11
C PHE B 286 -6.92 40.17 -2.19
N VAL B 287 -6.95 41.42 -2.65
CA VAL B 287 -7.80 41.84 -3.75
C VAL B 287 -6.92 42.45 -4.82
N THR B 288 -7.11 42.00 -6.07
CA THR B 288 -6.34 42.52 -7.18
C THR B 288 -7.12 43.60 -7.90
N ALA B 289 -6.43 44.68 -8.25
CA ALA B 289 -7.06 45.79 -8.95
C ALA B 289 -6.03 46.37 -9.92
N THR B 290 -5.36 45.48 -10.64
CA THR B 290 -4.49 45.80 -11.75
C THR B 290 -5.23 45.40 -13.02
N GLY B 291 -4.69 45.77 -14.19
CA GLY B 291 -5.23 45.16 -15.38
C GLY B 291 -4.34 44.07 -15.95
N ASN B 292 -3.71 43.27 -15.10
CA ASN B 292 -2.51 42.56 -15.49
C ASN B 292 -2.61 41.07 -15.15
N LEU B 293 -1.54 40.37 -15.48
CA LEU B 293 -1.50 38.92 -15.52
C LEU B 293 -0.61 38.38 -14.40
N ASN B 294 -1.10 37.33 -13.73
CA ASN B 294 -0.37 36.64 -12.67
C ASN B 294 0.24 37.64 -11.69
N VAL B 295 -0.60 38.59 -11.28
CA VAL B 295 -0.19 39.59 -10.30
C VAL B 295 -0.16 38.97 -8.90
N VAL B 296 -0.98 37.95 -8.66
CA VAL B 296 -0.85 37.08 -7.51
C VAL B 296 -0.49 35.70 -8.06
N SER B 297 0.77 35.31 -7.90
CA SER B 297 1.33 34.13 -8.56
C SER B 297 1.32 32.91 -7.64
N ARG B 298 1.68 31.77 -8.23
CA ARG B 298 1.80 30.52 -7.48
C ARG B 298 2.79 30.65 -6.34
N ASP B 299 3.93 31.29 -6.61
CA ASP B 299 4.95 31.46 -5.59
C ASP B 299 4.42 32.32 -4.44
N HIS B 300 3.61 33.32 -4.77
CA HIS B 300 2.99 34.14 -3.73
C HIS B 300 2.05 33.33 -2.86
N ILE B 301 1.20 32.49 -3.48
CA ILE B 301 0.23 31.74 -2.69
C ILE B 301 0.93 30.75 -1.78
N LEU B 302 2.08 30.24 -2.20
CA LEU B 302 2.85 29.33 -1.37
C LEU B 302 3.36 29.99 -0.11
N ARG B 303 3.55 31.30 -0.11
CA ARG B 303 4.06 31.99 1.06
C ARG B 303 2.94 32.45 1.99
N MET B 304 1.69 32.31 1.57
CA MET B 304 0.61 32.92 2.33
C MET B 304 0.26 32.10 3.56
N LYS B 305 -0.44 32.74 4.49
CA LYS B 305 -0.90 32.08 5.69
C LYS B 305 -2.09 31.18 5.39
N ASP B 306 -2.37 30.31 6.35
CA ASP B 306 -3.50 29.41 6.25
C ASP B 306 -4.80 30.18 6.46
N GLY B 307 -5.68 30.11 5.46
CA GLY B 307 -6.94 30.81 5.51
C GLY B 307 -7.02 32.08 4.69
N ALA B 308 -5.95 32.49 4.00
CA ALA B 308 -5.96 33.72 3.21
C ALA B 308 -7.06 33.66 2.16
N VAL B 309 -7.76 34.78 2.00
CA VAL B 309 -8.84 34.92 1.02
C VAL B 309 -8.31 35.72 -0.16
N LEU B 310 -8.56 35.24 -1.36
CA LEU B 310 -8.13 35.90 -2.58
C LEU B 310 -9.35 36.32 -3.37
N ALA B 311 -9.32 37.56 -3.88
CA ALA B 311 -10.37 38.07 -4.74
C ALA B 311 -9.79 38.95 -5.83
N ASN B 312 -10.51 39.05 -6.93
CA ASN B 312 -10.13 39.87 -8.07
C ASN B 312 -11.23 40.87 -8.37
N SER B 313 -10.86 42.12 -8.62
CA SER B 313 -11.81 43.13 -9.05
C SER B 313 -11.54 43.69 -10.44
N GLY B 314 -10.35 43.51 -10.99
CA GLY B 314 -10.13 43.89 -12.37
C GLY B 314 -10.87 42.94 -13.30
N HIS B 315 -11.07 43.38 -14.54
CA HIS B 315 -11.74 42.49 -15.46
C HIS B 315 -10.79 41.40 -15.94
N PHE B 316 -11.37 40.24 -16.25
CA PHE B 316 -10.69 39.02 -16.66
C PHE B 316 -10.06 38.35 -15.45
N ASN B 317 -10.17 37.03 -15.37
CA ASN B 317 -9.75 36.25 -14.20
C ASN B 317 -8.28 35.83 -14.25
N VAL B 318 -7.38 36.66 -14.77
CA VAL B 318 -5.98 36.30 -14.91
C VAL B 318 -5.08 37.06 -13.96
N GLU B 319 -5.67 37.88 -13.09
CA GLU B 319 -4.88 38.64 -12.13
C GLU B 319 -4.37 37.72 -11.02
N ILE B 320 -5.18 36.75 -10.64
CA ILE B 320 -4.77 35.68 -9.74
C ILE B 320 -4.40 34.46 -10.58
N ASP B 321 -3.28 33.84 -10.25
CA ASP B 321 -2.90 32.59 -10.91
C ASP B 321 -3.81 31.48 -10.41
N VAL B 322 -5.09 31.56 -10.77
CA VAL B 322 -6.05 30.53 -10.36
C VAL B 322 -5.77 29.21 -11.07
N LYS B 323 -5.32 29.28 -12.33
CA LYS B 323 -4.93 28.06 -13.02
C LYS B 323 -3.74 27.40 -12.33
N GLY B 324 -2.77 28.20 -11.90
CA GLY B 324 -1.66 27.65 -11.13
C GLY B 324 -2.06 27.17 -9.75
N LEU B 325 -2.96 27.90 -9.08
CA LEU B 325 -3.38 27.50 -7.74
C LEU B 325 -4.08 26.15 -7.76
N LYS B 326 -4.81 25.86 -8.83
CA LYS B 326 -5.46 24.55 -8.95
C LYS B 326 -4.44 23.44 -9.10
N GLU B 327 -3.27 23.72 -9.67
CA GLU B 327 -2.30 22.65 -9.88
C GLU B 327 -1.44 22.41 -8.65
N ILE B 328 -1.29 23.41 -7.77
CA ILE B 328 -0.54 23.21 -6.53
C ILE B 328 -1.43 22.72 -5.41
N SER B 329 -2.73 22.56 -5.66
CA SER B 329 -3.69 22.12 -4.66
C SER B 329 -3.96 20.62 -4.79
N VAL B 330 -4.26 20.00 -3.66
CA VAL B 330 -4.62 18.59 -3.62
C VAL B 330 -6.11 18.36 -3.37
N GLU B 331 -6.82 19.35 -2.83
CA GLU B 331 -8.25 19.23 -2.55
C GLU B 331 -8.92 20.56 -2.81
N THR B 332 -10.06 20.53 -3.50
CA THR B 332 -10.91 21.69 -3.66
C THR B 332 -12.34 21.29 -3.31
N ARG B 333 -13.11 22.25 -2.80
CA ARG B 333 -14.50 22.02 -2.42
C ARG B 333 -15.22 23.35 -2.33
N GLU B 334 -16.53 23.32 -2.55
CA GLU B 334 -17.35 24.52 -2.41
C GLU B 334 -17.86 24.61 -0.99
N VAL B 335 -17.57 25.74 -0.32
CA VAL B 335 -18.08 26.00 1.02
C VAL B 335 -19.47 26.61 0.97
N ARG B 336 -19.65 27.59 0.08
CA ARG B 336 -20.94 28.21 -0.18
C ARG B 336 -20.86 28.88 -1.54
N GLN B 337 -21.94 29.53 -1.94
CA GLN B 337 -21.99 30.24 -3.22
C GLN B 337 -20.81 31.21 -3.33
N ASN B 338 -20.00 31.03 -4.38
CA ASN B 338 -18.87 31.88 -4.77
C ASN B 338 -17.66 31.74 -3.86
N LEU B 339 -17.61 30.74 -2.98
CA LEU B 339 -16.47 30.49 -2.11
C LEU B 339 -15.96 29.06 -2.30
N GLU B 340 -14.79 28.91 -2.92
CA GLU B 340 -14.14 27.62 -3.10
C GLU B 340 -12.93 27.52 -2.17
N GLU B 341 -12.79 26.38 -1.49
CA GLU B 341 -11.66 26.12 -0.61
C GLU B 341 -10.66 25.20 -1.29
N TYR B 342 -9.38 25.55 -1.22
CA TYR B 342 -8.29 24.75 -1.76
C TYR B 342 -7.37 24.33 -0.62
N LYS B 343 -7.08 23.04 -0.55
CA LYS B 343 -6.08 22.51 0.37
C LYS B 343 -4.76 22.33 -0.37
N LEU B 344 -3.69 22.89 0.19
CA LEU B 344 -2.35 22.89 -0.40
C LEU B 344 -1.55 21.66 0.02
N ARG B 345 -0.43 21.46 -0.69
CA ARG B 345 0.50 20.39 -0.33
C ARG B 345 1.06 20.61 1.07
N ASN B 346 1.29 21.88 1.42
CA ASN B 346 1.71 22.25 2.77
C ASN B 346 0.61 22.04 3.80
N GLY B 347 -0.59 21.65 3.39
CA GLY B 347 -1.71 21.52 4.31
C GLY B 347 -2.50 22.79 4.52
N LYS B 348 -2.03 23.92 4.00
CA LYS B 348 -2.69 25.19 4.22
C LYS B 348 -3.90 25.37 3.32
N ARG B 349 -4.88 26.12 3.81
CA ARG B 349 -6.10 26.41 3.07
C ARG B 349 -6.03 27.80 2.45
N ILE B 350 -6.40 27.88 1.18
CA ILE B 350 -6.49 29.14 0.45
C ILE B 350 -7.92 29.26 -0.07
N TYR B 351 -8.57 30.37 0.25
CA TYR B 351 -9.95 30.61 -0.17
C TYR B 351 -9.96 31.54 -1.38
N LEU B 352 -10.52 31.05 -2.48
CA LEU B 352 -10.69 31.86 -3.67
C LEU B 352 -12.17 32.23 -3.81
N LEU B 353 -12.42 33.48 -4.18
CA LEU B 353 -13.77 34.02 -4.27
C LEU B 353 -14.17 34.13 -5.74
N ALA B 354 -15.40 33.70 -6.05
CA ALA B 354 -16.01 33.91 -7.36
C ALA B 354 -15.16 33.34 -8.49
N ASP B 355 -14.45 32.26 -8.21
CA ASP B 355 -13.53 31.64 -9.17
C ASP B 355 -12.54 32.63 -9.77
N GLY B 356 -12.13 33.62 -8.98
CA GLY B 356 -11.19 34.61 -9.47
C GLY B 356 -11.78 35.60 -10.45
N ARG B 357 -13.09 35.59 -10.62
CA ARG B 357 -13.75 36.56 -11.51
C ARG B 357 -14.15 37.80 -10.70
N LEU B 358 -14.51 38.91 -11.35
CA LEU B 358 -14.85 40.18 -10.65
C LEU B 358 -15.86 39.90 -9.53
N VAL B 359 -15.41 39.95 -8.28
CA VAL B 359 -16.25 39.53 -7.12
C VAL B 359 -17.36 40.54 -6.87
N ASN B 360 -17.16 41.76 -7.31
CA ASN B 360 -18.24 42.69 -7.13
C ASN B 360 -19.48 42.28 -7.94
N LEU B 361 -19.27 41.88 -9.19
CA LEU B 361 -20.37 41.55 -10.08
C LEU B 361 -20.79 40.08 -10.03
N VAL B 362 -20.01 39.21 -9.37
CA VAL B 362 -20.28 37.78 -9.35
C VAL B 362 -20.79 37.32 -8.01
N ALA B 363 -20.23 37.85 -6.92
CA ALA B 363 -20.68 37.49 -5.58
C ALA B 363 -21.68 38.50 -5.04
N ALA B 364 -21.92 39.57 -5.77
CA ALA B 364 -22.90 40.58 -5.39
C ALA B 364 -23.59 41.02 -6.67
N GLU B 365 -24.02 42.28 -6.73
CA GLU B 365 -24.81 42.77 -7.85
C GLU B 365 -24.12 43.87 -8.64
N GLY B 366 -22.81 44.03 -8.52
CA GLY B 366 -22.17 45.13 -9.19
C GLY B 366 -22.45 46.45 -8.49
N HIS B 367 -22.09 47.53 -9.19
CA HIS B 367 -22.23 48.86 -8.65
C HIS B 367 -23.70 49.20 -8.41
N PRO B 368 -24.00 50.02 -7.39
CA PRO B 368 -25.36 50.53 -7.20
C PRO B 368 -25.88 51.22 -8.44
N SER B 369 -27.19 51.36 -8.57
CA SER B 369 -27.74 52.00 -9.77
C SER B 369 -27.35 53.47 -9.85
N GLU B 370 -27.19 54.14 -8.70
CA GLU B 370 -26.89 55.57 -8.71
C GLU B 370 -25.54 55.88 -9.35
N VAL B 371 -24.55 55.00 -9.21
CA VAL B 371 -23.26 55.27 -9.83
C VAL B 371 -23.28 54.86 -11.30
N MET B 372 -23.97 53.77 -11.64
CA MET B 372 -24.09 53.40 -13.05
C MET B 372 -24.89 54.41 -13.84
N ASP B 373 -25.72 55.20 -13.16
CA ASP B 373 -26.37 56.36 -13.78
C ASP B 373 -25.34 57.25 -14.46
N LEU B 374 -24.23 57.53 -13.77
CA LEU B 374 -23.20 58.40 -14.31
C LEU B 374 -22.50 57.75 -15.51
N SER B 375 -22.13 56.47 -15.38
CA SER B 375 -21.40 55.81 -16.46
C SER B 375 -22.30 55.55 -17.67
N PHE B 376 -23.56 55.20 -17.44
CA PHE B 376 -24.45 54.85 -18.55
C PHE B 376 -25.10 56.08 -19.17
N CYS B 377 -25.03 57.24 -18.50
CA CYS B 377 -25.37 58.48 -19.17
C CYS B 377 -24.28 58.83 -20.19
N ASN B 378 -23.02 58.56 -19.84
CA ASN B 378 -21.94 58.74 -20.79
C ASN B 378 -22.08 57.77 -21.97
N GLN B 379 -22.44 56.52 -21.69
CA GLN B 379 -22.69 55.56 -22.77
C GLN B 379 -23.72 56.08 -23.75
N ALA B 380 -24.91 56.43 -23.25
CA ALA B 380 -26.02 56.83 -24.12
C ALA B 380 -25.66 58.08 -24.92
N LEU B 381 -25.15 59.12 -24.25
CA LEU B 381 -24.80 60.34 -24.96
C LEU B 381 -23.62 60.14 -25.90
N SER B 382 -22.73 59.18 -25.63
CA SER B 382 -21.60 58.97 -26.52
C SER B 382 -22.00 58.16 -27.76
N VAL B 383 -23.04 57.34 -27.63
CA VAL B 383 -23.58 56.64 -28.81
C VAL B 383 -24.34 57.61 -29.70
N GLU B 384 -25.19 58.46 -29.11
CA GLU B 384 -25.85 59.50 -29.89
C GLU B 384 -24.83 60.40 -30.59
N HIS B 385 -23.73 60.71 -29.90
CA HIS B 385 -22.68 61.53 -30.47
C HIS B 385 -21.97 60.82 -31.62
N LEU B 386 -21.87 59.50 -31.57
CA LEU B 386 -21.27 58.75 -32.67
C LEU B 386 -22.17 58.75 -33.91
N ILE B 387 -23.49 58.78 -33.73
CA ILE B 387 -24.38 58.84 -34.88
C ILE B 387 -24.45 60.26 -35.43
N LYS B 388 -24.48 61.25 -34.53
CA LYS B 388 -24.51 62.64 -34.93
C LYS B 388 -23.32 63.00 -35.80
N ASN B 389 -22.21 62.29 -35.66
CA ASN B 389 -21.03 62.51 -36.46
C ASN B 389 -20.73 61.26 -37.28
N LYS B 390 -19.84 61.43 -38.25
CA LYS B 390 -19.47 60.39 -39.19
C LYS B 390 -18.21 60.85 -39.90
N GLY B 391 -17.86 62.12 -39.67
CA GLY B 391 -16.63 62.71 -40.15
C GLY B 391 -15.55 62.70 -39.09
N LYS B 392 -15.59 61.69 -38.23
CA LYS B 392 -14.57 61.50 -37.22
C LYS B 392 -13.47 60.60 -37.77
N LEU B 393 -12.31 60.65 -37.12
CA LEU B 393 -11.16 59.87 -37.57
C LEU B 393 -11.48 58.38 -37.43
N GLU B 394 -11.68 57.71 -38.57
CA GLU B 394 -12.11 56.31 -38.57
C GLU B 394 -11.00 55.36 -38.13
N ASN B 395 -10.14 55.80 -37.20
CA ASN B 395 -9.06 54.93 -36.72
C ASN B 395 -8.58 55.32 -35.34
N LYS B 396 -9.37 55.99 -34.51
CA LYS B 396 -8.86 56.64 -33.32
C LYS B 396 -9.76 56.42 -32.12
N VAL B 397 -9.13 56.29 -30.96
CA VAL B 397 -9.82 56.29 -29.68
C VAL B 397 -9.94 57.72 -29.18
N TYR B 398 -11.16 58.14 -28.86
CA TYR B 398 -11.45 59.46 -28.33
C TYR B 398 -11.83 59.36 -26.86
N ASN B 399 -11.53 60.41 -26.11
CA ASN B 399 -12.17 60.56 -24.82
C ASN B 399 -13.58 61.09 -25.04
N VAL B 400 -14.41 60.97 -24.01
CA VAL B 400 -15.77 61.52 -24.15
C VAL B 400 -15.67 63.03 -24.33
N PRO B 401 -16.45 63.63 -25.23
CA PRO B 401 -16.45 65.09 -25.34
C PRO B 401 -16.73 65.75 -24.00
N ILE B 402 -15.92 66.77 -23.67
CA ILE B 402 -16.02 67.42 -22.37
C ILE B 402 -17.40 68.03 -22.16
N GLU B 403 -18.09 68.40 -23.24
CA GLU B 403 -19.45 68.92 -23.12
C GLU B 403 -20.38 67.85 -22.54
N ILE B 404 -20.23 66.61 -23.00
CA ILE B 404 -21.06 65.52 -22.51
C ILE B 404 -20.68 65.11 -21.10
N ASP B 405 -19.36 65.03 -20.83
CA ASP B 405 -18.89 64.73 -19.48
C ASP B 405 -19.51 65.68 -18.47
N GLU B 406 -19.53 66.97 -18.80
CA GLU B 406 -20.08 67.99 -17.90
C GLU B 406 -21.60 67.95 -17.85
N GLN B 407 -22.25 67.65 -18.97
CA GLN B 407 -23.71 67.54 -18.97
C GLN B 407 -24.17 66.38 -18.08
N VAL B 408 -23.42 65.28 -18.08
CA VAL B 408 -23.72 64.17 -17.18
C VAL B 408 -23.63 64.64 -15.73
N ALA B 409 -22.57 65.39 -15.39
CA ALA B 409 -22.40 65.88 -14.04
C ALA B 409 -23.50 66.84 -13.63
N ARG B 410 -23.87 67.77 -14.52
CA ARG B 410 -24.93 68.73 -14.18
C ARG B 410 -26.27 68.03 -13.99
N LEU B 411 -26.54 66.99 -14.77
CA LEU B 411 -27.79 66.24 -14.61
C LEU B 411 -27.83 65.53 -13.26
N LYS B 412 -26.71 64.95 -12.83
CA LYS B 412 -26.65 64.28 -11.54
C LYS B 412 -26.83 65.25 -10.38
N LEU B 413 -26.17 66.41 -10.43
CA LEU B 413 -26.30 67.41 -9.39
C LEU B 413 -27.73 67.96 -9.34
N LYS B 414 -28.30 68.28 -10.51
CA LYS B 414 -29.69 68.72 -10.60
C LYS B 414 -30.63 67.68 -9.98
N ALA B 415 -30.40 66.40 -10.27
CA ALA B 415 -31.23 65.34 -9.73
C ALA B 415 -31.05 65.16 -8.22
N LEU B 416 -29.85 65.40 -7.70
CA LEU B 416 -29.58 65.26 -6.27
C LEU B 416 -29.95 66.49 -5.46
N GLY B 417 -30.38 67.57 -6.11
CA GLY B 417 -30.75 68.77 -5.39
C GLY B 417 -29.57 69.57 -4.88
N ILE B 418 -28.44 69.49 -5.57
CA ILE B 418 -27.20 70.14 -5.15
C ILE B 418 -26.97 71.37 -6.01
N GLU B 419 -26.81 72.51 -5.37
CA GLU B 419 -26.59 73.79 -6.03
C GLU B 419 -25.09 74.05 -6.13
N ILE B 420 -24.66 74.58 -7.27
CA ILE B 420 -23.26 74.92 -7.44
C ILE B 420 -23.13 76.44 -7.53
N GLU B 421 -21.99 76.94 -7.06
CA GLU B 421 -21.72 78.37 -7.05
C GLU B 421 -21.56 78.88 -8.47
N GLU B 422 -22.07 80.09 -8.73
CA GLU B 422 -21.96 80.73 -10.03
C GLU B 422 -20.83 81.76 -10.01
N LEU B 423 -19.92 81.65 -10.99
CA LEU B 423 -18.83 82.61 -11.07
C LEU B 423 -19.39 83.95 -11.52
N THR B 424 -18.99 85.02 -10.84
CA THR B 424 -19.40 86.36 -11.22
C THR B 424 -18.57 86.88 -12.40
N ILE B 425 -18.97 88.04 -12.93
CA ILE B 425 -18.27 88.64 -14.05
C ILE B 425 -16.87 89.13 -13.63
N GLU B 426 -16.75 89.69 -12.42
CA GLU B 426 -15.42 90.13 -11.98
C GLU B 426 -14.49 88.94 -11.79
N GLN B 427 -15.03 87.78 -11.40
CA GLN B 427 -14.21 86.59 -11.18
C GLN B 427 -13.74 85.99 -12.51
N LYS B 428 -14.58 86.01 -13.55
CA LYS B 428 -14.17 85.46 -14.83
C LYS B 428 -13.07 86.30 -15.48
N GLU B 429 -13.11 87.61 -15.27
CA GLU B 429 -12.07 88.48 -15.80
C GLU B 429 -10.76 88.26 -15.03
N TYR B 430 -10.81 88.37 -13.71
CA TYR B 430 -9.70 87.96 -12.86
C TYR B 430 -9.49 86.45 -12.97
N ILE B 431 -8.60 86.04 -13.87
CA ILE B 431 -8.22 84.66 -14.16
C ILE B 431 -7.58 84.71 -15.54
N LYS B 432 -8.09 85.59 -16.39
CA LYS B 432 -7.48 85.91 -17.67
C LYS B 432 -6.27 86.82 -17.46
N GLN B 433 -6.29 87.64 -16.42
CA GLN B 433 -5.26 88.63 -16.15
C GLN B 433 -3.95 87.97 -15.72
N TRP B 434 -2.85 88.69 -15.97
CA TRP B 434 -1.52 88.23 -15.60
C TRP B 434 -0.71 89.43 -15.10
N LYS B 435 -1.14 90.63 -15.45
CA LYS B 435 -0.54 91.91 -15.07
C LYS B 435 -1.05 92.34 -13.70
N TYR B 436 -0.60 93.53 -13.25
CA TYR B 436 -0.85 94.27 -12.01
C TYR B 436 0.46 94.62 -11.33
N GLY B 437 0.39 95.30 -10.18
CA GLY B 437 1.59 95.64 -9.44
C GLY B 437 1.34 95.85 -7.96
N THR B 438 0.87 94.80 -7.29
CA THR B 438 0.63 94.86 -5.85
C THR B 438 1.37 93.74 -5.14
N ARG C 27 21.98 3.92 -56.54
CA ARG C 27 22.42 2.72 -55.84
C ARG C 27 22.90 3.01 -54.43
N VAL C 28 22.06 2.69 -53.45
CA VAL C 28 22.36 2.87 -52.04
C VAL C 28 22.04 1.56 -51.32
N LYS C 29 22.28 1.54 -50.01
CA LYS C 29 22.09 0.32 -49.24
C LYS C 29 20.61 0.00 -49.05
N ASP C 30 19.87 0.93 -48.43
CA ASP C 30 18.46 0.71 -48.11
C ASP C 30 17.69 2.00 -48.37
N LEU C 31 16.86 1.99 -49.41
CA LEU C 31 16.06 3.17 -49.75
C LEU C 31 14.95 3.42 -48.73
N SER C 32 14.73 2.49 -47.80
CA SER C 32 13.68 2.66 -46.79
C SER C 32 14.06 3.65 -45.69
N LEU C 33 15.32 4.02 -45.55
CA LEU C 33 15.73 4.98 -44.53
C LEU C 33 15.56 6.43 -44.99
N ALA C 34 14.99 6.65 -46.16
CA ALA C 34 14.87 7.99 -46.73
C ALA C 34 14.13 8.96 -45.81
N GLU C 35 13.25 8.47 -44.93
CA GLU C 35 12.55 9.37 -44.04
C GLU C 35 13.44 9.79 -42.87
N GLN C 36 14.20 8.83 -42.31
CA GLN C 36 15.16 9.16 -41.25
C GLN C 36 16.24 10.10 -41.74
N GLY C 37 16.75 9.87 -42.95
CA GLY C 37 17.77 10.74 -43.50
C GLY C 37 17.25 12.14 -43.76
N ARG C 38 15.98 12.24 -44.16
CA ARG C 38 15.38 13.54 -44.44
C ARG C 38 15.34 14.42 -43.21
N LYS C 39 15.01 13.84 -42.05
CA LYS C 39 15.07 14.60 -40.81
C LYS C 39 16.49 15.03 -40.49
N GLN C 40 17.48 14.24 -40.92
CA GLN C 40 18.88 14.60 -40.70
C GLN C 40 19.33 15.69 -41.68
N ILE C 41 18.86 15.63 -42.92
CA ILE C 41 19.20 16.67 -43.88
C ILE C 41 18.50 17.98 -43.52
N GLU C 42 17.28 17.91 -43.00
CA GLU C 42 16.59 19.12 -42.57
C GLU C 42 17.29 19.76 -41.38
N TRP C 43 17.80 18.94 -40.44
CA TRP C 43 18.58 19.47 -39.34
C TRP C 43 19.80 20.25 -39.83
N ALA C 44 20.50 19.69 -40.82
CA ALA C 44 21.65 20.40 -41.38
C ALA C 44 21.22 21.70 -42.06
N GLU C 45 20.08 21.70 -42.75
CA GLU C 45 19.60 22.91 -43.41
C GLU C 45 19.43 24.04 -42.42
N LEU C 46 18.88 23.72 -41.25
CA LEU C 46 18.68 24.73 -40.21
C LEU C 46 20.00 25.23 -39.64
N HIS C 47 21.09 24.47 -39.79
CA HIS C 47 22.39 24.87 -39.27
C HIS C 47 23.38 25.21 -40.38
N MET C 48 22.91 25.35 -41.61
CA MET C 48 23.70 25.89 -42.72
C MET C 48 22.94 27.08 -43.31
N PRO C 49 22.70 28.13 -42.50
CA PRO C 49 21.81 29.21 -42.96
C PRO C 49 22.39 30.00 -44.12
N ALA C 50 23.71 30.18 -44.17
CA ALA C 50 24.33 30.92 -45.27
C ALA C 50 24.21 30.18 -46.58
N LEU C 51 24.36 28.85 -46.55
CA LEU C 51 24.21 28.08 -47.78
C LEU C 51 22.77 28.12 -48.27
N MET C 52 21.81 28.29 -47.36
CA MET C 52 20.41 28.35 -47.77
C MET C 52 20.09 29.63 -48.51
N GLU C 53 20.73 30.74 -48.17
CA GLU C 53 20.48 31.98 -48.90
C GLU C 53 21.10 31.91 -50.29
N ILE C 54 22.21 31.17 -50.43
CA ILE C 54 22.72 30.89 -51.76
C ILE C 54 21.74 30.00 -52.51
N ARG C 55 21.09 29.07 -51.81
CA ARG C 55 20.07 28.23 -52.44
C ARG C 55 18.88 29.04 -52.93
N LYS C 56 18.47 30.07 -52.19
CA LYS C 56 17.34 30.89 -52.61
C LYS C 56 17.68 31.67 -53.87
N ARG C 57 18.86 32.28 -53.90
CA ARG C 57 19.35 32.98 -55.08
C ARG C 57 19.66 32.02 -56.22
N PHE C 58 19.89 30.73 -55.94
CA PHE C 58 20.06 29.74 -57.00
C PHE C 58 18.73 29.31 -57.59
N ASN C 59 17.72 29.10 -56.74
CA ASN C 59 16.40 28.66 -57.18
C ASN C 59 15.68 29.71 -58.01
N ALA C 60 16.16 30.95 -57.97
CA ALA C 60 15.56 32.06 -58.70
C ALA C 60 16.34 32.40 -59.96
N GLU C 61 17.67 32.33 -59.91
CA GLU C 61 18.50 32.69 -61.03
C GLU C 61 18.97 31.49 -61.85
N LYS C 62 18.72 30.25 -61.37
CA LYS C 62 19.15 29.00 -61.96
C LYS C 62 20.48 29.13 -62.69
N PRO C 63 21.56 29.49 -61.99
CA PRO C 63 22.84 29.71 -62.68
C PRO C 63 23.49 28.45 -63.21
N LEU C 64 22.98 27.26 -62.87
CA LEU C 64 23.59 26.00 -63.25
C LEU C 64 22.73 25.21 -64.25
N ASP C 65 22.00 25.91 -65.11
CA ASP C 65 21.12 25.23 -66.06
C ASP C 65 21.96 24.53 -67.14
N GLY C 66 21.58 23.29 -67.44
CA GLY C 66 22.29 22.51 -68.42
C GLY C 66 23.64 22.01 -67.99
N ILE C 67 23.94 22.05 -66.69
CA ILE C 67 25.24 21.63 -66.15
C ILE C 67 25.08 20.30 -65.44
N ARG C 68 25.97 19.36 -65.75
CA ARG C 68 26.02 18.05 -65.13
C ARG C 68 27.26 17.97 -64.23
N ILE C 69 27.05 17.61 -62.97
CA ILE C 69 28.11 17.61 -61.97
C ILE C 69 28.36 16.18 -61.49
N GLY C 70 29.64 15.80 -61.47
CA GLY C 70 30.08 14.56 -60.87
C GLY C 70 30.91 14.87 -59.61
N ALA C 71 30.50 14.29 -58.50
CA ALA C 71 31.07 14.64 -57.20
C ALA C 71 31.59 13.41 -56.48
N VAL C 72 32.80 13.53 -55.95
CA VAL C 72 33.38 12.56 -55.01
C VAL C 72 33.55 13.31 -53.69
N LEU C 73 32.61 13.13 -52.78
CA LEU C 73 32.58 13.83 -51.51
C LEU C 73 32.18 12.87 -50.41
N HIS C 74 32.33 13.30 -49.17
CA HIS C 74 31.84 12.51 -48.06
C HIS C 74 30.32 12.60 -48.00
N VAL C 75 29.64 11.46 -48.09
CA VAL C 75 28.19 11.45 -48.16
C VAL C 75 27.60 11.69 -46.79
N THR C 76 27.45 12.95 -46.42
CA THR C 76 26.93 13.36 -45.13
C THR C 76 25.68 14.20 -45.32
N LYS C 77 25.02 14.49 -44.20
CA LYS C 77 23.87 15.40 -44.23
C LYS C 77 24.26 16.78 -44.76
N GLU C 78 25.52 17.19 -44.59
CA GLU C 78 25.94 18.50 -45.07
C GLU C 78 26.25 18.47 -46.57
N THR C 79 26.84 17.37 -47.06
CA THR C 79 26.98 17.21 -48.50
C THR C 79 25.61 17.18 -49.18
N ALA C 80 24.61 16.65 -48.47
CA ALA C 80 23.25 16.64 -49.00
C ALA C 80 22.70 18.04 -49.18
N VAL C 81 23.00 18.94 -48.23
CA VAL C 81 22.51 20.31 -48.34
C VAL C 81 23.21 21.03 -49.48
N LEU C 82 24.46 20.69 -49.76
CA LEU C 82 25.17 21.35 -50.85
C LEU C 82 24.70 20.87 -52.21
N VAL C 83 24.57 19.55 -52.40
CA VAL C 83 24.20 19.03 -53.71
C VAL C 83 22.76 19.42 -54.05
N GLU C 84 21.87 19.46 -53.05
CA GLU C 84 20.52 19.91 -53.33
C GLU C 84 20.49 21.41 -53.59
N THR C 85 21.41 22.17 -52.98
CA THR C 85 21.56 23.56 -53.37
C THR C 85 22.02 23.66 -54.82
N LEU C 86 22.87 22.73 -55.24
CA LEU C 86 23.29 22.67 -56.64
C LEU C 86 22.13 22.25 -57.54
N LYS C 87 21.29 21.30 -57.08
CA LYS C 87 20.12 20.90 -57.86
C LYS C 87 19.14 22.05 -58.01
N ALA C 88 18.98 22.87 -56.96
CA ALA C 88 18.07 24.00 -57.04
C ALA C 88 18.55 25.03 -58.07
N GLY C 89 19.86 25.18 -58.23
CA GLY C 89 20.40 26.07 -59.24
C GLY C 89 20.30 25.53 -60.65
N GLY C 90 19.63 24.39 -60.81
CA GLY C 90 19.41 23.81 -62.12
C GLY C 90 20.43 22.79 -62.57
N ALA C 91 21.20 22.21 -61.65
CA ALA C 91 22.23 21.26 -62.02
C ALA C 91 21.73 19.84 -61.85
N GLU C 92 22.31 18.92 -62.61
CA GLU C 92 22.09 17.49 -62.47
C GLU C 92 23.34 16.90 -61.85
N ILE C 93 23.16 16.18 -60.72
CA ILE C 93 24.28 15.82 -59.86
C ILE C 93 24.39 14.30 -59.76
N ALA C 94 25.60 13.80 -59.93
CA ALA C 94 25.95 12.42 -59.63
C ALA C 94 26.98 12.45 -58.51
N LEU C 95 26.72 11.69 -57.45
CA LEU C 95 27.52 11.76 -56.23
C LEU C 95 28.05 10.36 -55.89
N ALA C 96 29.33 10.29 -55.54
CA ALA C 96 29.96 9.07 -55.07
C ALA C 96 30.77 9.39 -53.83
N GLY C 97 30.85 8.42 -52.92
CA GLY C 97 31.52 8.64 -51.65
C GLY C 97 33.01 8.86 -51.78
N SER C 98 33.53 9.75 -50.92
CA SER C 98 34.95 10.07 -50.91
C SER C 98 35.79 9.08 -50.09
N ASN C 99 35.17 8.37 -49.16
CA ASN C 99 35.81 7.44 -48.26
C ASN C 99 34.86 6.26 -48.12
N PRO C 100 35.38 5.03 -48.10
CA PRO C 100 34.48 3.86 -48.07
C PRO C 100 33.71 3.69 -46.77
N LEU C 101 34.06 4.41 -45.70
CA LEU C 101 33.40 4.26 -44.42
C LEU C 101 32.76 5.55 -43.91
N SER C 102 32.76 6.62 -44.71
CA SER C 102 32.25 7.92 -44.29
C SER C 102 30.76 8.10 -44.56
N THR C 103 30.22 7.35 -45.51
CA THR C 103 28.83 7.51 -45.96
C THR C 103 27.81 7.34 -44.85
N GLN C 104 26.89 8.30 -44.74
CA GLN C 104 25.69 8.16 -43.93
C GLN C 104 24.58 7.57 -44.80
N ASP C 105 24.23 6.30 -44.53
CA ASP C 105 23.35 5.54 -45.42
C ASP C 105 21.96 6.15 -45.55
N ASP C 106 21.37 6.62 -44.44
CA ASP C 106 20.06 7.25 -44.52
C ASP C 106 20.11 8.53 -45.34
N VAL C 107 21.20 9.29 -45.23
CA VAL C 107 21.32 10.52 -46.00
C VAL C 107 21.43 10.20 -47.49
N ALA C 108 22.14 9.11 -47.81
CA ALA C 108 22.22 8.67 -49.21
C ALA C 108 20.86 8.17 -49.69
N ALA C 109 20.15 7.43 -48.85
CA ALA C 109 18.79 7.03 -49.18
C ALA C 109 17.90 8.25 -49.42
N GLY C 110 17.86 9.17 -48.46
CA GLY C 110 17.07 10.38 -48.63
C GLY C 110 17.48 11.16 -49.86
N LEU C 111 18.78 11.16 -50.17
CA LEU C 111 19.26 11.86 -51.36
C LEU C 111 18.82 11.17 -52.65
N ALA C 112 18.70 9.83 -52.62
CA ALA C 112 18.24 9.09 -53.79
C ALA C 112 16.74 9.27 -54.02
N LYS C 113 15.97 9.35 -52.93
CA LYS C 113 14.53 9.57 -53.04
C LYS C 113 14.21 10.86 -53.78
N ASN C 114 15.11 11.84 -53.76
CA ASN C 114 14.97 13.02 -54.61
C ASN C 114 15.65 12.72 -55.94
N GLY C 115 16.27 13.71 -56.59
CA GLY C 115 16.81 13.45 -57.90
C GLY C 115 18.32 13.31 -58.02
N ILE C 116 18.98 12.85 -56.96
CA ILE C 116 20.44 12.81 -56.90
C ILE C 116 20.90 11.42 -57.27
N HIS C 117 21.76 11.33 -58.29
CA HIS C 117 22.37 10.07 -58.73
C HIS C 117 23.50 9.68 -57.79
N VAL C 118 23.15 9.12 -56.64
CA VAL C 118 24.09 8.81 -55.56
C VAL C 118 24.47 7.34 -55.61
N TYR C 119 25.76 7.05 -55.73
CA TYR C 119 26.31 5.70 -55.75
C TYR C 119 27.27 5.53 -54.56
N ALA C 120 26.72 5.18 -53.39
CA ALA C 120 27.57 5.11 -52.19
C ALA C 120 26.82 4.45 -51.04
N TRP C 121 27.57 3.75 -50.19
CA TRP C 121 27.05 3.17 -48.95
C TRP C 121 28.24 2.87 -48.03
N ARG C 122 27.96 2.79 -46.73
CA ARG C 122 28.99 2.47 -45.75
C ARG C 122 29.37 1.00 -45.80
N GLY C 123 30.67 0.72 -45.70
CA GLY C 123 31.19 -0.64 -45.73
C GLY C 123 31.68 -1.08 -47.08
N GLU C 124 31.92 -0.13 -47.98
CA GLU C 124 32.29 -0.42 -49.36
C GLU C 124 33.63 -1.13 -49.43
N THR C 125 33.82 -1.87 -50.51
CA THR C 125 35.14 -2.39 -50.82
C THR C 125 35.81 -1.42 -51.77
N GLU C 126 37.14 -1.52 -51.85
CA GLU C 126 37.89 -0.58 -52.68
C GLU C 126 37.52 -0.74 -54.15
N LYS C 127 37.10 -1.95 -54.54
CA LYS C 127 36.57 -2.15 -55.88
C LYS C 127 35.24 -1.42 -56.06
N ASP C 128 34.36 -1.51 -55.05
CA ASP C 128 33.12 -0.75 -55.08
C ASP C 128 33.38 0.74 -55.23
N TYR C 129 34.40 1.25 -54.52
CA TYR C 129 34.75 2.66 -54.58
C TYR C 129 35.03 3.11 -56.00
N TYR C 130 35.89 2.39 -56.71
CA TYR C 130 36.23 2.79 -58.07
C TYR C 130 35.19 2.37 -59.10
N ASP C 131 34.36 1.38 -58.79
CA ASP C 131 33.19 1.12 -59.62
C ASP C 131 32.19 2.26 -59.55
N ASN C 132 31.95 2.76 -58.34
CA ASN C 132 31.02 3.88 -58.16
C ASN C 132 31.54 5.15 -58.82
N ILE C 133 32.85 5.31 -58.98
CA ILE C 133 33.37 6.50 -59.64
C ILE C 133 33.08 6.45 -61.14
N ARG C 134 33.20 5.27 -61.75
CA ARG C 134 32.81 5.12 -63.14
C ARG C 134 31.31 5.36 -63.30
N GLU C 135 30.52 5.05 -62.26
CA GLU C 135 29.09 5.26 -62.33
C GLU C 135 28.74 6.74 -62.47
N ILE C 136 29.27 7.58 -61.56
CA ILE C 136 28.99 9.02 -61.66
C ILE C 136 29.62 9.59 -62.93
N LEU C 137 30.65 8.95 -63.45
CA LEU C 137 31.36 9.47 -64.61
C LEU C 137 30.66 9.09 -65.91
N LYS C 138 29.63 8.25 -65.84
CA LYS C 138 28.85 7.87 -67.03
C LYS C 138 27.97 9.00 -67.54
N TYR C 139 27.55 9.92 -66.68
CA TYR C 139 26.73 11.04 -67.11
C TYR C 139 27.52 12.13 -67.84
N GLU C 140 28.83 11.95 -68.03
CA GLU C 140 29.70 12.89 -68.74
C GLU C 140 29.63 14.28 -68.12
N PRO C 141 30.27 14.51 -66.97
CA PRO C 141 30.09 15.78 -66.27
C PRO C 141 30.88 16.90 -66.91
N HIS C 142 30.35 18.12 -66.78
CA HIS C 142 31.14 19.29 -67.14
C HIS C 142 31.96 19.79 -65.97
N VAL C 143 31.52 19.53 -64.73
CA VAL C 143 32.23 19.98 -63.54
C VAL C 143 32.55 18.78 -62.66
N ILE C 144 33.75 18.77 -62.09
CA ILE C 144 34.24 17.71 -61.22
C ILE C 144 34.39 18.28 -59.81
N MET C 145 33.60 17.79 -58.86
CA MET C 145 33.82 18.13 -57.46
C MET C 145 34.44 16.92 -56.76
N ASP C 146 35.64 17.10 -56.25
CA ASP C 146 36.41 16.03 -55.68
C ASP C 146 36.83 16.43 -54.27
N ASP C 147 37.06 15.43 -53.43
CA ASP C 147 37.43 15.67 -52.05
C ASP C 147 38.88 15.32 -51.76
N GLY C 148 39.31 14.10 -52.03
CA GLY C 148 40.70 13.73 -51.82
C GLY C 148 41.59 13.67 -53.04
N GLY C 149 41.10 14.05 -54.22
CA GLY C 149 41.89 14.01 -55.43
C GLY C 149 41.69 12.78 -56.29
N ASP C 150 40.92 11.80 -55.83
CA ASP C 150 40.79 10.55 -56.58
C ASP C 150 40.07 10.75 -57.91
N LEU C 151 39.00 11.55 -57.92
CA LEU C 151 38.26 11.76 -59.17
C LEU C 151 39.07 12.55 -60.18
N HIS C 152 39.80 13.58 -59.73
CA HIS C 152 40.64 14.34 -60.66
C HIS C 152 41.69 13.44 -61.29
N ALA C 153 42.26 12.51 -60.51
CA ALA C 153 43.28 11.62 -61.03
C ALA C 153 42.72 10.60 -62.02
N TYR C 154 41.64 9.92 -61.63
CA TYR C 154 41.03 8.92 -62.50
C TYR C 154 40.63 9.53 -63.84
N VAL C 155 39.99 10.69 -63.79
CA VAL C 155 39.51 11.35 -64.99
C VAL C 155 40.68 11.69 -65.92
N HIS C 156 41.85 11.98 -65.36
CA HIS C 156 43.02 12.33 -66.15
C HIS C 156 43.82 11.12 -66.62
N GLU C 157 43.99 10.10 -65.77
CA GLU C 157 44.76 8.94 -66.18
C GLU C 157 43.99 8.11 -67.21
N ASN C 158 42.66 8.24 -67.23
CA ASN C 158 41.81 7.53 -68.17
C ASN C 158 41.23 8.43 -69.26
N ASN C 159 41.74 9.65 -69.43
CA ASN C 159 41.40 10.51 -70.58
C ASN C 159 39.90 10.78 -70.74
N LEU C 160 39.23 11.20 -69.66
CA LEU C 160 37.83 11.60 -69.79
C LEU C 160 37.57 13.10 -69.69
N THR C 161 38.63 13.90 -69.61
CA THR C 161 38.54 15.37 -69.53
C THR C 161 37.90 16.08 -70.72
N SER C 162 37.48 15.35 -71.75
CA SER C 162 37.08 15.97 -73.02
C SER C 162 36.03 17.06 -72.84
N LYS C 163 34.89 16.74 -72.21
CA LYS C 163 33.85 17.75 -72.04
C LYS C 163 33.90 18.47 -70.71
N ILE C 164 34.89 18.19 -69.86
CA ILE C 164 34.91 18.77 -68.53
C ILE C 164 35.37 20.22 -68.63
N VAL C 165 34.55 21.12 -68.09
CA VAL C 165 34.84 22.56 -68.20
C VAL C 165 35.58 23.09 -66.97
N GLY C 166 35.51 22.41 -65.84
CA GLY C 166 36.23 22.85 -64.66
C GLY C 166 35.90 21.96 -63.48
N GLY C 167 36.56 22.25 -62.35
CA GLY C 167 36.36 21.45 -61.16
C GLY C 167 36.76 22.18 -59.89
N THR C 168 36.48 21.53 -58.75
CA THR C 168 36.83 22.06 -57.43
C THR C 168 37.49 20.96 -56.60
N GLU C 169 38.35 21.38 -55.66
CA GLU C 169 39.06 20.48 -54.77
C GLU C 169 38.84 20.91 -53.32
N GLU C 170 38.50 19.96 -52.45
CA GLU C 170 38.06 20.30 -51.11
C GLU C 170 39.14 20.26 -50.03
N THR C 171 40.10 19.34 -50.09
CA THR C 171 41.01 19.15 -48.96
C THR C 171 42.46 19.33 -49.38
N THR C 172 43.33 19.58 -48.39
CA THR C 172 44.74 19.87 -48.63
C THR C 172 45.42 18.77 -49.44
N THR C 173 45.19 17.50 -49.08
CA THR C 173 45.84 16.41 -49.80
C THR C 173 45.45 16.39 -51.28
N GLY C 174 44.20 16.75 -51.60
CA GLY C 174 43.81 16.83 -52.99
C GLY C 174 44.47 17.99 -53.71
N VAL C 175 44.73 19.09 -53.00
CA VAL C 175 45.37 20.25 -53.60
C VAL C 175 46.82 19.96 -53.94
N ILE C 176 47.51 19.21 -53.07
CA ILE C 176 48.91 18.85 -53.36
C ILE C 176 49.00 17.99 -54.61
N ARG C 177 48.11 17.00 -54.75
CA ARG C 177 48.09 16.18 -55.96
C ARG C 177 47.80 17.03 -57.20
N LEU C 178 46.81 17.91 -57.11
CA LEU C 178 46.44 18.73 -58.27
C LEU C 178 47.55 19.69 -58.68
N LYS C 179 48.31 20.19 -57.70
CA LYS C 179 49.41 21.08 -58.03
C LYS C 179 50.58 20.31 -58.65
N ALA C 180 50.77 19.06 -58.23
CA ALA C 180 51.75 18.21 -58.89
C ALA C 180 51.36 17.97 -60.34
N MET C 181 50.06 17.70 -60.58
CA MET C 181 49.57 17.64 -61.96
C MET C 181 49.78 18.97 -62.67
N GLU C 182 49.75 20.08 -61.94
CA GLU C 182 49.89 21.38 -62.57
C GLU C 182 51.34 21.69 -62.93
N GLU C 183 52.29 21.41 -62.03
CA GLU C 183 53.70 21.56 -62.39
C GLU C 183 54.13 20.52 -63.42
N GLU C 184 53.45 19.38 -63.47
CA GLU C 184 53.71 18.34 -64.47
C GLU C 184 52.91 18.60 -65.74
N LYS C 185 52.11 19.66 -65.76
CA LYS C 185 51.41 20.16 -66.96
C LYS C 185 50.51 19.12 -67.64
N VAL C 186 49.85 18.28 -66.84
CA VAL C 186 48.86 17.35 -67.39
C VAL C 186 47.43 17.80 -67.12
N LEU C 187 47.22 18.69 -66.15
CA LEU C 187 45.87 19.16 -65.82
C LEU C 187 45.19 19.76 -67.05
N LYS C 188 43.91 19.40 -67.24
CA LYS C 188 43.20 19.67 -68.48
C LYS C 188 42.03 20.65 -68.35
N TYR C 189 41.61 20.97 -67.13
CA TYR C 189 40.61 21.99 -66.91
C TYR C 189 41.04 22.84 -65.73
N PRO C 190 40.49 24.05 -65.59
CA PRO C 190 40.80 24.83 -64.40
C PRO C 190 40.16 24.20 -63.18
N VAL C 191 40.85 24.29 -62.05
CA VAL C 191 40.40 23.70 -60.80
C VAL C 191 40.53 24.76 -59.71
N ILE C 192 39.48 24.90 -58.90
CA ILE C 192 39.43 25.89 -57.83
C ILE C 192 39.85 25.20 -56.55
N ALA C 193 40.94 25.68 -55.93
CA ALA C 193 41.40 25.10 -54.66
C ALA C 193 40.57 25.69 -53.53
N VAL C 194 39.41 25.08 -53.31
CA VAL C 194 38.49 25.54 -52.28
C VAL C 194 39.09 25.37 -50.89
N ASN C 195 40.03 24.43 -50.72
CA ASN C 195 40.66 24.23 -49.42
C ASN C 195 41.46 25.46 -48.99
N ASN C 196 42.00 26.23 -49.94
CA ASN C 196 42.90 27.34 -49.62
C ASN C 196 42.18 28.63 -49.30
N ALA C 197 40.85 28.66 -49.33
CA ALA C 197 40.14 29.88 -48.96
C ALA C 197 40.24 30.11 -47.46
N PHE C 198 40.42 31.38 -47.08
CA PHE C 198 40.52 31.71 -45.66
C PHE C 198 39.33 31.19 -44.88
N THR C 199 38.13 31.38 -45.42
CA THR C 199 36.92 30.91 -44.76
C THR C 199 36.80 29.39 -44.76
N LYS C 200 37.74 28.67 -45.38
CA LYS C 200 37.76 27.21 -45.34
C LYS C 200 38.79 26.69 -44.33
N TYR C 201 40.08 26.87 -44.62
CA TYR C 201 41.11 26.23 -43.81
C TYR C 201 41.21 26.81 -42.39
N LEU C 202 40.75 28.03 -42.17
CA LEU C 202 40.76 28.59 -40.81
C LEU C 202 39.65 28.04 -39.92
N PHE C 203 38.62 27.43 -40.49
CA PHE C 203 37.48 27.00 -39.70
C PHE C 203 37.20 25.52 -39.90
N ASP C 204 37.16 25.09 -41.16
CA ASP C 204 37.00 23.67 -41.47
C ASP C 204 38.21 22.88 -40.99
N ASN C 205 39.40 23.16 -41.53
CA ASN C 205 40.57 22.37 -41.17
C ASN C 205 40.94 22.53 -39.71
N ARG C 206 40.75 23.73 -39.15
CA ARG C 206 41.21 24.02 -37.79
C ARG C 206 40.11 23.76 -36.75
N ILE C 207 39.04 24.54 -36.82
CA ILE C 207 38.00 24.47 -35.78
C ILE C 207 37.21 23.17 -35.88
N GLY C 208 36.79 22.81 -37.10
CA GLY C 208 35.95 21.64 -37.25
C GLY C 208 36.66 20.34 -36.88
N THR C 209 37.83 20.10 -37.46
CA THR C 209 38.54 18.85 -37.20
C THR C 209 38.98 18.76 -35.75
N GLY C 210 39.24 19.90 -35.09
CA GLY C 210 39.53 19.87 -33.68
C GLY C 210 38.40 19.25 -32.87
N GLN C 211 37.18 19.73 -33.06
CA GLN C 211 36.03 19.15 -32.39
C GLN C 211 35.70 17.76 -32.95
N SER C 212 35.66 17.62 -34.27
CA SER C 212 35.26 16.36 -34.89
C SER C 212 36.17 15.20 -34.47
N THR C 213 37.48 15.42 -34.46
CA THR C 213 38.42 14.34 -34.16
C THR C 213 38.29 13.89 -32.71
N ILE C 214 38.19 14.84 -31.77
CA ILE C 214 38.00 14.48 -30.37
C ILE C 214 36.69 13.73 -30.19
N ASP C 215 35.66 14.17 -30.92
CA ASP C 215 34.36 13.51 -30.86
C ASP C 215 34.45 12.08 -31.35
N GLY C 216 35.11 11.87 -32.49
CA GLY C 216 35.31 10.52 -33.01
C GLY C 216 36.10 9.65 -32.06
N ILE C 217 37.14 10.19 -31.43
CA ILE C 217 37.91 9.45 -30.45
C ILE C 217 37.03 9.04 -29.28
N LEU C 218 36.15 9.95 -28.85
CA LEU C 218 35.25 9.67 -27.72
C LEU C 218 34.14 8.70 -28.07
N ARG C 219 33.71 8.63 -29.34
CA ARG C 219 32.62 7.72 -29.68
C ARG C 219 33.10 6.29 -29.89
N ALA C 220 34.33 6.12 -30.33
CA ALA C 220 34.87 4.77 -30.56
C ALA C 220 35.49 4.29 -29.26
N THR C 221 35.67 5.18 -28.31
CA THR C 221 36.24 4.87 -26.99
C THR C 221 35.76 5.95 -26.04
N ASN C 222 35.17 5.61 -24.90
CA ASN C 222 34.87 6.72 -23.94
C ASN C 222 36.14 6.89 -23.10
N ILE C 223 37.19 7.38 -23.73
CA ILE C 223 38.51 7.50 -23.05
C ILE C 223 38.59 8.82 -22.28
N LEU C 224 39.29 8.78 -21.15
CA LEU C 224 39.56 10.02 -20.41
C LEU C 224 40.68 10.73 -21.14
N ILE C 225 40.40 11.95 -21.56
CA ILE C 225 41.43 12.73 -22.21
C ILE C 225 42.34 13.44 -21.19
N ALA C 226 41.79 13.80 -20.03
CA ALA C 226 42.42 14.71 -19.10
C ALA C 226 43.86 14.36 -18.72
N GLY C 227 44.09 13.23 -18.08
CA GLY C 227 45.45 13.12 -17.60
C GLY C 227 46.46 12.62 -18.59
N LYS C 228 46.07 12.48 -19.86
CA LYS C 228 46.81 11.64 -20.79
C LYS C 228 47.77 12.46 -21.62
N VAL C 229 48.81 11.80 -22.10
CA VAL C 229 49.75 12.37 -23.05
C VAL C 229 49.22 12.10 -24.46
N ALA C 230 48.79 13.15 -25.14
CA ALA C 230 48.31 13.05 -26.50
C ALA C 230 49.38 13.60 -27.43
N VAL C 231 49.70 12.83 -28.46
CA VAL C 231 50.72 13.19 -29.43
C VAL C 231 50.02 13.53 -30.75
N VAL C 232 50.22 14.77 -31.20
CA VAL C 232 49.69 15.22 -32.48
C VAL C 232 50.86 15.32 -33.45
N ILE C 233 50.83 14.49 -34.49
CA ILE C 233 51.83 14.52 -35.53
C ILE C 233 51.29 15.35 -36.68
N GLY C 234 51.92 16.49 -36.91
CA GLY C 234 51.45 17.46 -37.87
C GLY C 234 50.88 18.64 -37.15
N TYR C 235 51.51 19.80 -37.28
CA TYR C 235 51.02 21.03 -36.68
C TYR C 235 50.61 22.02 -37.75
N GLY C 236 49.94 21.54 -38.78
CA GLY C 236 49.27 22.41 -39.71
C GLY C 236 47.96 22.91 -39.12
N TRP C 237 47.04 23.26 -40.00
CA TRP C 237 45.76 23.80 -39.53
C TRP C 237 44.94 22.72 -38.83
N VAL C 238 44.98 21.49 -39.34
CA VAL C 238 44.25 20.40 -38.69
C VAL C 238 44.90 20.05 -37.36
N GLY C 239 46.23 19.86 -37.36
CA GLY C 239 46.90 19.42 -36.15
C GLY C 239 46.84 20.45 -35.03
N ARG C 240 46.89 21.74 -35.37
CA ARG C 240 46.80 22.76 -34.33
C ARG C 240 45.38 22.85 -33.77
N GLY C 241 44.38 22.57 -34.61
CA GLY C 241 43.02 22.46 -34.11
C GLY C 241 42.83 21.25 -33.23
N ILE C 242 43.47 20.12 -33.58
CA ILE C 242 43.38 18.93 -32.76
C ILE C 242 44.11 19.14 -31.43
N ALA C 243 45.29 19.76 -31.49
CA ALA C 243 46.06 20.04 -30.27
C ALA C 243 45.33 21.02 -29.38
N SER C 244 44.68 22.04 -29.97
CA SER C 244 43.91 23.00 -29.20
C SER C 244 42.80 22.32 -28.41
N ARG C 245 42.09 21.36 -29.00
CA ARG C 245 40.97 20.72 -28.34
C ARG C 245 41.41 19.62 -27.37
N PHE C 246 42.51 18.93 -27.66
CA PHE C 246 43.12 18.06 -26.65
C PHE C 246 43.51 18.85 -25.42
N LYS C 247 44.12 20.02 -25.64
CA LYS C 247 44.53 20.85 -24.51
C LYS C 247 43.32 21.36 -23.72
N GLY C 248 42.26 21.75 -24.44
CA GLY C 248 41.04 22.19 -23.81
C GLY C 248 40.26 21.10 -23.11
N MET C 249 40.47 19.84 -23.50
CA MET C 249 39.85 18.72 -22.82
C MET C 249 40.72 18.19 -21.68
N GLY C 250 41.84 18.87 -21.41
CA GLY C 250 42.69 18.55 -20.29
C GLY C 250 43.94 17.72 -20.56
N ALA C 251 44.24 17.37 -21.80
CA ALA C 251 45.40 16.52 -22.04
C ALA C 251 46.71 17.32 -22.05
N ARG C 252 47.82 16.60 -21.82
CA ARG C 252 49.16 17.15 -21.97
C ARG C 252 49.64 16.86 -23.39
N VAL C 253 49.73 17.90 -24.21
CA VAL C 253 49.87 17.75 -25.66
C VAL C 253 51.35 17.80 -26.06
N ILE C 254 51.76 16.83 -26.87
CA ILE C 254 53.09 16.79 -27.48
C ILE C 254 52.91 16.91 -28.98
N VAL C 255 53.76 17.73 -29.62
CA VAL C 255 53.71 17.92 -31.07
C VAL C 255 54.94 17.31 -31.73
N VAL C 256 54.71 16.60 -32.84
CA VAL C 256 55.76 16.13 -33.73
C VAL C 256 55.60 16.86 -35.06
N GLU C 257 56.67 17.51 -35.52
CA GLU C 257 56.62 18.23 -36.78
C GLU C 257 57.91 18.06 -37.55
N SER C 258 57.80 18.23 -38.87
CA SER C 258 58.95 18.21 -39.77
C SER C 258 59.31 19.60 -40.30
N SER C 259 58.45 20.59 -40.11
CA SER C 259 58.73 21.97 -40.53
C SER C 259 59.33 22.76 -39.36
N PRO C 260 60.47 23.42 -39.55
CA PRO C 260 60.99 24.30 -38.49
C PRO C 260 60.06 25.44 -38.12
N PHE C 261 59.35 26.03 -39.10
CA PHE C 261 58.42 27.11 -38.78
C PHE C 261 57.33 26.60 -37.84
N ARG C 262 56.72 25.47 -38.18
CA ARG C 262 55.59 24.96 -37.44
C ARG C 262 56.00 24.31 -36.12
N ALA C 263 57.23 23.80 -36.03
CA ALA C 263 57.71 23.30 -34.75
C ALA C 263 57.87 24.44 -33.75
N LEU C 264 58.39 25.59 -34.21
CA LEU C 264 58.49 26.76 -33.36
C LEU C 264 57.11 27.33 -33.04
N GLU C 265 56.18 27.25 -34.00
CA GLU C 265 54.80 27.63 -33.71
C GLU C 265 54.23 26.79 -32.57
N ALA C 266 54.48 25.48 -32.61
CA ALA C 266 53.94 24.61 -31.56
C ALA C 266 54.64 24.84 -30.23
N LEU C 267 55.94 25.14 -30.27
CA LEU C 267 56.67 25.40 -29.04
C LEU C 267 56.16 26.66 -28.34
N MET C 268 55.95 27.74 -29.10
CA MET C 268 55.52 29.00 -28.52
C MET C 268 54.07 28.95 -28.05
N ASP C 269 53.31 27.94 -28.48
CA ASP C 269 51.96 27.70 -28.00
C ASP C 269 51.92 26.80 -26.77
N GLY C 270 53.06 26.49 -26.16
CA GLY C 270 53.06 25.79 -24.90
C GLY C 270 53.09 24.28 -24.97
N PHE C 271 53.41 23.70 -26.14
CA PHE C 271 53.46 22.27 -26.31
C PHE C 271 54.90 21.78 -26.39
N ASP C 272 55.16 20.63 -25.76
CA ASP C 272 56.43 19.94 -25.92
C ASP C 272 56.55 19.40 -27.35
N VAL C 273 57.66 19.74 -28.02
CA VAL C 273 57.91 19.33 -29.39
C VAL C 273 59.09 18.36 -29.40
N MET C 274 58.91 17.20 -30.05
CA MET C 274 59.97 16.19 -30.12
C MET C 274 59.72 15.31 -31.34
N THR C 275 60.66 14.39 -31.57
CA THR C 275 60.55 13.39 -32.63
C THR C 275 59.56 12.29 -32.26
N MET C 276 59.07 11.60 -33.30
CA MET C 276 58.26 10.41 -33.05
C MET C 276 59.03 9.35 -32.28
N ASN C 277 60.33 9.31 -32.43
CA ASN C 277 61.15 8.29 -31.73
C ASN C 277 61.04 8.49 -30.23
N ARG C 278 60.92 9.73 -29.78
CA ARG C 278 60.79 10.03 -28.34
C ARG C 278 59.32 9.96 -27.90
N ALA C 279 58.41 10.50 -28.69
CA ALA C 279 56.98 10.53 -28.35
C ALA C 279 56.40 9.11 -28.30
N SER C 280 56.92 8.21 -29.13
CA SER C 280 56.42 6.82 -29.20
C SER C 280 56.45 6.15 -27.83
N GLU C 281 57.37 6.55 -26.97
CA GLU C 281 57.50 5.83 -25.68
C GLU C 281 56.77 6.58 -24.57
N ILE C 282 56.12 7.69 -24.87
CA ILE C 282 55.52 8.50 -23.77
C ILE C 282 54.05 8.77 -24.06
N GLY C 283 53.65 8.68 -25.31
CA GLY C 283 52.27 8.98 -25.69
C GLY C 283 51.21 7.96 -25.30
N ASP C 284 50.02 8.44 -24.99
CA ASP C 284 48.87 7.54 -24.66
C ASP C 284 47.95 7.58 -25.87
N ILE C 285 47.88 8.72 -26.55
CA ILE C 285 47.06 8.83 -27.75
C ILE C 285 47.93 9.40 -28.86
N PHE C 286 47.84 8.82 -30.06
CA PHE C 286 48.57 9.31 -31.23
C PHE C 286 47.55 9.61 -32.32
N VAL C 287 47.55 10.86 -32.79
CA VAL C 287 46.68 11.31 -33.87
C VAL C 287 47.54 11.93 -34.96
N THR C 288 47.33 11.49 -36.19
CA THR C 288 48.12 11.97 -37.33
C THR C 288 47.35 13.05 -38.07
N ALA C 289 48.07 14.09 -38.47
CA ALA C 289 47.47 15.20 -39.20
C ALA C 289 48.49 15.77 -40.20
N THR C 290 49.14 14.89 -40.92
CA THR C 290 50.01 15.22 -42.05
C THR C 290 49.27 14.84 -43.33
N GLY C 291 49.80 15.23 -44.47
CA GLY C 291 49.27 14.66 -45.70
C GLY C 291 50.18 13.58 -46.24
N ASN C 292 50.74 12.79 -45.32
CA ASN C 292 51.94 12.06 -45.62
C ASN C 292 51.80 10.60 -45.23
N LEU C 293 52.87 9.85 -45.52
CA LEU C 293 52.90 8.41 -45.49
C LEU C 293 53.83 7.91 -44.39
N ASN C 294 53.40 6.84 -43.73
CA ASN C 294 54.20 6.17 -42.70
C ASN C 294 54.78 7.17 -41.70
N VAL C 295 53.92 8.08 -41.25
CA VAL C 295 54.29 9.05 -40.24
C VAL C 295 54.33 8.44 -38.85
N VAL C 296 53.50 7.43 -38.59
CA VAL C 296 53.62 6.57 -37.43
C VAL C 296 53.99 5.20 -37.97
N SER C 297 55.24 4.81 -37.80
CA SER C 297 55.80 3.66 -38.49
C SER C 297 55.73 2.41 -37.62
N ARG C 298 56.07 1.29 -38.27
CA ARG C 298 56.12 -0.01 -37.62
C ARG C 298 57.05 0.00 -36.41
N ASP C 299 58.19 0.67 -36.53
CA ASP C 299 59.18 0.65 -35.43
C ASP C 299 58.74 1.56 -34.28
N HIS C 300 57.98 2.62 -34.56
CA HIS C 300 57.44 3.50 -33.49
C HIS C 300 56.44 2.75 -32.62
N ILE C 301 55.59 1.92 -33.22
CA ILE C 301 54.52 1.21 -32.45
C ILE C 301 55.15 0.17 -31.52
N LEU C 302 56.21 -0.50 -31.96
CA LEU C 302 56.93 -1.49 -31.11
C LEU C 302 57.50 -0.78 -29.88
N ARG C 303 57.72 0.53 -29.98
CA ARG C 303 58.25 1.32 -28.85
C ARG C 303 57.11 1.86 -27.98
N MET C 304 55.86 1.78 -28.45
CA MET C 304 54.75 2.42 -27.72
C MET C 304 54.36 1.65 -26.45
N LYS C 305 53.71 2.31 -25.53
CA LYS C 305 53.33 1.68 -24.24
C LYS C 305 52.09 0.81 -24.41
N ASP C 306 51.86 -0.05 -23.44
CA ASP C 306 50.67 -0.93 -23.47
C ASP C 306 49.42 -0.08 -23.36
N GLY C 307 48.57 -0.18 -24.35
CA GLY C 307 47.31 0.55 -24.39
C GLY C 307 47.27 1.79 -25.25
N ALA C 308 48.36 2.18 -25.91
CA ALA C 308 48.37 3.38 -26.73
C ALA C 308 47.29 3.32 -27.81
N VAL C 309 46.61 4.45 -28.01
CA VAL C 309 45.55 4.56 -29.01
C VAL C 309 46.11 5.28 -30.23
N LEU C 310 45.83 4.76 -31.41
CA LEU C 310 46.29 5.35 -32.66
C LEU C 310 45.09 5.84 -33.44
N ALA C 311 45.18 7.06 -33.97
CA ALA C 311 44.13 7.61 -34.81
C ALA C 311 44.71 8.44 -35.93
N ASN C 312 43.95 8.55 -37.01
CA ASN C 312 44.35 9.34 -38.17
C ASN C 312 43.27 10.35 -38.51
N SER C 313 43.68 11.60 -38.80
CA SER C 313 42.76 12.63 -39.25
C SER C 313 43.03 13.17 -40.65
N GLY C 314 44.21 12.95 -41.22
CA GLY C 314 44.42 13.34 -42.59
C GLY C 314 43.67 12.40 -43.52
N HIS C 315 43.48 12.81 -44.77
CA HIS C 315 42.80 11.91 -45.67
C HIS C 315 43.76 10.79 -46.08
N PHE C 316 43.17 9.64 -46.39
CA PHE C 316 43.86 8.40 -46.76
C PHE C 316 44.43 7.75 -45.50
N ASN C 317 44.29 6.42 -45.41
CA ASN C 317 44.66 5.68 -44.21
C ASN C 317 46.12 5.23 -44.21
N VAL C 318 47.04 6.02 -44.76
CA VAL C 318 48.43 5.60 -44.90
C VAL C 318 49.34 6.40 -43.99
N GLU C 319 48.78 7.27 -43.14
CA GLU C 319 49.59 8.04 -42.21
C GLU C 319 50.08 7.15 -41.07
N ILE C 320 49.24 6.21 -40.63
CA ILE C 320 49.63 5.16 -39.71
C ILE C 320 50.00 3.94 -40.53
N ASP C 321 51.14 3.33 -40.21
CA ASP C 321 51.54 2.11 -40.88
C ASP C 321 50.65 0.97 -40.40
N VAL C 322 49.37 1.02 -40.78
CA VAL C 322 48.41 0.00 -40.38
C VAL C 322 48.72 -1.31 -41.09
N LYS C 323 49.21 -1.24 -42.33
CA LYS C 323 49.64 -2.46 -43.00
C LYS C 323 50.77 -3.12 -42.22
N GLY C 324 51.71 -2.31 -41.72
CA GLY C 324 52.76 -2.83 -40.88
C GLY C 324 52.29 -3.32 -39.52
N LEU C 325 51.34 -2.61 -38.91
CA LEU C 325 50.85 -3.00 -37.59
C LEU C 325 50.21 -4.38 -37.62
N LYS C 326 49.51 -4.69 -38.70
CA LYS C 326 48.88 -6.00 -38.84
C LYS C 326 49.92 -7.11 -39.03
N GLU C 327 51.08 -6.80 -39.62
CA GLU C 327 52.07 -7.84 -39.85
C GLU C 327 52.93 -8.11 -38.62
N ILE C 328 53.15 -7.08 -37.79
CA ILE C 328 53.92 -7.26 -36.56
C ILE C 328 53.03 -7.72 -35.42
N SER C 329 51.73 -7.85 -35.67
CA SER C 329 50.77 -8.27 -34.67
C SER C 329 50.52 -9.76 -34.79
N VAL C 330 50.19 -10.37 -33.64
CA VAL C 330 49.85 -11.78 -33.60
C VAL C 330 48.36 -12.03 -33.41
N GLU C 331 47.60 -11.04 -32.91
CA GLU C 331 46.17 -11.19 -32.68
C GLU C 331 45.46 -9.85 -32.96
N THR C 332 44.34 -9.91 -33.68
CA THR C 332 43.48 -8.75 -33.85
C THR C 332 42.05 -9.13 -33.51
N ARG C 333 41.29 -8.15 -33.01
CA ARG C 333 39.90 -8.35 -32.64
C ARG C 333 39.20 -7.00 -32.53
N GLU C 334 37.89 -7.02 -32.74
CA GLU C 334 37.06 -5.82 -32.58
C GLU C 334 36.56 -5.74 -31.15
N VAL C 335 36.82 -4.61 -30.50
CA VAL C 335 36.29 -4.38 -29.15
C VAL C 335 34.88 -3.80 -29.21
N ARG C 336 34.67 -2.82 -30.09
CA ARG C 336 33.38 -2.22 -30.35
C ARG C 336 33.47 -1.54 -31.71
N GLN C 337 32.39 -0.86 -32.10
CA GLN C 337 32.38 -0.16 -33.37
C GLN C 337 33.57 0.79 -33.47
N ASN C 338 34.38 0.57 -34.52
CA ASN C 338 35.53 1.40 -34.91
C ASN C 338 36.74 1.26 -33.99
N LEU C 339 36.78 0.26 -33.11
CA LEU C 339 37.91 0.04 -32.21
C LEU C 339 38.43 -1.39 -32.40
N GLU C 340 39.60 -1.51 -33.02
CA GLU C 340 40.27 -2.80 -33.20
C GLU C 340 41.46 -2.88 -32.27
N GLU C 341 41.59 -3.99 -31.57
CA GLU C 341 42.71 -4.23 -30.66
C GLU C 341 43.71 -5.20 -31.27
N TYR C 342 45.00 -4.85 -31.20
CA TYR C 342 46.07 -5.69 -31.69
C TYR C 342 46.99 -6.05 -30.54
N LYS C 343 47.30 -7.34 -30.40
CA LYS C 343 48.29 -7.81 -29.45
C LYS C 343 49.61 -7.95 -30.19
N LEU C 344 50.67 -7.34 -29.65
CA LEU C 344 51.97 -7.36 -30.30
C LEU C 344 52.80 -8.57 -29.86
N ARG C 345 53.89 -8.79 -30.59
CA ARG C 345 54.86 -9.81 -30.21
C ARG C 345 55.42 -9.52 -28.83
N ASN C 346 55.53 -8.23 -28.49
CA ASN C 346 55.91 -7.80 -27.16
C ASN C 346 54.88 -8.14 -26.09
N GLY C 347 53.70 -8.62 -26.47
CA GLY C 347 52.63 -8.83 -25.53
C GLY C 347 51.78 -7.60 -25.26
N LYS C 348 52.22 -6.43 -25.73
CA LYS C 348 51.51 -5.19 -25.47
C LYS C 348 50.35 -4.99 -26.44
N ARG C 349 49.34 -4.26 -25.99
CA ARG C 349 48.15 -3.97 -26.76
C ARG C 349 48.24 -2.61 -27.43
N ILE C 350 47.89 -2.57 -28.72
CA ILE C 350 47.79 -1.33 -29.47
C ILE C 350 46.37 -1.23 -30.00
N TYR C 351 45.71 -0.11 -29.70
CA TYR C 351 44.33 0.12 -30.10
C TYR C 351 44.32 1.04 -31.32
N LEU C 352 43.76 0.54 -32.42
CA LEU C 352 43.61 1.33 -33.63
C LEU C 352 42.15 1.73 -33.79
N LEU C 353 41.93 2.97 -34.20
CA LEU C 353 40.59 3.51 -34.34
C LEU C 353 40.23 3.60 -35.82
N ALA C 354 39.04 3.12 -36.16
CA ALA C 354 38.45 3.30 -37.49
C ALA C 354 39.35 2.79 -38.60
N ASP C 355 40.13 1.74 -38.31
CA ASP C 355 41.09 1.17 -39.25
C ASP C 355 42.04 2.20 -39.83
N GLY C 356 42.38 3.23 -39.05
CA GLY C 356 43.28 4.26 -39.53
C GLY C 356 42.69 5.23 -40.53
N ARG C 357 41.38 5.20 -40.76
CA ARG C 357 40.78 6.18 -41.65
C ARG C 357 40.34 7.38 -40.83
N LEU C 358 40.08 8.50 -41.50
CA LEU C 358 39.79 9.75 -40.79
C LEU C 358 38.73 9.52 -39.72
N VAL C 359 39.15 9.57 -38.45
CA VAL C 359 38.32 9.11 -37.35
C VAL C 359 37.17 10.06 -37.09
N ASN C 360 37.30 11.32 -37.48
CA ASN C 360 36.21 12.27 -37.31
C ASN C 360 35.00 11.85 -38.14
N LEU C 361 35.22 11.47 -39.39
CA LEU C 361 34.14 11.14 -40.31
C LEU C 361 33.73 9.67 -40.27
N VAL C 362 34.49 8.80 -39.60
CA VAL C 362 34.21 7.38 -39.58
C VAL C 362 33.71 6.91 -38.22
N ALA C 363 34.28 7.44 -37.14
CA ALA C 363 33.84 7.06 -35.80
C ALA C 363 32.81 8.03 -35.25
N ALA C 364 32.55 9.12 -35.96
CA ALA C 364 31.55 10.11 -35.58
C ALA C 364 30.87 10.56 -36.87
N GLU C 365 30.42 11.82 -36.94
CA GLU C 365 29.65 12.28 -38.08
C GLU C 365 30.37 13.38 -38.87
N GLY C 366 31.67 13.52 -38.70
CA GLY C 366 32.34 14.61 -39.38
C GLY C 366 32.09 15.96 -38.73
N HIS C 367 32.47 17.00 -39.46
CA HIS C 367 32.36 18.36 -38.96
C HIS C 367 30.90 18.72 -38.69
N PRO C 368 30.63 19.54 -37.67
CA PRO C 368 29.27 20.07 -37.46
C PRO C 368 28.71 20.76 -38.69
N SER C 369 27.40 20.92 -38.76
CA SER C 369 26.81 21.59 -39.91
C SER C 369 27.21 23.06 -39.99
N GLU C 370 27.38 23.72 -38.83
CA GLU C 370 27.70 25.15 -38.81
C GLU C 370 29.06 25.45 -39.43
N VAL C 371 30.02 24.55 -39.29
CA VAL C 371 31.33 24.78 -39.88
C VAL C 371 31.35 24.41 -41.36
N MET C 372 30.65 23.33 -41.75
CA MET C 372 30.59 22.98 -43.17
C MET C 372 29.78 23.98 -43.96
N ASP C 373 28.93 24.77 -43.29
CA ASP C 373 28.26 25.88 -43.94
C ASP C 373 29.26 26.77 -44.67
N LEU C 374 30.40 27.04 -44.03
CA LEU C 374 31.42 27.89 -44.62
C LEU C 374 32.09 27.22 -45.82
N SER C 375 32.46 25.94 -45.68
CA SER C 375 33.18 25.26 -46.74
C SER C 375 32.30 25.00 -47.95
N PHE C 376 31.03 24.69 -47.74
CA PHE C 376 30.13 24.37 -48.84
C PHE C 376 29.51 25.60 -49.47
N CYS C 377 29.61 26.75 -48.81
CA CYS C 377 29.28 28.01 -49.48
C CYS C 377 30.33 28.35 -50.52
N ASN C 378 31.61 28.08 -50.21
CA ASN C 378 32.67 28.29 -51.19
C ASN C 378 32.51 27.36 -52.39
N GLN C 379 32.17 26.10 -52.12
CA GLN C 379 31.93 25.14 -53.19
C GLN C 379 30.90 25.68 -54.18
N ALA C 380 29.72 26.03 -53.67
CA ALA C 380 28.63 26.49 -54.54
C ALA C 380 29.01 27.77 -55.28
N LEU C 381 29.53 28.76 -54.55
CA LEU C 381 29.87 30.03 -55.20
C LEU C 381 31.04 29.89 -56.18
N SER C 382 31.97 28.98 -55.92
CA SER C 382 33.09 28.79 -56.83
C SER C 382 32.74 27.87 -57.99
N VAL C 383 31.75 26.99 -57.82
CA VAL C 383 31.25 26.21 -58.95
C VAL C 383 30.49 27.12 -59.90
N GLU C 384 29.62 27.97 -59.36
CA GLU C 384 28.94 28.98 -60.17
C GLU C 384 29.95 29.86 -60.90
N HIS C 385 31.07 30.17 -60.23
CA HIS C 385 32.13 30.96 -60.84
C HIS C 385 32.79 30.23 -61.99
N LEU C 386 32.86 28.89 -61.93
CA LEU C 386 33.44 28.11 -63.01
C LEU C 386 32.56 28.16 -64.26
N ILE C 387 31.24 28.23 -64.08
CA ILE C 387 30.33 28.30 -65.20
C ILE C 387 30.25 29.71 -65.75
N LYS C 388 30.27 30.72 -64.87
CA LYS C 388 30.26 32.11 -65.32
C LYS C 388 31.45 32.41 -66.25
N ASN C 389 32.54 31.68 -66.10
CA ASN C 389 33.73 31.83 -66.94
C ASN C 389 34.00 30.56 -67.72
N LYS C 390 34.91 30.69 -68.68
CA LYS C 390 35.29 29.61 -69.60
C LYS C 390 36.56 30.04 -70.32
N GLY C 391 36.98 31.27 -70.09
CA GLY C 391 38.23 31.78 -70.61
C GLY C 391 39.33 31.66 -69.59
N LYS C 392 39.26 30.63 -68.75
CA LYS C 392 40.30 30.37 -67.78
C LYS C 392 41.31 29.35 -68.30
N LEU C 393 42.49 29.42 -67.72
CA LEU C 393 43.64 28.60 -68.10
C LEU C 393 43.48 27.14 -67.69
N GLU C 394 43.44 26.24 -68.67
CA GLU C 394 43.70 24.81 -68.50
C GLU C 394 44.40 24.38 -67.22
N ASN C 395 45.69 24.11 -67.34
CA ASN C 395 46.54 23.62 -66.27
C ASN C 395 46.76 24.66 -65.17
N LYS C 396 45.67 25.07 -64.51
CA LYS C 396 45.73 26.16 -63.55
C LYS C 396 44.89 25.79 -62.34
N VAL C 397 45.54 25.70 -61.18
CA VAL C 397 44.84 25.60 -59.91
C VAL C 397 44.68 27.02 -59.38
N TYR C 398 43.44 27.42 -59.08
CA TYR C 398 43.18 28.74 -58.55
C TYR C 398 42.77 28.66 -57.09
N ASN C 399 43.11 29.69 -56.34
CA ASN C 399 42.45 29.86 -55.06
C ASN C 399 41.08 30.48 -55.32
N VAL C 400 40.22 30.40 -54.31
CA VAL C 400 38.89 30.99 -54.43
C VAL C 400 39.02 32.50 -54.62
N PRO C 401 38.29 33.11 -55.54
CA PRO C 401 38.34 34.57 -55.67
C PRO C 401 38.05 35.26 -54.34
N ILE C 402 38.87 36.26 -54.01
CA ILE C 402 38.78 36.93 -52.72
C ILE C 402 37.40 37.53 -52.52
N GLU C 403 36.71 37.88 -53.60
CA GLU C 403 35.35 38.40 -53.47
C GLU C 403 34.42 37.34 -52.89
N ILE C 404 34.51 36.10 -53.39
CA ILE C 404 33.65 35.02 -52.90
C ILE C 404 34.03 34.63 -51.49
N ASP C 405 35.34 34.56 -51.22
CA ASP C 405 35.82 34.28 -49.87
C ASP C 405 35.18 35.22 -48.86
N GLU C 406 35.12 36.50 -49.20
CA GLU C 406 34.55 37.50 -48.30
C GLU C 406 33.03 37.40 -48.24
N GLN C 407 32.37 37.06 -49.35
CA GLN C 407 30.92 36.90 -49.33
C GLN C 407 30.51 35.76 -48.43
N VAL C 408 31.27 34.66 -48.44
CA VAL C 408 31.01 33.57 -47.51
C VAL C 408 31.14 34.06 -46.08
N ALA C 409 32.19 34.85 -45.80
CA ALA C 409 32.40 35.37 -44.46
C ALA C 409 31.29 36.31 -44.02
N ARG C 410 30.90 37.25 -44.89
CA ARG C 410 29.82 38.19 -44.54
C ARG C 410 28.48 37.48 -44.37
N LEU C 411 28.23 36.44 -45.16
CA LEU C 411 26.99 35.68 -45.02
C LEU C 411 26.92 34.98 -43.66
N LYS C 412 28.03 34.42 -43.18
CA LYS C 412 28.03 33.79 -41.86
C LYS C 412 27.80 34.81 -40.76
N LEU C 413 28.45 35.97 -40.86
CA LEU C 413 28.27 37.03 -39.86
C LEU C 413 26.84 37.54 -39.84
N LYS C 414 26.27 37.81 -41.02
CA LYS C 414 24.87 38.20 -41.09
C LYS C 414 23.95 37.15 -40.48
N ALA C 415 24.19 35.87 -40.79
CA ALA C 415 23.35 34.81 -40.26
C ALA C 415 23.51 34.64 -38.75
N LEU C 416 24.71 34.90 -38.21
CA LEU C 416 24.93 34.77 -36.78
C LEU C 416 24.54 36.03 -36.01
N GLY C 417 24.17 37.10 -36.69
CA GLY C 417 23.77 38.31 -36.02
C GLY C 417 24.93 39.10 -35.45
N ILE C 418 26.09 39.02 -36.08
CA ILE C 418 27.31 39.67 -35.59
C ILE C 418 27.57 40.91 -36.43
N GLU C 419 27.67 42.04 -35.76
CA GLU C 419 27.92 43.31 -36.43
C GLU C 419 29.42 43.54 -36.49
N ILE C 420 29.91 44.00 -37.63
CA ILE C 420 31.33 44.29 -37.77
C ILE C 420 31.50 45.79 -37.88
N GLU C 421 32.63 46.29 -37.39
CA GLU C 421 32.90 47.71 -37.39
C GLU C 421 33.11 48.21 -38.81
N GLU C 422 32.58 49.40 -39.10
CA GLU C 422 32.72 50.02 -40.40
C GLU C 422 33.78 51.12 -40.37
N LEU C 423 34.73 51.04 -41.29
CA LEU C 423 35.80 52.03 -41.36
C LEU C 423 35.23 53.36 -41.88
N THR C 424 35.62 54.45 -41.22
CA THR C 424 35.22 55.80 -41.62
C THR C 424 36.07 56.31 -42.78
N ILE C 425 35.67 57.47 -43.31
CA ILE C 425 36.38 58.07 -44.44
C ILE C 425 37.75 58.58 -44.02
N GLU C 426 37.87 59.18 -42.83
CA GLU C 426 39.18 59.63 -42.37
C GLU C 426 40.11 58.45 -42.11
N GLN C 427 39.55 57.30 -41.70
CA GLN C 427 40.38 56.12 -41.46
C GLN C 427 40.89 55.51 -42.75
N LYS C 428 40.08 55.50 -43.81
CA LYS C 428 40.54 54.95 -45.09
C LYS C 428 41.62 55.84 -45.71
N GLU C 429 41.54 57.15 -45.47
CA GLU C 429 42.55 58.07 -45.98
C GLU C 429 43.88 57.86 -45.28
N TYR C 430 43.89 57.96 -43.94
CA TYR C 430 45.02 57.55 -43.13
C TYR C 430 45.21 56.04 -43.25
N ILE C 431 46.07 55.61 -44.17
CA ILE C 431 46.37 54.20 -44.48
C ILE C 431 47.01 54.22 -45.86
N LYS C 432 46.54 55.15 -46.69
CA LYS C 432 47.18 55.42 -47.97
C LYS C 432 48.35 56.36 -47.81
N GLN C 433 48.34 57.19 -46.76
CA GLN C 433 49.41 58.14 -46.53
C GLN C 433 50.67 57.46 -46.00
N TRP C 434 51.80 58.08 -46.30
CA TRP C 434 53.14 57.68 -45.91
C TRP C 434 53.94 58.92 -45.52
N LYS C 435 53.42 60.08 -45.87
CA LYS C 435 53.96 61.42 -45.67
C LYS C 435 53.82 61.82 -44.21
N TYR C 436 54.59 62.82 -43.82
CA TYR C 436 54.63 63.30 -42.45
C TYR C 436 53.46 64.23 -42.14
N GLY C 437 53.01 64.16 -40.88
CA GLY C 437 51.98 65.07 -40.43
C GLY C 437 50.77 64.30 -39.94
N THR C 438 50.35 64.56 -38.72
CA THR C 438 49.15 63.90 -38.20
C THR C 438 48.16 64.92 -37.67
N ARG D 27 -11.05 6.04 15.64
CA ARG D 27 -12.02 6.81 16.41
C ARG D 27 -12.97 5.89 17.18
N VAL D 28 -12.70 5.74 18.47
CA VAL D 28 -13.50 4.94 19.37
C VAL D 28 -13.81 5.79 20.59
N LYS D 29 -14.65 5.26 21.48
CA LYS D 29 -15.07 6.00 22.66
C LYS D 29 -13.99 6.04 23.74
N ASP D 30 -13.55 4.87 24.18
CA ASP D 30 -12.60 4.75 25.28
C ASP D 30 -11.58 3.68 24.95
N LEU D 31 -10.34 4.09 24.68
CA LEU D 31 -9.29 3.12 24.37
C LEU D 31 -8.88 2.31 25.58
N SER D 32 -9.30 2.69 26.78
CA SER D 32 -8.96 1.97 28.00
C SER D 32 -9.74 0.67 28.18
N LEU D 33 -10.82 0.44 27.44
CA LEU D 33 -11.57 -0.80 27.52
C LEU D 33 -11.03 -1.89 26.60
N ALA D 34 -9.89 -1.63 25.92
CA ALA D 34 -9.35 -2.58 24.95
C ALA D 34 -9.03 -3.94 25.56
N GLU D 35 -8.69 -3.99 26.85
CA GLU D 35 -8.33 -5.26 27.47
C GLU D 35 -9.57 -6.10 27.78
N GLN D 36 -10.60 -5.46 28.32
CA GLN D 36 -11.87 -6.15 28.55
C GLN D 36 -12.49 -6.57 27.22
N GLY D 37 -12.36 -5.73 26.19
CA GLY D 37 -12.83 -6.09 24.87
C GLY D 37 -12.05 -7.24 24.25
N ARG D 38 -10.73 -7.28 24.50
CA ARG D 38 -9.90 -8.32 23.91
C ARG D 38 -10.30 -9.71 24.39
N LYS D 39 -10.64 -9.84 25.67
CA LYS D 39 -11.17 -11.09 26.18
C LYS D 39 -12.49 -11.45 25.49
N GLN D 40 -13.21 -10.45 24.99
CA GLN D 40 -14.50 -10.69 24.33
C GLN D 40 -14.29 -11.23 22.91
N ILE D 41 -13.29 -10.73 22.19
CA ILE D 41 -13.01 -11.33 20.88
C ILE D 41 -12.44 -12.73 21.05
N GLU D 42 -11.67 -12.96 22.12
CA GLU D 42 -11.17 -14.30 22.36
C GLU D 42 -12.30 -15.27 22.68
N TRP D 43 -13.31 -14.82 23.43
CA TRP D 43 -14.49 -15.67 23.66
C TRP D 43 -15.21 -15.98 22.35
N ALA D 44 -15.43 -14.97 21.52
CA ALA D 44 -16.12 -15.17 20.25
C ALA D 44 -15.33 -16.08 19.33
N GLU D 45 -14.00 -15.92 19.29
CA GLU D 45 -13.17 -16.75 18.44
C GLU D 45 -13.31 -18.22 18.81
N LEU D 46 -13.34 -18.50 20.11
CA LEU D 46 -13.45 -19.86 20.61
C LEU D 46 -14.78 -20.51 20.24
N HIS D 47 -15.80 -19.71 19.95
CA HIS D 47 -17.12 -20.22 19.59
C HIS D 47 -17.45 -19.96 18.12
N MET D 48 -16.44 -19.61 17.32
CA MET D 48 -16.57 -19.48 15.88
C MET D 48 -15.53 -20.40 15.23
N PRO D 49 -15.65 -21.72 15.45
CA PRO D 49 -14.59 -22.63 15.00
C PRO D 49 -14.44 -22.72 13.49
N ALA D 50 -15.54 -22.64 12.75
CA ALA D 50 -15.44 -22.73 11.29
C ALA D 50 -14.75 -21.51 10.71
N LEU D 51 -15.02 -20.32 11.24
CA LEU D 51 -14.31 -19.14 10.78
C LEU D 51 -12.84 -19.19 11.20
N MET D 52 -12.55 -19.89 12.30
CA MET D 52 -11.15 -20.05 12.71
C MET D 52 -10.41 -21.01 11.78
N GLU D 53 -11.13 -21.98 11.20
CA GLU D 53 -10.51 -22.89 10.24
C GLU D 53 -10.24 -22.18 8.92
N ILE D 54 -11.14 -21.28 8.53
CA ILE D 54 -10.93 -20.47 7.34
C ILE D 54 -9.75 -19.54 7.53
N ARG D 55 -9.55 -19.05 8.76
CA ARG D 55 -8.41 -18.18 9.02
C ARG D 55 -7.09 -18.85 8.69
N LYS D 56 -7.00 -20.17 8.87
CA LYS D 56 -5.78 -20.88 8.49
C LYS D 56 -5.58 -20.86 6.98
N ARG D 57 -6.65 -21.05 6.19
CA ARG D 57 -6.45 -20.86 4.76
C ARG D 57 -6.07 -19.42 4.42
N PHE D 58 -6.46 -18.46 5.24
CA PHE D 58 -6.16 -17.07 4.94
C PHE D 58 -4.74 -16.66 5.33
N ASN D 59 -4.30 -17.02 6.53
CA ASN D 59 -2.94 -16.65 6.94
C ASN D 59 -1.88 -17.46 6.20
N ALA D 60 -2.31 -18.50 5.47
CA ALA D 60 -1.36 -19.34 4.75
C ALA D 60 -1.28 -19.01 3.27
N GLU D 61 -2.41 -18.77 2.61
CA GLU D 61 -2.45 -18.53 1.18
C GLU D 61 -2.49 -17.05 0.81
N LYS D 62 -2.61 -16.16 1.81
CA LYS D 62 -2.77 -14.71 1.69
C LYS D 62 -3.58 -14.32 0.45
N PRO D 63 -4.82 -14.79 0.32
CA PRO D 63 -5.60 -14.50 -0.91
C PRO D 63 -6.07 -13.06 -1.02
N LEU D 64 -5.93 -12.25 0.03
CA LEU D 64 -6.42 -10.88 0.04
C LEU D 64 -5.28 -9.86 0.08
N ASP D 65 -4.15 -10.17 -0.55
CA ASP D 65 -2.99 -9.28 -0.52
C ASP D 65 -3.28 -8.00 -1.28
N GLY D 66 -2.95 -6.85 -0.68
CA GLY D 66 -3.19 -5.59 -1.34
C GLY D 66 -4.65 -5.23 -1.50
N ILE D 67 -5.55 -5.90 -0.77
CA ILE D 67 -6.98 -5.67 -0.89
C ILE D 67 -7.42 -4.81 0.29
N ARG D 68 -8.16 -3.76 -0.01
CA ARG D 68 -8.64 -2.81 0.98
C ARG D 68 -10.14 -3.03 1.17
N ILE D 69 -10.56 -3.22 2.41
CA ILE D 69 -11.93 -3.64 2.71
C ILE D 69 -12.64 -2.45 3.34
N GLY D 70 -13.81 -2.10 2.82
CA GLY D 70 -14.65 -1.12 3.49
C GLY D 70 -15.91 -1.79 4.01
N ALA D 71 -16.15 -1.74 5.31
CA ALA D 71 -17.25 -2.49 5.91
C ALA D 71 -18.13 -1.59 6.76
N VAL D 72 -19.44 -1.71 6.58
CA VAL D 72 -20.43 -1.14 7.49
C VAL D 72 -21.17 -2.33 8.09
N LEU D 73 -20.81 -2.66 9.33
CA LEU D 73 -21.32 -3.83 10.01
C LEU D 73 -21.62 -3.46 11.44
N HIS D 74 -22.32 -4.37 12.14
CA HIS D 74 -22.51 -4.18 13.57
C HIS D 74 -21.20 -4.50 14.28
N VAL D 75 -20.68 -3.52 15.02
CA VAL D 75 -19.37 -3.67 15.64
C VAL D 75 -19.50 -4.50 16.90
N THR D 76 -19.44 -5.82 16.75
CA THR D 76 -19.58 -6.77 17.84
C THR D 76 -18.32 -7.61 17.94
N LYS D 77 -18.25 -8.41 19.01
CA LYS D 77 -17.14 -9.34 19.18
C LYS D 77 -17.02 -10.30 18.00
N GLU D 78 -18.14 -10.58 17.33
CA GLU D 78 -18.14 -11.50 16.20
C GLU D 78 -17.69 -10.84 14.91
N THR D 79 -18.09 -9.57 14.71
CA THR D 79 -17.57 -8.81 13.59
C THR D 79 -16.05 -8.67 13.70
N ALA D 80 -15.53 -8.64 14.93
CA ALA D 80 -14.09 -8.59 15.13
C ALA D 80 -13.42 -9.86 14.64
N VAL D 81 -14.09 -11.00 14.72
CA VAL D 81 -13.43 -12.27 14.32
C VAL D 81 -13.33 -12.33 12.79
N LEU D 82 -14.30 -11.75 12.10
CA LEU D 82 -14.32 -11.78 10.61
C LEU D 82 -13.32 -10.78 10.06
N VAL D 83 -13.18 -9.63 10.69
CA VAL D 83 -12.28 -8.54 10.20
C VAL D 83 -10.83 -8.93 10.47
N GLU D 84 -10.57 -9.60 11.60
CA GLU D 84 -9.21 -10.05 11.95
C GLU D 84 -8.87 -11.32 11.15
N THR D 85 -9.87 -12.02 10.64
CA THR D 85 -9.64 -13.20 9.78
C THR D 85 -9.33 -12.68 8.38
N LEU D 86 -10.05 -11.65 7.96
CA LEU D 86 -9.79 -11.01 6.64
C LEU D 86 -8.43 -10.32 6.67
N LYS D 87 -8.02 -9.82 7.83
CA LYS D 87 -6.67 -9.22 7.95
C LYS D 87 -5.65 -10.34 7.80
N ALA D 88 -5.94 -11.47 8.43
CA ALA D 88 -5.02 -12.60 8.36
C ALA D 88 -4.76 -13.01 6.92
N GLY D 89 -5.75 -12.87 6.04
CA GLY D 89 -5.60 -13.10 4.63
C GLY D 89 -4.89 -12.02 3.86
N GLY D 90 -4.38 -11.00 4.55
CA GLY D 90 -3.62 -9.93 3.92
C GLY D 90 -4.41 -8.70 3.54
N ALA D 91 -5.59 -8.50 4.11
CA ALA D 91 -6.41 -7.36 3.75
C ALA D 91 -6.23 -6.23 4.74
N GLU D 92 -6.42 -5.00 4.26
CA GLU D 92 -6.43 -3.82 5.11
C GLU D 92 -7.88 -3.34 5.16
N ILE D 93 -8.43 -3.31 6.38
CA ILE D 93 -9.87 -3.16 6.59
C ILE D 93 -10.14 -1.96 7.49
N ALA D 94 -11.08 -1.11 7.06
CA ALA D 94 -11.63 -0.01 7.84
C ALA D 94 -13.10 -0.28 8.12
N LEU D 95 -13.52 -0.13 9.38
CA LEU D 95 -14.82 -0.59 9.85
C LEU D 95 -15.64 0.58 10.40
N ALA D 96 -16.93 0.59 10.05
CA ALA D 96 -17.89 1.56 10.58
C ALA D 96 -19.13 0.85 11.07
N GLY D 97 -19.74 1.41 12.13
CA GLY D 97 -20.90 0.78 12.72
C GLY D 97 -22.11 0.82 11.82
N SER D 98 -22.89 -0.27 11.85
CA SER D 98 -24.09 -0.38 11.03
C SER D 98 -25.30 0.28 11.66
N ASN D 99 -25.29 0.46 12.98
CA ASN D 99 -26.41 1.01 13.73
C ASN D 99 -25.84 1.91 14.81
N PRO D 100 -26.47 3.06 15.08
CA PRO D 100 -25.86 4.04 16.03
C PRO D 100 -25.84 3.60 17.48
N LEU D 101 -26.53 2.53 17.87
CA LEU D 101 -26.50 2.04 19.24
C LEU D 101 -25.97 0.62 19.33
N SER D 102 -25.47 0.05 18.22
CA SER D 102 -25.06 -1.34 18.19
C SER D 102 -23.62 -1.59 18.64
N THR D 103 -22.75 -0.59 18.53
CA THR D 103 -21.33 -0.80 18.83
C THR D 103 -21.12 -1.29 20.26
N GLN D 104 -20.37 -2.40 20.38
CA GLN D 104 -19.86 -2.85 21.67
C GLN D 104 -18.54 -2.10 21.87
N ASP D 105 -18.56 -1.11 22.75
CA ASP D 105 -17.46 -0.15 22.86
C ASP D 105 -16.16 -0.83 23.25
N ASP D 106 -16.21 -1.85 24.11
CA ASP D 106 -14.98 -2.58 24.44
C ASP D 106 -14.41 -3.29 23.21
N VAL D 107 -15.27 -3.84 22.35
CA VAL D 107 -14.79 -4.54 21.17
C VAL D 107 -14.20 -3.55 20.17
N ALA D 108 -14.78 -2.37 20.06
CA ALA D 108 -14.20 -1.36 19.17
C ALA D 108 -12.84 -0.92 19.68
N ALA D 109 -12.70 -0.75 21.01
CA ALA D 109 -11.40 -0.48 21.60
C ALA D 109 -10.40 -1.59 21.27
N GLY D 110 -10.79 -2.84 21.52
CA GLY D 110 -9.90 -3.96 21.23
C GLY D 110 -9.44 -4.01 19.79
N LEU D 111 -10.31 -3.64 18.85
CA LEU D 111 -9.93 -3.64 17.44
C LEU D 111 -8.95 -2.51 17.11
N ALA D 112 -9.07 -1.37 17.80
CA ALA D 112 -8.15 -0.25 17.54
C ALA D 112 -6.76 -0.55 18.08
N LYS D 113 -6.69 -1.25 19.21
CA LYS D 113 -5.40 -1.65 19.78
C LYS D 113 -4.60 -2.51 18.80
N ASN D 114 -5.28 -3.20 17.88
CA ASN D 114 -4.62 -3.88 16.77
C ASN D 114 -4.52 -2.93 15.59
N GLY D 115 -4.61 -3.44 14.36
CA GLY D 115 -4.43 -2.57 13.21
C GLY D 115 -5.69 -2.25 12.41
N ILE D 116 -6.85 -2.29 13.06
CA ILE D 116 -8.13 -2.14 12.37
C ILE D 116 -8.59 -0.70 12.51
N HIS D 117 -8.83 -0.05 11.37
CA HIS D 117 -9.31 1.34 11.34
C HIS D 117 -10.80 1.35 11.65
N VAL D 118 -11.11 1.28 12.94
CA VAL D 118 -12.48 1.18 13.42
C VAL D 118 -12.96 2.56 13.87
N TYR D 119 -14.02 3.05 13.21
CA TYR D 119 -14.63 4.34 13.49
C TYR D 119 -16.10 4.15 13.88
N ALA D 120 -16.34 3.90 15.16
CA ALA D 120 -17.68 3.58 15.66
C ALA D 120 -17.71 3.64 17.18
N TRP D 121 -18.88 3.97 17.73
CA TRP D 121 -19.11 3.93 19.17
C TRP D 121 -20.61 3.89 19.42
N ARG D 122 -20.99 3.39 20.60
CA ARG D 122 -22.40 3.44 20.99
C ARG D 122 -22.77 4.86 21.38
N GLY D 123 -23.94 5.29 20.93
CA GLY D 123 -24.43 6.63 21.20
C GLY D 123 -24.19 7.63 20.09
N GLU D 124 -23.93 7.19 18.87
CA GLU D 124 -23.67 8.09 17.76
C GLU D 124 -24.94 8.86 17.39
N THR D 125 -24.74 10.02 16.80
CA THR D 125 -25.78 10.80 16.15
C THR D 125 -25.74 10.56 14.64
N GLU D 126 -26.81 11.00 13.96
CA GLU D 126 -26.91 10.77 12.52
C GLU D 126 -25.76 11.44 11.76
N LYS D 127 -25.25 12.56 12.25
CA LYS D 127 -24.07 13.16 11.64
C LYS D 127 -22.83 12.30 11.87
N ASP D 128 -22.66 11.83 13.11
CA ASP D 128 -21.55 10.94 13.43
C ASP D 128 -21.54 9.70 12.54
N TYR D 129 -22.72 9.15 12.26
CA TYR D 129 -22.84 7.93 11.47
C TYR D 129 -22.24 8.10 10.08
N TYR D 130 -22.65 9.13 9.35
CA TYR D 130 -22.18 9.31 7.98
C TYR D 130 -20.80 9.94 7.89
N ASP D 131 -20.33 10.61 8.95
CA ASP D 131 -18.92 10.96 9.00
C ASP D 131 -18.06 9.71 9.07
N ASN D 132 -18.47 8.75 9.90
CA ASN D 132 -17.74 7.48 10.03
C ASN D 132 -17.77 6.69 8.74
N ILE D 133 -18.83 6.84 7.94
CA ILE D 133 -18.87 6.14 6.66
C ILE D 133 -17.97 6.85 5.64
N ARG D 134 -17.89 8.17 5.72
CA ARG D 134 -16.98 8.93 4.81
C ARG D 134 -15.53 8.61 5.18
N GLU D 135 -15.28 8.35 6.45
CA GLU D 135 -13.92 7.99 6.91
C GLU D 135 -13.49 6.65 6.27
N ILE D 136 -14.23 5.58 6.52
CA ILE D 136 -13.85 4.23 6.01
C ILE D 136 -13.63 4.32 4.49
N LEU D 137 -14.19 5.33 3.84
CA LEU D 137 -14.13 5.39 2.36
C LEU D 137 -12.94 6.26 1.92
N LYS D 138 -12.33 6.97 2.85
CA LYS D 138 -11.14 7.78 2.52
C LYS D 138 -9.99 6.84 2.14
N TYR D 139 -10.01 5.62 2.67
CA TYR D 139 -8.96 4.61 2.35
C TYR D 139 -9.21 4.04 0.96
N GLU D 140 -10.29 4.45 0.30
CA GLU D 140 -10.56 4.00 -1.09
C GLU D 140 -10.58 2.47 -1.16
N PRO D 141 -11.73 1.80 -0.89
CA PRO D 141 -11.77 0.34 -0.83
C PRO D 141 -11.92 -0.34 -2.19
N HIS D 142 -11.45 -1.59 -2.25
CA HIS D 142 -11.72 -2.43 -3.41
C HIS D 142 -13.03 -3.23 -3.28
N VAL D 143 -13.38 -3.66 -2.07
CA VAL D 143 -14.63 -4.39 -1.83
C VAL D 143 -15.38 -3.77 -0.66
N ILE D 144 -16.70 -3.74 -0.77
CA ILE D 144 -17.60 -3.10 0.18
C ILE D 144 -18.43 -4.18 0.89
N MET D 145 -18.28 -4.27 2.21
CA MET D 145 -19.10 -5.17 3.02
C MET D 145 -20.14 -4.37 3.77
N ASP D 146 -21.40 -4.67 3.52
CA ASP D 146 -22.50 -3.89 4.08
C ASP D 146 -23.46 -4.81 4.81
N ASP D 147 -24.17 -4.24 5.77
CA ASP D 147 -25.15 -4.96 6.54
C ASP D 147 -26.58 -4.59 6.17
N GLY D 148 -26.96 -3.32 6.26
CA GLY D 148 -28.31 -2.94 5.90
C GLY D 148 -28.51 -2.23 4.57
N GLY D 149 -27.45 -2.08 3.77
CA GLY D 149 -27.58 -1.38 2.50
C GLY D 149 -27.15 0.06 2.51
N ASP D 150 -26.82 0.61 3.67
CA ASP D 150 -26.48 2.04 3.74
C ASP D 150 -25.20 2.35 2.99
N LEU D 151 -24.18 1.49 3.12
CA LEU D 151 -22.91 1.75 2.45
C LEU D 151 -23.01 1.63 0.94
N HIS D 152 -23.75 0.63 0.44
CA HIS D 152 -23.93 0.53 -1.01
C HIS D 152 -24.70 1.73 -1.55
N ALA D 153 -25.68 2.22 -0.80
CA ALA D 153 -26.46 3.36 -1.26
C ALA D 153 -25.59 4.61 -1.33
N TYR D 154 -24.82 4.86 -0.29
CA TYR D 154 -23.95 6.04 -0.27
C TYR D 154 -22.96 6.02 -1.43
N VAL D 155 -22.32 4.87 -1.66
CA VAL D 155 -21.29 4.76 -2.70
C VAL D 155 -21.87 5.06 -4.06
N HIS D 156 -23.14 4.72 -4.29
CA HIS D 156 -23.79 5.00 -5.57
C HIS D 156 -24.36 6.41 -5.63
N GLU D 157 -24.92 6.91 -4.53
CA GLU D 157 -25.53 8.23 -4.53
C GLU D 157 -24.50 9.34 -4.61
N ASN D 158 -23.27 9.10 -4.13
CA ASN D 158 -22.20 10.09 -4.19
C ASN D 158 -21.14 9.74 -5.24
N ASN D 159 -21.43 8.79 -6.13
CA ASN D 159 -20.58 8.49 -7.29
C ASN D 159 -19.14 8.15 -6.91
N LEU D 160 -18.96 7.34 -5.87
CA LEU D 160 -17.61 6.82 -5.66
C LEU D 160 -17.47 5.65 -6.63
N THR D 161 -17.39 4.43 -6.10
CA THR D 161 -17.44 3.22 -6.94
C THR D 161 -16.26 2.98 -7.90
N SER D 162 -15.41 4.00 -8.12
CA SER D 162 -14.43 3.90 -9.20
C SER D 162 -13.53 2.68 -9.06
N LYS D 163 -12.90 2.51 -7.90
CA LYS D 163 -11.94 1.44 -7.67
C LYS D 163 -12.59 0.17 -7.09
N ILE D 164 -13.90 0.17 -6.92
CA ILE D 164 -14.59 -0.91 -6.24
C ILE D 164 -14.82 -2.09 -7.20
N VAL D 165 -14.36 -3.28 -6.79
CA VAL D 165 -14.48 -4.47 -7.61
C VAL D 165 -15.71 -5.32 -7.23
N GLY D 166 -16.21 -5.19 -6.01
CA GLY D 166 -17.37 -5.95 -5.59
C GLY D 166 -17.70 -5.69 -4.15
N GLY D 167 -18.78 -6.33 -3.70
CA GLY D 167 -19.23 -6.11 -2.33
C GLY D 167 -20.09 -7.25 -1.84
N THR D 168 -20.46 -7.17 -0.56
CA THR D 168 -21.33 -8.16 0.04
C THR D 168 -22.45 -7.49 0.83
N GLU D 169 -23.57 -8.19 0.93
CA GLU D 169 -24.74 -7.73 1.66
C GLU D 169 -25.18 -8.76 2.67
N GLU D 170 -25.40 -8.32 3.91
CA GLU D 170 -25.62 -9.25 5.01
C GLU D 170 -27.09 -9.52 5.34
N THR D 171 -27.99 -8.55 5.19
CA THR D 171 -29.33 -8.70 5.72
C THR D 171 -30.37 -8.60 4.61
N THR D 172 -31.57 -9.11 4.89
CA THR D 172 -32.65 -9.16 3.90
C THR D 172 -32.97 -7.77 3.34
N THR D 173 -33.13 -6.78 4.21
CA THR D 173 -33.50 -5.44 3.74
C THR D 173 -32.42 -4.86 2.83
N GLY D 174 -31.15 -5.12 3.14
CA GLY D 174 -30.09 -4.63 2.29
C GLY D 174 -30.12 -5.29 0.92
N VAL D 175 -30.55 -6.56 0.86
CA VAL D 175 -30.67 -7.25 -0.41
C VAL D 175 -31.83 -6.69 -1.23
N ILE D 176 -32.94 -6.34 -0.56
CA ILE D 176 -34.07 -5.72 -1.25
C ILE D 176 -33.63 -4.39 -1.87
N ARG D 177 -32.92 -3.58 -1.10
CA ARG D 177 -32.39 -2.32 -1.64
C ARG D 177 -31.45 -2.56 -2.81
N LEU D 178 -30.54 -3.54 -2.68
CA LEU D 178 -29.62 -3.84 -3.78
C LEU D 178 -30.34 -4.38 -5.00
N LYS D 179 -31.44 -5.12 -4.82
CA LYS D 179 -32.17 -5.63 -5.97
C LYS D 179 -32.91 -4.50 -6.69
N ALA D 180 -33.42 -3.51 -5.95
CA ALA D 180 -33.99 -2.34 -6.58
C ALA D 180 -32.93 -1.56 -7.34
N MET D 181 -31.74 -1.42 -6.75
CA MET D 181 -30.61 -0.82 -7.46
C MET D 181 -30.25 -1.57 -8.73
N GLU D 182 -30.35 -2.90 -8.71
CA GLU D 182 -29.95 -3.66 -9.90
C GLU D 182 -31.00 -3.60 -10.99
N GLU D 183 -32.29 -3.60 -10.61
CA GLU D 183 -33.33 -3.44 -11.60
C GLU D 183 -33.28 -2.06 -12.26
N GLU D 184 -32.75 -1.06 -11.55
CA GLU D 184 -32.60 0.28 -12.10
C GLU D 184 -31.29 0.46 -12.85
N LYS D 185 -30.46 -0.60 -12.95
CA LYS D 185 -29.20 -0.54 -13.67
C LYS D 185 -28.31 0.57 -13.12
N VAL D 186 -28.37 0.76 -11.81
CA VAL D 186 -27.58 1.79 -11.13
C VAL D 186 -26.38 1.17 -10.43
N LEU D 187 -26.50 -0.11 -10.08
CA LEU D 187 -25.42 -0.83 -9.40
C LEU D 187 -24.19 -0.89 -10.30
N LYS D 188 -23.01 -0.70 -9.73
CA LYS D 188 -21.80 -0.56 -10.54
C LYS D 188 -20.78 -1.68 -10.36
N TYR D 189 -20.89 -2.48 -9.32
CA TYR D 189 -20.02 -3.63 -9.11
C TYR D 189 -20.86 -4.84 -8.74
N PRO D 190 -20.33 -6.05 -8.90
CA PRO D 190 -21.06 -7.23 -8.45
C PRO D 190 -21.07 -7.29 -6.94
N VAL D 191 -22.18 -7.77 -6.39
CA VAL D 191 -22.34 -7.88 -4.94
C VAL D 191 -22.90 -9.25 -4.60
N ILE D 192 -22.36 -9.86 -3.55
CA ILE D 192 -22.79 -11.17 -3.11
C ILE D 192 -23.82 -10.98 -2.01
N ALA D 193 -25.03 -11.49 -2.24
CA ALA D 193 -26.11 -11.45 -1.25
C ALA D 193 -25.89 -12.60 -0.28
N VAL D 194 -25.06 -12.35 0.75
CA VAL D 194 -24.75 -13.37 1.75
C VAL D 194 -25.99 -13.77 2.53
N ASN D 195 -27.01 -12.90 2.59
CA ASN D 195 -28.24 -13.21 3.30
C ASN D 195 -28.97 -14.40 2.70
N ASN D 196 -28.85 -14.62 1.39
CA ASN D 196 -29.62 -15.66 0.71
C ASN D 196 -28.99 -17.04 0.75
N ALA D 197 -27.83 -17.20 1.39
CA ALA D 197 -27.24 -18.52 1.54
C ALA D 197 -28.04 -19.34 2.55
N PHE D 198 -28.22 -20.63 2.24
CA PHE D 198 -28.97 -21.50 3.14
C PHE D 198 -28.38 -21.48 4.55
N THR D 199 -27.06 -21.53 4.66
CA THR D 199 -26.41 -21.51 5.97
C THR D 199 -26.52 -20.14 6.65
N LYS D 200 -27.10 -19.14 5.98
CA LYS D 200 -27.33 -17.85 6.61
C LYS D 200 -28.78 -17.70 7.06
N TYR D 201 -29.72 -17.59 6.11
CA TYR D 201 -31.07 -17.23 6.51
C TYR D 201 -31.78 -18.33 7.31
N LEU D 202 -31.37 -19.60 7.17
CA LEU D 202 -31.98 -20.65 7.97
C LEU D 202 -31.47 -20.69 9.41
N PHE D 203 -30.35 -20.04 9.70
CA PHE D 203 -29.72 -20.11 11.01
C PHE D 203 -29.53 -18.74 11.63
N ASP D 204 -29.01 -17.77 10.87
CA ASP D 204 -28.93 -16.41 11.37
C ASP D 204 -30.32 -15.83 11.59
N ASN D 205 -31.10 -15.72 10.52
CA ASN D 205 -32.40 -15.06 10.59
C ASN D 205 -33.40 -15.81 11.46
N ARG D 206 -33.37 -17.14 11.44
CA ARG D 206 -34.38 -17.93 12.14
C ARG D 206 -33.91 -18.24 13.57
N ILE D 207 -32.83 -19.02 13.67
CA ILE D 207 -32.36 -19.47 14.99
C ILE D 207 -31.75 -18.31 15.78
N GLY D 208 -30.89 -17.52 15.14
CA GLY D 208 -30.21 -16.46 15.87
C GLY D 208 -31.13 -15.37 16.36
N THR D 209 -31.94 -14.81 15.46
CA THR D 209 -32.82 -13.73 15.85
C THR D 209 -33.88 -14.21 16.84
N GLY D 210 -34.28 -15.48 16.74
CA GLY D 210 -35.22 -16.02 17.71
C GLY D 210 -34.71 -15.94 19.14
N GLN D 211 -33.49 -16.43 19.36
CA GLN D 211 -32.89 -16.32 20.68
C GLN D 211 -32.55 -14.88 21.03
N SER D 212 -31.88 -14.18 20.11
CA SER D 212 -31.38 -12.84 20.40
C SER D 212 -32.51 -11.89 20.77
N THR D 213 -33.62 -11.95 20.03
CA THR D 213 -34.73 -11.03 20.26
C THR D 213 -35.35 -11.26 21.64
N ILE D 214 -35.57 -12.51 22.04
CA ILE D 214 -36.08 -12.78 23.39
C ILE D 214 -35.09 -12.32 24.44
N ASP D 215 -33.79 -12.53 24.20
CA ASP D 215 -32.78 -12.07 25.14
C ASP D 215 -32.82 -10.55 25.29
N GLY D 216 -32.91 -9.84 24.16
CA GLY D 216 -33.01 -8.38 24.20
C GLY D 216 -34.25 -7.91 24.94
N ILE D 217 -35.37 -8.58 24.72
CA ILE D 217 -36.60 -8.21 25.43
C ILE D 217 -36.42 -8.41 26.93
N LEU D 218 -35.77 -9.51 27.32
CA LEU D 218 -35.59 -9.82 28.73
C LEU D 218 -34.54 -8.95 29.41
N ARG D 219 -33.57 -8.43 28.66
CA ARG D 219 -32.55 -7.58 29.28
C ARG D 219 -33.07 -6.17 29.50
N ALA D 220 -33.95 -5.68 28.61
CA ALA D 220 -34.54 -4.36 28.78
C ALA D 220 -35.68 -4.39 29.79
N THR D 221 -36.37 -5.52 29.90
CA THR D 221 -37.46 -5.72 30.83
C THR D 221 -37.35 -7.15 31.34
N ASN D 222 -37.55 -7.39 32.62
CA ASN D 222 -37.60 -8.78 33.07
C ASN D 222 -39.05 -9.24 33.03
N ILE D 223 -39.60 -9.21 31.82
CA ILE D 223 -41.01 -9.44 31.64
C ILE D 223 -41.22 -10.94 31.58
N LEU D 224 -42.28 -11.42 32.22
CA LEU D 224 -42.66 -12.82 32.09
C LEU D 224 -43.29 -13.06 30.73
N ILE D 225 -42.75 -14.03 29.98
CA ILE D 225 -43.34 -14.37 28.70
C ILE D 225 -44.50 -15.34 28.88
N ALA D 226 -44.44 -16.17 29.94
CA ALA D 226 -45.32 -17.32 30.09
C ALA D 226 -46.79 -16.98 29.86
N GLY D 227 -47.35 -16.06 30.64
CA GLY D 227 -48.77 -15.95 30.45
C GLY D 227 -49.23 -15.03 29.35
N LYS D 228 -48.32 -14.52 28.54
CA LYS D 228 -48.64 -13.32 27.76
C LYS D 228 -49.02 -13.64 26.32
N VAL D 229 -49.82 -12.74 25.74
CA VAL D 229 -50.15 -12.76 24.33
C VAL D 229 -49.06 -11.98 23.61
N ALA D 230 -48.25 -12.69 22.83
CA ALA D 230 -47.20 -12.06 22.06
C ALA D 230 -47.64 -11.99 20.60
N VAL D 231 -47.55 -10.81 20.00
CA VAL D 231 -47.95 -10.61 18.62
C VAL D 231 -46.67 -10.39 17.83
N VAL D 232 -46.43 -11.29 16.88
CA VAL D 232 -45.27 -11.21 16.01
C VAL D 232 -45.78 -10.76 14.65
N ILE D 233 -45.34 -9.58 14.22
CA ILE D 233 -45.74 -9.01 12.94
C ILE D 233 -44.67 -9.37 11.94
N GLY D 234 -45.00 -10.25 11.00
CA GLY D 234 -44.05 -10.77 10.06
C GLY D 234 -43.71 -12.20 10.38
N TYR D 235 -44.09 -13.13 9.50
CA TYR D 235 -43.77 -14.54 9.68
C TYR D 235 -42.82 -15.01 8.59
N GLY D 236 -41.84 -14.18 8.27
CA GLY D 236 -40.73 -14.59 7.44
C GLY D 236 -39.74 -15.41 8.26
N TRP D 237 -38.49 -15.40 7.81
CA TRP D 237 -37.48 -16.22 8.47
C TRP D 237 -37.18 -15.70 9.88
N VAL D 238 -37.16 -14.39 10.04
CA VAL D 238 -36.93 -13.81 11.36
C VAL D 238 -38.14 -14.04 12.26
N GLY D 239 -39.33 -13.73 11.74
CA GLY D 239 -40.53 -13.77 12.56
C GLY D 239 -40.92 -15.15 13.04
N ARG D 240 -40.71 -16.18 12.19
CA ARG D 240 -41.05 -17.53 12.62
C ARG D 240 -40.09 -18.03 13.70
N GLY D 241 -38.83 -17.61 13.67
CA GLY D 241 -37.93 -17.93 14.77
C GLY D 241 -38.34 -17.24 16.06
N ILE D 242 -38.84 -16.00 15.95
CA ILE D 242 -39.30 -15.29 17.13
C ILE D 242 -40.57 -15.95 17.67
N ALA D 243 -41.48 -16.34 16.78
CA ALA D 243 -42.71 -17.03 17.21
C ALA D 243 -42.38 -18.35 17.89
N SER D 244 -41.43 -19.11 17.32
CA SER D 244 -41.01 -20.38 17.93
C SER D 244 -40.46 -20.19 19.33
N ARG D 245 -39.65 -19.15 19.55
CA ARG D 245 -39.02 -18.99 20.85
C ARG D 245 -39.95 -18.35 21.86
N PHE D 246 -40.86 -17.48 21.41
CA PHE D 246 -41.96 -17.04 22.27
C PHE D 246 -42.81 -18.23 22.72
N LYS D 247 -43.16 -19.13 21.80
CA LYS D 247 -43.93 -20.31 22.16
C LYS D 247 -43.13 -21.22 23.08
N GLY D 248 -41.83 -21.34 22.82
CA GLY D 248 -40.98 -22.11 23.69
C GLY D 248 -40.81 -21.52 25.07
N MET D 249 -41.08 -20.23 25.22
CA MET D 249 -41.06 -19.59 26.53
C MET D 249 -42.44 -19.55 27.20
N GLY D 250 -43.44 -20.19 26.60
CA GLY D 250 -44.75 -20.32 27.20
C GLY D 250 -45.80 -19.33 26.76
N ALA D 251 -45.53 -18.49 25.77
CA ALA D 251 -46.47 -17.45 25.37
C ALA D 251 -47.57 -17.98 24.45
N ARG D 252 -48.66 -17.21 24.40
CA ARG D 252 -49.74 -17.40 23.42
C ARG D 252 -49.40 -16.52 22.22
N VAL D 253 -49.01 -17.14 21.11
CA VAL D 253 -48.42 -16.40 20.01
C VAL D 253 -49.50 -16.03 19.00
N ILE D 254 -49.51 -14.76 18.61
CA ILE D 254 -50.39 -14.25 17.56
C ILE D 254 -49.51 -13.80 16.41
N VAL D 255 -49.87 -14.20 15.18
CA VAL D 255 -49.12 -13.82 13.99
C VAL D 255 -49.98 -12.89 13.13
N VAL D 256 -49.37 -11.81 12.64
CA VAL D 256 -49.95 -10.94 11.63
C VAL D 256 -49.10 -11.05 10.37
N GLU D 257 -49.74 -11.31 9.24
CA GLU D 257 -49.03 -11.47 7.99
C GLU D 257 -49.78 -10.78 6.86
N SER D 258 -49.04 -10.37 5.84
CA SER D 258 -49.61 -9.84 4.61
C SER D 258 -49.49 -10.83 3.44
N SER D 259 -48.71 -11.89 3.60
CA SER D 259 -48.59 -12.93 2.59
C SER D 259 -49.60 -14.03 2.85
N PRO D 260 -50.42 -14.39 1.87
CA PRO D 260 -51.32 -15.54 2.04
C PRO D 260 -50.56 -16.83 2.34
N PHE D 261 -49.40 -17.02 1.71
CA PHE D 261 -48.61 -18.21 1.97
C PHE D 261 -48.14 -18.26 3.42
N ARG D 262 -47.57 -17.16 3.91
CA ARG D 262 -46.98 -17.17 5.25
C ARG D 262 -48.03 -17.14 6.35
N ALA D 263 -49.22 -16.60 6.08
CA ALA D 263 -50.30 -16.67 7.07
C ALA D 263 -50.74 -18.11 7.29
N LEU D 264 -50.83 -18.89 6.20
CA LEU D 264 -51.19 -20.30 6.31
C LEU D 264 -50.09 -21.13 6.98
N GLU D 265 -48.81 -20.79 6.75
CA GLU D 265 -47.74 -21.46 7.49
C GLU D 265 -47.89 -21.27 8.99
N ALA D 266 -48.18 -20.02 9.42
CA ALA D 266 -48.30 -19.76 10.84
C ALA D 266 -49.54 -20.42 11.44
N LEU D 267 -50.63 -20.48 10.67
CA LEU D 267 -51.85 -21.15 11.14
C LEU D 267 -51.61 -22.63 11.36
N MET D 268 -50.98 -23.31 10.39
CA MET D 268 -50.73 -24.74 10.52
C MET D 268 -49.67 -25.04 11.58
N ASP D 269 -48.94 -24.05 12.05
CA ASP D 269 -48.04 -24.18 13.19
C ASP D 269 -48.73 -23.88 14.52
N GLY D 270 -50.04 -23.69 14.52
CA GLY D 270 -50.79 -23.57 15.77
C GLY D 270 -50.92 -22.17 16.32
N PHE D 271 -50.62 -21.15 15.53
CA PHE D 271 -50.72 -19.76 15.98
C PHE D 271 -51.97 -19.13 15.42
N ASP D 272 -52.65 -18.34 16.24
CA ASP D 272 -53.76 -17.54 15.76
C ASP D 272 -53.25 -16.45 14.82
N VAL D 273 -53.84 -16.35 13.63
CA VAL D 273 -53.46 -15.39 12.60
C VAL D 273 -54.59 -14.38 12.43
N MET D 274 -54.25 -13.09 12.49
CA MET D 274 -55.24 -12.04 12.35
C MET D 274 -54.56 -10.73 11.96
N THR D 275 -55.39 -9.70 11.78
CA THR D 275 -54.94 -8.35 11.46
C THR D 275 -54.35 -7.66 12.69
N MET D 276 -53.54 -6.62 12.44
CA MET D 276 -53.05 -5.79 13.51
C MET D 276 -54.19 -5.12 14.27
N ASN D 277 -55.30 -4.84 13.59
CA ASN D 277 -56.42 -4.13 14.25
C ASN D 277 -57.03 -5.00 15.37
N ARG D 278 -57.09 -6.29 15.19
CA ARG D 278 -57.61 -7.20 16.24
C ARG D 278 -56.54 -7.46 17.30
N ALA D 279 -55.29 -7.59 16.88
CA ALA D 279 -54.21 -7.93 17.83
C ALA D 279 -53.86 -6.73 18.72
N SER D 280 -54.11 -5.53 18.22
CA SER D 280 -53.85 -4.29 19.00
C SER D 280 -54.56 -4.36 20.34
N GLU D 281 -55.71 -5.01 20.38
CA GLU D 281 -56.53 -5.02 21.61
C GLU D 281 -56.20 -6.21 22.49
N ILE D 282 -55.40 -7.15 22.02
CA ILE D 282 -55.13 -8.42 22.76
C ILE D 282 -53.64 -8.55 23.07
N GLY D 283 -52.76 -7.94 22.26
CA GLY D 283 -51.35 -8.20 22.46
C GLY D 283 -50.83 -7.56 23.74
N ASP D 284 -49.95 -8.30 24.39
CA ASP D 284 -49.17 -7.81 25.52
C ASP D 284 -47.79 -7.36 25.07
N ILE D 285 -47.24 -8.06 24.10
CA ILE D 285 -45.96 -7.75 23.47
C ILE D 285 -46.17 -7.72 21.97
N PHE D 286 -45.61 -6.71 21.32
CA PHE D 286 -45.62 -6.62 19.86
C PHE D 286 -44.17 -6.54 19.40
N VAL D 287 -43.76 -7.50 18.58
CA VAL D 287 -42.43 -7.52 17.99
C VAL D 287 -42.58 -7.52 16.48
N THR D 288 -41.87 -6.61 15.82
CA THR D 288 -41.95 -6.49 14.37
C THR D 288 -40.80 -7.21 13.70
N ALA D 289 -41.12 -7.91 12.61
CA ALA D 289 -40.14 -8.66 11.85
C ALA D 289 -40.57 -8.65 10.39
N THR D 290 -40.91 -7.46 9.89
CA THR D 290 -41.20 -7.21 8.50
C THR D 290 -40.00 -6.45 7.93
N GLY D 291 -39.95 -6.30 6.61
CA GLY D 291 -38.97 -5.37 6.08
C GLY D 291 -39.61 -4.06 5.65
N ASN D 292 -40.59 -3.60 6.42
CA ASN D 292 -41.57 -2.66 5.90
C ASN D 292 -41.78 -1.52 6.89
N LEU D 293 -42.68 -0.61 6.50
CA LEU D 293 -42.84 0.69 7.13
C LEU D 293 -44.17 0.77 7.89
N ASN D 294 -44.11 1.30 9.10
CA ASN D 294 -45.30 1.57 9.93
C ASN D 294 -46.27 0.38 9.96
N VAL D 295 -45.72 -0.82 10.19
CA VAL D 295 -46.56 -2.00 10.35
C VAL D 295 -47.22 -2.00 11.73
N VAL D 296 -46.66 -1.29 12.69
CA VAL D 296 -47.33 -0.96 13.95
C VAL D 296 -47.57 0.54 13.89
N SER D 297 -48.82 0.93 13.66
CA SER D 297 -49.19 2.30 13.35
C SER D 297 -49.68 3.03 14.59
N ARG D 298 -49.82 4.36 14.46
CA ARG D 298 -50.32 5.17 15.58
C ARG D 298 -51.73 4.79 15.97
N ASP D 299 -52.60 4.54 14.98
CA ASP D 299 -53.95 4.07 15.32
C ASP D 299 -53.89 2.71 16.01
N HIS D 300 -52.94 1.85 15.62
CA HIS D 300 -52.81 0.55 16.29
C HIS D 300 -52.49 0.72 17.76
N ILE D 301 -51.57 1.63 18.09
CA ILE D 301 -51.16 1.79 19.50
C ILE D 301 -52.28 2.38 20.34
N LEU D 302 -53.14 3.21 19.75
CA LEU D 302 -54.22 3.84 20.53
C LEU D 302 -55.19 2.77 21.02
N ARG D 303 -55.30 1.65 20.30
CA ARG D 303 -56.25 0.58 20.65
C ARG D 303 -55.60 -0.44 21.57
N MET D 304 -54.38 -0.17 22.00
CA MET D 304 -53.65 -1.20 22.76
C MET D 304 -53.93 -1.16 24.26
N LYS D 305 -53.61 -2.25 24.92
CA LYS D 305 -53.86 -2.37 26.36
C LYS D 305 -52.81 -1.59 27.15
N ASP D 306 -53.11 -1.30 28.41
CA ASP D 306 -52.20 -0.57 29.27
C ASP D 306 -51.07 -1.49 29.72
N GLY D 307 -49.83 -1.10 29.43
CA GLY D 307 -48.68 -1.90 29.73
C GLY D 307 -48.09 -2.63 28.53
N ALA D 308 -48.70 -2.49 27.35
CA ALA D 308 -48.20 -3.17 26.15
C ALA D 308 -46.75 -2.80 25.88
N VAL D 309 -45.95 -3.80 25.51
CA VAL D 309 -44.54 -3.63 25.21
C VAL D 309 -44.34 -3.66 23.70
N LEU D 310 -43.55 -2.73 23.18
CA LEU D 310 -43.23 -2.65 21.76
C LEU D 310 -41.73 -2.87 21.55
N ALA D 311 -41.39 -3.72 20.58
CA ALA D 311 -39.99 -3.94 20.20
C ALA D 311 -39.92 -4.21 18.70
N ASN D 312 -38.75 -3.95 18.13
CA ASN D 312 -38.49 -4.17 16.71
C ASN D 312 -37.29 -5.07 16.50
N SER D 313 -37.41 -6.02 15.55
CA SER D 313 -36.31 -6.90 15.19
C SER D 313 -35.81 -6.74 13.76
N GLY D 314 -36.55 -6.09 12.88
CA GLY D 314 -36.06 -5.80 11.55
C GLY D 314 -35.03 -4.69 11.56
N HIS D 315 -34.35 -4.54 10.42
CA HIS D 315 -33.41 -3.44 10.29
C HIS D 315 -34.20 -2.14 10.11
N PHE D 316 -33.65 -1.05 10.62
CA PHE D 316 -34.25 0.29 10.56
C PHE D 316 -35.40 0.45 11.54
N ASN D 317 -35.47 1.63 12.17
CA ASN D 317 -36.45 1.94 13.21
C ASN D 317 -37.77 2.47 12.68
N VAL D 318 -38.23 1.99 11.53
CA VAL D 318 -39.46 2.48 10.91
C VAL D 318 -40.57 1.44 10.90
N GLU D 319 -40.36 0.27 11.52
CA GLU D 319 -41.43 -0.73 11.55
C GLU D 319 -42.51 -0.32 12.52
N ILE D 320 -42.11 0.23 13.67
CA ILE D 320 -43.01 0.85 14.62
C ILE D 320 -43.00 2.35 14.38
N ASP D 321 -44.19 2.95 14.38
CA ASP D 321 -44.35 4.39 14.21
C ASP D 321 -43.86 5.11 15.46
N VAL D 322 -42.53 5.19 15.59
CA VAL D 322 -41.94 5.87 16.74
C VAL D 322 -42.25 7.35 16.71
N LYS D 323 -42.27 7.95 15.53
CA LYS D 323 -42.70 9.36 15.44
C LYS D 323 -44.12 9.54 15.99
N GLY D 324 -45.08 8.75 15.52
CA GLY D 324 -46.48 8.89 15.94
C GLY D 324 -46.69 8.68 17.42
N LEU D 325 -45.99 7.71 17.98
CA LEU D 325 -46.15 7.40 19.42
C LEU D 325 -45.70 8.61 20.22
N LYS D 326 -44.75 9.38 19.69
CA LYS D 326 -44.16 10.50 20.44
C LYS D 326 -45.12 11.70 20.38
N GLU D 327 -45.87 11.79 19.29
CA GLU D 327 -46.80 12.93 19.08
C GLU D 327 -48.15 12.62 19.73
N ILE D 328 -48.57 11.37 19.71
CA ILE D 328 -49.84 10.98 20.38
C ILE D 328 -49.57 10.89 21.87
N SER D 329 -48.32 11.07 22.28
CA SER D 329 -47.97 10.92 23.71
C SER D 329 -47.97 12.28 24.44
N VAL D 330 -48.31 12.28 25.72
CA VAL D 330 -48.40 13.54 26.51
C VAL D 330 -47.32 13.49 27.59
N GLU D 331 -46.72 12.33 27.82
CA GLU D 331 -45.64 12.20 28.79
C GLU D 331 -44.73 11.05 28.38
N THR D 332 -43.42 11.29 28.41
CA THR D 332 -42.42 10.25 28.19
C THR D 332 -41.37 10.29 29.28
N ARG D 333 -40.79 9.13 29.57
CA ARG D 333 -39.75 9.01 30.60
C ARG D 333 -38.99 7.71 30.40
N GLU D 334 -37.71 7.72 30.77
CA GLU D 334 -36.89 6.52 30.73
C GLU D 334 -36.95 5.83 32.09
N VAL D 335 -37.37 4.57 32.09
CA VAL D 335 -37.37 3.75 33.30
C VAL D 335 -36.04 3.00 33.49
N ARG D 336 -35.45 2.46 32.41
CA ARG D 336 -34.13 1.84 32.50
C ARG D 336 -33.54 1.81 31.10
N GLN D 337 -32.31 1.26 30.97
CA GLN D 337 -31.69 1.16 29.66
C GLN D 337 -32.61 0.50 28.65
N ASN D 338 -32.88 1.22 27.56
CA ASN D 338 -33.61 0.71 26.41
C ASN D 338 -35.08 0.48 26.73
N LEU D 339 -35.58 1.01 27.84
CA LEU D 339 -36.99 0.90 28.22
C LEU D 339 -37.53 2.31 28.38
N GLU D 340 -38.38 2.73 27.44
CA GLU D 340 -39.01 4.04 27.47
C GLU D 340 -40.49 3.91 27.80
N GLU D 341 -40.99 4.77 28.68
CA GLU D 341 -42.40 4.80 29.02
C GLU D 341 -43.07 5.99 28.35
N TYR D 342 -44.19 5.74 27.65
CA TYR D 342 -45.00 6.77 27.03
C TYR D 342 -46.41 6.72 27.59
N LYS D 343 -46.93 7.86 28.01
CA LYS D 343 -48.32 8.00 28.44
C LYS D 343 -49.17 8.62 27.35
N LEU D 344 -50.29 7.96 27.01
CA LEU D 344 -51.20 8.40 25.98
C LEU D 344 -52.31 9.27 26.57
N ARG D 345 -53.05 9.96 25.69
CA ARG D 345 -54.15 10.80 26.15
C ARG D 345 -55.24 9.97 26.84
N ASN D 346 -55.35 8.71 26.49
CA ASN D 346 -56.32 7.80 27.16
C ASN D 346 -55.79 7.40 28.54
N GLY D 347 -54.59 7.82 28.91
CA GLY D 347 -54.01 7.50 30.22
C GLY D 347 -53.27 6.19 30.26
N LYS D 348 -53.25 5.46 29.15
CA LYS D 348 -52.60 4.11 29.13
C LYS D 348 -51.09 4.22 28.87
N ARG D 349 -50.32 3.33 29.50
CA ARG D 349 -48.84 3.34 29.36
C ARG D 349 -48.36 2.40 28.24
N ILE D 350 -47.50 2.90 27.36
CA ILE D 350 -46.90 2.08 26.27
C ILE D 350 -45.38 2.04 26.50
N TYR D 351 -44.80 0.85 26.48
CA TYR D 351 -43.37 0.69 26.68
C TYR D 351 -42.71 0.39 25.35
N LEU D 352 -41.77 1.25 24.95
CA LEU D 352 -40.98 1.03 23.75
C LEU D 352 -39.60 0.56 24.16
N LEU D 353 -39.08 -0.43 23.43
CA LEU D 353 -37.81 -1.05 23.74
C LEU D 353 -36.77 -0.56 22.75
N ALA D 354 -35.60 -0.17 23.25
CA ALA D 354 -34.44 0.10 22.41
C ALA D 354 -34.73 1.16 21.35
N ASP D 355 -35.61 2.11 21.67
CA ASP D 355 -36.02 3.17 20.76
C ASP D 355 -36.52 2.64 19.41
N GLY D 356 -37.14 1.47 19.40
CA GLY D 356 -37.64 0.95 18.14
C GLY D 356 -36.57 0.43 17.21
N ARG D 357 -35.33 0.37 17.68
CA ARG D 357 -34.25 -0.19 16.90
C ARG D 357 -34.07 -1.66 17.27
N LEU D 358 -33.28 -2.37 16.46
CA LEU D 358 -33.08 -3.81 16.59
C LEU D 358 -32.86 -4.20 18.04
N VAL D 359 -33.87 -4.79 18.68
CA VAL D 359 -33.81 -4.96 20.13
C VAL D 359 -32.81 -6.06 20.49
N ASN D 360 -32.59 -7.00 19.58
CA ASN D 360 -31.59 -8.04 19.83
C ASN D 360 -30.20 -7.41 19.93
N LEU D 361 -29.87 -6.50 19.03
CA LEU D 361 -28.55 -5.89 18.98
C LEU D 361 -28.41 -4.62 19.81
N VAL D 362 -29.52 -4.06 20.30
CA VAL D 362 -29.48 -2.78 21.02
C VAL D 362 -29.72 -2.98 22.52
N ALA D 363 -30.61 -3.88 22.89
CA ALA D 363 -30.85 -4.17 24.30
C ALA D 363 -30.04 -5.36 24.77
N ALA D 364 -29.36 -6.05 23.85
CA ALA D 364 -28.51 -7.20 24.17
C ALA D 364 -27.29 -7.18 23.26
N GLU D 365 -26.79 -8.37 22.89
CA GLU D 365 -25.54 -8.48 22.15
C GLU D 365 -25.70 -9.08 20.75
N GLY D 366 -26.93 -9.12 20.23
CA GLY D 366 -27.06 -9.75 18.92
C GLY D 366 -26.98 -11.28 18.98
N HIS D 367 -26.86 -11.86 17.78
CA HIS D 367 -26.83 -13.32 17.68
C HIS D 367 -25.59 -13.89 18.37
N PRO D 368 -25.71 -15.06 18.98
CA PRO D 368 -24.52 -15.73 19.56
C PRO D 368 -23.41 -15.93 18.54
N SER D 369 -22.18 -16.12 19.03
CA SER D 369 -21.06 -16.33 18.13
C SER D 369 -21.19 -17.63 17.36
N GLU D 370 -21.82 -18.66 17.94
CA GLU D 370 -21.91 -19.95 17.23
C GLU D 370 -22.72 -19.83 15.95
N VAL D 371 -23.73 -18.97 15.91
CA VAL D 371 -24.54 -18.82 14.69
C VAL D 371 -23.88 -17.86 13.70
N MET D 372 -23.26 -16.77 14.18
CA MET D 372 -22.59 -15.84 13.26
C MET D 372 -21.37 -16.46 12.61
N ASP D 373 -20.87 -17.57 13.18
CA ASP D 373 -19.83 -18.34 12.52
C ASP D 373 -20.24 -18.68 11.08
N LEU D 374 -21.49 -19.11 10.89
CA LEU D 374 -21.97 -19.48 9.56
C LEU D 374 -22.13 -18.26 8.64
N SER D 375 -22.70 -17.17 9.16
CA SER D 375 -22.92 -16.01 8.28
C SER D 375 -21.60 -15.37 7.88
N PHE D 376 -20.63 -15.35 8.79
CA PHE D 376 -19.33 -14.75 8.51
C PHE D 376 -18.39 -15.73 7.82
N CYS D 377 -18.72 -17.03 7.79
CA CYS D 377 -18.00 -17.94 6.91
C CYS D 377 -18.39 -17.73 5.46
N ASN D 378 -19.68 -17.49 5.19
CA ASN D 378 -20.09 -17.10 3.85
C ASN D 378 -19.54 -15.73 3.51
N GLN D 379 -19.56 -14.82 4.49
CA GLN D 379 -18.97 -13.50 4.32
C GLN D 379 -17.53 -13.58 3.85
N ALA D 380 -16.70 -14.31 4.60
CA ALA D 380 -15.28 -14.38 4.28
C ALA D 380 -15.04 -15.04 2.92
N LEU D 381 -15.64 -16.21 2.68
CA LEU D 381 -15.42 -16.93 1.42
C LEU D 381 -16.00 -16.22 0.22
N SER D 382 -17.07 -15.44 0.39
CA SER D 382 -17.62 -14.76 -0.77
C SER D 382 -16.80 -13.53 -1.12
N VAL D 383 -16.04 -12.98 -0.16
CA VAL D 383 -15.08 -11.94 -0.46
C VAL D 383 -13.86 -12.54 -1.18
N GLU D 384 -13.35 -13.66 -0.68
CA GLU D 384 -12.28 -14.35 -1.40
C GLU D 384 -12.73 -14.67 -2.82
N HIS D 385 -14.00 -15.02 -2.98
CA HIS D 385 -14.54 -15.29 -4.30
C HIS D 385 -14.62 -14.02 -5.14
N LEU D 386 -14.90 -12.88 -4.50
CA LEU D 386 -14.98 -11.62 -5.23
C LEU D 386 -13.61 -11.15 -5.69
N ILE D 387 -12.57 -11.44 -4.92
CA ILE D 387 -11.22 -11.05 -5.34
C ILE D 387 -10.66 -12.06 -6.34
N LYS D 388 -10.88 -13.36 -6.08
CA LYS D 388 -10.45 -14.41 -7.01
C LYS D 388 -11.11 -14.29 -8.37
N ASN D 389 -12.29 -13.71 -8.45
CA ASN D 389 -13.00 -13.55 -9.71
C ASN D 389 -13.11 -12.07 -10.02
N LYS D 390 -13.40 -11.76 -11.29
CA LYS D 390 -13.44 -10.38 -11.78
C LYS D 390 -14.08 -10.33 -13.17
N GLY D 391 -14.49 -11.49 -13.68
CA GLY D 391 -15.25 -11.57 -14.90
C GLY D 391 -16.74 -11.73 -14.64
N LYS D 392 -17.23 -11.16 -13.54
CA LYS D 392 -18.64 -11.23 -13.21
C LYS D 392 -19.38 -10.00 -13.75
N LEU D 393 -20.70 -10.14 -13.88
CA LEU D 393 -21.54 -9.06 -14.38
C LEU D 393 -21.54 -7.92 -13.38
N GLU D 394 -20.90 -6.82 -13.76
CA GLU D 394 -20.68 -5.67 -12.88
C GLU D 394 -21.97 -4.89 -12.67
N ASN D 395 -23.10 -5.59 -12.70
CA ASN D 395 -24.42 -4.96 -12.57
C ASN D 395 -25.43 -5.90 -11.95
N LYS D 396 -25.00 -6.89 -11.19
CA LYS D 396 -25.86 -7.99 -10.78
C LYS D 396 -25.64 -8.33 -9.31
N VAL D 397 -26.73 -8.67 -8.65
CA VAL D 397 -26.71 -9.25 -7.31
C VAL D 397 -26.63 -10.76 -7.45
N TYR D 398 -25.67 -11.37 -6.76
CA TYR D 398 -25.47 -12.80 -6.82
C TYR D 398 -25.88 -13.46 -5.51
N ASN D 399 -26.36 -14.69 -5.62
CA ASN D 399 -26.47 -15.53 -4.44
C ASN D 399 -25.10 -16.12 -4.15
N VAL D 400 -24.92 -16.60 -2.93
CA VAL D 400 -23.63 -17.25 -2.61
C VAL D 400 -23.49 -18.50 -3.45
N PRO D 401 -22.33 -18.74 -4.07
CA PRO D 401 -22.15 -20.01 -4.79
C PRO D 401 -22.41 -21.18 -3.85
N ILE D 402 -23.21 -22.13 -4.31
CA ILE D 402 -23.61 -23.26 -3.48
C ILE D 402 -22.40 -24.07 -3.01
N GLU D 403 -21.29 -24.03 -3.77
CA GLU D 403 -20.07 -24.70 -3.32
C GLU D 403 -19.54 -24.07 -2.04
N ILE D 404 -19.59 -22.74 -1.94
CA ILE D 404 -19.16 -22.07 -0.73
C ILE D 404 -20.18 -22.33 0.38
N ASP D 405 -21.46 -22.27 0.02
CA ASP D 405 -22.53 -22.55 0.96
C ASP D 405 -22.35 -23.91 1.62
N GLU D 406 -22.03 -24.94 0.81
CA GLU D 406 -21.90 -26.29 1.34
C GLU D 406 -20.63 -26.48 2.16
N GLN D 407 -19.54 -25.80 1.79
CA GLN D 407 -18.31 -25.89 2.57
C GLN D 407 -18.52 -25.31 3.98
N VAL D 408 -19.29 -24.22 4.09
CA VAL D 408 -19.62 -23.65 5.40
C VAL D 408 -20.36 -24.69 6.24
N ALA D 409 -21.34 -25.36 5.65
CA ALA D 409 -22.10 -26.36 6.38
C ALA D 409 -21.20 -27.52 6.81
N ARG D 410 -20.34 -28.00 5.91
CA ARG D 410 -19.43 -29.08 6.27
C ARG D 410 -18.42 -28.64 7.32
N LEU D 411 -17.95 -27.38 7.27
CA LEU D 411 -17.02 -26.90 8.29
C LEU D 411 -17.68 -26.85 9.67
N LYS D 412 -18.94 -26.40 9.74
CA LYS D 412 -19.64 -26.37 11.02
C LYS D 412 -19.89 -27.78 11.56
N LEU D 413 -20.31 -28.71 10.70
CA LEU D 413 -20.54 -30.08 11.15
C LEU D 413 -19.27 -30.73 11.66
N LYS D 414 -18.17 -30.58 10.91
CA LYS D 414 -16.87 -31.09 11.35
C LYS D 414 -16.48 -30.52 12.71
N ALA D 415 -16.68 -29.21 12.92
CA ALA D 415 -16.35 -28.59 14.21
C ALA D 415 -17.27 -29.07 15.32
N LEU D 416 -18.52 -29.36 15.02
CA LEU D 416 -19.45 -29.86 16.03
C LEU D 416 -19.36 -31.36 16.23
N GLY D 417 -18.59 -32.06 15.41
CA GLY D 417 -18.44 -33.49 15.57
C GLY D 417 -19.64 -34.28 15.09
N ILE D 418 -20.35 -33.79 14.08
CA ILE D 418 -21.59 -34.39 13.62
C ILE D 418 -21.29 -35.21 12.38
N GLU D 419 -21.61 -36.50 12.42
CA GLU D 419 -21.39 -37.38 11.28
C GLU D 419 -22.66 -37.44 10.45
N ILE D 420 -22.49 -37.33 9.13
CA ILE D 420 -23.62 -37.44 8.22
C ILE D 420 -23.46 -38.68 7.34
N GLU D 421 -24.60 -39.24 6.94
CA GLU D 421 -24.58 -40.44 6.12
C GLU D 421 -24.06 -40.13 4.73
N GLU D 422 -23.24 -41.03 4.21
CA GLU D 422 -22.69 -40.92 2.88
C GLU D 422 -23.43 -41.87 1.96
N LEU D 423 -23.94 -41.33 0.85
CA LEU D 423 -24.72 -42.13 -0.08
C LEU D 423 -23.83 -43.14 -0.79
N THR D 424 -24.33 -44.36 -0.92
CA THR D 424 -23.58 -45.34 -1.66
C THR D 424 -23.68 -45.06 -3.15
N ILE D 425 -22.87 -45.76 -3.93
CA ILE D 425 -22.90 -45.55 -5.38
C ILE D 425 -24.22 -46.04 -5.94
N GLU D 426 -24.75 -47.14 -5.40
CA GLU D 426 -26.05 -47.63 -5.83
C GLU D 426 -27.16 -46.65 -5.49
N GLN D 427 -27.01 -45.93 -4.37
CA GLN D 427 -28.01 -44.93 -4.00
C GLN D 427 -27.94 -43.72 -4.91
N LYS D 428 -26.74 -43.33 -5.34
CA LYS D 428 -26.61 -42.22 -6.27
C LYS D 428 -27.19 -42.57 -7.64
N GLU D 429 -27.07 -43.84 -8.05
CA GLU D 429 -27.63 -44.26 -9.33
C GLU D 429 -29.16 -44.27 -9.27
N TYR D 430 -29.72 -45.01 -8.30
CA TYR D 430 -31.14 -44.90 -8.02
C TYR D 430 -31.44 -43.48 -7.55
N ILE D 431 -31.89 -42.63 -8.48
CA ILE D 431 -32.23 -41.21 -8.31
C ILE D 431 -32.12 -40.57 -9.69
N LYS D 432 -31.13 -40.98 -10.47
CA LYS D 432 -31.04 -40.64 -11.89
C LYS D 432 -31.89 -41.57 -12.74
N GLN D 433 -32.32 -42.71 -12.19
CA GLN D 433 -33.10 -43.67 -12.93
C GLN D 433 -34.56 -43.23 -13.00
N TRP D 434 -35.27 -43.68 -14.04
CA TRP D 434 -36.67 -43.34 -14.20
C TRP D 434 -37.55 -44.48 -14.72
N LYS D 435 -36.96 -45.53 -15.30
CA LYS D 435 -37.72 -46.67 -15.80
C LYS D 435 -38.02 -47.60 -14.62
N TYR D 436 -38.83 -48.64 -14.82
CA TYR D 436 -39.09 -49.57 -13.73
C TYR D 436 -38.03 -50.66 -13.73
N GLY D 437 -37.24 -50.73 -12.65
CA GLY D 437 -36.40 -51.90 -12.53
C GLY D 437 -34.92 -51.65 -12.46
N THR D 438 -34.15 -52.71 -12.22
CA THR D 438 -32.71 -52.60 -12.25
C THR D 438 -32.17 -53.63 -13.23
N ARG E 27 43.42 -24.38 -14.44
CA ARG E 27 42.46 -23.59 -13.68
C ARG E 27 41.48 -24.48 -12.92
N VAL E 28 41.71 -24.63 -11.62
CA VAL E 28 40.87 -25.43 -10.75
C VAL E 28 40.48 -24.58 -9.55
N LYS E 29 39.65 -25.16 -8.69
CA LYS E 29 39.16 -24.45 -7.51
C LYS E 29 40.22 -24.37 -6.42
N ASP E 30 40.70 -25.51 -5.95
CA ASP E 30 41.65 -25.58 -4.86
C ASP E 30 42.66 -26.67 -5.19
N LEU E 31 43.90 -26.27 -5.49
CA LEU E 31 44.94 -27.23 -5.81
C LEU E 31 45.39 -28.05 -4.61
N SER E 32 45.01 -27.66 -3.40
CA SER E 32 45.38 -28.37 -2.18
C SER E 32 44.60 -29.66 -1.95
N LEU E 33 43.50 -29.89 -2.67
CA LEU E 33 42.75 -31.14 -2.52
C LEU E 33 43.27 -32.26 -3.42
N ALA E 34 44.37 -32.03 -4.15
CA ALA E 34 44.88 -33.02 -5.09
C ALA E 34 45.27 -34.33 -4.43
N GLU E 35 45.66 -34.30 -3.16
CA GLU E 35 46.07 -35.54 -2.52
C GLU E 35 44.88 -36.42 -2.20
N GLN E 36 43.81 -35.81 -1.71
CA GLN E 36 42.54 -36.51 -1.52
C GLN E 36 41.93 -36.93 -2.85
N GLY E 37 42.06 -36.08 -3.88
CA GLY E 37 41.54 -36.46 -5.19
C GLY E 37 42.30 -37.61 -5.82
N ARG E 38 43.62 -37.66 -5.60
CA ARG E 38 44.43 -38.73 -6.19
C ARG E 38 44.02 -40.09 -5.66
N LYS E 39 43.65 -40.17 -4.38
CA LYS E 39 43.11 -41.41 -3.84
C LYS E 39 41.81 -41.79 -4.51
N GLN E 40 41.06 -40.81 -5.01
CA GLN E 40 39.78 -41.09 -5.66
C GLN E 40 39.98 -41.66 -7.06
N ILE E 41 41.00 -41.17 -7.77
CA ILE E 41 41.28 -41.70 -9.10
C ILE E 41 41.85 -43.11 -9.01
N GLU E 42 42.67 -43.40 -7.99
CA GLU E 42 43.16 -44.76 -7.81
C GLU E 42 42.04 -45.71 -7.39
N TRP E 43 41.10 -45.25 -6.56
CA TRP E 43 39.93 -46.07 -6.28
C TRP E 43 39.19 -46.41 -7.56
N ALA E 44 39.00 -45.41 -8.43
CA ALA E 44 38.34 -45.64 -9.70
C ALA E 44 39.15 -46.57 -10.59
N GLU E 45 40.47 -46.41 -10.60
CA GLU E 45 41.34 -47.26 -11.40
C GLU E 45 41.20 -48.73 -11.00
N LEU E 46 41.18 -49.00 -9.70
CA LEU E 46 41.08 -50.36 -9.20
C LEU E 46 39.74 -50.99 -9.58
N HIS E 47 38.75 -50.18 -9.92
CA HIS E 47 37.43 -50.67 -10.31
C HIS E 47 37.15 -50.46 -11.80
N MET E 48 38.18 -50.12 -12.58
CA MET E 48 38.07 -50.03 -14.04
C MET E 48 39.09 -50.98 -14.68
N PRO E 49 38.94 -52.28 -14.48
CA PRO E 49 39.98 -53.22 -14.96
C PRO E 49 40.11 -53.23 -16.47
N ALA E 50 39.01 -53.08 -17.20
CA ALA E 50 39.07 -53.11 -18.65
C ALA E 50 39.78 -51.88 -19.22
N LEU E 51 39.51 -50.70 -18.64
CA LEU E 51 40.19 -49.49 -19.10
C LEU E 51 41.67 -49.53 -18.73
N MET E 52 42.00 -50.19 -17.62
CA MET E 52 43.40 -50.34 -17.22
C MET E 52 44.14 -51.29 -18.15
N GLU E 53 43.44 -52.28 -18.72
CA GLU E 53 44.05 -53.20 -19.67
C GLU E 53 44.32 -52.52 -21.00
N ILE E 54 43.44 -51.63 -21.42
CA ILE E 54 43.67 -50.84 -22.63
C ILE E 54 44.82 -49.85 -22.42
N ARG E 55 44.94 -49.30 -21.21
CA ARG E 55 46.04 -48.40 -20.91
C ARG E 55 47.40 -49.08 -21.13
N LYS E 56 47.47 -50.38 -20.87
CA LYS E 56 48.71 -51.11 -21.06
C LYS E 56 49.08 -51.21 -22.54
N ARG E 57 48.11 -51.50 -23.42
CA ARG E 57 48.53 -51.48 -24.82
C ARG E 57 48.87 -50.06 -25.25
N PHE E 58 48.27 -49.06 -24.59
CA PHE E 58 48.47 -47.67 -24.94
C PHE E 58 49.85 -47.18 -24.52
N ASN E 59 50.28 -47.51 -23.29
CA ASN E 59 51.60 -47.12 -22.84
C ASN E 59 52.70 -47.88 -23.56
N ALA E 60 52.35 -48.92 -24.32
CA ALA E 60 53.35 -49.71 -25.03
C ALA E 60 53.48 -49.34 -26.50
N GLU E 61 52.37 -49.13 -27.20
CA GLU E 61 52.42 -48.84 -28.62
C GLU E 61 52.31 -47.35 -28.93
N LYS E 62 52.08 -46.52 -27.90
CA LYS E 62 51.85 -45.09 -27.96
C LYS E 62 51.10 -44.71 -29.23
N PRO E 63 49.87 -45.21 -29.41
CA PRO E 63 49.15 -44.96 -30.67
C PRO E 63 48.64 -43.53 -30.81
N LEU E 64 48.66 -42.73 -29.74
CA LEU E 64 48.16 -41.36 -29.77
C LEU E 64 49.30 -40.36 -29.62
N ASP E 65 50.46 -40.70 -30.18
CA ASP E 65 51.63 -39.85 -30.08
C ASP E 65 51.40 -38.59 -30.91
N GLY E 66 51.68 -37.44 -30.30
CA GLY E 66 51.46 -36.19 -31.01
C GLY E 66 50.02 -35.82 -31.24
N ILE E 67 49.07 -36.43 -30.53
CA ILE E 67 47.65 -36.15 -30.71
C ILE E 67 47.19 -35.28 -29.55
N ARG E 68 46.51 -34.19 -29.88
CA ARG E 68 46.02 -33.24 -28.89
C ARG E 68 44.50 -33.40 -28.82
N ILE E 69 43.98 -33.64 -27.62
CA ILE E 69 42.57 -33.97 -27.44
C ILE E 69 41.88 -32.87 -26.65
N GLY E 70 40.74 -32.39 -27.16
CA GLY E 70 39.92 -31.48 -26.40
C GLY E 70 38.63 -32.15 -25.96
N ALA E 71 38.39 -32.19 -24.65
CA ALA E 71 37.28 -32.95 -24.10
C ALA E 71 36.46 -32.05 -23.17
N VAL E 72 35.15 -32.07 -23.34
CA VAL E 72 34.22 -31.51 -22.37
C VAL E 72 33.41 -32.68 -21.82
N LEU E 73 33.76 -33.10 -20.62
CA LEU E 73 33.20 -34.28 -20.00
C LEU E 73 32.88 -33.92 -18.56
N HIS E 74 32.14 -34.81 -17.89
CA HIS E 74 31.92 -34.62 -16.47
C HIS E 74 33.21 -34.94 -15.75
N VAL E 75 33.75 -33.96 -15.01
CA VAL E 75 35.05 -34.09 -14.39
C VAL E 75 34.92 -34.94 -13.13
N THR E 76 35.01 -36.25 -13.31
CA THR E 76 34.89 -37.21 -12.23
C THR E 76 36.16 -38.02 -12.12
N LYS E 77 36.23 -38.81 -11.05
CA LYS E 77 37.33 -39.75 -10.87
C LYS E 77 37.41 -40.73 -12.03
N GLU E 78 36.28 -40.99 -12.68
CA GLU E 78 36.22 -41.93 -13.80
C GLU E 78 36.69 -41.28 -15.09
N THR E 79 36.34 -40.00 -15.29
CA THR E 79 36.90 -39.25 -16.41
C THR E 79 38.42 -39.14 -16.27
N ALA E 80 38.91 -39.11 -15.03
CA ALA E 80 40.35 -39.05 -14.81
C ALA E 80 41.05 -40.31 -15.32
N VAL E 81 40.43 -41.48 -15.13
CA VAL E 81 41.05 -42.72 -15.59
C VAL E 81 41.09 -42.77 -17.11
N LEU E 82 40.09 -42.20 -17.78
CA LEU E 82 40.06 -42.17 -19.24
C LEU E 82 41.06 -41.16 -19.78
N VAL E 83 41.08 -39.96 -19.20
CA VAL E 83 41.96 -38.91 -19.70
C VAL E 83 43.41 -39.26 -19.45
N GLU E 84 43.71 -39.88 -18.30
CA GLU E 84 45.06 -40.31 -18.03
C GLU E 84 45.44 -41.57 -18.82
N THR E 85 44.46 -42.41 -19.17
CA THR E 85 44.72 -43.51 -20.09
C THR E 85 45.07 -42.99 -21.48
N LEU E 86 44.40 -41.91 -21.91
CA LEU E 86 44.72 -41.33 -23.21
C LEU E 86 46.11 -40.70 -23.20
N LYS E 87 46.49 -40.04 -22.11
CA LYS E 87 47.84 -39.50 -22.02
C LYS E 87 48.88 -40.61 -22.04
N ALA E 88 48.56 -41.76 -21.42
CA ALA E 88 49.47 -42.89 -21.44
C ALA E 88 49.72 -43.36 -22.87
N GLY E 89 48.73 -43.23 -23.73
CA GLY E 89 48.89 -43.48 -25.15
C GLY E 89 49.65 -42.39 -25.88
N GLY E 90 50.17 -41.40 -25.16
CA GLY E 90 50.98 -40.36 -25.76
C GLY E 90 50.25 -39.10 -26.16
N ALA E 91 49.06 -38.86 -25.62
CA ALA E 91 48.25 -37.71 -26.02
C ALA E 91 48.38 -36.56 -25.03
N GLU E 92 48.15 -35.36 -25.54
CA GLU E 92 48.06 -34.15 -24.72
C GLU E 92 46.59 -33.75 -24.67
N ILE E 93 46.04 -33.65 -23.47
CA ILE E 93 44.60 -33.52 -23.28
C ILE E 93 44.30 -32.22 -22.55
N ALA E 94 43.31 -31.48 -23.06
CA ALA E 94 42.73 -30.33 -22.38
C ALA E 94 41.29 -30.69 -22.02
N LEU E 95 40.93 -30.51 -20.75
CA LEU E 95 39.68 -31.00 -20.22
C LEU E 95 38.87 -29.83 -19.64
N ALA E 96 37.57 -29.82 -19.95
CA ALA E 96 36.64 -28.86 -19.38
C ALA E 96 35.39 -29.60 -18.92
N GLY E 97 34.78 -29.08 -17.87
CA GLY E 97 33.60 -29.73 -17.30
C GLY E 97 32.41 -29.66 -18.24
N SER E 98 31.65 -30.75 -18.29
CA SER E 98 30.48 -30.81 -19.17
C SER E 98 29.26 -30.16 -18.54
N ASN E 99 29.25 -29.99 -17.23
CA ASN E 99 28.13 -29.45 -16.48
C ASN E 99 28.69 -28.52 -15.39
N PRO E 100 28.03 -27.39 -15.14
CA PRO E 100 28.58 -26.41 -14.19
C PRO E 100 28.57 -26.86 -12.74
N LEU E 101 27.88 -27.95 -12.41
CA LEU E 101 27.79 -28.42 -11.03
C LEU E 101 28.33 -29.84 -10.88
N SER E 102 28.89 -30.42 -11.93
CA SER E 102 29.33 -31.81 -11.94
C SER E 102 30.76 -32.02 -11.49
N THR E 103 31.61 -31.00 -11.60
CA THR E 103 33.02 -31.17 -11.29
C THR E 103 33.24 -31.65 -9.87
N GLN E 104 34.01 -32.72 -9.72
CA GLN E 104 34.52 -33.13 -8.42
C GLN E 104 35.83 -32.38 -8.20
N ASP E 105 35.80 -31.41 -7.30
CA ASP E 105 36.92 -30.47 -7.16
C ASP E 105 38.22 -31.17 -6.82
N ASP E 106 38.17 -32.20 -5.97
CA ASP E 106 39.38 -32.92 -5.63
C ASP E 106 39.97 -33.64 -6.85
N VAL E 107 39.12 -34.18 -7.71
CA VAL E 107 39.62 -34.89 -8.89
C VAL E 107 40.27 -33.92 -9.87
N ALA E 108 39.71 -32.72 -10.00
CA ALA E 108 40.29 -31.72 -10.90
C ALA E 108 41.65 -31.28 -10.38
N ALA E 109 41.78 -31.10 -9.06
CA ALA E 109 43.08 -30.82 -8.46
C ALA E 109 44.09 -31.91 -8.78
N GLY E 110 43.71 -33.17 -8.49
CA GLY E 110 44.62 -34.28 -8.77
C GLY E 110 45.05 -34.34 -10.22
N LEU E 111 44.15 -33.99 -11.14
CA LEU E 111 44.48 -33.98 -12.56
C LEU E 111 45.44 -32.86 -12.91
N ALA E 112 45.34 -31.71 -12.24
CA ALA E 112 46.25 -30.61 -12.53
C ALA E 112 47.65 -30.90 -12.03
N LYS E 113 47.76 -31.55 -10.87
CA LYS E 113 49.05 -31.98 -10.36
C LYS E 113 49.77 -32.93 -11.30
N ASN E 114 49.02 -33.66 -12.15
CA ASN E 114 49.65 -34.42 -13.22
C ASN E 114 49.82 -33.47 -14.40
N GLY E 115 49.72 -33.97 -15.63
CA GLY E 115 49.98 -33.08 -16.75
C GLY E 115 48.74 -32.67 -17.52
N ILE E 116 47.60 -32.65 -16.84
CA ILE E 116 46.30 -32.47 -17.50
C ILE E 116 45.91 -31.01 -17.40
N HIS E 117 45.67 -30.39 -18.56
CA HIS E 117 45.20 -29.00 -18.64
C HIS E 117 43.69 -28.99 -18.38
N VAL E 118 43.34 -29.05 -17.09
CA VAL E 118 41.95 -29.15 -16.66
C VAL E 118 41.46 -27.76 -16.26
N TYR E 119 40.43 -27.28 -16.95
CA TYR E 119 39.84 -25.97 -16.67
C TYR E 119 38.38 -26.20 -16.28
N ALA E 120 38.15 -26.47 -14.99
CA ALA E 120 36.82 -26.81 -14.48
C ALA E 120 36.82 -26.78 -12.96
N TRP E 121 35.67 -26.44 -12.39
CA TRP E 121 35.44 -26.50 -10.95
C TRP E 121 33.93 -26.50 -10.72
N ARG E 122 33.53 -27.03 -9.57
CA ARG E 122 32.11 -27.05 -9.20
C ARG E 122 31.66 -25.63 -8.82
N GLY E 123 30.48 -25.25 -9.30
CA GLY E 123 29.92 -23.94 -9.04
C GLY E 123 30.12 -22.90 -10.11
N GLU E 124 30.42 -23.31 -11.35
CA GLU E 124 30.68 -22.40 -12.45
C GLU E 124 29.43 -21.60 -12.81
N THR E 125 29.64 -20.42 -13.39
CA THR E 125 28.60 -19.65 -14.06
C THR E 125 28.65 -19.91 -15.56
N GLU E 126 27.58 -19.50 -16.26
CA GLU E 126 27.52 -19.73 -17.70
C GLU E 126 28.68 -19.07 -18.44
N LYS E 127 29.17 -17.93 -17.94
CA LYS E 127 30.33 -17.31 -18.55
C LYS E 127 31.59 -18.14 -18.33
N ASP E 128 31.82 -18.57 -17.09
CA ASP E 128 32.96 -19.42 -16.77
C ASP E 128 32.94 -20.69 -17.61
N TYR E 129 31.74 -21.25 -17.84
CA TYR E 129 31.60 -22.47 -18.62
C TYR E 129 32.23 -22.33 -20.00
N TYR E 130 31.87 -21.27 -20.73
CA TYR E 130 32.39 -21.08 -22.08
C TYR E 130 33.78 -20.44 -22.09
N ASP E 131 34.19 -19.78 -21.01
CA ASP E 131 35.59 -19.42 -20.90
C ASP E 131 36.45 -20.67 -20.83
N ASN E 132 35.99 -21.67 -20.08
CA ASN E 132 36.70 -22.94 -19.97
C ASN E 132 36.69 -23.69 -21.29
N ILE E 133 35.64 -23.54 -22.11
CA ILE E 133 35.64 -24.24 -23.39
C ILE E 133 36.58 -23.56 -24.37
N ARG E 134 36.59 -22.23 -24.40
CA ARG E 134 37.59 -21.52 -25.21
C ARG E 134 39.00 -21.79 -24.71
N GLU E 135 39.15 -22.01 -23.39
CA GLU E 135 40.46 -22.36 -22.84
C GLU E 135 40.97 -23.66 -23.41
N ILE E 136 40.17 -24.73 -23.37
CA ILE E 136 40.64 -26.00 -23.89
C ILE E 136 40.90 -25.92 -25.39
N LEU E 137 40.27 -24.98 -26.09
CA LEU E 137 40.38 -24.89 -27.54
C LEU E 137 41.60 -24.11 -28.03
N LYS E 138 42.35 -23.43 -27.15
CA LYS E 138 43.54 -22.72 -27.61
C LYS E 138 44.65 -23.67 -27.99
N TYR E 139 44.64 -24.88 -27.44
CA TYR E 139 45.66 -25.87 -27.79
C TYR E 139 45.45 -26.46 -29.17
N GLU E 140 44.37 -26.08 -29.87
CA GLU E 140 44.07 -26.52 -31.23
C GLU E 140 44.02 -28.05 -31.36
N PRO E 141 42.94 -28.67 -30.90
CA PRO E 141 42.90 -30.15 -30.82
C PRO E 141 42.69 -30.82 -32.16
N HIS E 142 43.20 -32.05 -32.27
CA HIS E 142 42.87 -32.90 -33.41
C HIS E 142 41.62 -33.74 -33.18
N VAL E 143 41.32 -34.09 -31.92
CA VAL E 143 40.15 -34.90 -31.59
C VAL E 143 39.31 -34.16 -30.55
N ILE E 144 37.99 -34.19 -30.73
CA ILE E 144 37.05 -33.51 -29.84
C ILE E 144 36.22 -34.57 -29.13
N MET E 145 36.36 -34.67 -27.82
CA MET E 145 35.52 -35.56 -27.03
C MET E 145 34.47 -34.75 -26.28
N ASP E 146 33.20 -35.05 -26.53
CA ASP E 146 32.11 -34.27 -25.98
C ASP E 146 31.11 -35.18 -25.29
N ASP E 147 30.37 -34.59 -24.34
CA ASP E 147 29.36 -35.32 -23.60
C ASP E 147 27.94 -34.93 -24.00
N GLY E 148 27.58 -33.65 -23.89
CA GLY E 148 26.23 -33.24 -24.27
C GLY E 148 26.04 -32.53 -25.58
N GLY E 149 27.07 -32.38 -26.40
CA GLY E 149 26.93 -31.67 -27.66
C GLY E 149 27.44 -30.23 -27.69
N ASP E 150 27.85 -29.66 -26.55
CA ASP E 150 28.26 -28.25 -26.55
C ASP E 150 29.54 -28.02 -27.33
N LEU E 151 30.55 -28.88 -27.15
CA LEU E 151 31.82 -28.67 -27.83
C LEU E 151 31.68 -28.81 -29.34
N HIS E 152 30.92 -29.81 -29.81
CA HIS E 152 30.69 -29.94 -31.24
C HIS E 152 29.95 -28.72 -31.78
N ALA E 153 29.01 -28.19 -31.01
CA ALA E 153 28.26 -27.01 -31.44
C ALA E 153 29.15 -25.78 -31.48
N TYR E 154 29.87 -25.51 -30.40
CA TYR E 154 30.74 -24.33 -30.36
C TYR E 154 31.80 -24.39 -31.45
N VAL E 155 32.43 -25.56 -31.61
CA VAL E 155 33.49 -25.70 -32.60
C VAL E 155 32.97 -25.43 -34.01
N HIS E 156 31.71 -25.77 -34.26
CA HIS E 156 31.12 -25.53 -35.58
C HIS E 156 30.58 -24.12 -35.73
N GLU E 157 29.97 -23.59 -34.67
CA GLU E 157 29.35 -22.27 -34.72
C GLU E 157 30.37 -21.14 -34.78
N ASN E 158 31.59 -21.36 -34.29
CA ASN E 158 32.63 -20.35 -34.35
C ASN E 158 33.70 -20.68 -35.38
N ASN E 159 33.40 -21.61 -36.30
CA ASN E 159 34.24 -21.91 -37.46
C ASN E 159 35.67 -22.30 -37.08
N LEU E 160 35.80 -23.17 -36.09
CA LEU E 160 37.11 -23.76 -35.85
C LEU E 160 37.22 -24.96 -36.79
N THR E 161 37.18 -26.18 -36.26
CA THR E 161 37.12 -27.37 -37.12
C THR E 161 38.31 -27.60 -38.06
N SER E 162 39.16 -26.59 -38.27
CA SER E 162 40.17 -26.65 -39.32
C SER E 162 41.09 -27.86 -39.14
N LYS E 163 41.70 -27.99 -37.97
CA LYS E 163 42.67 -29.04 -37.70
C LYS E 163 42.04 -30.26 -37.04
N ILE E 164 40.72 -30.26 -36.88
CA ILE E 164 40.05 -31.32 -36.13
C ILE E 164 39.94 -32.55 -37.02
N VAL E 165 40.43 -33.68 -36.50
CA VAL E 165 40.46 -34.93 -37.25
C VAL E 165 39.24 -35.80 -36.98
N GLY E 166 38.62 -35.64 -35.82
CA GLY E 166 37.43 -36.38 -35.49
C GLY E 166 37.00 -36.10 -34.05
N GLY E 167 35.90 -36.74 -33.69
CA GLY E 167 35.38 -36.55 -32.35
C GLY E 167 34.51 -37.70 -31.91
N THR E 168 34.12 -37.68 -30.64
CA THR E 168 33.25 -38.69 -30.08
C THR E 168 32.15 -38.01 -29.27
N GLU E 169 31.02 -38.69 -29.17
CA GLU E 169 29.84 -38.22 -28.46
C GLU E 169 29.40 -39.26 -27.46
N GLU E 170 29.21 -38.85 -26.20
CA GLU E 170 29.00 -39.80 -25.11
C GLU E 170 27.54 -40.04 -24.76
N THR E 171 26.65 -39.06 -24.92
CA THR E 171 25.29 -39.18 -24.41
C THR E 171 24.27 -39.07 -25.52
N THR E 172 23.05 -39.57 -25.23
CA THR E 172 21.96 -39.59 -26.21
C THR E 172 21.64 -38.20 -26.75
N THR E 173 21.52 -37.21 -25.86
CA THR E 173 21.16 -35.87 -26.33
C THR E 173 22.20 -35.31 -27.29
N GLY E 174 23.48 -35.59 -27.03
CA GLY E 174 24.53 -35.08 -27.90
C GLY E 174 24.53 -35.70 -29.28
N VAL E 175 24.17 -36.99 -29.39
CA VAL E 175 24.14 -37.59 -30.72
C VAL E 175 22.95 -37.06 -31.51
N ILE E 176 21.81 -36.79 -30.86
CA ILE E 176 20.69 -36.18 -31.59
C ILE E 176 21.09 -34.82 -32.14
N ARG E 177 21.78 -33.99 -31.34
CA ARG E 177 22.27 -32.73 -31.89
C ARG E 177 23.23 -33.00 -33.05
N LEU E 178 24.11 -33.99 -32.89
CA LEU E 178 25.08 -34.32 -33.93
C LEU E 178 24.40 -34.88 -35.18
N LYS E 179 23.30 -35.63 -35.03
CA LYS E 179 22.58 -36.11 -36.20
C LYS E 179 21.83 -34.97 -36.90
N ALA E 180 21.31 -34.02 -36.12
CA ALA E 180 20.71 -32.83 -36.71
C ALA E 180 21.74 -32.02 -37.48
N MET E 181 22.94 -31.86 -36.90
CA MET E 181 24.04 -31.24 -37.61
C MET E 181 24.39 -31.98 -38.89
N GLU E 182 24.31 -33.30 -38.87
CA GLU E 182 24.72 -34.09 -40.04
C GLU E 182 23.68 -34.03 -41.15
N GLU E 183 22.39 -34.01 -40.79
CA GLU E 183 21.37 -33.83 -41.81
C GLU E 183 21.48 -32.47 -42.47
N GLU E 184 21.98 -31.47 -41.75
CA GLU E 184 22.15 -30.12 -42.28
C GLU E 184 23.46 -29.93 -43.04
N LYS E 185 24.27 -30.99 -43.20
CA LYS E 185 25.53 -30.91 -43.93
C LYS E 185 26.44 -29.86 -43.30
N VAL E 186 26.46 -29.83 -41.97
CA VAL E 186 27.25 -28.82 -41.23
C VAL E 186 28.45 -29.49 -40.55
N LEU E 187 28.35 -30.79 -40.26
CA LEU E 187 29.47 -31.55 -39.63
C LEU E 187 30.70 -31.44 -40.52
N LYS E 188 31.87 -31.28 -39.91
CA LYS E 188 33.08 -31.04 -40.73
C LYS E 188 34.12 -32.13 -40.44
N TYR E 189 33.89 -32.93 -39.41
CA TYR E 189 34.78 -34.08 -39.10
C TYR E 189 33.93 -35.30 -38.76
N PRO E 190 34.38 -36.53 -39.02
CA PRO E 190 33.64 -37.72 -38.58
C PRO E 190 33.60 -37.81 -37.06
N VAL E 191 32.46 -38.31 -36.54
CA VAL E 191 32.26 -38.42 -35.10
C VAL E 191 31.66 -39.79 -34.78
N ILE E 192 32.15 -40.41 -33.71
CA ILE E 192 31.69 -41.71 -33.25
C ILE E 192 30.65 -41.50 -32.15
N ALA E 193 29.44 -42.01 -32.36
CA ALA E 193 28.41 -42.00 -31.32
C ALA E 193 28.68 -43.17 -30.38
N VAL E 194 29.56 -42.96 -29.39
CA VAL E 194 29.88 -44.03 -28.46
C VAL E 194 28.66 -44.39 -27.63
N ASN E 195 27.70 -43.47 -27.53
CA ASN E 195 26.47 -43.75 -26.80
C ASN E 195 25.70 -44.92 -27.42
N ASN E 196 25.83 -45.11 -28.73
CA ASN E 196 25.07 -46.13 -29.45
C ASN E 196 25.73 -47.50 -29.39
N ALA E 197 26.86 -47.64 -28.70
CA ALA E 197 27.48 -48.95 -28.54
C ALA E 197 26.67 -49.79 -27.56
N PHE E 198 26.53 -51.09 -27.88
CA PHE E 198 25.80 -51.99 -26.99
C PHE E 198 26.34 -51.96 -25.56
N THR E 199 27.66 -51.95 -25.42
CA THR E 199 28.27 -51.90 -24.09
C THR E 199 28.07 -50.56 -23.41
N LYS E 200 27.49 -49.57 -24.09
CA LYS E 200 27.21 -48.30 -23.46
C LYS E 200 25.75 -48.17 -23.04
N TYR E 201 24.84 -48.00 -24.00
CA TYR E 201 23.46 -47.66 -23.65
C TYR E 201 22.74 -48.80 -22.93
N LEU E 202 23.15 -50.05 -23.10
CA LEU E 202 22.51 -51.13 -22.35
C LEU E 202 22.98 -51.19 -20.90
N PHE E 203 24.10 -50.53 -20.59
CA PHE E 203 24.72 -50.60 -19.28
C PHE E 203 24.92 -49.24 -18.64
N ASP E 204 25.49 -48.28 -19.37
CA ASP E 204 25.65 -46.94 -18.83
C ASP E 204 24.28 -46.30 -18.58
N ASN E 205 23.50 -46.12 -19.64
CA ASN E 205 22.22 -45.43 -19.53
C ASN E 205 21.22 -46.19 -18.67
N ARG E 206 21.24 -47.52 -18.72
CA ARG E 206 20.22 -48.32 -18.03
C ARG E 206 20.67 -48.70 -16.62
N ILE E 207 21.75 -49.49 -16.52
CA ILE E 207 22.20 -49.97 -15.22
C ILE E 207 22.82 -48.83 -14.41
N GLY E 208 23.67 -48.02 -15.06
CA GLY E 208 24.36 -46.97 -14.32
C GLY E 208 23.42 -45.89 -13.82
N THR E 209 22.62 -45.33 -14.72
CA THR E 209 21.71 -44.25 -14.32
C THR E 209 20.64 -44.75 -13.37
N GLY E 210 20.27 -46.03 -13.46
CA GLY E 210 19.31 -46.58 -12.50
C GLY E 210 19.79 -46.46 -11.07
N GLN E 211 21.02 -46.91 -10.80
CA GLN E 211 21.55 -46.79 -9.44
C GLN E 211 21.88 -45.33 -9.10
N SER E 212 22.56 -44.63 -10.00
CA SER E 212 23.05 -43.28 -9.71
C SER E 212 21.91 -42.31 -9.40
N THR E 213 20.83 -42.36 -10.18
CA THR E 213 19.73 -41.42 -9.99
C THR E 213 19.07 -41.63 -8.63
N ILE E 214 18.84 -42.88 -8.24
CA ILE E 214 18.32 -43.15 -6.91
C ILE E 214 19.31 -42.68 -5.84
N ASP E 215 20.60 -42.88 -6.10
CA ASP E 215 21.63 -42.44 -5.16
C ASP E 215 21.58 -40.93 -4.96
N GLY E 216 21.47 -40.17 -6.07
CA GLY E 216 21.38 -38.72 -5.96
C GLY E 216 20.15 -38.27 -5.20
N ILE E 217 19.00 -38.93 -5.42
CA ILE E 217 17.79 -38.59 -4.68
C ILE E 217 17.99 -38.83 -3.19
N LEU E 218 18.62 -39.95 -2.84
CA LEU E 218 18.80 -40.28 -1.43
C LEU E 218 19.84 -39.41 -0.75
N ARG E 219 20.83 -38.89 -1.49
CA ARG E 219 21.84 -38.03 -0.88
C ARG E 219 21.33 -36.61 -0.71
N ALA E 220 20.46 -36.15 -1.63
CA ALA E 220 19.88 -34.82 -1.49
C ALA E 220 18.72 -34.81 -0.52
N THR E 221 18.02 -35.94 -0.37
CA THR E 221 16.93 -36.08 0.59
C THR E 221 17.02 -37.50 1.11
N ASN E 222 16.82 -37.70 2.41
CA ASN E 222 16.77 -39.07 2.91
C ASN E 222 15.32 -39.57 2.90
N ILE E 223 14.76 -39.56 1.71
CA ILE E 223 13.34 -39.83 1.53
C ILE E 223 13.13 -41.34 1.46
N LEU E 224 12.06 -41.82 2.05
CA LEU E 224 11.68 -43.21 1.91
C LEU E 224 11.11 -43.48 0.52
N ILE E 225 11.69 -44.46 -0.19
CA ILE E 225 11.15 -44.83 -1.49
C ILE E 225 9.97 -45.78 -1.31
N ALA E 226 10.00 -46.58 -0.24
CA ALA E 226 9.10 -47.72 -0.09
C ALA E 226 7.64 -47.37 -0.36
N GLY E 227 7.09 -46.41 0.37
CA GLY E 227 5.66 -46.28 0.18
C GLY E 227 5.20 -45.38 -0.94
N LYS E 228 6.10 -44.87 -1.77
CA LYS E 228 5.76 -43.70 -2.55
C LYS E 228 5.33 -44.06 -3.97
N VAL E 229 4.53 -43.18 -4.55
CA VAL E 229 4.19 -43.22 -5.96
C VAL E 229 5.27 -42.43 -6.66
N ALA E 230 6.12 -43.13 -7.41
CA ALA E 230 7.18 -42.49 -8.16
C ALA E 230 6.78 -42.45 -9.62
N VAL E 231 6.88 -41.27 -10.23
CA VAL E 231 6.49 -41.09 -11.61
C VAL E 231 7.77 -40.88 -12.41
N VAL E 232 8.00 -41.77 -13.36
CA VAL E 232 9.14 -41.68 -14.27
C VAL E 232 8.60 -41.25 -15.62
N ILE E 233 9.03 -40.07 -16.06
CA ILE E 233 8.64 -39.54 -17.36
C ILE E 233 9.74 -39.87 -18.34
N GLY E 234 9.44 -40.77 -19.28
CA GLY E 234 10.41 -41.27 -20.22
C GLY E 234 10.77 -42.70 -19.89
N TYR E 235 10.43 -43.63 -20.79
CA TYR E 235 10.75 -45.04 -20.62
C TYR E 235 11.72 -45.51 -21.69
N GLY E 236 12.71 -44.66 -21.99
CA GLY E 236 13.85 -45.06 -22.80
C GLY E 236 14.81 -45.88 -21.97
N TRP E 237 16.08 -45.87 -22.37
CA TRP E 237 17.07 -46.68 -21.67
C TRP E 237 17.33 -46.16 -20.27
N VAL E 238 17.35 -44.84 -20.12
CA VAL E 238 17.56 -44.25 -18.79
C VAL E 238 16.33 -44.47 -17.93
N GLY E 239 15.15 -44.16 -18.47
CA GLY E 239 13.94 -44.20 -17.66
C GLY E 239 13.54 -45.59 -17.19
N ARG E 240 13.77 -46.62 -18.02
CA ARG E 240 13.40 -47.97 -17.59
C ARG E 240 14.37 -48.47 -16.52
N GLY E 241 15.61 -48.02 -16.56
CA GLY E 241 16.52 -48.30 -15.46
C GLY E 241 16.11 -47.63 -14.17
N ILE E 242 15.59 -46.41 -14.26
CA ILE E 242 15.11 -45.71 -13.07
C ILE E 242 13.86 -46.38 -12.51
N ALA E 243 12.93 -46.77 -13.40
CA ALA E 243 11.72 -47.45 -12.95
C ALA E 243 12.06 -48.79 -12.29
N SER E 244 13.02 -49.52 -12.86
CA SER E 244 13.47 -50.78 -12.28
C SER E 244 13.97 -50.60 -10.86
N ARG E 245 14.76 -49.55 -10.61
CA ARG E 245 15.37 -49.37 -9.29
C ARG E 245 14.42 -48.73 -8.29
N PHE E 246 13.51 -47.86 -8.74
CA PHE E 246 12.41 -47.45 -7.88
C PHE E 246 11.58 -48.65 -7.43
N LYS E 247 11.27 -49.55 -8.37
CA LYS E 247 10.52 -50.75 -8.04
C LYS E 247 11.32 -51.64 -7.10
N GLY E 248 12.63 -51.75 -7.35
CA GLY E 248 13.50 -52.49 -6.46
C GLY E 248 13.67 -51.85 -5.10
N MET E 249 13.41 -50.54 -4.98
CA MET E 249 13.42 -49.85 -3.71
C MET E 249 12.04 -49.80 -3.05
N GLY E 250 11.03 -50.46 -3.64
CA GLY E 250 9.73 -50.59 -3.04
C GLY E 250 8.66 -49.63 -3.50
N ALA E 251 8.92 -48.79 -4.51
CA ALA E 251 7.98 -47.76 -4.93
C ALA E 251 6.89 -48.32 -5.85
N ARG E 252 5.78 -47.57 -5.92
CA ARG E 252 4.73 -47.79 -6.92
C ARG E 252 5.06 -46.93 -8.13
N VAL E 253 5.46 -47.55 -9.23
CA VAL E 253 6.03 -46.81 -10.35
C VAL E 253 4.94 -46.46 -11.36
N ILE E 254 4.92 -45.19 -11.75
CA ILE E 254 4.07 -44.69 -12.82
C ILE E 254 4.98 -44.27 -13.96
N VAL E 255 4.64 -44.66 -15.19
CA VAL E 255 5.40 -44.28 -16.37
C VAL E 255 4.54 -43.38 -17.25
N VAL E 256 5.14 -42.29 -17.73
CA VAL E 256 4.55 -41.43 -18.74
C VAL E 256 5.43 -41.53 -19.99
N GLU E 257 4.80 -41.80 -21.12
CA GLU E 257 5.56 -41.95 -22.36
C GLU E 257 4.82 -41.27 -23.51
N SER E 258 5.59 -40.85 -24.51
CA SER E 258 5.05 -40.33 -25.75
C SER E 258 5.19 -41.32 -26.89
N SER E 259 5.96 -42.37 -26.70
CA SER E 259 6.13 -43.41 -27.69
C SER E 259 5.12 -44.52 -27.43
N PRO E 260 4.33 -44.91 -28.43
CA PRO E 260 3.41 -46.05 -28.24
C PRO E 260 4.14 -47.34 -27.92
N PHE E 261 5.31 -47.55 -28.51
CA PHE E 261 6.08 -48.77 -28.24
C PHE E 261 6.51 -48.82 -26.77
N ARG E 262 7.11 -47.73 -26.28
CA ARG E 262 7.71 -47.75 -24.95
C ARG E 262 6.66 -47.67 -23.85
N ALA E 263 5.50 -47.08 -24.14
CA ALA E 263 4.42 -47.12 -23.16
C ALA E 263 3.88 -48.53 -22.98
N LEU E 264 3.80 -49.29 -24.07
CA LEU E 264 3.34 -50.68 -23.99
C LEU E 264 4.39 -51.56 -23.30
N GLU E 265 5.68 -51.28 -23.53
CA GLU E 265 6.73 -51.97 -22.79
C GLU E 265 6.61 -51.74 -21.29
N ALA E 266 6.35 -50.49 -20.89
CA ALA E 266 6.24 -50.21 -19.47
C ALA E 266 4.99 -50.84 -18.89
N LEU E 267 3.92 -50.89 -19.70
CA LEU E 267 2.68 -51.51 -19.25
C LEU E 267 2.87 -53.00 -19.02
N MET E 268 3.47 -53.70 -19.99
CA MET E 268 3.65 -55.14 -19.86
C MET E 268 4.70 -55.49 -18.82
N ASP E 269 5.48 -54.51 -18.36
CA ASP E 269 6.38 -54.68 -17.23
C ASP E 269 5.72 -54.37 -15.90
N GLY E 270 4.41 -54.18 -15.88
CA GLY E 270 3.68 -54.03 -14.64
C GLY E 270 3.59 -52.62 -14.10
N PHE E 271 3.90 -51.61 -14.92
CA PHE E 271 3.85 -50.23 -14.46
C PHE E 271 2.60 -49.54 -14.99
N ASP E 272 1.99 -48.74 -14.13
CA ASP E 272 0.87 -47.90 -14.55
C ASP E 272 1.36 -46.84 -15.53
N VAL E 273 0.75 -46.80 -16.70
CA VAL E 273 1.12 -45.84 -17.74
C VAL E 273 -0.02 -44.85 -17.92
N MET E 274 0.29 -43.56 -17.83
CA MET E 274 -0.73 -42.53 -17.98
C MET E 274 -0.07 -41.21 -18.36
N THR E 275 -0.90 -40.20 -18.56
CA THR E 275 -0.47 -38.85 -18.87
C THR E 275 0.10 -38.16 -17.63
N MET E 276 0.91 -37.13 -17.88
CA MET E 276 1.37 -36.27 -16.78
C MET E 276 0.20 -35.59 -16.07
N ASN E 277 -0.89 -35.30 -16.80
CA ASN E 277 -2.04 -34.64 -16.17
C ASN E 277 -2.60 -35.49 -15.04
N ARG E 278 -2.70 -36.80 -15.24
CA ARG E 278 -3.15 -37.68 -14.15
C ARG E 278 -2.03 -37.91 -13.13
N ALA E 279 -0.82 -38.17 -13.62
CA ALA E 279 0.30 -38.45 -12.72
C ALA E 279 0.62 -37.23 -11.87
N SER E 280 0.32 -36.04 -12.36
CA SER E 280 0.63 -34.83 -11.61
C SER E 280 -0.07 -34.82 -10.26
N GLU E 281 -1.23 -35.46 -10.15
CA GLU E 281 -2.01 -35.44 -8.92
C GLU E 281 -1.68 -36.58 -7.95
N ILE E 282 -0.89 -37.56 -8.36
CA ILE E 282 -0.67 -38.74 -7.51
C ILE E 282 0.80 -38.86 -7.13
N GLY E 283 1.69 -38.39 -7.99
CA GLY E 283 3.09 -38.67 -7.79
C GLY E 283 3.63 -38.03 -6.53
N ASP E 284 4.50 -38.76 -5.86
CA ASP E 284 5.29 -38.26 -4.74
C ASP E 284 6.68 -37.84 -5.17
N ILE E 285 7.25 -38.57 -6.13
CA ILE E 285 8.53 -38.25 -6.75
C ILE E 285 8.31 -38.27 -8.25
N PHE E 286 8.83 -37.26 -8.95
CA PHE E 286 8.80 -37.21 -10.40
C PHE E 286 10.23 -37.08 -10.88
N VAL E 287 10.67 -38.01 -11.71
CA VAL E 287 12.00 -37.96 -12.31
C VAL E 287 11.84 -37.99 -13.82
N THR E 288 12.50 -37.07 -14.50
CA THR E 288 12.42 -36.95 -15.95
C THR E 288 13.61 -37.63 -16.59
N ALA E 289 13.35 -38.35 -17.67
CA ALA E 289 14.39 -39.06 -18.40
C ALA E 289 14.05 -39.03 -19.88
N THR E 290 13.70 -37.85 -20.37
CA THR E 290 13.47 -37.57 -21.78
C THR E 290 14.68 -36.80 -22.28
N GLY E 291 14.78 -36.62 -23.59
CA GLY E 291 15.76 -35.66 -24.06
C GLY E 291 15.11 -34.37 -24.48
N ASN E 292 14.07 -33.96 -23.76
CA ASN E 292 13.09 -33.03 -24.30
C ASN E 292 12.82 -31.91 -23.31
N LEU E 293 11.92 -31.01 -23.70
CA LEU E 293 11.75 -29.71 -23.08
C LEU E 293 10.43 -29.63 -22.32
N ASN E 294 10.48 -29.05 -21.12
CA ASN E 294 9.30 -28.80 -20.28
C ASN E 294 8.41 -30.03 -20.24
N VAL E 295 9.05 -31.17 -19.99
CA VAL E 295 8.33 -32.43 -19.90
C VAL E 295 7.57 -32.49 -18.58
N VAL E 296 8.05 -31.77 -17.56
CA VAL E 296 7.28 -31.47 -16.36
C VAL E 296 7.07 -29.96 -16.37
N SER E 297 5.85 -29.53 -16.68
CA SER E 297 5.57 -28.12 -16.96
C SER E 297 5.00 -27.41 -15.73
N ARG E 298 4.91 -26.07 -15.84
CA ARG E 298 4.35 -25.27 -14.75
C ARG E 298 2.90 -25.65 -14.46
N ASP E 299 2.10 -25.93 -15.51
CA ASP E 299 0.73 -26.39 -15.28
C ASP E 299 0.70 -27.71 -14.52
N HIS E 300 1.64 -28.62 -14.82
CA HIS E 300 1.70 -29.90 -14.12
C HIS E 300 1.97 -29.70 -12.63
N ILE E 301 2.91 -28.80 -12.32
CA ILE E 301 3.33 -28.59 -10.93
C ILE E 301 2.21 -27.99 -10.10
N LEU E 302 1.32 -27.19 -10.72
CA LEU E 302 0.25 -26.57 -9.96
C LEU E 302 -0.74 -27.60 -9.41
N ARG E 303 -0.89 -28.75 -10.07
CA ARG E 303 -1.80 -29.79 -9.61
C ARG E 303 -1.14 -30.80 -8.68
N MET E 304 0.16 -30.65 -8.42
CA MET E 304 0.89 -31.65 -7.67
C MET E 304 0.58 -31.54 -6.18
N LYS E 305 0.89 -32.61 -5.45
CA LYS E 305 0.66 -32.65 -4.01
C LYS E 305 1.70 -31.84 -3.26
N ASP E 306 1.37 -31.53 -2.01
CA ASP E 306 2.26 -30.81 -1.12
C ASP E 306 3.38 -31.73 -0.63
N GLY E 307 4.63 -31.32 -0.86
CA GLY E 307 5.77 -32.14 -0.53
C GLY E 307 6.37 -32.90 -1.69
N ALA E 308 5.77 -32.78 -2.88
CA ALA E 308 6.27 -33.47 -4.06
C ALA E 308 7.72 -33.13 -4.34
N VAL E 309 8.51 -34.15 -4.68
CA VAL E 309 9.93 -34.01 -4.98
C VAL E 309 10.13 -34.12 -6.49
N LEU E 310 10.93 -33.21 -7.06
CA LEU E 310 11.22 -33.19 -8.49
C LEU E 310 12.71 -33.40 -8.74
N ALA E 311 13.03 -34.26 -9.70
CA ALA E 311 14.41 -34.46 -10.11
C ALA E 311 14.47 -34.71 -11.62
N ASN E 312 15.62 -34.43 -12.21
CA ASN E 312 15.86 -34.64 -13.63
C ASN E 312 17.10 -35.51 -13.82
N SER E 313 17.04 -36.47 -14.75
CA SER E 313 18.19 -37.30 -15.09
C SER E 313 18.71 -37.12 -16.51
N GLY E 314 17.96 -36.49 -17.40
CA GLY E 314 18.50 -36.17 -18.71
C GLY E 314 19.51 -35.04 -18.63
N HIS E 315 20.28 -34.89 -19.71
CA HIS E 315 21.22 -33.79 -19.75
C HIS E 315 20.47 -32.49 -20.02
N PHE E 316 21.01 -31.38 -19.50
CA PHE E 316 20.45 -30.04 -19.59
C PHE E 316 19.28 -29.87 -18.64
N ASN E 317 19.19 -28.70 -18.01
CA ASN E 317 18.22 -28.40 -16.96
C ASN E 317 16.88 -27.90 -17.51
N VAL E 318 16.43 -28.37 -18.67
CA VAL E 318 15.21 -27.86 -19.28
C VAL E 318 14.11 -28.90 -19.34
N GLU E 319 14.31 -30.07 -18.75
CA GLU E 319 13.26 -31.08 -18.77
C GLU E 319 12.13 -30.69 -17.82
N ILE E 320 12.47 -30.13 -16.67
CA ILE E 320 11.51 -29.53 -15.78
C ILE E 320 11.50 -28.03 -16.04
N ASP E 321 10.30 -27.46 -16.11
CA ASP E 321 10.16 -26.01 -16.29
C ASP E 321 10.60 -25.33 -14.99
N VAL E 322 11.91 -25.24 -14.77
CA VAL E 322 12.45 -24.60 -13.53
C VAL E 322 12.12 -23.10 -13.56
N LYS E 323 12.11 -22.52 -14.75
CA LYS E 323 11.67 -21.13 -14.90
C LYS E 323 10.25 -20.94 -14.37
N GLY E 324 9.31 -21.75 -14.84
CA GLY E 324 7.91 -21.60 -14.42
C GLY E 324 7.74 -21.76 -12.94
N LEU E 325 8.48 -22.68 -12.34
CA LEU E 325 8.34 -22.96 -10.90
C LEU E 325 8.77 -21.73 -10.10
N LYS E 326 9.72 -20.96 -10.63
CA LYS E 326 10.24 -19.77 -9.91
C LYS E 326 9.25 -18.62 -10.01
N GLU E 327 8.51 -18.54 -11.11
CA GLU E 327 7.54 -17.45 -11.33
C GLU E 327 6.22 -17.75 -10.60
N ILE E 328 5.81 -19.01 -10.61
CA ILE E 328 4.57 -19.41 -9.91
C ILE E 328 4.88 -19.49 -8.42
N SER E 329 6.13 -19.31 -8.05
CA SER E 329 6.49 -19.45 -6.62
C SER E 329 6.56 -18.09 -5.92
N VAL E 330 6.34 -18.09 -4.61
CA VAL E 330 6.34 -16.83 -3.82
C VAL E 330 7.34 -16.96 -2.67
N GLU E 331 8.04 -18.10 -2.57
CA GLU E 331 9.07 -18.30 -1.52
C GLU E 331 10.01 -19.44 -1.91
N THR E 332 11.33 -19.19 -1.88
CA THR E 332 12.33 -20.24 -2.17
C THR E 332 13.30 -20.32 -0.99
N ARG E 333 13.86 -21.49 -0.73
CA ARG E 333 14.83 -21.63 0.37
C ARG E 333 15.61 -22.93 0.19
N GLU E 334 16.86 -22.94 0.62
CA GLU E 334 17.68 -24.18 0.56
C GLU E 334 17.52 -24.94 1.87
N VAL E 335 17.07 -26.18 1.79
CA VAL E 335 17.01 -27.02 3.00
C VAL E 335 18.41 -27.57 3.19
N ARG E 336 19.05 -27.96 2.10
CA ARG E 336 20.39 -28.55 2.16
C ARG E 336 20.98 -28.60 0.77
N GLN E 337 22.15 -29.21 0.67
CA GLN E 337 22.81 -29.34 -0.65
C GLN E 337 21.88 -30.05 -1.64
N ASN E 338 21.53 -29.37 -2.72
CA ASN E 338 20.73 -29.99 -3.81
C ASN E 338 19.24 -30.07 -3.44
N LEU E 339 18.85 -29.64 -2.24
CA LEU E 339 17.42 -29.62 -1.85
C LEU E 339 16.89 -28.18 -1.77
N GLU E 340 16.09 -27.79 -2.75
CA GLU E 340 15.48 -26.46 -2.76
C GLU E 340 13.97 -26.57 -2.52
N GLU E 341 13.44 -25.70 -1.67
CA GLU E 341 11.99 -25.70 -1.36
C GLU E 341 11.34 -24.49 -1.99
N TYR E 342 10.24 -24.70 -2.69
CA TYR E 342 9.48 -23.60 -3.34
C TYR E 342 8.05 -23.63 -2.80
N LYS E 343 7.58 -22.51 -2.26
CA LYS E 343 6.17 -22.41 -1.81
C LYS E 343 5.36 -21.79 -2.92
N LEU E 344 4.33 -22.49 -3.38
CA LEU E 344 3.46 -21.96 -4.45
C LEU E 344 2.36 -21.12 -3.79
N ARG E 345 1.63 -20.34 -4.58
CA ARG E 345 0.59 -19.46 -4.02
C ARG E 345 -0.49 -20.33 -3.37
N ASN E 346 -0.74 -21.50 -3.93
CA ASN E 346 -1.81 -22.39 -3.41
C ASN E 346 -1.43 -22.78 -1.98
N GLY E 347 -0.24 -22.35 -1.53
CA GLY E 347 0.26 -22.71 -0.19
C GLY E 347 1.10 -23.97 -0.18
N LYS E 348 0.98 -24.80 -1.22
CA LYS E 348 1.70 -26.11 -1.23
C LYS E 348 3.19 -25.96 -1.53
N ARG E 349 4.00 -26.88 -1.03
CA ARG E 349 5.49 -26.84 -1.18
C ARG E 349 6.00 -27.82 -2.24
N ILE E 350 6.92 -27.35 -3.10
CA ILE E 350 7.53 -28.21 -4.15
C ILE E 350 9.04 -28.29 -3.88
N TYR E 351 9.58 -29.50 -3.89
CA TYR E 351 11.03 -29.69 -3.65
C TYR E 351 11.74 -29.99 -4.96
N LEU E 352 12.65 -29.11 -5.35
CA LEU E 352 13.47 -29.32 -6.54
C LEU E 352 14.84 -29.83 -6.10
N LEU E 353 15.34 -30.81 -6.84
CA LEU E 353 16.61 -31.45 -6.53
C LEU E 353 17.65 -31.00 -7.55
N ALA E 354 18.84 -30.65 -7.06
CA ALA E 354 20.01 -30.42 -7.89
C ALA E 354 19.77 -29.35 -8.98
N ASP E 355 18.97 -28.33 -8.69
CA ASP E 355 18.64 -27.25 -9.64
C ASP E 355 18.10 -27.77 -10.97
N GLY E 356 17.39 -28.90 -10.94
CA GLY E 356 16.89 -29.42 -12.20
C GLY E 356 17.95 -29.99 -13.10
N ARG E 357 19.18 -30.09 -12.62
CA ARG E 357 20.25 -30.70 -13.38
C ARG E 357 20.30 -32.18 -13.03
N LEU E 358 20.92 -32.97 -13.92
CA LEU E 358 20.97 -34.41 -13.71
C LEU E 358 21.44 -34.76 -12.30
N VAL E 359 20.51 -35.26 -11.49
CA VAL E 359 20.69 -35.37 -10.04
C VAL E 359 21.72 -36.44 -9.69
N ASN E 360 21.92 -37.40 -10.59
CA ASN E 360 22.93 -38.43 -10.34
C ASN E 360 24.33 -37.82 -10.24
N LEU E 361 24.67 -36.91 -11.13
CA LEU E 361 26.01 -36.34 -11.14
C LEU E 361 26.14 -35.06 -10.31
N VAL E 362 25.04 -34.48 -9.83
CA VAL E 362 25.08 -33.22 -9.10
C VAL E 362 24.84 -33.41 -7.61
N ALA E 363 23.91 -34.30 -7.26
CA ALA E 363 23.66 -34.62 -5.85
C ALA E 363 24.43 -35.85 -5.42
N ALA E 364 25.09 -36.54 -6.35
CA ALA E 364 25.89 -37.71 -6.06
C ALA E 364 27.14 -37.71 -6.92
N GLU E 365 27.62 -38.89 -7.32
CA GLU E 365 28.89 -39.01 -8.04
C GLU E 365 28.73 -39.54 -9.45
N GLY E 366 27.53 -39.53 -10.00
CA GLY E 366 27.41 -40.13 -11.32
C GLY E 366 27.46 -41.66 -11.24
N HIS E 367 27.58 -42.28 -12.41
CA HIS E 367 27.59 -43.73 -12.50
C HIS E 367 28.80 -44.33 -11.80
N PRO E 368 28.64 -45.54 -11.23
CA PRO E 368 29.79 -46.23 -10.62
C PRO E 368 30.99 -46.38 -11.54
N SER E 369 32.16 -46.57 -10.97
CA SER E 369 33.37 -46.73 -11.79
C SER E 369 33.31 -48.00 -12.63
N GLU E 370 32.69 -49.06 -12.13
CA GLU E 370 32.63 -50.33 -12.86
C GLU E 370 31.86 -50.22 -14.17
N VAL E 371 30.81 -49.38 -14.22
CA VAL E 371 30.02 -49.25 -15.44
C VAL E 371 30.68 -48.26 -16.42
N MET E 372 31.30 -47.18 -15.92
CA MET E 372 32.02 -46.29 -16.82
C MET E 372 33.23 -46.95 -17.44
N ASP E 373 33.69 -48.06 -16.88
CA ASP E 373 34.71 -48.88 -17.53
C ASP E 373 34.31 -49.21 -18.97
N LEU E 374 33.05 -49.60 -19.17
CA LEU E 374 32.57 -49.98 -20.50
C LEU E 374 32.47 -48.80 -21.45
N SER E 375 31.88 -47.68 -21.01
CA SER E 375 31.73 -46.54 -21.91
C SER E 375 33.07 -45.90 -22.22
N PHE E 376 33.97 -45.85 -21.26
CA PHE E 376 35.26 -45.22 -21.50
C PHE E 376 36.24 -46.17 -22.18
N CYS E 377 35.93 -47.46 -22.22
CA CYS E 377 36.67 -48.36 -23.11
C CYS E 377 36.26 -48.14 -24.56
N ASN E 378 34.96 -47.95 -24.82
CA ASN E 378 34.54 -47.56 -26.16
C ASN E 378 35.09 -46.17 -26.49
N GLN E 379 35.05 -45.28 -25.52
CA GLN E 379 35.64 -43.94 -25.68
C GLN E 379 37.09 -44.02 -26.11
N ALA E 380 37.91 -44.73 -25.33
CA ALA E 380 39.34 -44.78 -25.62
C ALA E 380 39.61 -45.44 -26.97
N LEU E 381 39.00 -46.60 -27.22
CA LEU E 381 39.19 -47.32 -28.47
C LEU E 381 38.62 -46.58 -29.67
N SER E 382 37.60 -45.75 -29.48
CA SER E 382 37.05 -45.02 -30.63
C SER E 382 37.94 -43.85 -31.03
N VAL E 383 38.72 -43.32 -30.10
CA VAL E 383 39.72 -42.32 -30.44
C VAL E 383 40.87 -42.95 -31.21
N GLU E 384 41.37 -44.10 -30.74
CA GLU E 384 42.40 -44.81 -31.48
C GLU E 384 41.93 -45.14 -32.89
N HIS E 385 40.65 -45.52 -33.03
CA HIS E 385 40.09 -45.81 -34.34
C HIS E 385 40.00 -44.55 -35.21
N LEU E 386 39.72 -43.40 -34.59
CA LEU E 386 39.66 -42.15 -35.34
C LEU E 386 41.03 -41.69 -35.81
N ILE E 387 42.08 -41.97 -35.03
CA ILE E 387 43.43 -41.57 -35.43
C ILE E 387 43.99 -42.53 -36.48
N LYS E 388 43.77 -43.82 -36.25
CA LYS E 388 44.18 -44.85 -37.20
C LYS E 388 43.54 -44.68 -38.57
N ASN E 389 42.40 -44.00 -38.65
CA ASN E 389 41.71 -43.72 -39.91
C ASN E 389 41.68 -42.22 -40.18
N LYS E 390 41.32 -41.87 -41.41
CA LYS E 390 41.29 -40.51 -41.91
C LYS E 390 40.62 -40.56 -43.27
N GLY E 391 40.16 -41.74 -43.66
CA GLY E 391 39.38 -41.89 -44.88
C GLY E 391 37.92 -42.04 -44.48
N LYS E 392 37.58 -41.58 -43.29
CA LYS E 392 36.16 -41.62 -42.83
C LYS E 392 35.47 -40.36 -43.36
N LEU E 393 34.14 -40.35 -43.33
CA LEU E 393 33.36 -39.19 -43.84
C LEU E 393 33.31 -38.09 -42.79
N GLU E 394 33.78 -36.89 -43.15
CA GLU E 394 33.85 -35.73 -42.22
C GLU E 394 32.46 -35.16 -42.00
N ASN E 395 31.45 -35.69 -42.67
CA ASN E 395 30.06 -35.24 -42.42
C ASN E 395 29.25 -36.46 -42.00
N LYS E 396 29.81 -37.34 -41.19
CA LYS E 396 28.99 -38.52 -40.89
C LYS E 396 29.06 -38.87 -39.41
N VAL E 397 27.93 -39.25 -38.85
CA VAL E 397 27.94 -39.75 -37.46
C VAL E 397 28.07 -41.27 -37.56
N TYR E 398 29.03 -41.84 -36.85
CA TYR E 398 29.27 -43.27 -36.90
C TYR E 398 28.81 -43.94 -35.61
N ASN E 399 28.35 -45.18 -35.75
CA ASN E 399 28.19 -46.04 -34.60
C ASN E 399 29.56 -46.62 -34.24
N VAL E 400 29.69 -47.11 -33.02
CA VAL E 400 30.96 -47.73 -32.66
C VAL E 400 31.15 -48.98 -33.51
N PRO E 401 32.33 -49.21 -34.09
CA PRO E 401 32.57 -50.46 -34.82
C PRO E 401 32.30 -51.65 -33.91
N ILE E 402 31.54 -52.62 -34.44
CA ILE E 402 31.10 -53.76 -33.64
C ILE E 402 32.30 -54.55 -33.12
N GLU E 403 33.43 -54.53 -33.81
CA GLU E 403 34.63 -55.19 -33.29
C GLU E 403 35.11 -54.52 -32.01
N ILE E 404 35.06 -53.19 -31.95
CA ILE E 404 35.47 -52.49 -30.73
C ILE E 404 34.45 -52.75 -29.64
N ASP E 405 33.18 -52.69 -30.00
CA ASP E 405 32.09 -53.01 -29.08
C ASP E 405 32.28 -54.40 -28.47
N GLU E 406 32.65 -55.38 -29.30
CA GLU E 406 32.79 -56.75 -28.84
C GLU E 406 34.05 -56.94 -27.98
N GLN E 407 35.14 -56.23 -28.30
CA GLN E 407 36.35 -56.33 -27.50
C GLN E 407 36.14 -55.78 -26.09
N VAL E 408 35.36 -54.70 -25.97
CA VAL E 408 35.04 -54.15 -24.65
C VAL E 408 34.31 -55.18 -23.80
N ALA E 409 33.31 -55.85 -24.40
CA ALA E 409 32.55 -56.85 -23.67
C ALA E 409 33.44 -58.02 -23.22
N ARG E 410 34.29 -58.51 -24.12
CA ARG E 410 35.20 -59.59 -23.74
C ARG E 410 36.18 -59.15 -22.67
N LEU E 411 36.63 -57.89 -22.72
CA LEU E 411 37.53 -57.36 -21.70
C LEU E 411 36.86 -57.33 -20.33
N LYS E 412 35.60 -56.90 -20.28
CA LYS E 412 34.87 -56.89 -19.01
C LYS E 412 34.63 -58.30 -18.48
N LEU E 413 34.21 -59.22 -19.34
CA LEU E 413 34.00 -60.60 -18.90
C LEU E 413 35.31 -61.24 -18.45
N LYS E 414 36.38 -61.01 -19.21
CA LYS E 414 37.69 -61.49 -18.81
C LYS E 414 38.06 -61.00 -17.41
N ALA E 415 37.83 -59.70 -17.14
CA ALA E 415 38.15 -59.14 -15.84
C ALA E 415 37.22 -59.66 -14.74
N LEU E 416 35.97 -59.99 -15.08
CA LEU E 416 35.03 -60.51 -14.10
C LEU E 416 35.13 -62.01 -13.91
N GLY E 417 35.92 -62.71 -14.74
CA GLY E 417 36.06 -64.14 -14.58
C GLY E 417 34.86 -64.94 -15.06
N ILE E 418 34.15 -64.44 -16.06
CA ILE E 418 32.93 -65.07 -16.56
C ILE E 418 33.28 -65.77 -17.86
N GLU E 419 33.06 -67.08 -17.92
CA GLU E 419 33.32 -67.85 -19.12
C GLU E 419 32.03 -67.99 -19.92
N ILE E 420 32.12 -67.85 -21.24
CA ILE E 420 30.98 -67.99 -22.12
C ILE E 420 31.13 -69.26 -22.94
N GLU E 421 30.00 -69.80 -23.37
CA GLU E 421 29.99 -71.00 -24.19
C GLU E 421 30.54 -70.70 -25.57
N GLU E 422 31.35 -71.64 -26.09
CA GLU E 422 31.87 -71.55 -27.44
C GLU E 422 31.06 -72.49 -28.33
N LEU E 423 30.62 -71.98 -29.46
CA LEU E 423 29.81 -72.78 -30.38
C LEU E 423 30.67 -73.90 -30.96
N THR E 424 30.09 -75.09 -31.03
CA THR E 424 30.80 -76.17 -31.68
C THR E 424 30.73 -76.00 -33.19
N ILE E 425 31.51 -76.82 -33.90
CA ILE E 425 31.51 -76.74 -35.36
C ILE E 425 30.16 -77.18 -35.90
N GLU E 426 29.58 -78.21 -35.29
CA GLU E 426 28.26 -78.68 -35.72
C GLU E 426 27.20 -77.61 -35.46
N GLN E 427 27.37 -76.81 -34.40
CA GLN E 427 26.44 -75.72 -34.12
C GLN E 427 26.63 -74.55 -35.09
N LYS E 428 27.87 -74.23 -35.48
CA LYS E 428 28.04 -73.17 -36.46
C LYS E 428 27.52 -73.60 -37.83
N GLU E 429 27.61 -74.88 -38.15
CA GLU E 429 27.07 -75.37 -39.41
C GLU E 429 25.55 -75.27 -39.41
N TYR E 430 24.91 -75.89 -38.42
CA TYR E 430 23.50 -75.68 -38.16
C TYR E 430 23.23 -74.24 -37.73
N ILE E 431 22.86 -73.38 -38.67
CA ILE E 431 22.51 -71.97 -38.47
C ILE E 431 22.76 -71.30 -39.81
N LYS E 432 23.72 -71.85 -40.56
CA LYS E 432 23.90 -71.53 -41.96
C LYS E 432 22.90 -72.27 -42.84
N GLN E 433 22.14 -73.21 -42.27
CA GLN E 433 21.33 -74.14 -43.02
C GLN E 433 19.85 -73.75 -42.98
N TRP E 434 19.14 -74.01 -44.07
CA TRP E 434 17.72 -73.56 -44.19
C TRP E 434 16.85 -74.75 -44.58
N LYS E 435 17.46 -75.75 -45.20
CA LYS E 435 16.72 -76.96 -45.58
C LYS E 435 16.67 -77.89 -44.38
N TYR E 436 17.27 -79.08 -44.50
CA TYR E 436 17.15 -80.08 -43.42
C TYR E 436 18.39 -80.97 -43.40
N GLY E 437 18.21 -82.27 -43.08
CA GLY E 437 19.33 -83.23 -43.05
C GLY E 437 18.81 -84.65 -42.81
N THR E 438 18.43 -85.37 -43.88
CA THR E 438 17.82 -86.72 -43.73
C THR E 438 18.85 -87.76 -43.26
N ARG F 27 -27.35 1.12 55.82
CA ARG F 27 -26.10 0.64 55.24
C ARG F 27 -26.25 -0.06 53.90
N VAL F 28 -25.97 0.70 52.84
CA VAL F 28 -26.03 0.25 51.46
C VAL F 28 -24.75 0.70 50.77
N LYS F 29 -24.61 0.32 49.49
CA LYS F 29 -23.38 0.65 48.78
C LYS F 29 -23.34 2.13 48.39
N ASP F 30 -24.32 2.58 47.61
CA ASP F 30 -24.33 3.95 47.09
C ASP F 30 -25.76 4.47 47.13
N LEU F 31 -26.01 5.43 48.02
CA LEU F 31 -27.34 6.00 48.20
C LEU F 31 -27.79 6.90 47.05
N SER F 32 -26.90 7.24 46.11
CA SER F 32 -27.31 8.09 44.98
C SER F 32 -28.15 7.36 43.95
N LEU F 33 -28.23 6.03 44.02
CA LEU F 33 -29.00 5.24 43.07
C LEU F 33 -30.47 5.17 43.43
N ALA F 34 -30.89 5.87 44.48
CA ALA F 34 -32.27 5.80 44.95
C ALA F 34 -33.28 6.22 43.89
N GLU F 35 -32.90 7.10 42.96
CA GLU F 35 -33.86 7.53 41.96
C GLU F 35 -33.99 6.49 40.84
N GLN F 36 -32.86 5.94 40.40
CA GLN F 36 -32.89 4.83 39.44
C GLN F 36 -33.55 3.61 40.05
N GLY F 37 -33.28 3.34 41.33
CA GLY F 37 -33.92 2.22 42.00
C GLY F 37 -35.42 2.43 42.20
N ARG F 38 -35.83 3.66 42.50
CA ARG F 38 -37.25 3.96 42.69
C ARG F 38 -38.02 3.69 41.41
N LYS F 39 -37.42 4.03 40.26
CA LYS F 39 -38.03 3.70 38.97
C LYS F 39 -38.14 2.19 38.77
N GLN F 40 -37.23 1.41 39.39
CA GLN F 40 -37.31 -0.04 39.27
C GLN F 40 -38.40 -0.63 40.14
N ILE F 41 -38.60 -0.08 41.34
CA ILE F 41 -39.67 -0.58 42.20
C ILE F 41 -41.03 -0.21 41.62
N GLU F 42 -41.14 0.96 41.00
CA GLU F 42 -42.41 1.31 40.36
C GLU F 42 -42.67 0.43 39.15
N TRP F 43 -41.64 0.08 38.38
CA TRP F 43 -41.83 -0.87 37.28
C TRP F 43 -42.34 -2.20 37.81
N ALA F 44 -41.73 -2.70 38.89
CA ALA F 44 -42.21 -3.93 39.51
C ALA F 44 -43.61 -3.75 40.08
N GLU F 45 -43.89 -2.57 40.64
CA GLU F 45 -45.21 -2.31 41.22
C GLU F 45 -46.31 -2.51 40.18
N LEU F 46 -46.10 -2.00 38.97
CA LEU F 46 -47.12 -2.13 37.93
C LEU F 46 -47.27 -3.56 37.45
N HIS F 47 -46.27 -4.42 37.66
CA HIS F 47 -46.32 -5.79 37.20
C HIS F 47 -46.51 -6.79 38.34
N MET F 48 -46.87 -6.30 39.53
CA MET F 48 -47.29 -7.17 40.63
C MET F 48 -48.68 -6.73 41.09
N PRO F 49 -49.70 -6.82 40.20
CA PRO F 49 -51.01 -6.23 40.54
C PRO F 49 -51.73 -6.92 41.69
N ALA F 50 -51.60 -8.23 41.85
CA ALA F 50 -52.30 -8.92 42.93
C ALA F 50 -51.74 -8.50 44.28
N LEU F 51 -50.42 -8.32 44.37
CA LEU F 51 -49.83 -7.84 45.61
C LEU F 51 -50.22 -6.40 45.90
N MET F 52 -50.50 -5.61 44.86
CA MET F 52 -50.96 -4.24 45.08
C MET F 52 -52.36 -4.18 45.68
N GLU F 53 -53.21 -5.14 45.33
CA GLU F 53 -54.55 -5.15 45.90
C GLU F 53 -54.53 -5.60 47.35
N ILE F 54 -53.59 -6.49 47.71
CA ILE F 54 -53.39 -6.84 49.11
C ILE F 54 -52.88 -5.64 49.88
N ARG F 55 -52.02 -4.84 49.25
CA ARG F 55 -51.47 -3.65 49.91
C ARG F 55 -52.56 -2.67 50.31
N LYS F 56 -53.58 -2.51 49.48
CA LYS F 56 -54.66 -1.58 49.81
C LYS F 56 -55.49 -2.08 50.98
N ARG F 57 -55.82 -3.37 51.03
CA ARG F 57 -56.50 -3.86 52.22
C ARG F 57 -55.59 -3.80 53.44
N PHE F 58 -54.27 -3.76 53.23
CA PHE F 58 -53.28 -3.57 54.30
C PHE F 58 -53.17 -2.12 54.74
N ASN F 59 -53.17 -1.16 53.80
CA ASN F 59 -53.07 0.24 54.16
C ASN F 59 -54.32 0.76 54.88
N ALA F 60 -55.43 0.03 54.82
CA ALA F 60 -56.67 0.49 55.43
C ALA F 60 -56.98 -0.18 56.76
N GLU F 61 -56.73 -1.48 56.88
CA GLU F 61 -57.03 -2.20 58.11
C GLU F 61 -55.80 -2.38 58.99
N LYS F 62 -54.62 -1.96 58.52
CA LYS F 62 -53.33 -2.08 59.20
C LYS F 62 -53.23 -3.32 60.08
N PRO F 63 -53.31 -4.53 59.52
CA PRO F 63 -53.29 -5.74 60.35
C PRO F 63 -51.95 -6.02 61.00
N LEU F 64 -50.89 -5.32 60.60
CA LEU F 64 -49.54 -5.55 61.13
C LEU F 64 -49.05 -4.35 61.91
N ASP F 65 -49.95 -3.61 62.55
CA ASP F 65 -49.53 -2.43 63.29
C ASP F 65 -48.81 -2.86 64.56
N GLY F 66 -47.67 -2.23 64.84
CA GLY F 66 -46.86 -2.61 65.98
C GLY F 66 -46.10 -3.90 65.84
N ILE F 67 -45.98 -4.43 64.62
CA ILE F 67 -45.25 -5.67 64.36
C ILE F 67 -43.94 -5.32 63.68
N ARG F 68 -42.83 -5.88 64.18
CA ARG F 68 -41.52 -5.65 63.60
C ARG F 68 -41.08 -6.93 62.90
N ILE F 69 -40.67 -6.80 61.63
CA ILE F 69 -40.36 -7.94 60.77
C ILE F 69 -38.87 -7.92 60.45
N GLY F 70 -38.22 -9.06 60.63
CA GLY F 70 -36.84 -9.26 60.22
C GLY F 70 -36.77 -10.24 59.06
N ALA F 71 -36.14 -9.80 57.97
CA ALA F 71 -36.17 -10.56 56.73
C ALA F 71 -34.78 -10.82 56.18
N VAL F 72 -34.54 -12.06 55.75
CA VAL F 72 -33.40 -12.43 54.92
C VAL F 72 -33.99 -12.88 53.60
N LEU F 73 -33.94 -11.99 52.60
CA LEU F 73 -34.52 -12.23 51.28
C LEU F 73 -33.55 -11.70 50.24
N HIS F 74 -33.83 -12.04 48.99
CA HIS F 74 -33.06 -11.46 47.89
C HIS F 74 -33.52 -10.02 47.67
N VAL F 75 -32.58 -9.09 47.76
CA VAL F 75 -32.91 -7.66 47.70
C VAL F 75 -33.14 -7.26 46.26
N THR F 76 -34.37 -7.42 45.79
CA THR F 76 -34.75 -7.13 44.42
C THR F 76 -35.85 -6.07 44.41
N LYS F 77 -36.16 -5.58 43.22
CA LYS F 77 -37.29 -4.68 43.07
C LYS F 77 -38.58 -5.34 43.52
N GLU F 78 -38.65 -6.67 43.47
CA GLU F 78 -39.85 -7.40 43.89
C GLU F 78 -39.93 -7.53 45.41
N THR F 79 -38.80 -7.79 46.07
CA THR F 79 -38.78 -7.75 47.52
C THR F 79 -39.09 -6.35 48.03
N ALA F 80 -38.73 -5.33 47.25
CA ALA F 80 -39.07 -3.95 47.61
C ALA F 80 -40.57 -3.72 47.57
N VAL F 81 -41.25 -4.29 46.57
CA VAL F 81 -42.70 -4.15 46.47
C VAL F 81 -43.40 -4.95 47.57
N LEU F 82 -42.82 -6.07 47.98
CA LEU F 82 -43.39 -6.85 49.07
C LEU F 82 -43.16 -6.16 50.41
N VAL F 83 -41.93 -5.72 50.65
CA VAL F 83 -41.58 -5.15 51.95
C VAL F 83 -42.30 -3.83 52.19
N GLU F 84 -42.49 -3.03 51.15
CA GLU F 84 -43.22 -1.77 51.31
C GLU F 84 -44.71 -2.01 51.48
N THR F 85 -45.22 -3.13 50.93
CA THR F 85 -46.59 -3.53 51.23
C THR F 85 -46.73 -3.84 52.71
N LEU F 86 -45.70 -4.44 53.30
CA LEU F 86 -45.69 -4.68 54.73
C LEU F 86 -45.58 -3.37 55.50
N LYS F 87 -44.77 -2.43 54.99
CA LYS F 87 -44.67 -1.12 55.61
C LYS F 87 -46.00 -0.39 55.58
N ALA F 88 -46.75 -0.54 54.48
CA ALA F 88 -48.08 0.05 54.39
C ALA F 88 -49.02 -0.56 55.43
N GLY F 89 -48.85 -1.83 55.73
CA GLY F 89 -49.63 -2.50 56.76
C GLY F 89 -49.25 -2.16 58.18
N GLY F 90 -48.31 -1.25 58.38
CA GLY F 90 -47.95 -0.81 59.71
C GLY F 90 -46.80 -1.53 60.36
N ALA F 91 -45.99 -2.26 59.59
CA ALA F 91 -44.89 -3.03 60.15
C ALA F 91 -43.57 -2.27 60.02
N GLU F 92 -42.64 -2.58 60.92
CA GLU F 92 -41.28 -2.06 60.85
C GLU F 92 -40.37 -3.20 60.41
N ILE F 93 -39.66 -2.99 59.30
CA ILE F 93 -38.97 -4.09 58.64
C ILE F 93 -37.48 -3.80 58.54
N ALA F 94 -36.68 -4.81 58.88
CA ALA F 94 -35.24 -4.81 58.63
C ALA F 94 -34.94 -5.92 57.65
N LEU F 95 -34.20 -5.60 56.59
CA LEU F 95 -33.97 -6.51 55.47
C LEU F 95 -32.47 -6.76 55.31
N ALA F 96 -32.11 -8.01 55.07
CA ALA F 96 -30.74 -8.37 54.75
C ALA F 96 -30.75 -9.26 53.52
N GLY F 97 -29.70 -9.14 52.70
CA GLY F 97 -29.65 -9.91 51.48
C GLY F 97 -29.56 -11.40 51.76
N SER F 98 -30.24 -12.19 50.94
CA SER F 98 -30.23 -13.63 51.14
C SER F 98 -29.00 -14.29 50.54
N ASN F 99 -28.34 -13.63 49.59
CA ASN F 99 -27.17 -14.13 48.92
C ASN F 99 -26.24 -12.95 48.70
N PRO F 100 -24.93 -13.13 48.84
CA PRO F 100 -24.00 -11.99 48.79
C PRO F 100 -23.95 -11.27 47.44
N LEU F 101 -24.49 -11.83 46.35
CA LEU F 101 -24.44 -11.18 45.06
C LEU F 101 -25.79 -10.92 44.40
N SER F 102 -26.91 -11.19 45.08
CA SER F 102 -28.21 -10.96 44.46
C SER F 102 -28.71 -9.53 44.67
N THR F 103 -28.20 -8.82 45.68
CA THR F 103 -28.67 -7.49 46.01
C THR F 103 -28.55 -6.56 44.81
N GLN F 104 -29.67 -5.93 44.45
CA GLN F 104 -29.70 -4.85 43.47
C GLN F 104 -29.49 -3.52 44.17
N ASP F 105 -28.31 -2.91 43.96
CA ASP F 105 -27.91 -1.75 44.76
C ASP F 105 -28.86 -0.56 44.59
N ASP F 106 -29.33 -0.30 43.37
CA ASP F 106 -30.28 0.79 43.20
C ASP F 106 -31.59 0.49 43.93
N VAL F 107 -32.01 -0.77 43.94
CA VAL F 107 -33.24 -1.11 44.67
C VAL F 107 -33.01 -0.96 46.17
N ALA F 108 -31.82 -1.32 46.64
CA ALA F 108 -31.49 -1.12 48.03
C ALA F 108 -31.43 0.36 48.38
N ALA F 109 -30.90 1.17 47.46
CA ALA F 109 -30.92 2.62 47.63
C ALA F 109 -32.33 3.15 47.78
N GLY F 110 -33.21 2.80 46.84
CA GLY F 110 -34.59 3.25 46.90
C GLY F 110 -35.29 2.90 48.20
N LEU F 111 -34.99 1.72 48.76
CA LEU F 111 -35.59 1.33 50.03
C LEU F 111 -35.06 2.17 51.19
N ALA F 112 -33.80 2.61 51.12
CA ALA F 112 -33.24 3.43 52.19
C ALA F 112 -33.84 4.83 52.20
N LYS F 113 -34.07 5.42 51.02
CA LYS F 113 -34.76 6.69 50.98
C LYS F 113 -36.17 6.62 51.55
N ASN F 114 -36.79 5.45 51.55
CA ASN F 114 -38.03 5.27 52.30
C ASN F 114 -37.67 4.84 53.72
N GLY F 115 -38.51 4.04 54.37
CA GLY F 115 -38.24 3.75 55.77
C GLY F 115 -37.73 2.37 56.13
N ILE F 116 -37.04 1.72 55.20
CA ILE F 116 -36.64 0.32 55.36
C ILE F 116 -35.19 0.29 55.82
N HIS F 117 -34.96 -0.35 56.97
CA HIS F 117 -33.61 -0.56 57.48
C HIS F 117 -32.96 -1.69 56.69
N VAL F 118 -32.49 -1.35 55.50
CA VAL F 118 -31.92 -2.31 54.56
C VAL F 118 -30.40 -2.29 54.71
N TYR F 119 -29.84 -3.45 55.08
CA TYR F 119 -28.41 -3.64 55.26
C TYR F 119 -27.91 -4.71 54.30
N ALA F 120 -27.58 -4.29 53.08
CA ALA F 120 -27.17 -5.22 52.03
C ALA F 120 -26.57 -4.43 50.87
N TRP F 121 -25.62 -5.05 50.17
CA TRP F 121 -25.03 -4.51 48.96
C TRP F 121 -24.40 -5.65 48.19
N ARG F 122 -24.20 -5.46 46.90
CA ARG F 122 -23.53 -6.48 46.10
C ARG F 122 -22.04 -6.52 46.42
N GLY F 123 -21.51 -7.72 46.51
CA GLY F 123 -20.10 -7.92 46.81
C GLY F 123 -19.77 -8.22 48.25
N GLU F 124 -20.75 -8.64 49.04
CA GLU F 124 -20.53 -8.92 50.46
C GLU F 124 -19.56 -10.07 50.62
N THR F 125 -18.86 -10.08 51.75
CA THR F 125 -18.10 -11.23 52.20
C THR F 125 -18.97 -12.01 53.19
N GLU F 126 -18.58 -13.25 53.47
CA GLU F 126 -19.35 -14.04 54.42
C GLU F 126 -19.36 -13.38 55.79
N LYS F 127 -18.29 -12.65 56.13
CA LYS F 127 -18.32 -11.85 57.35
C LYS F 127 -19.33 -10.72 57.22
N ASP F 128 -19.31 -10.02 56.10
CA ASP F 128 -20.30 -8.98 55.84
C ASP F 128 -21.72 -9.54 55.90
N TYR F 129 -21.91 -10.74 55.34
CA TYR F 129 -23.23 -11.37 55.32
C TYR F 129 -23.79 -11.55 56.73
N TYR F 130 -23.01 -12.14 57.63
CA TYR F 130 -23.52 -12.38 58.97
C TYR F 130 -23.44 -11.15 59.86
N ASP F 131 -22.60 -10.17 59.52
CA ASP F 131 -22.67 -8.89 60.20
C ASP F 131 -24.00 -8.20 59.92
N ASN F 132 -24.44 -8.22 58.66
CA ASN F 132 -25.73 -7.65 58.29
C ASN F 132 -26.89 -8.42 58.90
N ILE F 133 -26.72 -9.71 59.20
CA ILE F 133 -27.78 -10.50 59.81
C ILE F 133 -27.96 -10.16 61.29
N ARG F 134 -26.85 -9.92 62.02
CA ARG F 134 -26.96 -9.51 63.42
C ARG F 134 -27.70 -8.19 63.54
N GLU F 135 -27.55 -7.32 62.55
CA GLU F 135 -28.30 -6.07 62.50
C GLU F 135 -29.80 -6.34 62.43
N ILE F 136 -30.23 -7.29 61.60
CA ILE F 136 -31.65 -7.60 61.51
C ILE F 136 -32.17 -8.04 62.87
N LEU F 137 -31.31 -8.65 63.68
CA LEU F 137 -31.70 -9.14 64.99
C LEU F 137 -31.53 -8.08 66.08
N LYS F 138 -30.96 -6.92 65.78
CA LYS F 138 -30.86 -5.90 66.82
C LYS F 138 -32.24 -5.33 67.15
N TYR F 139 -33.15 -5.33 66.17
CA TYR F 139 -34.49 -4.79 66.32
C TYR F 139 -35.45 -5.74 67.03
N GLU F 140 -35.02 -6.94 67.38
CA GLU F 140 -35.86 -7.91 68.07
C GLU F 140 -37.16 -8.15 67.29
N PRO F 141 -37.12 -8.87 66.19
CA PRO F 141 -38.31 -8.98 65.34
C PRO F 141 -39.35 -9.91 65.95
N HIS F 142 -40.62 -9.64 65.62
CA HIS F 142 -41.69 -10.57 65.98
C HIS F 142 -41.88 -11.66 64.92
N VAL F 143 -41.59 -11.36 63.66
CA VAL F 143 -41.72 -12.33 62.59
C VAL F 143 -40.39 -12.43 61.86
N ILE F 144 -40.01 -13.64 61.48
CA ILE F 144 -38.76 -13.91 60.78
C ILE F 144 -39.16 -14.31 59.36
N MET F 145 -38.77 -13.50 58.39
CA MET F 145 -38.98 -13.84 56.99
C MET F 145 -37.65 -14.26 56.41
N ASP F 146 -37.57 -15.51 55.94
CA ASP F 146 -36.32 -16.08 55.50
C ASP F 146 -36.48 -16.63 54.10
N ASP F 147 -35.37 -16.69 53.38
CA ASP F 147 -35.36 -17.24 52.03
C ASP F 147 -34.68 -18.60 51.97
N GLY F 148 -33.43 -18.70 52.42
CA GLY F 148 -32.74 -19.97 52.39
C GLY F 148 -32.61 -20.74 53.69
N GLY F 149 -33.19 -20.24 54.79
CA GLY F 149 -33.07 -20.92 56.06
C GLY F 149 -31.97 -20.39 56.97
N ASP F 150 -31.12 -19.48 56.46
CA ASP F 150 -30.00 -19.00 57.25
C ASP F 150 -30.46 -18.17 58.44
N LEU F 151 -31.46 -17.32 58.25
CA LEU F 151 -31.97 -16.51 59.36
C LEU F 151 -32.70 -17.38 60.40
N HIS F 152 -33.49 -18.36 59.96
CA HIS F 152 -34.16 -19.24 60.91
C HIS F 152 -33.15 -20.05 61.73
N ALA F 153 -32.10 -20.54 61.08
CA ALA F 153 -31.12 -21.37 61.79
C ALA F 153 -30.32 -20.54 62.79
N TYR F 154 -29.83 -19.37 62.35
CA TYR F 154 -29.04 -18.52 63.23
C TYR F 154 -29.83 -18.12 64.47
N VAL F 155 -31.10 -17.73 64.29
CA VAL F 155 -31.88 -17.22 65.42
C VAL F 155 -31.99 -18.29 66.50
N HIS F 156 -31.92 -19.56 66.11
CA HIS F 156 -31.94 -20.70 67.04
C HIS F 156 -30.56 -21.00 67.59
N GLU F 157 -29.52 -20.85 66.75
CA GLU F 157 -28.17 -21.22 67.13
C GLU F 157 -27.60 -20.30 68.20
N ASN F 158 -28.03 -19.04 68.22
CA ASN F 158 -27.57 -18.06 69.18
C ASN F 158 -28.64 -17.72 70.22
N ASN F 159 -29.71 -18.52 70.28
CA ASN F 159 -30.72 -18.45 71.34
C ASN F 159 -31.32 -17.06 71.49
N LEU F 160 -31.63 -16.41 70.36
CA LEU F 160 -32.41 -15.20 70.47
C LEU F 160 -33.86 -15.64 70.65
N THR F 161 -34.64 -15.68 69.57
CA THR F 161 -35.97 -16.26 69.59
C THR F 161 -36.93 -15.84 70.73
N SER F 162 -36.45 -15.06 71.71
CA SER F 162 -37.26 -14.77 72.89
C SER F 162 -38.60 -14.15 72.51
N LYS F 163 -38.58 -13.11 71.69
CA LYS F 163 -39.77 -12.36 71.33
C LYS F 163 -40.42 -12.87 70.03
N ILE F 164 -39.89 -13.92 69.42
CA ILE F 164 -40.35 -14.37 68.10
C ILE F 164 -41.62 -15.19 68.22
N VAL F 165 -42.65 -14.79 67.47
CA VAL F 165 -43.95 -15.46 67.47
C VAL F 165 -44.09 -16.42 66.28
N GLY F 166 -43.40 -16.15 65.19
CA GLY F 166 -43.49 -17.01 64.03
C GLY F 166 -42.69 -16.47 62.86
N GLY F 167 -42.70 -17.23 61.77
CA GLY F 167 -41.90 -16.87 60.61
C GLY F 167 -42.39 -17.51 59.32
N THR F 168 -41.72 -17.13 58.22
CA THR F 168 -42.02 -17.67 56.90
C THR F 168 -40.74 -18.14 56.22
N GLU F 169 -40.88 -19.14 55.35
CA GLU F 169 -39.77 -19.73 54.60
C GLU F 169 -40.08 -19.72 53.11
N GLU F 170 -39.13 -19.22 52.32
CA GLU F 170 -39.34 -18.93 50.90
C GLU F 170 -38.94 -20.04 49.94
N THR F 171 -37.89 -20.80 50.20
CA THR F 171 -37.36 -21.69 49.18
C THR F 171 -37.36 -23.13 49.66
N THR F 172 -37.28 -24.05 48.70
CA THR F 172 -37.31 -25.48 49.01
C THR F 172 -36.20 -25.85 50.00
N THR F 173 -34.98 -25.37 49.77
CA THR F 173 -33.88 -25.75 50.66
C THR F 173 -34.14 -25.28 52.09
N GLY F 174 -34.80 -24.13 52.26
CA GLY F 174 -35.11 -23.64 53.59
C GLY F 174 -36.16 -24.47 54.30
N VAL F 175 -37.10 -25.03 53.56
CA VAL F 175 -38.16 -25.85 54.17
C VAL F 175 -37.58 -27.17 54.68
N ILE F 176 -36.63 -27.75 53.95
CA ILE F 176 -35.99 -28.99 54.40
C ILE F 176 -35.26 -28.77 55.72
N ARG F 177 -34.51 -27.67 55.83
CA ARG F 177 -33.80 -27.37 57.08
C ARG F 177 -34.76 -27.23 58.26
N LEU F 178 -35.86 -26.49 58.06
CA LEU F 178 -36.82 -26.35 59.16
C LEU F 178 -37.45 -27.69 59.49
N LYS F 179 -37.53 -28.60 58.50
CA LYS F 179 -38.05 -29.93 58.76
C LYS F 179 -37.07 -30.73 59.62
N ALA F 180 -35.77 -30.55 59.38
CA ALA F 180 -34.78 -31.16 60.26
C ALA F 180 -34.82 -30.53 61.65
N MET F 181 -34.93 -29.19 61.71
CA MET F 181 -35.08 -28.51 62.99
C MET F 181 -36.31 -28.97 63.76
N GLU F 182 -37.41 -29.24 63.06
CA GLU F 182 -38.65 -29.60 63.76
C GLU F 182 -38.66 -31.07 64.19
N GLU F 183 -38.16 -31.97 63.35
CA GLU F 183 -38.02 -33.36 63.77
C GLU F 183 -37.01 -33.51 64.90
N GLU F 184 -36.10 -32.55 65.04
CA GLU F 184 -35.12 -32.49 66.11
C GLU F 184 -35.65 -31.83 67.37
N LYS F 185 -36.89 -31.35 67.35
CA LYS F 185 -37.53 -30.69 68.51
C LYS F 185 -36.71 -29.48 68.97
N VAL F 186 -36.14 -28.76 68.01
CA VAL F 186 -35.45 -27.51 68.33
C VAL F 186 -36.25 -26.28 67.91
N LEU F 187 -37.16 -26.41 66.95
CA LEU F 187 -37.97 -25.28 66.49
C LEU F 187 -38.80 -24.69 67.62
N LYS F 188 -38.83 -23.36 67.68
CA LYS F 188 -39.41 -22.65 68.81
C LYS F 188 -40.65 -21.84 68.49
N TYR F 189 -40.92 -21.57 67.21
CA TYR F 189 -42.12 -20.89 66.79
C TYR F 189 -42.68 -21.59 65.56
N PRO F 190 -43.97 -21.39 65.25
CA PRO F 190 -44.50 -21.95 64.01
C PRO F 190 -43.97 -21.18 62.81
N VAL F 191 -43.73 -21.91 61.72
CA VAL F 191 -43.19 -21.33 60.51
C VAL F 191 -44.04 -21.80 59.34
N ILE F 192 -44.42 -20.87 58.46
CA ILE F 192 -45.24 -21.17 57.30
C ILE F 192 -44.31 -21.34 56.11
N ALA F 193 -44.29 -22.54 55.54
CA ALA F 193 -43.50 -22.86 54.36
C ALA F 193 -44.26 -22.39 53.12
N VAL F 194 -44.07 -21.12 52.77
CA VAL F 194 -44.79 -20.56 51.62
C VAL F 194 -44.35 -21.27 50.34
N ASN F 195 -43.20 -21.93 50.37
CA ASN F 195 -42.73 -22.66 49.20
C ASN F 195 -43.70 -23.75 48.77
N ASN F 196 -44.42 -24.34 49.73
CA ASN F 196 -45.30 -25.47 49.44
C ASN F 196 -46.68 -25.05 48.97
N ALA F 197 -46.95 -23.75 48.88
CA ALA F 197 -48.23 -23.31 48.34
C ALA F 197 -48.26 -23.58 46.85
N PHE F 198 -49.42 -24.06 46.36
CA PHE F 198 -49.54 -24.40 44.95
C PHE F 198 -49.21 -23.20 44.08
N THR F 199 -49.68 -22.01 44.49
CA THR F 199 -49.38 -20.79 43.76
C THR F 199 -47.91 -20.38 43.86
N LYS F 200 -47.10 -21.10 44.62
CA LYS F 200 -45.66 -20.82 44.67
C LYS F 200 -44.86 -21.82 43.83
N TYR F 201 -44.80 -23.09 44.26
CA TYR F 201 -43.89 -24.02 43.61
C TYR F 201 -44.32 -24.33 42.18
N LEU F 202 -45.61 -24.20 41.85
CA LEU F 202 -46.04 -24.43 40.48
C LEU F 202 -45.73 -23.28 39.53
N PHE F 203 -45.41 -22.10 40.06
CA PHE F 203 -45.18 -20.94 39.22
C PHE F 203 -43.83 -20.29 39.50
N ASP F 204 -43.51 -20.07 40.77
CA ASP F 204 -42.18 -19.57 41.12
C ASP F 204 -41.11 -20.60 40.78
N ASN F 205 -41.16 -21.77 41.42
CA ASN F 205 -40.10 -22.76 41.25
C ASN F 205 -40.02 -23.29 39.82
N ARG F 206 -41.16 -23.46 39.16
CA ARG F 206 -41.18 -24.08 37.83
C ARG F 206 -41.08 -23.02 36.73
N ILE F 207 -42.08 -22.16 36.62
CA ILE F 207 -42.14 -21.20 35.54
C ILE F 207 -41.07 -20.12 35.70
N GLY F 208 -40.94 -19.58 36.92
CA GLY F 208 -40.00 -18.49 37.13
C GLY F 208 -38.55 -18.88 36.92
N THR F 209 -38.10 -19.93 37.60
CA THR F 209 -36.70 -20.33 37.48
C THR F 209 -36.37 -20.80 36.06
N GLY F 210 -37.34 -21.32 35.33
CA GLY F 210 -37.10 -21.71 33.95
C GLY F 210 -36.63 -20.54 33.09
N GLN F 211 -37.39 -19.44 33.10
CA GLN F 211 -37.01 -18.27 32.31
C GLN F 211 -35.77 -17.58 32.85
N SER F 212 -35.78 -17.23 34.14
CA SER F 212 -34.68 -16.44 34.70
C SER F 212 -33.34 -17.18 34.57
N THR F 213 -33.34 -18.49 34.79
CA THR F 213 -32.08 -19.23 34.70
C THR F 213 -31.55 -19.23 33.28
N ILE F 214 -32.41 -19.47 32.28
CA ILE F 214 -31.98 -19.35 30.90
C ILE F 214 -31.57 -17.92 30.60
N ASP F 215 -32.32 -16.96 31.16
CA ASP F 215 -31.98 -15.55 31.01
C ASP F 215 -30.62 -15.27 31.64
N GLY F 216 -30.39 -15.81 32.85
CA GLY F 216 -29.09 -15.65 33.48
C GLY F 216 -27.95 -16.26 32.67
N ILE F 217 -28.17 -17.43 32.09
CA ILE F 217 -27.16 -18.06 31.23
C ILE F 217 -26.85 -17.18 30.03
N LEU F 218 -27.89 -16.58 29.44
CA LEU F 218 -27.71 -15.75 28.26
C LEU F 218 -27.01 -14.43 28.57
N ARG F 219 -27.10 -13.96 29.81
CA ARG F 219 -26.43 -12.71 30.18
C ARG F 219 -24.96 -12.90 30.54
N ALA F 220 -24.58 -14.04 31.12
CA ALA F 220 -23.19 -14.29 31.44
C ALA F 220 -22.38 -14.72 30.22
N THR F 221 -23.05 -15.32 29.25
CA THR F 221 -22.49 -15.84 28.01
C THR F 221 -23.52 -15.55 26.92
N ASN F 222 -23.09 -15.17 25.73
CA ASN F 222 -24.07 -15.12 24.64
C ASN F 222 -24.06 -16.45 23.89
N ILE F 223 -24.41 -17.51 24.60
CA ILE F 223 -24.34 -18.87 24.09
C ILE F 223 -25.59 -19.17 23.29
N LEU F 224 -25.40 -19.87 22.17
CA LEU F 224 -26.52 -20.43 21.42
C LEU F 224 -27.00 -21.69 22.15
N ILE F 225 -28.28 -21.73 22.50
CA ILE F 225 -28.79 -22.90 23.21
C ILE F 225 -29.17 -24.01 22.23
N ALA F 226 -29.64 -23.64 21.04
CA ALA F 226 -30.30 -24.55 20.11
C ALA F 226 -29.51 -25.83 19.83
N GLY F 227 -28.29 -25.74 19.33
CA GLY F 227 -27.76 -27.00 18.90
C GLY F 227 -27.11 -27.84 19.98
N LYS F 228 -27.23 -27.43 21.24
CA LYS F 228 -26.35 -27.92 22.29
C LYS F 228 -27.01 -29.01 23.11
N VAL F 229 -26.15 -29.82 23.74
CA VAL F 229 -26.59 -30.80 24.73
C VAL F 229 -26.62 -30.10 26.09
N ALA F 230 -27.81 -29.90 26.63
CA ALA F 230 -27.97 -29.29 27.93
C ALA F 230 -28.33 -30.38 28.95
N VAL F 231 -27.60 -30.40 30.06
CA VAL F 231 -27.82 -31.38 31.12
C VAL F 231 -28.41 -30.66 32.31
N VAL F 232 -29.60 -31.08 32.71
CA VAL F 232 -30.28 -30.56 33.90
C VAL F 232 -30.16 -31.65 34.96
N ILE F 233 -29.45 -31.35 36.04
CA ILE F 233 -29.31 -32.28 37.15
C ILE F 233 -30.36 -31.89 38.18
N GLY F 234 -31.36 -32.75 38.36
CA GLY F 234 -32.47 -32.44 39.22
C GLY F 234 -33.70 -32.17 38.37
N TYR F 235 -34.71 -33.01 38.49
CA TYR F 235 -35.97 -32.86 37.76
C TYR F 235 -37.13 -32.62 38.70
N GLY F 236 -36.93 -31.79 39.72
CA GLY F 236 -38.02 -31.30 40.52
C GLY F 236 -38.75 -30.19 39.80
N TRP F 237 -39.40 -29.34 40.59
CA TRP F 237 -40.18 -28.27 40.00
C TRP F 237 -39.27 -27.25 39.32
N VAL F 238 -38.10 -27.01 39.89
CA VAL F 238 -37.15 -26.10 39.28
C VAL F 238 -36.53 -26.72 38.03
N GLY F 239 -36.06 -27.96 38.15
CA GLY F 239 -35.34 -28.59 37.05
C GLY F 239 -36.22 -28.86 35.84
N ARG F 240 -37.48 -29.23 36.06
CA ARG F 240 -38.39 -29.47 34.94
C ARG F 240 -38.75 -28.16 34.24
N GLY F 241 -38.78 -27.05 34.97
CA GLY F 241 -38.96 -25.75 34.32
C GLY F 241 -37.75 -25.36 33.49
N ILE F 242 -36.55 -25.68 33.97
CA ILE F 242 -35.33 -25.39 33.23
C ILE F 242 -35.22 -26.30 32.00
N ALA F 243 -35.53 -27.59 32.17
CA ALA F 243 -35.52 -28.49 31.02
C ALA F 243 -36.55 -28.08 29.98
N SER F 244 -37.74 -27.67 30.42
CA SER F 244 -38.77 -27.21 29.49
C SER F 244 -38.30 -26.03 28.66
N ARG F 245 -37.58 -25.10 29.29
CA ARG F 245 -37.16 -23.89 28.60
C ARG F 245 -35.90 -24.10 27.76
N PHE F 246 -34.99 -24.97 28.20
CA PHE F 246 -33.92 -25.41 27.32
C PHE F 246 -34.48 -26.06 26.06
N LYS F 247 -35.48 -26.93 26.22
CA LYS F 247 -36.12 -27.56 25.07
C LYS F 247 -36.84 -26.52 24.22
N GLY F 248 -37.49 -25.54 24.84
CA GLY F 248 -38.14 -24.48 24.10
C GLY F 248 -37.19 -23.54 23.40
N MET F 249 -35.94 -23.47 23.86
CA MET F 249 -34.90 -22.71 23.18
C MET F 249 -34.15 -23.55 22.17
N GLY F 250 -34.56 -24.80 21.96
CA GLY F 250 -33.98 -25.63 20.93
C GLY F 250 -32.92 -26.62 21.34
N ALA F 251 -32.63 -26.75 22.64
CA ALA F 251 -31.54 -27.63 23.07
C ALA F 251 -31.98 -29.10 23.15
N ARG F 252 -30.97 -29.98 23.11
CA ARG F 252 -31.14 -31.41 23.36
C ARG F 252 -30.94 -31.65 24.86
N VAL F 253 -32.02 -31.92 25.57
CA VAL F 253 -31.99 -31.91 27.03
C VAL F 253 -31.73 -33.31 27.55
N ILE F 254 -30.76 -33.42 28.45
CA ILE F 254 -30.46 -34.65 29.17
C ILE F 254 -30.71 -34.38 30.66
N VAL F 255 -31.41 -35.28 31.32
CA VAL F 255 -31.75 -35.14 32.73
C VAL F 255 -31.01 -36.19 33.54
N VAL F 256 -30.46 -35.75 34.68
CA VAL F 256 -29.90 -36.66 35.69
C VAL F 256 -30.80 -36.55 36.90
N GLU F 257 -31.26 -37.70 37.41
CA GLU F 257 -32.16 -37.73 38.55
C GLU F 257 -31.72 -38.84 39.50
N SER F 258 -32.01 -38.64 40.78
CA SER F 258 -31.76 -39.64 41.80
C SER F 258 -33.03 -40.30 42.29
N SER F 259 -34.18 -39.76 41.95
CA SER F 259 -35.51 -40.28 42.27
C SER F 259 -36.02 -41.15 41.14
N PRO F 260 -36.44 -42.38 41.41
CA PRO F 260 -37.06 -43.19 40.33
C PRO F 260 -38.34 -42.59 39.77
N PHE F 261 -39.21 -41.99 40.59
CA PHE F 261 -40.41 -41.39 40.04
C PHE F 261 -40.09 -40.25 39.09
N ARG F 262 -39.22 -39.35 39.52
CA ARG F 262 -38.96 -38.13 38.75
C ARG F 262 -38.09 -38.42 37.53
N ALA F 263 -37.24 -39.44 37.60
CA ALA F 263 -36.52 -39.85 36.40
C ALA F 263 -37.47 -40.43 35.37
N LEU F 264 -38.48 -41.17 35.83
CA LEU F 264 -39.46 -41.74 34.92
C LEU F 264 -40.34 -40.63 34.30
N GLU F 265 -40.68 -39.59 35.08
CA GLU F 265 -41.34 -38.43 34.48
C GLU F 265 -40.47 -37.77 33.42
N ALA F 266 -39.17 -37.61 33.69
CA ALA F 266 -38.32 -36.92 32.73
C ALA F 266 -38.17 -37.74 31.46
N LEU F 267 -38.12 -39.07 31.58
CA LEU F 267 -38.07 -39.93 30.40
C LEU F 267 -39.35 -39.79 29.59
N MET F 268 -40.50 -39.86 30.25
CA MET F 268 -41.78 -39.77 29.57
C MET F 268 -42.05 -38.37 29.03
N ASP F 269 -41.29 -37.37 29.46
CA ASP F 269 -41.36 -36.05 28.86
C ASP F 269 -40.44 -35.91 27.66
N GLY F 270 -39.83 -37.01 27.21
CA GLY F 270 -39.06 -37.04 25.99
C GLY F 270 -37.60 -36.70 26.13
N PHE F 271 -37.08 -36.67 27.35
CA PHE F 271 -35.69 -36.28 27.60
C PHE F 271 -34.84 -37.51 27.85
N ASP F 272 -33.61 -37.48 27.32
CA ASP F 272 -32.64 -38.52 27.61
C ASP F 272 -32.26 -38.45 29.09
N VAL F 273 -32.42 -39.56 29.81
CA VAL F 273 -32.11 -39.65 31.23
C VAL F 273 -30.94 -40.60 31.42
N MET F 274 -29.92 -40.16 32.15
CA MET F 274 -28.74 -40.98 32.38
C MET F 274 -28.05 -40.52 33.65
N THR F 275 -26.99 -41.22 34.01
CA THR F 275 -26.14 -40.86 35.13
C THR F 275 -25.27 -39.67 34.78
N MET F 276 -24.78 -38.98 35.81
CA MET F 276 -23.84 -37.88 35.60
C MET F 276 -22.57 -38.34 34.91
N ASN F 277 -22.12 -39.57 35.17
CA ASN F 277 -20.91 -40.08 34.53
C ASN F 277 -21.07 -40.17 33.01
N ARG F 278 -22.23 -40.64 32.54
CA ARG F 278 -22.46 -40.67 31.09
C ARG F 278 -22.67 -39.26 30.56
N ALA F 279 -23.47 -38.45 31.27
CA ALA F 279 -23.76 -37.09 30.83
C ALA F 279 -22.52 -36.21 30.85
N SER F 280 -21.53 -36.52 31.70
CA SER F 280 -20.37 -35.65 31.85
C SER F 280 -19.61 -35.48 30.54
N GLU F 281 -19.56 -36.52 29.72
CA GLU F 281 -18.79 -36.55 28.49
C GLU F 281 -19.56 -36.05 27.28
N ILE F 282 -20.84 -35.72 27.42
CA ILE F 282 -21.70 -35.46 26.28
C ILE F 282 -22.14 -34.01 26.33
N GLY F 283 -22.34 -33.50 27.54
CA GLY F 283 -22.97 -32.20 27.72
C GLY F 283 -22.12 -31.02 27.30
N ASP F 284 -22.80 -30.00 26.78
CA ASP F 284 -22.22 -28.69 26.53
C ASP F 284 -22.53 -27.71 27.64
N ILE F 285 -23.72 -27.82 28.24
CA ILE F 285 -24.16 -26.99 29.35
C ILE F 285 -24.64 -27.89 30.48
N PHE F 286 -24.24 -27.55 31.71
CA PHE F 286 -24.68 -28.27 32.89
C PHE F 286 -25.29 -27.28 33.88
N VAL F 287 -26.56 -27.49 34.22
CA VAL F 287 -27.27 -26.67 35.21
C VAL F 287 -27.83 -27.58 36.30
N THR F 288 -27.53 -27.24 37.55
CA THR F 288 -27.95 -28.05 38.69
C THR F 288 -29.18 -27.45 39.37
N ALA F 289 -30.10 -28.33 39.79
CA ALA F 289 -31.33 -27.89 40.46
C ALA F 289 -31.74 -28.93 41.50
N THR F 290 -30.78 -29.35 42.33
CA THR F 290 -31.01 -30.19 43.50
C THR F 290 -30.90 -29.34 44.76
N GLY F 291 -31.26 -29.92 45.90
CA GLY F 291 -30.93 -29.26 47.15
C GLY F 291 -29.77 -29.92 47.85
N ASN F 292 -28.77 -30.36 47.07
CA ASN F 292 -27.82 -31.35 47.54
C ASN F 292 -26.41 -30.90 47.23
N LEU F 293 -25.46 -31.73 47.62
CA LEU F 293 -24.05 -31.39 47.65
C LEU F 293 -23.29 -32.17 46.60
N ASN F 294 -22.40 -31.48 45.90
CA ASN F 294 -21.51 -32.08 44.89
C ASN F 294 -22.24 -33.01 43.94
N VAL F 295 -23.36 -32.53 43.39
CA VAL F 295 -24.05 -33.31 42.38
C VAL F 295 -23.29 -33.23 41.06
N VAL F 296 -22.52 -32.16 40.87
CA VAL F 296 -21.52 -32.06 39.82
C VAL F 296 -20.16 -32.05 40.51
N SER F 297 -19.44 -33.17 40.42
CA SER F 297 -18.23 -33.37 41.20
C SER F 297 -16.98 -33.02 40.40
N ARG F 298 -15.85 -32.95 41.12
CA ARG F 298 -14.56 -32.72 40.47
C ARG F 298 -14.25 -33.84 39.48
N ASP F 299 -14.56 -35.08 39.86
CA ASP F 299 -14.37 -36.22 38.98
C ASP F 299 -15.22 -36.08 37.71
N HIS F 300 -16.43 -35.53 37.86
CA HIS F 300 -17.28 -35.28 36.70
C HIS F 300 -16.64 -34.28 35.74
N ILE F 301 -16.07 -33.19 36.27
CA ILE F 301 -15.56 -32.11 35.44
C ILE F 301 -14.33 -32.56 34.65
N LEU F 302 -13.57 -33.52 35.18
CA LEU F 302 -12.37 -33.99 34.50
C LEU F 302 -12.68 -34.64 33.15
N ARG F 303 -13.86 -35.27 33.07
CA ARG F 303 -14.24 -36.02 31.87
C ARG F 303 -15.08 -35.15 30.93
N MET F 304 -15.33 -33.92 31.33
CA MET F 304 -16.20 -33.04 30.52
C MET F 304 -15.45 -32.55 29.29
N LYS F 305 -16.18 -31.98 28.33
CA LYS F 305 -15.55 -31.52 27.08
C LYS F 305 -14.96 -30.12 27.21
N ASP F 306 -14.38 -29.61 26.13
CA ASP F 306 -13.81 -28.25 26.11
C ASP F 306 -14.93 -27.27 25.82
N GLY F 307 -15.11 -26.26 26.68
CA GLY F 307 -16.18 -25.27 26.49
C GLY F 307 -17.35 -25.53 27.42
N ALA F 308 -17.30 -26.66 28.11
CA ALA F 308 -18.41 -27.03 29.01
C ALA F 308 -18.77 -25.84 29.91
N VAL F 309 -20.04 -25.46 29.91
CA VAL F 309 -20.50 -24.36 30.80
C VAL F 309 -21.20 -24.97 32.01
N LEU F 310 -20.89 -24.46 33.19
CA LEU F 310 -21.50 -24.90 34.44
C LEU F 310 -22.27 -23.74 35.06
N ALA F 311 -23.50 -24.02 35.49
CA ALA F 311 -24.32 -23.03 36.19
C ALA F 311 -25.15 -23.74 37.25
N ASN F 312 -25.56 -22.97 38.28
CA ASN F 312 -26.34 -23.49 39.39
C ASN F 312 -27.65 -22.71 39.55
N SER F 313 -28.74 -23.45 39.79
CA SER F 313 -30.04 -22.83 40.07
C SER F 313 -30.54 -23.07 41.48
N GLY F 314 -29.99 -24.05 42.18
CA GLY F 314 -30.31 -24.24 43.57
C GLY F 314 -29.66 -23.19 44.44
N HIS F 315 -30.15 -23.10 45.68
CA HIS F 315 -29.54 -22.21 46.64
C HIS F 315 -28.23 -22.83 47.13
N PHE F 316 -27.30 -21.94 47.50
CA PHE F 316 -25.99 -22.32 48.03
C PHE F 316 -25.07 -22.80 46.93
N ASN F 317 -23.80 -22.40 46.98
CA ASN F 317 -22.81 -22.66 45.93
C ASN F 317 -22.11 -24.00 46.12
N VAL F 318 -22.82 -25.00 46.63
CA VAL F 318 -22.23 -26.30 46.93
C VAL F 318 -22.76 -27.42 46.05
N GLU F 319 -23.65 -27.11 45.10
CA GLU F 319 -24.15 -28.14 44.21
C GLU F 319 -23.10 -28.54 43.18
N ILE F 320 -22.36 -27.55 42.70
CA ILE F 320 -21.16 -27.77 41.90
C ILE F 320 -19.99 -27.69 42.85
N ASP F 321 -19.08 -28.65 42.76
CA ASP F 321 -17.90 -28.69 43.61
C ASP F 321 -16.98 -27.54 43.19
N VAL F 322 -17.38 -26.32 43.59
CA VAL F 322 -16.62 -25.16 43.18
C VAL F 322 -15.25 -25.15 43.86
N LYS F 323 -15.19 -25.54 45.14
CA LYS F 323 -13.89 -25.65 45.80
C LYS F 323 -13.04 -26.74 45.17
N GLY F 324 -13.66 -27.87 44.80
CA GLY F 324 -12.92 -28.91 44.12
C GLY F 324 -12.41 -28.47 42.76
N LEU F 325 -13.23 -27.71 42.02
CA LEU F 325 -12.80 -27.22 40.71
C LEU F 325 -11.63 -26.25 40.85
N LYS F 326 -11.58 -25.49 41.95
CA LYS F 326 -10.48 -24.55 42.16
C LYS F 326 -9.15 -25.26 42.32
N GLU F 327 -9.15 -26.49 42.85
CA GLU F 327 -7.90 -27.23 43.05
C GLU F 327 -7.49 -28.02 41.82
N ILE F 328 -8.43 -28.33 40.93
CA ILE F 328 -8.10 -29.07 39.71
C ILE F 328 -7.58 -28.14 38.63
N SER F 329 -7.60 -26.84 38.90
CA SER F 329 -7.19 -25.86 37.92
C SER F 329 -5.73 -25.47 38.11
N VAL F 330 -5.10 -25.16 37.00
CA VAL F 330 -3.75 -24.63 36.99
C VAL F 330 -3.76 -23.14 36.69
N GLU F 331 -4.83 -22.64 36.09
CA GLU F 331 -5.01 -21.24 35.75
C GLU F 331 -6.49 -20.90 35.85
N THR F 332 -6.79 -19.73 36.40
CA THR F 332 -8.14 -19.20 36.44
C THR F 332 -8.13 -17.81 35.81
N ARG F 333 -9.24 -17.43 35.20
CA ARG F 333 -9.32 -16.10 34.60
C ARG F 333 -10.78 -15.72 34.40
N GLU F 334 -11.03 -14.42 34.47
CA GLU F 334 -12.37 -13.88 34.26
C GLU F 334 -12.54 -13.47 32.80
N VAL F 335 -13.57 -14.01 32.14
CA VAL F 335 -13.87 -13.62 30.77
C VAL F 335 -14.78 -12.40 30.71
N ARG F 336 -15.82 -12.38 31.52
CA ARG F 336 -16.70 -11.23 31.67
C ARG F 336 -17.42 -11.36 33.01
N GLN F 337 -18.31 -10.40 33.30
CA GLN F 337 -19.05 -10.46 34.56
C GLN F 337 -19.75 -11.81 34.67
N ASN F 338 -19.46 -12.52 35.78
CA ASN F 338 -20.08 -13.78 36.14
C ASN F 338 -19.64 -14.95 35.26
N LEU F 339 -18.57 -14.79 34.46
CA LEU F 339 -18.01 -15.84 33.61
C LEU F 339 -16.54 -16.04 33.99
N GLU F 340 -16.25 -17.15 34.64
CA GLU F 340 -14.89 -17.50 35.03
C GLU F 340 -14.40 -18.67 34.18
N GLU F 341 -13.17 -18.56 33.66
CA GLU F 341 -12.56 -19.63 32.86
C GLU F 341 -11.52 -20.40 33.68
N TYR F 342 -11.58 -21.73 33.60
CA TYR F 342 -10.65 -22.63 34.25
C TYR F 342 -9.95 -23.54 33.24
N LYS F 343 -8.62 -23.61 33.32
CA LYS F 343 -7.84 -24.62 32.60
C LYS F 343 -7.53 -25.81 33.50
N LEU F 344 -7.82 -27.00 33.02
CA LEU F 344 -7.54 -28.23 33.73
C LEU F 344 -6.17 -28.77 33.32
N ARG F 345 -5.64 -29.73 34.08
CA ARG F 345 -4.38 -30.35 33.68
C ARG F 345 -4.51 -31.05 32.33
N ASN F 346 -5.67 -31.61 32.04
CA ASN F 346 -5.89 -32.19 30.72
C ASN F 346 -5.90 -31.13 29.62
N GLY F 347 -5.76 -29.84 29.95
CA GLY F 347 -5.75 -28.75 28.99
C GLY F 347 -7.11 -28.21 28.60
N LYS F 348 -8.19 -28.85 29.00
CA LYS F 348 -9.54 -28.47 28.56
C LYS F 348 -10.05 -27.27 29.35
N ARG F 349 -10.94 -26.51 28.73
CA ARG F 349 -11.51 -25.31 29.34
C ARG F 349 -12.86 -25.64 29.99
N ILE F 350 -13.04 -25.16 31.22
CA ILE F 350 -14.31 -25.28 31.93
C ILE F 350 -14.79 -23.88 32.28
N TYR F 351 -16.04 -23.59 31.90
CA TYR F 351 -16.65 -22.28 32.15
C TYR F 351 -17.61 -22.40 33.34
N LEU F 352 -17.35 -21.61 34.38
CA LEU F 352 -18.22 -21.54 35.54
C LEU F 352 -18.99 -20.22 35.50
N LEU F 353 -20.28 -20.28 35.83
CA LEU F 353 -21.13 -19.10 35.80
C LEU F 353 -21.42 -18.66 37.24
N ALA F 354 -21.27 -17.37 37.49
CA ALA F 354 -21.68 -16.73 38.75
C ALA F 354 -21.03 -17.39 39.96
N ASP F 355 -19.81 -17.90 39.79
CA ASP F 355 -19.07 -18.59 40.87
C ASP F 355 -19.89 -19.70 41.52
N GLY F 356 -20.74 -20.38 40.73
CA GLY F 356 -21.56 -21.44 41.24
C GLY F 356 -22.75 -21.01 42.07
N ARG F 357 -23.08 -19.73 42.10
CA ARG F 357 -24.23 -19.21 42.81
C ARG F 357 -25.44 -19.11 41.89
N LEU F 358 -26.61 -18.84 42.47
CA LEU F 358 -27.89 -18.80 41.77
C LEU F 358 -27.75 -18.00 40.47
N VAL F 359 -27.73 -18.68 39.33
CA VAL F 359 -27.35 -17.98 38.11
C VAL F 359 -28.47 -17.06 37.65
N ASN F 360 -29.72 -17.38 38.00
CA ASN F 360 -30.83 -16.51 37.66
C ASN F 360 -30.73 -15.17 38.41
N LEU F 361 -30.43 -15.23 39.70
CA LEU F 361 -30.41 -14.03 40.55
C LEU F 361 -29.05 -13.33 40.59
N VAL F 362 -27.99 -13.91 40.06
CA VAL F 362 -26.66 -13.32 40.13
C VAL F 362 -26.20 -12.81 38.76
N ALA F 363 -26.51 -13.53 37.69
CA ALA F 363 -26.15 -13.09 36.35
C ALA F 363 -27.28 -12.36 35.66
N ALA F 364 -28.47 -12.34 36.25
CA ALA F 364 -29.62 -11.63 35.72
C ALA F 364 -30.37 -11.03 36.90
N GLU F 365 -31.70 -10.93 36.78
CA GLU F 365 -32.50 -10.22 37.77
C GLU F 365 -33.47 -11.13 38.52
N GLY F 366 -33.26 -12.44 38.49
CA GLY F 366 -34.22 -13.29 39.17
C GLY F 366 -35.52 -13.42 38.39
N HIS F 367 -36.50 -13.98 39.07
CA HIS F 367 -37.79 -14.20 38.44
C HIS F 367 -38.43 -12.86 38.06
N PRO F 368 -39.18 -12.81 36.97
CA PRO F 368 -39.95 -11.60 36.65
C PRO F 368 -40.83 -11.13 37.78
N SER F 369 -41.24 -9.86 37.77
CA SER F 369 -42.11 -9.37 38.83
C SER F 369 -43.48 -10.04 38.76
N GLU F 370 -43.96 -10.37 37.56
CA GLU F 370 -45.29 -10.97 37.45
C GLU F 370 -45.36 -12.32 38.15
N VAL F 371 -44.26 -13.08 38.17
CA VAL F 371 -44.27 -14.37 38.86
C VAL F 371 -44.02 -14.21 40.36
N MET F 372 -43.15 -13.28 40.76
CA MET F 372 -42.96 -13.05 42.19
C MET F 372 -44.21 -12.46 42.84
N ASP F 373 -45.10 -11.86 42.04
CA ASP F 373 -46.39 -11.41 42.55
C ASP F 373 -47.12 -12.53 43.28
N LEU F 374 -47.11 -13.74 42.70
CA LEU F 374 -47.80 -14.87 43.32
C LEU F 374 -47.11 -15.31 44.61
N SER F 375 -45.77 -15.39 44.60
CA SER F 375 -45.06 -15.87 45.78
C SER F 375 -45.16 -14.89 46.94
N PHE F 376 -45.14 -13.59 46.66
CA PHE F 376 -45.15 -12.58 47.70
C PHE F 376 -46.56 -12.24 48.17
N CYS F 377 -47.59 -12.65 47.43
CA CYS F 377 -48.95 -12.59 47.97
C CYS F 377 -49.14 -13.64 49.06
N ASN F 378 -48.60 -14.85 48.84
CA ASN F 378 -48.62 -15.86 49.89
C ASN F 378 -47.78 -15.41 51.08
N GLN F 379 -46.61 -14.84 50.80
CA GLN F 379 -45.74 -14.31 51.85
C GLN F 379 -46.47 -13.28 52.71
N ALA F 380 -47.02 -12.25 52.06
CA ALA F 380 -47.69 -11.16 52.79
C ALA F 380 -48.90 -11.68 53.54
N LEU F 381 -49.77 -12.45 52.86
CA LEU F 381 -50.98 -12.97 53.50
C LEU F 381 -50.66 -13.95 54.61
N SER F 382 -49.51 -14.61 54.55
CA SER F 382 -49.15 -15.56 55.61
C SER F 382 -48.64 -14.85 56.85
N VAL F 383 -48.10 -13.64 56.69
CA VAL F 383 -47.73 -12.84 57.87
C VAL F 383 -48.99 -12.34 58.56
N GLU F 384 -49.95 -11.82 57.80
CA GLU F 384 -51.24 -11.45 58.39
C GLU F 384 -51.89 -12.65 59.07
N HIS F 385 -51.78 -13.83 58.46
CA HIS F 385 -52.33 -15.03 59.08
C HIS F 385 -51.60 -15.40 60.36
N LEU F 386 -50.29 -15.12 60.41
CA LEU F 386 -49.51 -15.41 61.62
C LEU F 386 -49.88 -14.48 62.76
N ILE F 387 -50.27 -13.24 62.46
CA ILE F 387 -50.66 -12.29 63.50
C ILE F 387 -52.09 -12.53 63.98
N LYS F 388 -53.00 -12.85 63.05
CA LYS F 388 -54.38 -13.15 63.45
C LYS F 388 -54.45 -14.31 64.43
N ASN F 389 -53.46 -15.19 64.40
CA ASN F 389 -53.36 -16.33 65.31
C ASN F 389 -52.13 -16.13 66.18
N LYS F 390 -52.04 -16.95 67.22
CA LYS F 390 -50.97 -16.86 68.21
C LYS F 390 -51.16 -18.05 69.14
N GLY F 391 -52.27 -18.76 68.93
CA GLY F 391 -52.57 -20.03 69.57
C GLY F 391 -52.31 -21.23 68.68
N LYS F 392 -51.32 -21.13 67.80
CA LYS F 392 -50.97 -22.26 66.94
C LYS F 392 -49.88 -23.09 67.58
N LEU F 393 -49.70 -24.32 67.08
CA LEU F 393 -48.71 -25.20 67.67
C LEU F 393 -47.34 -24.54 67.56
N GLU F 394 -46.85 -24.17 68.72
CA GLU F 394 -45.75 -23.24 68.96
C GLU F 394 -44.43 -23.89 68.54
N ASN F 395 -44.52 -24.95 67.71
CA ASN F 395 -43.32 -25.71 67.36
C ASN F 395 -43.39 -26.44 66.02
N LYS F 396 -44.20 -26.02 65.05
CA LYS F 396 -44.50 -26.81 63.87
C LYS F 396 -44.36 -25.99 62.60
N VAL F 397 -43.92 -26.64 61.53
CA VAL F 397 -43.95 -26.06 60.19
C VAL F 397 -45.29 -26.37 59.55
N TYR F 398 -45.98 -25.33 59.07
CA TYR F 398 -47.28 -25.46 58.44
C TYR F 398 -47.20 -25.20 56.96
N ASN F 399 -48.11 -25.82 56.21
CA ASN F 399 -48.34 -25.37 54.85
C ASN F 399 -49.22 -24.13 54.87
N VAL F 400 -49.20 -23.41 53.74
CA VAL F 400 -50.03 -22.21 53.61
C VAL F 400 -51.50 -22.59 53.68
N PRO F 401 -52.34 -21.87 54.42
CA PRO F 401 -53.78 -22.18 54.43
C PRO F 401 -54.35 -22.17 53.02
N ILE F 402 -55.12 -23.21 52.71
CA ILE F 402 -55.65 -23.38 51.35
C ILE F 402 -56.58 -22.22 50.99
N GLU F 403 -57.24 -21.62 51.98
CA GLU F 403 -58.05 -20.44 51.71
C GLU F 403 -57.19 -19.27 51.27
N ILE F 404 -56.02 -19.12 51.89
CA ILE F 404 -55.09 -18.08 51.47
C ILE F 404 -54.50 -18.41 50.12
N ASP F 405 -54.09 -19.68 49.94
CA ASP F 405 -53.56 -20.13 48.67
C ASP F 405 -54.54 -19.86 47.52
N GLU F 406 -55.83 -20.16 47.74
CA GLU F 406 -56.80 -19.98 46.66
C GLU F 406 -57.10 -18.51 46.41
N GLN F 407 -57.11 -17.68 47.46
CA GLN F 407 -57.34 -16.25 47.26
C GLN F 407 -56.21 -15.64 46.44
N VAL F 408 -54.98 -16.09 46.66
CA VAL F 408 -53.86 -15.64 45.83
C VAL F 408 -54.11 -15.95 44.37
N ALA F 409 -54.57 -17.17 44.07
CA ALA F 409 -54.84 -17.55 42.69
C ALA F 409 -55.95 -16.71 42.08
N ARG F 410 -57.05 -16.52 42.82
CA ARG F 410 -58.15 -15.73 42.30
C ARG F 410 -57.77 -14.28 42.05
N LEU F 411 -56.89 -13.71 42.88
CA LEU F 411 -56.45 -12.33 42.67
C LEU F 411 -55.67 -12.18 41.37
N LYS F 412 -54.79 -13.13 41.06
CA LYS F 412 -54.04 -13.07 39.82
C LYS F 412 -54.96 -13.21 38.61
N LEU F 413 -55.96 -14.11 38.69
CA LEU F 413 -56.88 -14.29 37.58
C LEU F 413 -57.69 -13.02 37.30
N LYS F 414 -58.27 -12.41 38.35
CA LYS F 414 -58.93 -11.12 38.17
C LYS F 414 -57.99 -10.04 37.63
N ALA F 415 -56.75 -9.98 38.10
CA ALA F 415 -55.85 -8.97 37.54
C ALA F 415 -55.54 -9.26 36.08
N LEU F 416 -55.48 -10.51 35.68
CA LEU F 416 -55.22 -10.88 34.30
C LEU F 416 -56.47 -10.94 33.43
N GLY F 417 -57.66 -10.79 34.01
CA GLY F 417 -58.89 -10.80 33.24
C GLY F 417 -59.35 -12.16 32.77
N ILE F 418 -59.05 -13.22 33.51
CA ILE F 418 -59.37 -14.58 33.12
C ILE F 418 -60.59 -15.02 33.91
N GLU F 419 -61.67 -15.36 33.22
CA GLU F 419 -62.87 -15.84 33.87
C GLU F 419 -62.87 -17.36 33.87
N ILE F 420 -63.27 -17.94 34.99
CA ILE F 420 -63.33 -19.38 35.15
C ILE F 420 -64.78 -19.83 35.23
N GLU F 421 -65.01 -21.07 34.81
CA GLU F 421 -66.37 -21.62 34.81
C GLU F 421 -66.86 -21.78 36.24
N GLU F 422 -68.14 -21.48 36.45
CA GLU F 422 -68.77 -21.64 37.76
C GLU F 422 -69.60 -22.91 37.79
N LEU F 423 -69.36 -23.74 38.79
CA LEU F 423 -70.08 -24.99 38.91
C LEU F 423 -71.53 -24.75 39.32
N THR F 424 -72.45 -25.44 38.67
CA THR F 424 -73.86 -25.38 39.02
C THR F 424 -74.14 -26.25 40.24
N ILE F 425 -75.35 -26.11 40.78
CA ILE F 425 -75.74 -26.94 41.92
C ILE F 425 -75.86 -28.38 41.49
N GLU F 426 -76.34 -28.61 40.27
CA GLU F 426 -76.46 -29.97 39.78
C GLU F 426 -75.08 -30.62 39.67
N GLN F 427 -74.06 -29.84 39.30
CA GLN F 427 -72.70 -30.34 39.21
C GLN F 427 -72.07 -30.56 40.58
N LYS F 428 -72.31 -29.64 41.52
CA LYS F 428 -71.76 -29.83 42.86
C LYS F 428 -72.45 -30.98 43.58
N GLU F 429 -73.73 -31.22 43.29
CA GLU F 429 -74.42 -32.37 43.87
C GLU F 429 -73.92 -33.67 43.24
N TYR F 430 -74.00 -33.79 41.91
CA TYR F 430 -73.36 -34.90 41.22
C TYR F 430 -71.85 -34.81 41.41
N ILE F 431 -71.35 -35.53 42.42
CA ILE F 431 -69.94 -35.59 42.79
C ILE F 431 -69.89 -36.10 44.23
N LYS F 432 -70.98 -35.88 44.98
CA LYS F 432 -71.16 -36.49 46.29
C LYS F 432 -72.03 -37.72 46.24
N GLN F 433 -72.78 -37.91 45.16
CA GLN F 433 -73.57 -39.11 44.99
C GLN F 433 -72.68 -40.23 44.45
N TRP F 434 -73.03 -41.47 44.81
CA TRP F 434 -72.27 -42.65 44.43
C TRP F 434 -73.17 -43.80 44.05
N LYS F 435 -74.46 -43.74 44.38
CA LYS F 435 -75.35 -44.85 44.14
C LYS F 435 -75.66 -44.93 42.65
N TYR F 436 -76.48 -45.90 42.30
CA TYR F 436 -76.85 -46.07 40.90
C TYR F 436 -77.88 -44.98 40.61
N GLY F 437 -77.42 -43.88 40.01
CA GLY F 437 -78.31 -42.76 39.79
C GLY F 437 -77.77 -41.56 40.55
N THR F 438 -78.08 -40.35 40.12
CA THR F 438 -77.62 -39.20 40.89
C THR F 438 -78.77 -38.31 41.33
N ARG G 27 26.92 -29.91 25.58
CA ARG G 27 28.29 -30.08 25.12
C ARG G 27 28.24 -30.68 23.72
N VAL G 28 28.42 -29.84 22.71
CA VAL G 28 28.33 -30.26 21.31
C VAL G 28 29.57 -29.75 20.58
N LYS G 29 29.65 -30.07 19.29
CA LYS G 29 30.84 -29.73 18.52
C LYS G 29 30.90 -28.24 18.20
N ASP G 30 29.92 -27.74 17.45
CA ASP G 30 29.92 -26.34 17.02
C ASP G 30 28.49 -25.83 16.99
N LEU G 31 28.14 -24.94 17.92
CA LEU G 31 26.78 -24.39 17.93
C LEU G 31 26.51 -23.45 16.77
N SER G 32 27.52 -23.10 15.96
CA SER G 32 27.28 -22.22 14.83
C SER G 32 26.44 -22.88 13.74
N LEU G 33 26.27 -24.20 13.79
CA LEU G 33 25.48 -24.94 12.82
C LEU G 33 24.01 -25.02 13.18
N ALA G 34 23.58 -24.36 14.26
CA ALA G 34 22.21 -24.49 14.73
C ALA G 34 21.16 -24.08 13.70
N GLU G 35 21.50 -23.17 12.78
CA GLU G 35 20.49 -22.77 11.81
C GLU G 35 20.32 -23.81 10.71
N GLN G 36 21.43 -24.37 10.21
CA GLN G 36 21.34 -25.45 9.23
C GLN G 36 20.69 -26.69 9.82
N GLY G 37 21.02 -27.01 11.08
CA GLY G 37 20.41 -28.17 11.72
C GLY G 37 18.93 -27.98 11.95
N ARG G 38 18.52 -26.75 12.28
CA ARG G 38 17.10 -26.46 12.47
C ARG G 38 16.33 -26.70 11.17
N LYS G 39 16.95 -26.34 10.05
CA LYS G 39 16.36 -26.63 8.75
C LYS G 39 16.25 -28.12 8.51
N GLN G 40 17.14 -28.91 9.11
CA GLN G 40 17.05 -30.36 8.97
C GLN G 40 15.96 -30.97 9.86
N ILE G 41 15.78 -30.42 11.07
CA ILE G 41 14.73 -30.92 11.93
C ILE G 41 13.36 -30.56 11.38
N GLU G 42 13.22 -29.39 10.77
CA GLU G 42 11.96 -29.01 10.15
C GLU G 42 11.66 -29.91 8.94
N TRP G 43 12.70 -30.27 8.19
CA TRP G 43 12.54 -31.26 7.12
C TRP G 43 12.00 -32.57 7.66
N ALA G 44 12.57 -33.05 8.78
CA ALA G 44 12.08 -34.28 9.39
C ALA G 44 10.66 -34.13 9.88
N GLU G 45 10.33 -32.94 10.43
CA GLU G 45 8.99 -32.71 10.96
C GLU G 45 7.92 -32.91 9.89
N LEU G 46 8.15 -32.37 8.69
CA LEU G 46 7.16 -32.48 7.62
C LEU G 46 6.97 -33.91 7.14
N HIS G 47 7.94 -34.79 7.37
CA HIS G 47 7.86 -36.17 6.93
C HIS G 47 7.67 -37.16 8.07
N MET G 48 7.35 -36.66 9.27
CA MET G 48 6.93 -37.49 10.39
C MET G 48 5.55 -37.01 10.86
N PRO G 49 4.54 -37.09 9.99
CA PRO G 49 3.23 -36.48 10.32
C PRO G 49 2.53 -37.16 11.48
N ALA G 50 2.70 -38.48 11.63
CA ALA G 50 2.03 -39.18 12.72
C ALA G 50 2.60 -38.77 14.07
N LEU G 51 3.92 -38.58 14.14
CA LEU G 51 4.52 -38.10 15.39
C LEU G 51 4.11 -36.66 15.68
N MET G 52 3.81 -35.89 14.63
CA MET G 52 3.37 -34.51 14.82
C MET G 52 1.96 -34.42 15.40
N GLU G 53 1.08 -35.37 15.06
CA GLU G 53 -0.27 -35.32 15.61
C GLU G 53 -0.26 -35.71 17.08
N ILE G 54 0.65 -36.60 17.47
CA ILE G 54 0.85 -36.90 18.89
C ILE G 54 1.39 -35.69 19.62
N ARG G 55 2.28 -34.92 18.96
CA ARG G 55 2.81 -33.70 19.56
C ARG G 55 1.69 -32.72 19.87
N LYS G 56 0.65 -32.69 19.04
CA LYS G 56 -0.46 -31.77 19.28
C LYS G 56 -1.21 -32.12 20.56
N ARG G 57 -1.59 -33.40 20.73
CA ARG G 57 -2.25 -33.79 21.97
C ARG G 57 -1.29 -33.77 23.15
N PHE G 58 0.01 -33.82 22.89
CA PHE G 58 1.00 -33.70 23.96
C PHE G 58 1.12 -32.25 24.42
N ASN G 59 1.13 -31.31 23.46
CA ASN G 59 1.27 -29.90 23.79
C ASN G 59 0.03 -29.34 24.48
N ALA G 60 -1.09 -30.05 24.44
CA ALA G 60 -2.34 -29.59 25.05
C ALA G 60 -2.63 -30.25 26.39
N GLU G 61 -2.33 -31.55 26.52
CA GLU G 61 -2.64 -32.27 27.74
C GLU G 61 -1.45 -32.36 28.69
N LYS G 62 -0.27 -31.91 28.25
CA LYS G 62 1.01 -32.00 28.95
C LYS G 62 1.13 -33.26 29.81
N PRO G 63 1.07 -34.47 29.22
CA PRO G 63 1.07 -35.69 30.06
C PRO G 63 2.40 -35.99 30.72
N LEU G 64 3.50 -35.35 30.30
CA LEU G 64 4.81 -35.64 30.87
C LEU G 64 5.32 -34.43 31.65
N ASP G 65 4.40 -33.65 32.22
CA ASP G 65 4.81 -32.46 32.94
C ASP G 65 5.48 -32.91 34.24
N GLY G 66 6.64 -32.34 34.53
CA GLY G 66 7.42 -32.78 35.68
C GLY G 66 8.15 -34.09 35.52
N ILE G 67 8.29 -34.60 34.29
CA ILE G 67 9.01 -35.85 34.02
C ILE G 67 10.33 -35.48 33.40
N ARG G 68 11.42 -36.04 33.94
CA ARG G 68 12.77 -35.80 33.44
C ARG G 68 13.26 -37.05 32.73
N ILE G 69 13.69 -36.91 31.49
CA ILE G 69 14.02 -38.05 30.63
C ILE G 69 15.51 -38.05 30.30
N GLY G 70 16.14 -39.21 30.47
CA GLY G 70 17.51 -39.44 30.03
C GLY G 70 17.52 -40.40 28.87
N ALA G 71 18.15 -39.99 27.76
CA ALA G 71 18.07 -40.72 26.51
C ALA G 71 19.46 -41.04 25.95
N VAL G 72 19.64 -42.29 25.51
CA VAL G 72 20.77 -42.68 24.67
C VAL G 72 20.20 -43.13 23.34
N LEU G 73 20.24 -42.24 22.35
CA LEU G 73 19.68 -42.48 21.03
C LEU G 73 20.66 -41.95 19.99
N HIS G 74 20.39 -42.30 18.73
CA HIS G 74 21.18 -41.74 17.64
C HIS G 74 20.76 -40.29 17.43
N VAL G 75 21.72 -39.37 17.54
CA VAL G 75 21.39 -37.95 17.48
C VAL G 75 21.19 -37.54 16.02
N THR G 76 19.98 -37.72 15.53
CA THR G 76 19.60 -37.42 14.17
C THR G 76 18.49 -36.39 14.13
N LYS G 77 18.16 -35.92 12.92
CA LYS G 77 17.02 -35.05 12.76
C LYS G 77 15.72 -35.69 13.22
N GLU G 78 15.65 -37.03 13.19
CA GLU G 78 14.44 -37.73 13.63
C GLU G 78 14.38 -37.87 15.14
N THR G 79 15.52 -38.15 15.78
CA THR G 79 15.55 -38.11 17.23
C THR G 79 15.23 -36.71 17.73
N ALA G 80 15.59 -35.68 16.94
CA ALA G 80 15.26 -34.31 17.30
C ALA G 80 13.76 -34.08 17.33
N VAL G 81 13.04 -34.65 16.36
CA VAL G 81 11.58 -34.49 16.33
C VAL G 81 10.94 -35.28 17.47
N LEU G 82 11.56 -36.38 17.90
CA LEU G 82 11.01 -37.15 19.00
C LEU G 82 11.22 -36.43 20.34
N VAL G 83 12.43 -35.92 20.58
CA VAL G 83 12.73 -35.32 21.88
C VAL G 83 11.97 -34.00 22.04
N GLU G 84 11.84 -33.22 20.97
CA GLU G 84 11.09 -31.97 21.05
C GLU G 84 9.59 -32.23 21.15
N THR G 85 9.12 -33.35 20.59
CA THR G 85 7.75 -33.78 20.82
C THR G 85 7.55 -34.11 22.30
N LEU G 86 8.58 -34.72 22.89
CA LEU G 86 8.54 -35.02 24.32
C LEU G 86 8.59 -33.75 25.17
N LYS G 87 9.41 -32.78 24.76
CA LYS G 87 9.48 -31.52 25.49
C LYS G 87 8.15 -30.77 25.41
N ALA G 88 7.45 -30.86 24.29
CA ALA G 88 6.14 -30.24 24.17
C ALA G 88 5.17 -30.84 25.17
N GLY G 89 5.34 -32.11 25.51
CA GLY G 89 4.55 -32.70 26.57
C GLY G 89 4.94 -32.27 27.96
N GLY G 90 5.86 -31.32 28.09
CA GLY G 90 6.24 -30.77 29.37
C GLY G 90 7.41 -31.43 30.06
N ALA G 91 8.22 -32.19 29.33
CA ALA G 91 9.32 -32.94 29.91
C ALA G 91 10.65 -32.23 29.74
N GLU G 92 11.58 -32.55 30.63
CA GLU G 92 12.97 -32.09 30.55
C GLU G 92 13.82 -33.25 30.07
N ILE G 93 14.54 -33.06 28.96
CA ILE G 93 15.19 -34.16 28.26
C ILE G 93 16.69 -33.93 28.22
N ALA G 94 17.44 -34.96 28.58
CA ALA G 94 18.89 -35.02 28.38
C ALA G 94 19.19 -36.15 27.41
N LEU G 95 19.96 -35.84 26.37
CA LEU G 95 20.21 -36.74 25.25
C LEU G 95 21.70 -36.98 25.06
N ALA G 96 22.08 -38.24 24.85
CA ALA G 96 23.45 -38.62 24.53
C ALA G 96 23.44 -39.57 23.34
N GLY G 97 24.50 -39.49 22.54
CA GLY G 97 24.56 -40.29 21.32
C GLY G 97 24.66 -41.78 21.61
N SER G 98 24.00 -42.57 20.77
CA SER G 98 23.99 -44.03 20.90
C SER G 98 25.20 -44.69 20.29
N ASN G 99 25.87 -44.01 19.37
CA ASN G 99 27.06 -44.50 18.70
C ASN G 99 27.94 -43.28 18.54
N PRO G 100 29.26 -43.41 18.74
CA PRO G 100 30.14 -42.23 18.73
C PRO G 100 30.29 -41.57 17.37
N LEU G 101 29.83 -42.18 16.28
CA LEU G 101 29.96 -41.60 14.95
C LEU G 101 28.62 -41.38 14.25
N SER G 102 27.50 -41.60 14.94
CA SER G 102 26.18 -41.41 14.35
C SER G 102 25.66 -39.99 14.51
N THR G 103 26.17 -39.25 15.49
CA THR G 103 25.67 -37.90 15.78
C THR G 103 25.79 -36.98 14.57
N GLN G 104 24.68 -36.33 14.21
CA GLN G 104 24.69 -35.25 13.23
C GLN G 104 24.93 -33.93 13.94
N ASP G 105 26.09 -33.32 13.69
CA ASP G 105 26.55 -32.17 14.47
C ASP G 105 25.60 -30.97 14.36
N ASP G 106 25.09 -30.68 13.17
CA ASP G 106 24.16 -29.57 13.04
C ASP G 106 22.87 -29.84 13.80
N VAL G 107 22.39 -31.09 13.80
CA VAL G 107 21.17 -31.40 14.53
C VAL G 107 21.43 -31.30 16.02
N ALA G 108 22.63 -31.66 16.47
CA ALA G 108 22.97 -31.48 17.87
C ALA G 108 23.03 -30.01 18.23
N ALA G 109 23.58 -29.17 17.34
CA ALA G 109 23.55 -27.74 17.53
C ALA G 109 22.12 -27.21 17.62
N GLY G 110 21.28 -27.54 16.63
CA GLY G 110 19.90 -27.09 16.66
C GLY G 110 19.17 -27.47 17.93
N LEU G 111 19.46 -28.65 18.46
CA LEU G 111 18.81 -29.08 19.70
C LEU G 111 19.29 -28.26 20.88
N ALA G 112 20.55 -27.81 20.83
CA ALA G 112 21.09 -26.96 21.89
C ALA G 112 20.48 -25.57 21.83
N LYS G 113 20.24 -25.04 20.63
CA LYS G 113 19.55 -23.77 20.51
C LYS G 113 18.15 -23.82 21.11
N ASN G 114 17.52 -25.00 21.11
CA ASN G 114 16.25 -25.16 21.81
C ASN G 114 16.60 -25.50 23.26
N GLY G 115 15.76 -26.27 23.96
CA GLY G 115 16.06 -26.47 25.36
C GLY G 115 16.57 -27.83 25.75
N ILE G 116 17.25 -28.52 24.84
CA ILE G 116 17.60 -29.93 25.04
C ILE G 116 19.04 -29.99 25.52
N HIS G 117 19.24 -30.63 26.68
CA HIS G 117 20.56 -30.84 27.29
C HIS G 117 21.27 -31.99 26.57
N VAL G 118 21.83 -31.68 25.40
CA VAL G 118 22.44 -32.70 24.53
C VAL G 118 23.95 -32.71 24.73
N TYR G 119 24.49 -33.87 25.11
CA TYR G 119 25.93 -34.09 25.29
C TYR G 119 26.37 -35.15 24.29
N ALA G 120 26.69 -34.72 23.07
CA ALA G 120 27.06 -35.63 21.97
C ALA G 120 27.63 -34.82 20.83
N TRP G 121 28.54 -35.44 20.07
CA TRP G 121 29.12 -34.84 18.87
C TRP G 121 29.72 -35.98 18.04
N ARG G 122 29.86 -35.74 16.74
CA ARG G 122 30.49 -36.74 15.89
C ARG G 122 31.99 -36.77 16.17
N GLY G 123 32.53 -38.00 16.34
CA GLY G 123 33.98 -38.15 16.53
C GLY G 123 34.34 -38.43 17.97
N GLU G 124 33.38 -38.87 18.77
CA GLU G 124 33.61 -39.06 20.21
C GLU G 124 34.61 -40.18 20.46
N THR G 125 35.03 -40.33 21.71
CA THR G 125 35.93 -41.43 22.12
C THR G 125 35.14 -42.25 23.13
N GLU G 126 35.63 -43.41 23.54
CA GLU G 126 34.82 -44.25 24.45
C GLU G 126 34.65 -43.51 25.77
N LYS G 127 35.68 -42.76 26.20
CA LYS G 127 35.63 -42.00 27.46
C LYS G 127 34.58 -40.90 27.29
N ASP G 128 34.63 -40.21 26.16
CA ASP G 128 33.64 -39.14 25.88
C ASP G 128 32.24 -39.76 25.83
N TYR G 129 32.09 -40.93 25.22
CA TYR G 129 30.79 -41.62 25.16
C TYR G 129 30.28 -41.87 26.57
N TYR G 130 31.12 -42.43 27.44
CA TYR G 130 30.63 -42.73 28.77
C TYR G 130 30.66 -41.52 29.68
N ASP G 131 31.46 -40.49 29.34
CA ASP G 131 31.34 -39.21 30.03
C ASP G 131 29.98 -38.59 29.77
N ASN G 132 29.54 -38.60 28.51
CA ASN G 132 28.23 -38.05 28.15
C ASN G 132 27.10 -38.85 28.77
N ILE G 133 27.31 -40.13 29.06
CA ILE G 133 26.28 -40.91 29.73
C ILE G 133 26.19 -40.52 31.21
N ARG G 134 27.35 -40.30 31.85
CA ARG G 134 27.35 -39.81 33.23
C ARG G 134 26.78 -38.41 33.34
N GLU G 135 26.97 -37.58 32.30
CA GLU G 135 26.34 -36.27 32.28
C GLU G 135 24.83 -36.43 32.33
N ILE G 136 24.30 -37.33 31.50
CA ILE G 136 22.87 -37.58 31.40
C ILE G 136 22.31 -38.02 32.73
N LEU G 137 23.13 -38.65 33.56
CA LEU G 137 22.68 -39.21 34.82
C LEU G 137 22.68 -38.17 35.94
N LYS G 138 23.24 -36.99 35.70
CA LYS G 138 23.24 -35.96 36.74
C LYS G 138 21.86 -35.40 36.97
N TYR G 139 21.00 -35.44 35.95
CA TYR G 139 19.66 -34.89 36.03
C TYR G 139 18.70 -35.77 36.80
N GLU G 140 19.16 -36.93 37.28
CA GLU G 140 18.31 -37.84 38.03
C GLU G 140 17.10 -38.16 37.17
N PRO G 141 17.22 -38.95 36.11
CA PRO G 141 16.11 -39.06 35.16
C PRO G 141 14.94 -39.83 35.75
N HIS G 142 13.74 -39.48 35.30
CA HIS G 142 12.54 -40.21 35.69
C HIS G 142 12.28 -41.38 34.75
N VAL G 143 12.61 -41.22 33.47
CA VAL G 143 12.44 -42.24 32.45
C VAL G 143 13.76 -42.41 31.71
N ILE G 144 14.10 -43.65 31.38
CA ILE G 144 15.35 -43.98 30.70
C ILE G 144 14.99 -44.46 29.29
N MET G 145 15.40 -43.71 28.27
CA MET G 145 15.22 -44.11 26.87
C MET G 145 16.55 -44.55 26.28
N ASP G 146 16.63 -45.79 25.83
CA ASP G 146 17.87 -46.36 25.34
C ASP G 146 17.67 -46.98 23.96
N ASP G 147 18.75 -47.04 23.19
CA ASP G 147 18.75 -47.64 21.87
C ASP G 147 19.48 -48.97 21.85
N GLY G 148 20.73 -49.03 22.30
CA GLY G 148 21.43 -50.29 22.28
C GLY G 148 21.54 -51.02 23.61
N GLY G 149 20.96 -50.53 24.68
CA GLY G 149 21.07 -51.19 25.96
C GLY G 149 22.18 -50.66 26.84
N ASP G 150 23.02 -49.77 26.31
CA ASP G 150 24.17 -49.28 27.06
C ASP G 150 23.73 -48.45 28.26
N LEU G 151 22.71 -47.61 28.10
CA LEU G 151 22.25 -46.78 29.22
C LEU G 151 21.58 -47.61 30.31
N HIS G 152 20.77 -48.60 29.94
CA HIS G 152 20.14 -49.45 30.95
C HIS G 152 21.18 -50.22 31.75
N ALA G 153 22.23 -50.70 31.09
CA ALA G 153 23.25 -51.48 31.79
C ALA G 153 23.99 -50.61 32.80
N TYR G 154 24.36 -49.40 32.40
CA TYR G 154 25.10 -48.51 33.28
C TYR G 154 24.34 -48.20 34.57
N VAL G 155 23.06 -47.84 34.46
CA VAL G 155 22.32 -47.45 35.66
C VAL G 155 22.23 -48.62 36.65
N HIS G 156 22.21 -49.85 36.14
CA HIS G 156 22.11 -51.00 37.03
C HIS G 156 23.46 -51.36 37.62
N GLU G 157 24.51 -51.32 36.79
CA GLU G 157 25.86 -51.70 37.23
C GLU G 157 26.48 -50.67 38.16
N ASN G 158 26.09 -49.41 38.07
CA ASN G 158 26.63 -48.37 38.92
C ASN G 158 25.66 -47.96 40.02
N ASN G 159 24.64 -48.78 40.26
CA ASN G 159 23.73 -48.62 41.38
C ASN G 159 23.07 -47.25 41.43
N LEU G 160 22.58 -46.78 40.29
CA LEU G 160 21.73 -45.60 40.32
C LEU G 160 20.32 -46.16 40.33
N THR G 161 19.51 -45.88 39.31
CA THR G 161 18.17 -46.45 39.22
C THR G 161 17.24 -46.12 40.40
N SER G 162 17.75 -45.45 41.43
CA SER G 162 16.96 -45.25 42.65
C SER G 162 15.62 -44.59 42.32
N LYS G 163 15.65 -43.47 41.60
CA LYS G 163 14.45 -42.71 41.29
C LYS G 163 13.80 -43.07 39.95
N ILE G 164 14.29 -44.09 39.25
CA ILE G 164 13.79 -44.41 37.91
C ILE G 164 12.43 -45.08 37.96
N VAL G 165 11.50 -44.55 37.16
CA VAL G 165 10.14 -45.07 37.11
C VAL G 165 9.94 -46.09 35.98
N GLY G 166 10.72 -45.97 34.90
CA GLY G 166 10.59 -46.90 33.80
C GLY G 166 11.45 -46.47 32.63
N GLY G 167 11.42 -47.30 31.58
CA GLY G 167 12.24 -47.03 30.42
C GLY G 167 11.73 -47.70 29.17
N THR G 168 12.39 -47.39 28.06
CA THR G 168 12.07 -47.97 26.76
C THR G 168 13.35 -48.44 26.07
N GLU G 169 13.21 -49.47 25.23
CA GLU G 169 14.33 -50.04 24.49
C GLU G 169 13.96 -50.08 23.01
N GLU G 170 14.87 -49.58 22.16
CA GLU G 170 14.57 -49.38 20.75
C GLU G 170 15.04 -50.50 19.83
N THR G 171 16.15 -51.18 20.13
CA THR G 171 16.76 -52.07 19.13
C THR G 171 16.82 -53.50 19.63
N THR G 172 16.95 -54.42 18.67
CA THR G 172 16.98 -55.85 18.98
C THR G 172 18.08 -56.19 19.98
N THR G 173 19.28 -55.63 19.79
CA THR G 173 20.38 -55.92 20.70
C THR G 173 20.05 -55.48 22.12
N GLY G 174 19.38 -54.34 22.28
CA GLY G 174 19.03 -53.87 23.60
C GLY G 174 17.97 -54.71 24.28
N VAL G 175 17.02 -55.24 23.51
CA VAL G 175 15.96 -56.05 24.10
C VAL G 175 16.53 -57.39 24.57
N ILE G 176 17.48 -57.96 23.83
CA ILE G 176 18.10 -59.21 24.24
C ILE G 176 18.82 -59.04 25.58
N ARG G 177 19.58 -57.96 25.72
CA ARG G 177 20.26 -57.70 26.99
C ARG G 177 19.26 -57.50 28.12
N LEU G 178 18.19 -56.72 27.88
CA LEU G 178 17.20 -56.52 28.94
C LEU G 178 16.47 -57.80 29.29
N LYS G 179 16.29 -58.70 28.31
CA LYS G 179 15.70 -60.00 28.64
C LYS G 179 16.67 -60.83 29.46
N ALA G 180 17.97 -60.73 29.17
CA ALA G 180 18.99 -61.36 29.99
C ALA G 180 19.07 -60.72 31.38
N MET G 181 18.99 -59.39 31.45
CA MET G 181 18.95 -58.70 32.73
C MET G 181 17.79 -59.16 33.59
N GLU G 182 16.66 -59.47 32.96
CA GLU G 182 15.46 -59.85 33.68
C GLU G 182 15.56 -61.29 34.19
N GLU G 183 16.27 -62.15 33.46
CA GLU G 183 16.48 -63.51 33.94
C GLU G 183 17.30 -63.53 35.22
N GLU G 184 18.19 -62.57 35.43
CA GLU G 184 18.96 -62.47 36.67
C GLU G 184 18.29 -61.61 37.72
N LYS G 185 17.11 -61.05 37.43
CA LYS G 185 16.37 -60.23 38.38
C LYS G 185 17.20 -59.04 38.87
N VAL G 186 17.97 -58.46 37.95
CA VAL G 186 18.72 -57.26 38.27
C VAL G 186 17.98 -56.02 37.78
N LEU G 187 17.08 -56.18 36.82
CA LEU G 187 16.25 -55.09 36.33
C LEU G 187 15.44 -54.50 37.48
N LYS G 188 15.39 -53.17 37.54
CA LYS G 188 14.79 -52.49 38.68
C LYS G 188 13.53 -51.70 38.35
N TYR G 189 13.27 -51.44 37.08
CA TYR G 189 12.08 -50.73 36.63
C TYR G 189 11.47 -51.44 35.43
N PRO G 190 10.19 -51.20 35.14
CA PRO G 190 9.61 -51.77 33.92
C PRO G 190 10.17 -51.08 32.68
N VAL G 191 10.40 -51.87 31.63
CA VAL G 191 10.95 -51.37 30.37
C VAL G 191 10.14 -51.95 29.22
N ILE G 192 9.80 -51.09 28.27
CA ILE G 192 8.98 -51.45 27.12
C ILE G 192 9.88 -51.75 25.92
N ALA G 193 9.75 -52.96 25.37
CA ALA G 193 10.49 -53.37 24.18
C ALA G 193 9.79 -52.78 22.96
N VAL G 194 10.12 -51.52 22.65
CA VAL G 194 9.53 -50.85 21.50
C VAL G 194 9.93 -51.52 20.21
N ASN G 195 11.07 -52.24 20.23
CA ASN G 195 11.53 -52.96 19.05
C ASN G 195 10.55 -54.05 18.62
N ASN G 196 9.84 -54.65 19.57
CA ASN G 196 8.98 -55.79 19.29
C ASN G 196 7.60 -55.41 18.80
N ALA G 197 7.29 -54.12 18.69
CA ALA G 197 6.00 -53.71 18.16
C ALA G 197 5.93 -53.98 16.67
N PHE G 198 4.77 -54.45 16.21
CA PHE G 198 4.58 -54.77 14.80
C PHE G 198 4.91 -53.57 13.91
N THR G 199 4.43 -52.39 14.29
CA THR G 199 4.70 -51.17 13.52
C THR G 199 6.15 -50.74 13.61
N LYS G 200 6.98 -51.41 14.40
CA LYS G 200 8.41 -51.10 14.45
C LYS G 200 9.24 -52.08 13.65
N TYR G 201 9.35 -53.33 14.11
CA TYR G 201 10.29 -54.27 13.49
C TYR G 201 9.89 -54.63 12.06
N LEU G 202 8.61 -54.51 11.71
CA LEU G 202 8.19 -54.79 10.36
C LEU G 202 8.54 -53.68 9.37
N PHE G 203 8.88 -52.48 9.86
CA PHE G 203 9.16 -51.35 8.98
C PHE G 203 10.52 -50.72 9.25
N ASP G 204 10.83 -50.44 10.51
CA ASP G 204 12.15 -49.91 10.87
C ASP G 204 13.24 -50.91 10.55
N ASN G 205 13.20 -52.07 11.20
CA ASN G 205 14.28 -53.04 11.05
C ASN G 205 14.35 -53.59 9.63
N ARG G 206 13.21 -53.76 8.97
CA ARG G 206 13.18 -54.43 7.66
C ARG G 206 13.30 -53.41 6.53
N ILE G 207 12.29 -52.55 6.38
CA ILE G 207 12.27 -51.61 5.28
C ILE G 207 13.30 -50.51 5.48
N GLY G 208 13.41 -49.99 6.71
CA GLY G 208 14.31 -48.88 6.95
C GLY G 208 15.78 -49.24 6.73
N THR G 209 16.24 -50.31 7.37
CA THR G 209 17.64 -50.70 7.22
C THR G 209 17.95 -51.18 5.80
N GLY G 210 16.95 -51.72 5.10
CA GLY G 210 17.18 -52.11 3.71
C GLY G 210 17.62 -50.94 2.86
N GLN G 211 16.88 -49.83 2.91
CA GLN G 211 17.29 -48.63 2.19
C GLN G 211 18.54 -48.01 2.79
N SER G 212 18.54 -47.84 4.11
CA SER G 212 19.62 -47.10 4.76
C SER G 212 20.98 -47.75 4.53
N THR G 213 21.06 -49.08 4.64
CA THR G 213 22.36 -49.76 4.50
C THR G 213 22.90 -49.65 3.08
N ILE G 214 22.03 -49.85 2.07
CA ILE G 214 22.47 -49.65 0.69
C ILE G 214 22.89 -48.21 0.49
N ASP G 215 22.16 -47.28 1.10
CA ASP G 215 22.49 -45.86 1.02
C ASP G 215 23.86 -45.59 1.62
N GLY G 216 24.11 -46.15 2.81
CA GLY G 216 25.42 -46.01 3.42
C GLY G 216 26.54 -46.63 2.59
N ILE G 217 26.28 -47.80 2.01
CA ILE G 217 27.27 -48.45 1.16
C ILE G 217 27.58 -47.59 -0.05
N LEU G 218 26.55 -47.01 -0.67
CA LEU G 218 26.76 -46.21 -1.88
C LEU G 218 27.44 -44.89 -1.57
N ARG G 219 27.32 -44.37 -0.35
CA ARG G 219 27.95 -43.13 0.04
C ARG G 219 29.41 -43.30 0.42
N ALA G 220 29.79 -44.46 0.99
CA ALA G 220 31.18 -44.71 1.32
C ALA G 220 31.99 -45.16 0.10
N THR G 221 31.34 -45.82 -0.86
CA THR G 221 31.94 -46.32 -2.09
C THR G 221 30.91 -46.08 -3.17
N ASN G 222 31.34 -45.68 -4.37
CA ASN G 222 30.37 -45.61 -5.45
C ASN G 222 30.38 -46.92 -6.26
N ILE G 223 30.11 -48.00 -5.53
CA ILE G 223 30.26 -49.33 -6.10
C ILE G 223 28.96 -49.67 -6.81
N LEU G 224 29.06 -50.33 -7.95
CA LEU G 224 27.91 -50.88 -8.63
C LEU G 224 27.44 -52.13 -7.91
N ILE G 225 26.16 -52.17 -7.52
CA ILE G 225 25.61 -53.36 -6.87
C ILE G 225 25.16 -54.41 -7.88
N ALA G 226 24.69 -53.97 -9.06
CA ALA G 226 24.00 -54.85 -10.00
C ALA G 226 24.81 -56.11 -10.30
N GLY G 227 26.05 -55.98 -10.74
CA GLY G 227 26.63 -57.23 -11.16
C GLY G 227 27.23 -58.09 -10.07
N LYS G 228 27.05 -57.74 -8.80
CA LYS G 228 27.89 -58.24 -7.72
C LYS G 228 27.22 -59.39 -6.97
N VAL G 229 28.07 -60.21 -6.35
CA VAL G 229 27.64 -61.21 -5.39
C VAL G 229 27.63 -60.52 -4.03
N ALA G 230 26.45 -60.31 -3.48
CA ALA G 230 26.30 -59.70 -2.16
C ALA G 230 25.97 -60.79 -1.15
N VAL G 231 26.71 -60.80 -0.04
CA VAL G 231 26.53 -61.78 1.01
C VAL G 231 25.93 -61.07 2.21
N VAL G 232 24.74 -61.51 2.61
CA VAL G 232 24.06 -60.99 3.79
C VAL G 232 24.14 -62.06 4.87
N ILE G 233 24.83 -61.75 5.96
CA ILE G 233 24.93 -62.68 7.09
C ILE G 233 23.87 -62.28 8.10
N GLY G 234 22.86 -63.14 8.27
CA GLY G 234 21.73 -62.83 9.12
C GLY G 234 20.50 -62.56 8.28
N TYR G 235 19.48 -63.41 8.39
CA TYR G 235 18.23 -63.22 7.66
C TYR G 235 17.08 -62.95 8.61
N GLY G 236 17.31 -62.14 9.63
CA GLY G 236 16.23 -61.63 10.44
C GLY G 236 15.53 -60.51 9.69
N TRP G 237 14.87 -59.65 10.45
CA TRP G 237 14.12 -58.56 9.81
C TRP G 237 15.06 -57.59 9.12
N VAL G 238 16.23 -57.34 9.70
CA VAL G 238 17.20 -56.45 9.08
C VAL G 238 17.79 -57.09 7.84
N GLY G 239 18.23 -58.35 7.96
CA GLY G 239 18.92 -59.00 6.87
C GLY G 239 18.05 -59.25 5.65
N ARG G 240 16.77 -59.57 5.86
CA ARG G 240 15.90 -59.79 4.70
C ARG G 240 15.57 -58.49 4.00
N GLY G 241 15.52 -57.38 4.74
CA GLY G 241 15.37 -56.08 4.10
C GLY G 241 16.58 -55.70 3.29
N ILE G 242 17.78 -56.03 3.79
CA ILE G 242 19.00 -55.75 3.06
C ILE G 242 19.13 -56.64 1.84
N ALA G 243 18.82 -57.93 1.99
CA ALA G 243 18.87 -58.84 0.84
C ALA G 243 17.84 -58.43 -0.21
N SER G 244 16.65 -58.03 0.22
CA SER G 244 15.63 -57.55 -0.71
C SER G 244 16.12 -56.36 -1.52
N ARG G 245 16.85 -55.44 -0.88
CA ARG G 245 17.30 -54.24 -1.54
C ARG G 245 18.55 -54.47 -2.38
N PHE G 246 19.43 -55.38 -1.92
CA PHE G 246 20.51 -55.84 -2.80
C PHE G 246 19.95 -56.47 -4.07
N LYS G 247 18.94 -57.35 -3.91
CA LYS G 247 18.33 -57.98 -5.07
C LYS G 247 17.60 -56.95 -5.93
N GLY G 248 16.92 -56.00 -5.30
CA GLY G 248 16.27 -54.93 -6.04
C GLY G 248 17.25 -53.98 -6.71
N MET G 249 18.49 -53.92 -6.22
CA MET G 249 19.52 -53.14 -6.87
C MET G 249 20.30 -53.96 -7.90
N GLY G 250 19.89 -55.20 -8.13
CA GLY G 250 20.46 -56.05 -9.15
C GLY G 250 21.50 -57.06 -8.71
N ALA G 251 21.76 -57.19 -7.41
CA ALA G 251 22.83 -58.07 -6.96
C ALA G 251 22.40 -59.53 -6.92
N ARG G 252 23.42 -60.40 -6.94
CA ARG G 252 23.25 -61.84 -6.70
C ARG G 252 23.42 -62.07 -5.21
N VAL G 253 22.32 -62.38 -4.52
CA VAL G 253 22.31 -62.38 -3.06
C VAL G 253 22.60 -63.78 -2.53
N ILE G 254 23.54 -63.85 -1.59
CA ILE G 254 23.86 -65.06 -0.84
C ILE G 254 23.56 -64.80 0.62
N VAL G 255 22.88 -65.74 1.27
CA VAL G 255 22.52 -65.60 2.67
C VAL G 255 23.28 -66.62 3.51
N VAL G 256 23.79 -66.17 4.65
CA VAL G 256 24.35 -67.03 5.67
C VAL G 256 23.44 -66.93 6.89
N GLU G 257 22.99 -68.07 7.40
CA GLU G 257 22.09 -68.09 8.52
C GLU G 257 22.50 -69.20 9.48
N SER G 258 22.20 -68.99 10.76
CA SER G 258 22.42 -69.98 11.79
C SER G 258 21.13 -70.61 12.29
N SER G 259 19.98 -70.05 11.94
CA SER G 259 18.65 -70.57 12.25
C SER G 259 18.15 -71.41 11.11
N PRO G 260 17.71 -72.65 11.36
CA PRO G 260 17.12 -73.44 10.28
C PRO G 260 15.88 -72.83 9.67
N PHE G 261 15.00 -72.20 10.45
CA PHE G 261 13.82 -71.57 9.87
C PHE G 261 14.17 -70.44 8.91
N ARG G 262 15.03 -69.52 9.35
CA ARG G 262 15.27 -68.33 8.54
C ARG G 262 16.13 -68.64 7.33
N ALA G 263 16.98 -69.67 7.43
CA ALA G 263 17.72 -70.13 6.27
C ALA G 263 16.80 -70.76 5.24
N LEU G 264 15.77 -71.49 5.70
CA LEU G 264 14.82 -72.09 4.78
C LEU G 264 13.97 -70.99 4.13
N GLU G 265 13.61 -69.96 4.90
CA GLU G 265 12.94 -68.79 4.35
C GLU G 265 13.78 -68.10 3.29
N ALA G 266 15.07 -67.91 3.57
CA ALA G 266 15.92 -67.21 2.60
C ALA G 266 16.09 -68.04 1.35
N LEU G 267 16.12 -69.36 1.49
CA LEU G 267 16.20 -70.24 0.33
C LEU G 267 14.94 -70.14 -0.52
N MET G 268 13.76 -70.20 0.11
CA MET G 268 12.51 -70.14 -0.65
C MET G 268 12.24 -68.75 -1.20
N ASP G 269 12.96 -67.74 -0.72
CA ASP G 269 12.91 -66.40 -1.30
C ASP G 269 13.87 -66.24 -2.46
N GLY G 270 14.46 -67.32 -2.93
CA GLY G 270 15.25 -67.32 -4.13
C GLY G 270 16.71 -66.99 -3.93
N PHE G 271 17.19 -67.02 -2.68
CA PHE G 271 18.57 -66.66 -2.38
C PHE G 271 19.42 -67.89 -2.13
N ASP G 272 20.64 -67.86 -2.65
CA ASP G 272 21.61 -68.91 -2.36
C ASP G 272 22.00 -68.87 -0.89
N VAL G 273 21.85 -69.99 -0.19
CA VAL G 273 22.16 -70.10 1.24
C VAL G 273 23.35 -71.03 1.43
N MET G 274 24.36 -70.56 2.15
CA MET G 274 25.55 -71.37 2.41
C MET G 274 26.22 -70.85 3.69
N THR G 275 27.28 -71.53 4.08
CA THR G 275 28.12 -71.11 5.18
C THR G 275 29.01 -69.94 4.76
N MET G 276 29.48 -69.18 5.76
CA MET G 276 30.45 -68.12 5.50
C MET G 276 31.72 -68.66 4.87
N ASN G 277 32.11 -69.89 5.22
CA ASN G 277 33.31 -70.49 4.63
C ASN G 277 33.19 -70.61 3.12
N ARG G 278 32.02 -71.02 2.62
CA ARG G 278 31.81 -71.05 1.18
C ARG G 278 31.58 -69.65 0.63
N ALA G 279 30.76 -68.85 1.31
CA ALA G 279 30.45 -67.50 0.83
C ALA G 279 31.66 -66.56 0.83
N SER G 280 32.61 -66.77 1.76
CA SER G 280 33.76 -65.88 1.87
C SER G 280 34.60 -65.87 0.59
N GLU G 281 34.62 -66.97 -0.16
CA GLU G 281 35.46 -67.03 -1.35
C GLU G 281 34.76 -66.48 -2.59
N ILE G 282 33.48 -66.12 -2.47
CA ILE G 282 32.67 -65.82 -3.65
C ILE G 282 32.25 -64.37 -3.60
N GLY G 283 32.01 -63.86 -2.39
CA GLY G 283 31.35 -62.58 -2.24
C GLY G 283 32.19 -61.40 -2.68
N ASP G 284 31.48 -60.39 -3.21
CA ASP G 284 32.03 -59.07 -3.48
C ASP G 284 31.73 -58.07 -2.38
N ILE G 285 30.54 -58.15 -1.78
CA ILE G 285 30.16 -57.34 -0.63
C ILE G 285 29.63 -58.26 0.45
N PHE G 286 30.05 -58.02 1.70
CA PHE G 286 29.56 -58.76 2.85
C PHE G 286 28.96 -57.77 3.83
N VAL G 287 27.67 -57.95 4.16
CA VAL G 287 26.99 -57.13 5.15
C VAL G 287 26.46 -58.03 6.25
N THR G 288 26.75 -57.68 7.49
CA THR G 288 26.34 -58.45 8.66
C THR G 288 25.11 -57.83 9.31
N ALA G 289 24.18 -58.69 9.74
CA ALA G 289 22.96 -58.23 10.37
C ALA G 289 22.51 -59.24 11.42
N THR G 290 23.44 -59.65 12.28
CA THR G 290 23.17 -60.47 13.45
C THR G 290 23.24 -59.61 14.70
N GLY G 291 22.86 -60.17 15.83
CA GLY G 291 23.16 -59.47 17.07
C GLY G 291 24.32 -60.09 17.79
N ASN G 292 25.31 -60.56 17.02
CA ASN G 292 26.25 -61.54 17.50
C ASN G 292 27.68 -61.13 17.17
N LEU G 293 28.60 -62.00 17.56
CA LEU G 293 30.03 -61.71 17.60
C LEU G 293 30.79 -62.51 16.54
N ASN G 294 31.71 -61.82 15.86
CA ASN G 294 32.62 -62.42 14.88
C ASN G 294 31.92 -63.35 13.89
N VAL G 295 30.82 -62.87 13.31
CA VAL G 295 30.17 -63.66 12.27
C VAL G 295 30.95 -63.56 10.97
N VAL G 296 31.71 -62.47 10.78
CA VAL G 296 32.74 -62.38 9.75
C VAL G 296 34.06 -62.31 10.49
N SER G 297 34.80 -63.42 10.47
CA SER G 297 35.97 -63.64 11.32
C SER G 297 37.28 -63.36 10.59
N ARG G 298 38.37 -63.43 11.37
CA ARG G 298 39.72 -63.30 10.85
C ARG G 298 40.00 -64.31 9.76
N ASP G 299 39.59 -65.57 9.98
CA ASP G 299 39.80 -66.63 9.01
C ASP G 299 39.01 -66.39 7.72
N HIS G 300 37.81 -65.83 7.83
CA HIS G 300 37.01 -65.54 6.64
C HIS G 300 37.70 -64.53 5.72
N ILE G 301 38.26 -63.46 6.30
CA ILE G 301 38.88 -62.42 5.48
C ILE G 301 40.13 -62.93 4.79
N LEU G 302 40.83 -63.90 5.41
CA LEU G 302 42.03 -64.45 4.79
C LEU G 302 41.71 -65.16 3.49
N ARG G 303 40.51 -65.71 3.37
CA ARG G 303 40.07 -66.45 2.20
C ARG G 303 39.33 -65.59 1.18
N MET G 304 39.07 -64.32 1.49
CA MET G 304 38.22 -63.50 0.64
C MET G 304 38.97 -63.05 -0.61
N LYS G 305 38.20 -62.59 -1.60
CA LYS G 305 38.77 -62.10 -2.84
C LYS G 305 39.43 -60.74 -2.65
N ASP G 306 40.23 -60.36 -3.65
CA ASP G 306 40.86 -59.04 -3.66
C ASP G 306 39.82 -57.98 -3.98
N GLY G 307 39.66 -57.01 -3.07
CA GLY G 307 38.69 -55.95 -3.25
C GLY G 307 37.38 -56.12 -2.50
N ALA G 308 37.21 -57.22 -1.77
CA ALA G 308 35.96 -57.47 -1.05
C ALA G 308 35.64 -56.32 -0.10
N VAL G 309 34.38 -55.93 -0.08
CA VAL G 309 33.89 -54.86 0.78
C VAL G 309 33.12 -55.47 1.96
N LEU G 310 33.41 -54.97 3.16
CA LEU G 310 32.76 -55.43 4.39
C LEU G 310 31.97 -54.29 5.02
N ALA G 311 30.75 -54.59 5.46
CA ALA G 311 29.96 -53.61 6.18
C ALA G 311 29.16 -54.30 7.26
N ASN G 312 28.78 -53.53 8.28
CA ASN G 312 27.98 -54.01 9.41
C ASN G 312 26.72 -53.16 9.53
N SER G 313 25.59 -53.83 9.74
CA SER G 313 24.32 -53.15 9.99
C SER G 313 23.76 -53.40 11.38
N GLY G 314 24.25 -54.39 12.09
CA GLY G 314 23.87 -54.56 13.47
C GLY G 314 24.51 -53.53 14.37
N HIS G 315 23.96 -53.42 15.57
CA HIS G 315 24.52 -52.51 16.56
C HIS G 315 25.79 -53.11 17.14
N PHE G 316 26.72 -52.23 17.52
CA PHE G 316 28.03 -52.57 18.08
C PHE G 316 28.96 -53.07 16.97
N ASN G 317 30.23 -52.68 17.03
CA ASN G 317 31.21 -52.96 15.98
C ASN G 317 31.90 -54.31 16.13
N VAL G 318 31.21 -55.34 16.62
CA VAL G 318 31.85 -56.62 16.90
C VAL G 318 31.37 -57.75 15.98
N GLU G 319 30.52 -57.46 15.01
CA GLU G 319 30.08 -58.51 14.10
C GLU G 319 31.18 -58.90 13.13
N ILE G 320 31.90 -57.91 12.62
CA ILE G 320 33.12 -58.14 11.86
C ILE G 320 34.28 -57.98 12.82
N ASP G 321 35.21 -58.93 12.80
CA ASP G 321 36.37 -58.90 13.67
C ASP G 321 37.33 -57.81 13.18
N VAL G 322 36.97 -56.55 13.48
CA VAL G 322 37.79 -55.44 13.03
C VAL G 322 39.14 -55.42 13.75
N LYS G 323 39.18 -55.83 15.02
CA LYS G 323 40.46 -55.91 15.72
C LYS G 323 41.36 -56.97 15.11
N GLY G 324 40.79 -58.11 14.72
CA GLY G 324 41.58 -59.13 14.04
C GLY G 324 42.08 -58.65 12.68
N LEU G 325 41.25 -57.89 11.97
CA LEU G 325 41.64 -57.41 10.65
C LEU G 325 42.84 -56.48 10.74
N LYS G 326 42.95 -55.71 11.82
CA LYS G 326 44.11 -54.83 12.00
C LYS G 326 45.39 -55.62 12.23
N GLU G 327 45.29 -56.83 12.79
CA GLU G 327 46.48 -57.61 13.11
C GLU G 327 46.96 -58.45 11.93
N ILE G 328 46.05 -58.84 11.04
CA ILE G 328 46.44 -59.57 9.83
C ILE G 328 46.86 -58.59 8.75
N SER G 329 46.74 -57.30 9.03
CA SER G 329 47.06 -56.28 8.05
C SER G 329 48.49 -55.81 8.23
N VAL G 330 49.10 -55.46 7.10
CA VAL G 330 50.42 -54.88 7.07
C VAL G 330 50.38 -53.40 6.75
N GLU G 331 49.31 -52.93 6.12
CA GLU G 331 49.14 -51.53 5.76
C GLU G 331 47.66 -51.18 5.81
N THR G 332 47.37 -50.00 6.34
CA THR G 332 46.02 -49.45 6.33
C THR G 332 46.07 -48.07 5.70
N ARG G 333 44.95 -47.66 5.11
CA ARG G 333 44.86 -46.34 4.51
C ARG G 333 43.39 -45.98 4.40
N GLU G 334 43.12 -44.67 4.49
CA GLU G 334 41.78 -44.15 4.26
C GLU G 334 41.69 -43.76 2.80
N VAL G 335 40.73 -44.33 2.09
CA VAL G 335 40.51 -43.96 0.69
C VAL G 335 39.60 -42.76 0.59
N ARG G 336 38.55 -42.74 1.40
CA ARG G 336 37.65 -41.60 1.53
C ARG G 336 36.97 -41.72 2.88
N GLN G 337 36.09 -40.76 3.17
CA GLN G 337 35.35 -40.81 4.43
C GLN G 337 34.63 -42.14 4.57
N ASN G 338 34.88 -42.83 5.67
CA ASN G 338 34.25 -44.09 6.05
C ASN G 338 34.69 -45.26 5.18
N LEU G 339 35.77 -45.13 4.41
CA LEU G 339 36.32 -46.21 3.60
C LEU G 339 37.76 -46.44 4.01
N GLU G 340 38.03 -47.55 4.68
CA GLU G 340 39.38 -47.93 5.09
C GLU G 340 39.84 -49.10 4.23
N GLU G 341 41.05 -49.01 3.70
CA GLU G 341 41.67 -50.07 2.91
C GLU G 341 42.71 -50.81 3.74
N TYR G 342 42.69 -52.13 3.69
CA TYR G 342 43.64 -52.99 4.38
C TYR G 342 44.44 -53.82 3.39
N LYS G 343 45.76 -53.83 3.56
CA LYS G 343 46.64 -54.74 2.84
C LYS G 343 46.94 -55.96 3.70
N LEU G 344 46.68 -57.14 3.15
CA LEU G 344 46.90 -58.38 3.87
C LEU G 344 48.29 -58.94 3.56
N ARG G 345 48.69 -59.95 4.32
CA ARG G 345 49.98 -60.59 4.06
C ARG G 345 50.01 -61.21 2.66
N ASN G 346 48.88 -61.77 2.20
CA ASN G 346 48.83 -62.26 0.83
C ASN G 346 48.86 -61.14 -0.20
N GLY G 347 48.85 -59.87 0.23
CA GLY G 347 48.80 -58.76 -0.69
C GLY G 347 47.41 -58.33 -1.14
N LYS G 348 46.38 -59.10 -0.82
CA LYS G 348 45.04 -58.77 -1.27
C LYS G 348 44.47 -57.67 -0.40
N ARG G 349 43.64 -56.82 -1.00
CA ARG G 349 43.07 -55.68 -0.31
C ARG G 349 41.64 -55.95 0.13
N ILE G 350 41.33 -55.59 1.38
CA ILE G 350 40.01 -55.72 1.97
C ILE G 350 39.54 -54.33 2.38
N TYR G 351 38.32 -53.97 1.95
CA TYR G 351 37.72 -52.67 2.23
C TYR G 351 36.70 -52.79 3.36
N LEU G 352 36.92 -52.03 4.42
CA LEU G 352 36.00 -51.95 5.55
C LEU G 352 35.25 -50.62 5.51
N LEU G 353 33.95 -50.68 5.79
CA LEU G 353 33.08 -49.51 5.74
C LEU G 353 32.75 -49.04 7.14
N ALA G 354 32.88 -47.73 7.37
CA ALA G 354 32.43 -47.08 8.62
C ALA G 354 33.07 -47.71 9.85
N ASP G 355 34.29 -48.21 9.68
CA ASP G 355 35.03 -48.89 10.75
C ASP G 355 34.19 -49.99 11.41
N GLY G 356 33.35 -50.67 10.63
CA GLY G 356 32.53 -51.74 11.16
C GLY G 356 31.35 -51.29 12.00
N ARG G 357 31.05 -50.00 12.01
CA ARG G 357 29.89 -49.49 12.71
C ARG G 357 28.71 -49.41 11.75
N LEU G 358 27.51 -49.22 12.30
CA LEU G 358 26.29 -49.22 11.50
C LEU G 358 26.46 -48.36 10.26
N VAL G 359 26.58 -48.99 9.09
CA VAL G 359 26.99 -48.25 7.90
C VAL G 359 25.86 -47.35 7.47
N ASN G 360 24.62 -47.68 7.83
CA ASN G 360 23.49 -46.82 7.53
C ASN G 360 23.59 -45.49 8.28
N LEU G 361 23.92 -45.54 9.57
CA LEU G 361 23.92 -44.35 10.40
C LEU G 361 25.26 -43.62 10.42
N VAL G 362 26.33 -44.22 9.92
CA VAL G 362 27.67 -43.63 9.98
C VAL G 362 28.14 -43.15 8.61
N ALA G 363 27.83 -43.91 7.56
CA ALA G 363 28.20 -43.49 6.21
C ALA G 363 27.06 -42.79 5.50
N ALA G 364 25.87 -42.76 6.11
CA ALA G 364 24.71 -42.08 5.58
C ALA G 364 23.95 -41.45 6.74
N GLU G 365 22.63 -41.35 6.64
CA GLU G 365 21.84 -40.63 7.64
C GLU G 365 20.86 -41.52 8.38
N GLY G 366 21.04 -42.83 8.35
CA GLY G 366 20.07 -43.69 9.00
C GLY G 366 18.78 -43.79 8.21
N HIS G 367 17.78 -44.37 8.87
CA HIS G 367 16.49 -44.59 8.24
C HIS G 367 15.85 -43.26 7.85
N PRO G 368 15.09 -43.24 6.75
CA PRO G 368 14.35 -42.03 6.39
C PRO G 368 13.47 -41.55 7.54
N SER G 369 13.11 -40.26 7.53
CA SER G 369 12.25 -39.76 8.60
C SER G 369 10.87 -40.40 8.57
N GLU G 370 10.37 -40.76 7.37
CA GLU G 370 9.03 -41.33 7.27
C GLU G 370 8.91 -42.67 8.00
N VAL G 371 9.98 -43.47 8.04
CA VAL G 371 9.91 -44.74 8.74
C VAL G 371 10.13 -44.56 10.24
N MET G 372 11.01 -43.64 10.63
CA MET G 372 11.20 -43.36 12.04
C MET G 372 9.96 -42.73 12.67
N ASP G 373 9.09 -42.15 11.84
CA ASP G 373 7.78 -41.70 12.28
C ASP G 373 7.02 -42.82 12.99
N LEU G 374 7.02 -44.01 12.40
CA LEU G 374 6.35 -45.16 13.00
C LEU G 374 7.07 -45.59 14.27
N SER G 375 8.39 -45.66 14.22
CA SER G 375 9.16 -46.16 15.36
C SER G 375 9.11 -45.20 16.55
N PHE G 376 9.12 -43.91 16.29
CA PHE G 376 9.10 -42.92 17.35
C PHE G 376 7.69 -42.54 17.80
N CYS G 377 6.66 -42.95 17.06
CA CYS G 377 5.31 -42.85 17.60
C CYS G 377 5.11 -43.82 18.76
N ASN G 378 5.67 -45.03 18.64
CA ASN G 378 5.65 -45.95 19.79
C ASN G 378 6.49 -45.42 20.92
N GLN G 379 7.66 -44.86 20.60
CA GLN G 379 8.52 -44.26 21.61
C GLN G 379 7.76 -43.24 22.44
N ALA G 380 7.18 -42.24 21.79
CA ALA G 380 6.48 -41.18 22.52
C ALA G 380 5.28 -41.74 23.27
N LEU G 381 4.45 -42.54 22.60
CA LEU G 381 3.27 -43.11 23.24
C LEU G 381 3.63 -44.09 24.34
N SER G 382 4.80 -44.71 24.29
CA SER G 382 5.18 -45.65 25.34
C SER G 382 5.70 -44.95 26.58
N VAL G 383 6.24 -43.73 26.43
CA VAL G 383 6.60 -42.94 27.61
C VAL G 383 5.34 -42.44 28.30
N GLU G 384 4.38 -41.93 27.53
CA GLU G 384 3.09 -41.55 28.11
C GLU G 384 2.45 -42.74 28.82
N HIS G 385 2.59 -43.94 28.24
CA HIS G 385 2.02 -45.13 28.86
C HIS G 385 2.73 -45.49 30.15
N LEU G 386 4.04 -45.23 30.25
CA LEU G 386 4.77 -45.50 31.49
C LEU G 386 4.41 -44.54 32.60
N ILE G 387 4.08 -43.28 32.29
CA ILE G 387 3.73 -42.35 33.35
C ILE G 387 2.30 -42.56 33.82
N LYS G 388 1.36 -42.76 32.88
CA LYS G 388 -0.02 -43.04 33.24
C LYS G 388 -0.14 -44.29 34.11
N ASN G 389 0.82 -45.20 34.02
CA ASN G 389 0.80 -46.41 34.82
C ASN G 389 1.93 -46.35 35.83
N LYS G 390 1.85 -47.20 36.86
CA LYS G 390 2.78 -47.20 37.97
C LYS G 390 2.64 -48.54 38.68
N GLY G 391 1.61 -49.30 38.31
CA GLY G 391 1.39 -50.62 38.84
C GLY G 391 1.93 -51.74 37.97
N LYS G 392 3.03 -51.43 37.28
CA LYS G 392 3.66 -52.44 36.42
C LYS G 392 4.79 -53.10 37.20
N LEU G 393 5.38 -54.14 36.64
CA LEU G 393 6.40 -54.91 37.38
C LEU G 393 7.78 -54.30 37.17
N GLU G 394 8.38 -53.80 38.26
CA GLU G 394 9.74 -53.22 38.22
C GLU G 394 10.72 -54.36 38.08
N ASN G 395 10.46 -55.24 37.11
CA ASN G 395 11.43 -56.33 36.83
C ASN G 395 10.98 -56.96 35.52
N LYS G 396 10.19 -56.24 34.73
CA LYS G 396 9.67 -56.93 33.54
C LYS G 396 9.88 -56.13 32.27
N VAL G 397 10.26 -56.83 31.21
CA VAL G 397 10.34 -56.16 29.89
C VAL G 397 8.98 -56.40 29.27
N TYR G 398 8.31 -55.34 28.87
CA TYR G 398 6.99 -55.42 28.29
C TYR G 398 7.05 -55.21 26.78
N ASN G 399 6.10 -55.84 26.07
CA ASN G 399 5.90 -55.45 24.70
C ASN G 399 5.07 -54.16 24.67
N VAL G 400 5.08 -53.50 23.51
CA VAL G 400 4.27 -52.29 23.38
C VAL G 400 2.80 -52.67 23.53
N PRO G 401 1.99 -51.93 24.29
CA PRO G 401 0.56 -52.22 24.37
C PRO G 401 -0.07 -52.24 22.98
N ILE G 402 -0.86 -53.28 22.71
CA ILE G 402 -1.42 -53.48 21.38
C ILE G 402 -2.34 -52.32 20.99
N GLU G 403 -2.97 -51.67 21.97
CA GLU G 403 -3.80 -50.50 21.64
C GLU G 403 -2.94 -49.37 21.08
N ILE G 404 -1.74 -49.17 21.65
CA ILE G 404 -0.84 -48.15 21.15
C ILE G 404 -0.28 -48.57 19.81
N ASP G 405 0.10 -49.84 19.68
CA ASP G 405 0.61 -50.38 18.42
C ASP G 405 -0.36 -50.13 17.28
N GLU G 406 -1.66 -50.36 17.50
CA GLU G 406 -2.64 -50.17 16.45
C GLU G 406 -2.93 -48.70 16.16
N GLN G 407 -2.76 -47.83 17.15
CA GLN G 407 -2.97 -46.37 16.91
C GLN G 407 -1.86 -45.79 16.04
N VAL G 408 -0.63 -46.26 16.19
CA VAL G 408 0.51 -45.81 15.34
C VAL G 408 0.21 -46.08 13.86
N ALA G 409 -0.23 -47.29 13.54
CA ALA G 409 -0.52 -47.67 12.14
C ALA G 409 -1.72 -46.90 11.61
N ARG G 410 -2.74 -46.75 12.42
CA ARG G 410 -3.94 -45.97 12.00
C ARG G 410 -3.54 -44.51 11.76
N LEU G 411 -2.55 -44.00 12.50
CA LEU G 411 -2.09 -42.59 12.34
C LEU G 411 -1.34 -42.45 11.02
N LYS G 412 -0.45 -43.40 10.70
CA LYS G 412 0.30 -43.35 9.43
C LYS G 412 -0.66 -43.45 8.25
N LEU G 413 -1.63 -44.36 8.33
CA LEU G 413 -2.59 -44.57 7.23
C LEU G 413 -3.42 -43.29 7.06
N LYS G 414 -3.84 -42.72 8.19
CA LYS G 414 -4.62 -41.47 8.17
C LYS G 414 -3.75 -40.37 7.57
N ALA G 415 -2.47 -40.37 7.91
CA ALA G 415 -1.52 -39.39 7.34
C ALA G 415 -1.23 -39.65 5.86
N LEU G 416 -1.30 -40.90 5.40
CA LEU G 416 -0.92 -41.25 4.01
C LEU G 416 -2.15 -41.30 3.10
N GLY G 417 -3.34 -41.20 3.67
CA GLY G 417 -4.57 -41.20 2.88
C GLY G 417 -5.00 -42.59 2.44
N ILE G 418 -4.74 -43.60 3.26
CA ILE G 418 -5.06 -45.00 2.86
C ILE G 418 -6.26 -45.48 3.66
N GLU G 419 -7.33 -45.83 2.96
CA GLU G 419 -8.51 -46.36 3.63
C GLU G 419 -8.48 -47.88 3.66
N ILE G 420 -8.89 -48.44 4.78
CA ILE G 420 -8.96 -49.88 4.99
C ILE G 420 -10.41 -50.30 5.07
N GLU G 421 -10.70 -51.54 4.66
CA GLU G 421 -12.07 -52.04 4.67
C GLU G 421 -12.56 -52.25 6.10
N GLU G 422 -13.82 -51.90 6.36
CA GLU G 422 -14.45 -52.13 7.65
C GLU G 422 -15.33 -53.36 7.56
N LEU G 423 -15.19 -54.27 8.53
CA LEU G 423 -15.97 -55.51 8.50
C LEU G 423 -17.44 -55.24 8.75
N THR G 424 -18.30 -55.90 7.97
CA THR G 424 -19.73 -55.80 8.21
C THR G 424 -20.08 -56.69 9.40
N ILE G 425 -21.31 -56.51 9.92
CA ILE G 425 -21.65 -57.25 11.13
C ILE G 425 -21.86 -58.74 10.81
N GLU G 426 -22.39 -59.05 9.62
CA GLU G 426 -22.51 -60.46 9.26
C GLU G 426 -21.13 -61.09 9.15
N GLN G 427 -20.13 -60.30 8.75
CA GLN G 427 -18.76 -60.79 8.67
C GLN G 427 -18.14 -60.95 10.05
N LYS G 428 -18.42 -60.03 10.98
CA LYS G 428 -17.84 -60.16 12.31
C LYS G 428 -18.44 -61.35 13.04
N GLU G 429 -19.71 -61.63 12.80
CA GLU G 429 -20.36 -62.77 13.43
C GLU G 429 -19.84 -64.07 12.84
N TYR G 430 -19.88 -64.19 11.51
CA TYR G 430 -19.21 -65.29 10.81
C TYR G 430 -17.70 -65.20 11.03
N ILE G 431 -17.20 -65.98 12.00
CA ILE G 431 -15.79 -66.14 12.37
C ILE G 431 -15.78 -66.36 13.88
N LYS G 432 -16.87 -65.98 14.53
CA LYS G 432 -17.17 -66.46 15.88
C LYS G 432 -17.92 -67.77 15.83
N GLN G 433 -18.39 -68.17 14.67
CA GLN G 433 -19.16 -69.39 14.47
C GLN G 433 -18.25 -70.53 14.01
N TRP G 434 -18.67 -71.74 14.35
CA TRP G 434 -17.93 -72.96 14.06
C TRP G 434 -18.81 -74.11 13.63
N LYS G 435 -20.11 -74.04 13.88
CA LYS G 435 -21.04 -75.12 13.65
C LYS G 435 -21.41 -75.25 12.18
N TYR G 436 -22.26 -76.23 11.90
CA TYR G 436 -22.77 -76.45 10.56
C TYR G 436 -23.90 -75.47 10.23
N GLY G 437 -23.61 -74.60 9.29
CA GLY G 437 -24.57 -73.67 8.73
C GLY G 437 -24.16 -72.23 8.88
N THR G 438 -24.38 -71.46 7.83
CA THR G 438 -24.08 -70.04 7.89
C THR G 438 -25.29 -69.25 7.45
N ARG H 27 -37.85 19.98 15.24
CA ARG H 27 -38.68 20.54 14.18
C ARG H 27 -38.05 21.68 13.40
N VAL H 28 -37.62 21.39 12.17
CA VAL H 28 -37.05 22.39 11.29
C VAL H 28 -37.76 22.30 9.94
N LYS H 29 -37.40 23.21 9.04
CA LYS H 29 -38.09 23.33 7.77
C LYS H 29 -37.75 22.18 6.82
N ASP H 30 -36.47 22.03 6.50
CA ASP H 30 -36.03 21.02 5.54
C ASP H 30 -34.75 20.38 6.04
N LEU H 31 -34.85 19.13 6.48
CA LEU H 31 -33.70 18.38 6.97
C LEU H 31 -32.73 18.02 5.85
N SER H 32 -33.11 18.21 4.59
CA SER H 32 -32.25 17.91 3.45
C SER H 32 -31.15 18.94 3.25
N LEU H 33 -31.23 20.11 3.88
CA LEU H 33 -30.21 21.15 3.76
C LEU H 33 -29.06 20.97 4.75
N ALA H 34 -29.08 19.90 5.54
CA ALA H 34 -28.08 19.68 6.58
C ALA H 34 -26.66 19.64 6.06
N GLU H 35 -26.44 19.25 4.80
CA GLU H 35 -25.06 19.21 4.28
C GLU H 35 -24.56 20.62 3.98
N GLN H 36 -25.43 21.46 3.40
CA GLN H 36 -25.06 22.85 3.16
C GLN H 36 -24.82 23.59 4.49
N GLY H 37 -25.68 23.36 5.48
CA GLY H 37 -25.49 24.01 6.76
C GLY H 37 -24.25 23.54 7.48
N ARG H 38 -23.94 22.23 7.37
CA ARG H 38 -22.76 21.70 8.04
C ARG H 38 -21.50 22.33 7.50
N LYS H 39 -21.44 22.55 6.18
CA LYS H 39 -20.30 23.27 5.60
C LYS H 39 -20.23 24.71 6.11
N GLN H 40 -21.38 25.30 6.42
CA GLN H 40 -21.39 26.66 6.96
C GLN H 40 -20.99 26.68 8.43
N ILE H 41 -21.36 25.67 9.19
CA ILE H 41 -20.92 25.60 10.58
C ILE H 41 -19.42 25.34 10.65
N GLU H 42 -18.90 24.50 9.76
CA GLU H 42 -17.46 24.24 9.75
C GLU H 42 -16.69 25.50 9.40
N TRP H 43 -17.22 26.29 8.46
CA TRP H 43 -16.62 27.57 8.12
C TRP H 43 -16.56 28.49 9.34
N ALA H 44 -17.64 28.51 10.12
CA ALA H 44 -17.65 29.30 11.35
C ALA H 44 -16.62 28.80 12.36
N GLU H 45 -16.46 27.47 12.48
CA GLU H 45 -15.49 26.91 13.42
C GLU H 45 -14.09 27.41 13.12
N LEU H 46 -13.73 27.48 11.83
CA LEU H 46 -12.42 27.97 11.46
C LEU H 46 -12.22 29.44 11.81
N HIS H 47 -13.31 30.20 11.99
CA HIS H 47 -13.23 31.63 12.30
C HIS H 47 -13.67 31.94 13.72
N MET H 48 -13.81 30.94 14.57
CA MET H 48 -14.05 31.14 16.00
C MET H 48 -12.96 30.40 16.77
N PRO H 49 -11.70 30.82 16.62
CA PRO H 49 -10.61 30.02 17.20
C PRO H 49 -10.67 29.96 18.70
N ALA H 50 -11.05 31.05 19.36
CA ALA H 50 -11.06 31.06 20.82
C ALA H 50 -12.13 30.14 21.37
N LEU H 51 -13.31 30.13 20.75
CA LEU H 51 -14.34 29.22 21.21
C LEU H 51 -13.97 27.78 20.88
N MET H 52 -13.15 27.58 19.86
CA MET H 52 -12.71 26.23 19.53
C MET H 52 -11.75 25.72 20.60
N GLU H 53 -10.98 26.61 21.24
CA GLU H 53 -10.11 26.17 22.31
C GLU H 53 -10.90 25.84 23.56
N ILE H 54 -12.00 26.56 23.81
CA ILE H 54 -12.87 26.20 24.93
C ILE H 54 -13.55 24.85 24.67
N ARG H 55 -13.88 24.55 23.41
CA ARG H 55 -14.46 23.25 23.10
C ARG H 55 -13.50 22.13 23.46
N LYS H 56 -12.20 22.36 23.27
CA LYS H 56 -11.19 21.37 23.63
C LYS H 56 -11.16 21.17 25.14
N ARG H 57 -11.18 22.27 25.88
CA ARG H 57 -11.20 22.23 27.33
C ARG H 57 -12.52 21.67 27.87
N PHE H 58 -13.59 21.74 27.08
CA PHE H 58 -14.90 21.23 27.49
C PHE H 58 -15.07 19.72 27.27
N ASN H 59 -14.70 19.22 26.09
CA ASN H 59 -14.92 17.81 25.80
C ASN H 59 -14.00 16.91 26.61
N ALA H 60 -12.99 17.50 27.26
CA ALA H 60 -12.05 16.76 28.08
C ALA H 60 -12.39 16.86 29.56
N GLU H 61 -12.86 18.02 30.03
CA GLU H 61 -13.15 18.21 31.43
C GLU H 61 -14.62 18.00 31.77
N LYS H 62 -15.48 17.82 30.76
CA LYS H 62 -16.94 17.68 30.86
C LYS H 62 -17.58 18.49 31.98
N PRO H 63 -17.47 19.82 31.98
CA PRO H 63 -18.03 20.61 33.09
C PRO H 63 -19.54 20.73 33.09
N LEU H 64 -20.23 20.41 31.99
CA LEU H 64 -21.68 20.56 31.91
C LEU H 64 -22.38 19.22 31.79
N ASP H 65 -21.80 18.16 32.33
CA ASP H 65 -22.37 16.84 32.18
C ASP H 65 -23.60 16.68 33.06
N GLY H 66 -24.66 16.10 32.49
CA GLY H 66 -25.94 15.98 33.17
C GLY H 66 -26.72 17.27 33.27
N ILE H 67 -26.34 18.28 32.50
CA ILE H 67 -26.98 19.60 32.51
C ILE H 67 -27.82 19.75 31.25
N ARG H 68 -29.06 20.20 31.42
CA ARG H 68 -29.96 20.44 30.31
C ARG H 68 -30.11 21.95 30.13
N ILE H 69 -29.87 22.43 28.91
CA ILE H 69 -29.84 23.86 28.62
C ILE H 69 -30.98 24.18 27.65
N GLY H 70 -31.77 25.20 27.99
CA GLY H 70 -32.77 25.72 27.07
C GLY H 70 -32.39 27.11 26.61
N ALA H 71 -32.28 27.32 25.31
CA ALA H 71 -31.71 28.53 24.74
C ALA H 71 -32.65 29.14 23.71
N VAL H 72 -32.83 30.46 23.79
CA VAL H 72 -33.48 31.24 22.73
C VAL H 72 -32.43 32.19 22.18
N LEU H 73 -31.90 31.82 21.01
CA LEU H 73 -30.83 32.53 20.32
C LEU H 73 -31.17 32.58 18.83
N HIS H 74 -30.42 33.40 18.08
CA HIS H 74 -30.54 33.42 16.63
C HIS H 74 -29.89 32.17 16.05
N VAL H 75 -30.66 31.40 15.29
CA VAL H 75 -30.18 30.11 14.77
C VAL H 75 -29.26 30.38 13.59
N THR H 76 -27.97 30.59 13.89
CA THR H 76 -26.97 30.90 12.89
C THR H 76 -25.89 29.86 12.91
N LYS H 77 -25.00 29.92 11.91
CA LYS H 77 -23.83 29.06 11.91
C LYS H 77 -22.98 29.29 13.15
N GLU H 78 -23.06 30.49 13.72
CA GLU H 78 -22.29 30.84 14.91
C GLU H 78 -22.93 30.30 16.18
N THR H 79 -24.26 30.35 16.28
CA THR H 79 -24.92 29.68 17.39
C THR H 79 -24.71 28.17 17.35
N ALA H 80 -24.61 27.59 16.15
CA ALA H 80 -24.38 26.16 16.02
C ALA H 80 -23.03 25.79 16.63
N VAL H 81 -22.04 26.67 16.47
CA VAL H 81 -20.73 26.42 17.03
C VAL H 81 -20.78 26.49 18.55
N LEU H 82 -21.65 27.34 19.10
CA LEU H 82 -21.78 27.47 20.55
C LEU H 82 -22.55 26.31 21.16
N VAL H 83 -23.68 25.91 20.57
CA VAL H 83 -24.45 24.81 21.14
C VAL H 83 -23.70 23.50 20.99
N GLU H 84 -23.00 23.30 19.87
CA GLU H 84 -22.21 22.08 19.74
C GLU H 84 -20.97 22.14 20.63
N THR H 85 -20.48 23.35 20.93
CA THR H 85 -19.44 23.49 21.94
C THR H 85 -20.00 23.14 23.32
N LEU H 86 -21.25 23.51 23.59
CA LEU H 86 -21.89 23.17 24.86
C LEU H 86 -22.15 21.67 24.96
N LYS H 87 -22.59 21.05 23.86
CA LYS H 87 -22.77 19.61 23.85
C LYS H 87 -21.46 18.87 24.09
N ALA H 88 -20.36 19.43 23.60
CA ALA H 88 -19.05 18.81 23.82
C ALA H 88 -18.73 18.71 25.30
N GLY H 89 -19.18 19.68 26.10
CA GLY H 89 -19.00 19.64 27.53
C GLY H 89 -19.93 18.71 28.29
N GLY H 90 -20.72 17.92 27.59
CA GLY H 90 -21.60 16.95 28.21
C GLY H 90 -23.01 17.42 28.47
N ALA H 91 -23.44 18.49 27.81
CA ALA H 91 -24.77 19.06 28.01
C ALA H 91 -25.72 18.64 26.90
N GLU H 92 -27.00 18.59 27.25
CA GLU H 92 -28.08 18.38 26.29
C GLU H 92 -28.84 19.68 26.10
N ILE H 93 -28.95 20.13 24.84
CA ILE H 93 -29.37 21.48 24.52
C ILE H 93 -30.64 21.44 23.67
N ALA H 94 -31.62 22.27 24.05
CA ALA H 94 -32.81 22.53 23.25
C ALA H 94 -32.77 23.98 22.79
N LEU H 95 -32.94 24.19 21.48
CA LEU H 95 -32.73 25.49 20.86
C LEU H 95 -33.99 25.97 20.14
N ALA H 96 -34.32 27.23 20.34
CA ALA H 96 -35.42 27.88 19.63
C ALA H 96 -34.96 29.23 19.10
N GLY H 97 -35.49 29.61 17.95
CA GLY H 97 -35.09 30.86 17.33
C GLY H 97 -35.54 32.05 18.15
N SER H 98 -34.68 33.06 18.24
CA SER H 98 -34.98 34.27 19.00
C SER H 98 -35.77 35.30 18.20
N ASN H 99 -35.76 35.19 16.87
CA ASN H 99 -36.44 36.11 16.00
C ASN H 99 -37.04 35.24 14.92
N PRO H 100 -38.28 35.51 14.49
CA PRO H 100 -38.95 34.59 13.56
C PRO H 100 -38.36 34.57 12.15
N LEU H 101 -37.49 35.51 11.79
CA LEU H 101 -36.90 35.54 10.45
C LEU H 101 -35.38 35.44 10.46
N SER H 102 -34.75 35.24 11.61
CA SER H 102 -33.30 35.20 11.69
C SER H 102 -32.72 33.82 11.44
N THR H 103 -33.50 32.76 11.65
CA THR H 103 -33.04 31.39 11.53
C THR H 103 -32.49 31.08 10.15
N GLN H 104 -31.27 30.52 10.11
CA GLN H 104 -30.70 29.94 8.90
C GLN H 104 -31.12 28.47 8.83
N ASP H 105 -32.02 28.13 7.90
CA ASP H 105 -32.64 26.81 7.88
C ASP H 105 -31.62 25.69 7.66
N ASP H 106 -30.62 25.92 6.81
CA ASP H 106 -29.59 24.90 6.60
C ASP H 106 -28.82 24.62 7.87
N VAL H 107 -28.56 25.65 8.68
CA VAL H 107 -27.84 25.44 9.92
C VAL H 107 -28.71 24.68 10.92
N ALA H 108 -30.02 24.95 10.94
CA ALA H 108 -30.91 24.25 11.84
C ALA H 108 -31.03 22.78 11.47
N ALA H 109 -31.09 22.47 10.17
CA ALA H 109 -31.06 21.08 9.72
C ALA H 109 -29.78 20.39 10.19
N GLY H 110 -28.63 21.00 9.93
CA GLY H 110 -27.36 20.42 10.36
C GLY H 110 -27.31 20.17 11.86
N LEU H 111 -27.89 21.08 12.65
CA LEU H 111 -27.90 20.89 14.09
C LEU H 111 -28.83 19.74 14.50
N ALA H 112 -29.91 19.52 13.75
CA ALA H 112 -30.82 18.43 14.06
C ALA H 112 -30.19 17.07 13.78
N LYS H 113 -29.42 16.97 12.69
CA LYS H 113 -28.67 15.75 12.41
C LYS H 113 -27.66 15.41 13.50
N ASN H 114 -27.19 16.40 14.26
CA ASN H 114 -26.36 16.12 15.42
C ASN H 114 -27.31 15.90 16.59
N GLY H 115 -26.95 16.28 17.81
CA GLY H 115 -27.82 15.94 18.92
C GLY H 115 -28.63 17.10 19.48
N ILE H 116 -28.92 18.09 18.64
CA ILE H 116 -29.53 19.34 19.06
C ILE H 116 -31.03 19.31 18.77
N HIS H 117 -31.82 19.54 19.82
CA HIS H 117 -33.28 19.69 19.71
C HIS H 117 -33.61 21.11 19.25
N VAL H 118 -33.46 21.34 17.95
CA VAL H 118 -33.64 22.68 17.38
C VAL H 118 -35.05 22.76 16.81
N TYR H 119 -35.84 23.72 17.31
CA TYR H 119 -37.20 23.98 16.86
C TYR H 119 -37.20 25.39 16.27
N ALA H 120 -36.87 25.49 14.99
CA ALA H 120 -36.76 26.82 14.39
C ALA H 120 -36.69 26.68 12.87
N TRP H 121 -37.25 27.69 12.19
CA TRP H 121 -37.19 27.81 10.75
C TRP H 121 -37.50 29.25 10.39
N ARG H 122 -37.01 29.69 9.22
CA ARG H 122 -37.29 31.05 8.81
C ARG H 122 -38.74 31.19 8.38
N GLY H 123 -39.37 32.28 8.80
CA GLY H 123 -40.75 32.51 8.47
C GLY H 123 -41.73 32.09 9.52
N GLU H 124 -41.29 31.92 10.77
CA GLU H 124 -42.19 31.46 11.81
C GLU H 124 -43.33 32.47 11.97
N THR H 125 -44.47 31.98 12.42
CA THR H 125 -45.49 32.92 12.85
C THR H 125 -45.33 33.10 14.34
N GLU H 126 -45.88 34.19 14.87
CA GLU H 126 -45.69 34.47 16.29
C GLU H 126 -46.32 33.38 17.15
N LYS H 127 -47.37 32.70 16.65
CA LYS H 127 -47.86 31.54 17.38
C LYS H 127 -46.84 30.42 17.38
N ASP H 128 -46.26 30.14 16.21
CA ASP H 128 -45.21 29.13 16.11
C ASP H 128 -44.06 29.45 17.06
N TYR H 129 -43.72 30.73 17.18
CA TYR H 129 -42.62 31.17 18.01
C TYR H 129 -42.78 30.71 19.47
N TYR H 130 -43.95 30.96 20.06
CA TYR H 130 -44.15 30.57 21.46
C TYR H 130 -44.48 29.10 21.62
N ASP H 131 -44.95 28.43 20.56
CA ASP H 131 -45.01 26.97 20.60
C ASP H 131 -43.60 26.39 20.69
N ASN H 132 -42.67 26.98 19.93
CA ASN H 132 -41.28 26.51 19.92
C ASN H 132 -40.61 26.74 21.27
N ILE H 133 -40.99 27.77 22.02
CA ILE H 133 -40.40 27.97 23.33
C ILE H 133 -40.94 26.96 24.32
N ARG H 134 -42.23 26.64 24.22
CA ARG H 134 -42.80 25.58 25.04
C ARG H 134 -42.19 24.22 24.70
N GLU H 135 -41.84 24.00 23.43
CA GLU H 135 -41.18 22.75 23.05
C GLU H 135 -39.83 22.61 23.74
N ILE H 136 -38.97 23.63 23.64
CA ILE H 136 -37.66 23.59 24.28
C ILE H 136 -37.82 23.54 25.80
N LEU H 137 -38.95 24.01 26.32
CA LEU H 137 -39.18 24.08 27.76
C LEU H 137 -39.67 22.76 28.34
N LYS H 138 -40.02 21.78 27.49
CA LYS H 138 -40.46 20.48 28.00
C LYS H 138 -39.32 19.71 28.64
N TYR H 139 -38.09 19.96 28.23
CA TYR H 139 -36.98 19.25 28.86
C TYR H 139 -36.68 19.78 30.24
N GLU H 140 -37.38 20.83 30.68
CA GLU H 140 -37.24 21.41 32.02
C GLU H 140 -35.77 21.74 32.27
N PRO H 141 -35.25 22.80 31.66
CA PRO H 141 -33.80 23.03 31.70
C PRO H 141 -33.33 23.53 33.05
N HIS H 142 -32.06 23.26 33.34
CA HIS H 142 -31.42 23.91 34.48
C HIS H 142 -30.84 25.27 34.13
N VAL H 143 -30.49 25.51 32.86
CA VAL H 143 -29.94 26.80 32.44
C VAL H 143 -30.79 27.38 31.33
N ILE H 144 -31.04 28.69 31.40
CA ILE H 144 -31.81 29.45 30.42
C ILE H 144 -30.87 30.41 29.71
N MET H 145 -30.67 30.22 28.42
CA MET H 145 -29.91 31.17 27.62
C MET H 145 -30.88 31.94 26.73
N ASP H 146 -30.90 33.26 26.90
CA ASP H 146 -31.90 34.11 26.27
C ASP H 146 -31.22 35.24 25.49
N ASP H 147 -31.92 35.73 24.46
CA ASP H 147 -31.41 36.85 23.67
C ASP H 147 -32.20 38.12 23.90
N GLY H 148 -33.50 38.12 23.62
CA GLY H 148 -34.28 39.33 23.77
C GLY H 148 -35.12 39.45 25.02
N GLY H 149 -35.00 38.51 25.95
CA GLY H 149 -35.77 38.55 27.18
C GLY H 149 -37.04 37.74 27.18
N ASP H 150 -37.45 37.20 26.03
CA ASP H 150 -38.72 36.47 25.98
C ASP H 150 -38.65 35.18 26.81
N LEU H 151 -37.52 34.47 26.74
CA LEU H 151 -37.39 33.24 27.51
C LEU H 151 -37.36 33.52 29.00
N HIS H 152 -36.67 34.58 29.42
CA HIS H 152 -36.69 34.94 30.84
C HIS H 152 -38.07 35.37 31.28
N ALA H 153 -38.79 36.13 30.44
CA ALA H 153 -40.12 36.61 30.81
C ALA H 153 -41.13 35.46 30.86
N TYR H 154 -41.16 34.64 29.82
CA TYR H 154 -42.12 33.54 29.76
C TYR H 154 -41.95 32.59 30.92
N VAL H 155 -40.70 32.21 31.22
CA VAL H 155 -40.44 31.22 32.25
C VAL H 155 -40.92 31.70 33.62
N HIS H 156 -40.89 33.01 33.86
CA HIS H 156 -41.35 33.61 35.10
C HIS H 156 -42.85 33.87 35.08
N GLU H 157 -43.37 34.28 33.93
CA GLU H 157 -44.77 34.63 33.80
C GLU H 157 -45.69 33.43 33.91
N ASN H 158 -45.19 32.24 33.58
CA ASN H 158 -45.96 31.01 33.68
C ASN H 158 -45.45 30.12 34.83
N ASN H 159 -44.63 30.70 35.72
CA ASN H 159 -44.19 30.03 36.96
C ASN H 159 -43.50 28.70 36.71
N LEU H 160 -42.60 28.65 35.73
CA LEU H 160 -41.86 27.45 35.37
C LEU H 160 -40.39 27.51 35.79
N THR H 161 -40.06 28.40 36.73
CA THR H 161 -38.70 28.59 37.24
C THR H 161 -38.20 27.52 38.21
N SER H 162 -39.04 26.55 38.60
CA SER H 162 -38.70 25.65 39.70
C SER H 162 -37.32 24.99 39.54
N LYS H 163 -37.05 24.37 38.40
CA LYS H 163 -35.79 23.66 38.24
C LYS H 163 -34.69 24.49 37.60
N ILE H 164 -34.94 25.76 37.27
CA ILE H 164 -33.93 26.54 36.57
C ILE H 164 -32.87 27.00 37.56
N VAL H 165 -31.62 26.69 37.25
CA VAL H 165 -30.52 26.97 38.16
C VAL H 165 -29.83 28.32 37.86
N GLY H 166 -29.94 28.81 36.63
CA GLY H 166 -29.34 30.09 36.29
C GLY H 166 -29.51 30.39 34.82
N GLY H 167 -29.05 31.56 34.42
CA GLY H 167 -29.24 31.97 33.04
C GLY H 167 -28.26 33.03 32.56
N THR H 168 -28.34 33.30 31.25
CA THR H 168 -27.52 34.30 30.60
C THR H 168 -28.39 35.14 29.67
N GLU H 169 -27.96 36.39 29.45
CA GLU H 169 -28.66 37.32 28.56
C GLU H 169 -27.66 37.89 27.57
N GLU H 170 -27.98 37.84 26.27
CA GLU H 170 -27.01 38.19 25.25
C GLU H 170 -27.07 39.65 24.78
N THR H 171 -28.24 40.28 24.75
CA THR H 171 -28.35 41.59 24.12
C THR H 171 -28.84 42.63 25.13
N THR H 172 -28.58 43.89 24.79
CA THR H 172 -28.92 45.01 25.67
C THR H 172 -30.40 45.01 26.04
N THR H 173 -31.28 44.78 25.07
CA THR H 173 -32.72 44.82 25.34
C THR H 173 -33.10 43.79 26.40
N GLY H 174 -32.46 42.62 26.37
CA GLY H 174 -32.74 41.62 27.37
C GLY H 174 -32.24 41.97 28.76
N VAL H 175 -31.12 42.70 28.86
CA VAL H 175 -30.60 43.06 30.17
C VAL H 175 -31.48 44.09 30.85
N ILE H 176 -32.02 45.05 30.09
CA ILE H 176 -32.91 46.05 30.67
C ILE H 176 -34.17 45.40 31.23
N ARG H 177 -34.76 44.46 30.49
CA ARG H 177 -35.93 43.76 31.00
C ARG H 177 -35.60 43.01 32.28
N LEU H 178 -34.47 42.31 32.32
CA LEU H 178 -34.08 41.55 33.50
C LEU H 178 -33.77 42.43 34.71
N LYS H 179 -33.27 43.64 34.50
CA LYS H 179 -33.02 44.53 35.62
C LYS H 179 -34.34 45.02 36.22
N ALA H 180 -35.37 45.21 35.38
CA ALA H 180 -36.70 45.51 35.88
C ALA H 180 -37.29 44.35 36.68
N MET H 181 -37.10 43.11 36.19
CA MET H 181 -37.51 41.93 36.94
C MET H 181 -36.84 41.90 38.31
N GLU H 182 -35.61 42.40 38.38
CA GLU H 182 -34.87 42.44 39.64
C GLU H 182 -35.37 43.56 40.54
N GLU H 183 -35.79 44.68 39.95
CA GLU H 183 -36.40 45.75 40.74
C GLU H 183 -37.72 45.30 41.36
N GLU H 184 -38.44 44.41 40.67
CA GLU H 184 -39.71 43.88 41.16
C GLU H 184 -39.57 42.60 41.98
N LYS H 185 -38.35 42.08 42.13
CA LYS H 185 -38.09 40.85 42.89
C LYS H 185 -38.90 39.67 42.35
N VAL H 186 -39.07 39.60 41.03
CA VAL H 186 -39.73 38.45 40.43
C VAL H 186 -38.69 37.48 39.86
N LEU H 187 -37.48 37.94 39.59
CA LEU H 187 -36.42 37.07 39.13
C LEU H 187 -36.17 35.96 40.16
N LYS H 188 -36.08 34.72 39.69
CA LYS H 188 -36.03 33.56 40.56
C LYS H 188 -34.73 32.78 40.48
N TYR H 189 -33.89 33.03 39.49
CA TYR H 189 -32.57 32.40 39.38
C TYR H 189 -31.54 33.45 39.04
N PRO H 190 -30.25 33.16 39.27
CA PRO H 190 -29.19 34.10 38.89
C PRO H 190 -29.06 34.16 37.37
N VAL H 191 -28.74 35.36 36.87
CA VAL H 191 -28.58 35.58 35.44
C VAL H 191 -27.30 36.35 35.18
N ILE H 192 -26.52 35.90 34.18
CA ILE H 192 -25.28 36.54 33.78
C ILE H 192 -25.57 37.42 32.57
N ALA H 193 -25.33 38.72 32.71
CA ALA H 193 -25.48 39.67 31.61
C ALA H 193 -24.21 39.65 30.77
N VAL H 194 -24.15 38.70 29.83
CA VAL H 194 -22.95 38.61 28.99
C VAL H 194 -22.81 39.84 28.11
N ASN H 195 -23.90 40.57 27.87
CA ASN H 195 -23.85 41.76 27.04
C ASN H 195 -22.94 42.84 27.63
N ASN H 196 -22.87 42.92 28.96
CA ASN H 196 -22.14 43.98 29.63
C ASN H 196 -20.65 43.69 29.80
N ALA H 197 -20.16 42.55 29.32
CA ALA H 197 -18.73 42.28 29.32
C ALA H 197 -18.04 43.13 28.27
N PHE H 198 -16.83 43.61 28.58
CA PHE H 198 -16.08 44.43 27.63
C PHE H 198 -15.90 43.72 26.29
N THR H 199 -15.56 42.44 26.31
CA THR H 199 -15.35 41.71 25.08
C THR H 199 -16.63 41.48 24.30
N LYS H 200 -17.79 41.87 24.84
CA LYS H 200 -19.02 41.76 24.08
C LYS H 200 -19.44 43.11 23.52
N TYR H 201 -19.83 44.06 24.39
CA TYR H 201 -20.43 45.30 23.90
C TYR H 201 -19.42 46.18 23.16
N LEU H 202 -18.12 46.05 23.43
CA LEU H 202 -17.17 46.85 22.65
C LEU H 202 -16.92 46.29 21.26
N PHE H 203 -17.30 45.03 21.00
CA PHE H 203 -17.01 44.39 19.73
C PHE H 203 -18.25 43.85 19.05
N ASP H 204 -19.08 43.10 19.76
CA ASP H 204 -20.34 42.64 19.18
C ASP H 204 -21.25 43.83 18.87
N ASN H 205 -21.63 44.58 19.90
CA ASN H 205 -22.60 45.65 19.69
C ASN H 205 -22.07 46.76 18.78
N ARG H 206 -20.77 47.06 18.85
CA ARG H 206 -20.19 48.17 18.09
C ARG H 206 -19.63 47.71 16.75
N ILE H 207 -18.58 46.89 16.80
CA ILE H 207 -17.88 46.50 15.58
C ILE H 207 -18.74 45.56 14.73
N GLY H 208 -19.35 44.56 15.36
CA GLY H 208 -20.12 43.58 14.62
C GLY H 208 -21.34 44.18 13.94
N THR H 209 -22.17 44.91 14.70
CA THR H 209 -23.39 45.50 14.13
C THR H 209 -23.07 46.56 13.09
N GLY H 210 -21.94 47.24 13.22
CA GLY H 210 -21.54 48.22 12.21
C GLY H 210 -21.41 47.59 10.83
N GLN H 211 -20.63 46.51 10.72
CA GLN H 211 -20.51 45.82 9.45
C GLN H 211 -21.82 45.13 9.08
N SER H 212 -22.44 44.44 10.04
CA SER H 212 -23.62 43.64 9.76
C SER H 212 -24.76 44.48 9.20
N THR H 213 -25.01 45.64 9.81
CA THR H 213 -26.13 46.48 9.38
C THR H 213 -25.91 47.02 7.97
N ILE H 214 -24.70 47.50 7.68
CA ILE H 214 -24.38 47.95 6.32
C ILE H 214 -24.48 46.79 5.35
N ASP H 215 -24.05 45.60 5.78
CA ASP H 215 -24.20 44.41 4.95
C ASP H 215 -25.67 44.12 4.68
N GLY H 216 -26.51 44.18 5.73
CA GLY H 216 -27.93 43.96 5.54
C GLY H 216 -28.58 44.97 4.62
N ILE H 217 -28.22 46.25 4.77
CA ILE H 217 -28.79 47.27 3.89
C ILE H 217 -28.37 47.03 2.44
N LEU H 218 -27.10 46.66 2.24
CA LEU H 218 -26.61 46.44 0.88
C LEU H 218 -27.20 45.19 0.25
N ARG H 219 -27.59 44.20 1.05
CA ARG H 219 -28.19 42.98 0.50
C ARG H 219 -29.67 43.17 0.17
N ALA H 220 -30.39 43.99 0.94
CA ALA H 220 -31.78 44.27 0.64
C ALA H 220 -31.95 45.30 -0.47
N THR H 221 -31.00 46.23 -0.59
CA THR H 221 -30.99 47.26 -1.61
C THR H 221 -29.54 47.41 -2.01
N ASN H 222 -29.26 47.55 -3.31
CA ASN H 222 -27.89 47.89 -3.68
C ASN H 222 -27.78 49.41 -3.77
N ILE H 223 -27.97 50.02 -2.63
CA ILE H 223 -28.09 51.47 -2.55
C ILE H 223 -26.66 52.01 -2.53
N LEU H 224 -26.43 53.12 -3.22
CA LEU H 224 -25.14 53.78 -3.05
C LEU H 224 -25.15 54.47 -1.70
N ILE H 225 -24.19 54.12 -0.83
CA ILE H 225 -24.14 54.76 0.47
C ILE H 225 -23.36 56.08 0.41
N ALA H 226 -22.36 56.17 -0.46
CA ALA H 226 -21.44 57.30 -0.46
C ALA H 226 -22.16 58.64 -0.44
N GLY H 227 -23.00 58.90 -1.43
CA GLY H 227 -23.46 60.28 -1.43
C GLY H 227 -24.62 60.63 -0.53
N LYS H 228 -25.05 59.72 0.33
CA LYS H 228 -26.35 59.83 0.98
C LYS H 228 -26.24 60.41 2.38
N VAL H 229 -27.36 61.00 2.81
CA VAL H 229 -27.53 61.45 4.19
C VAL H 229 -28.08 60.27 4.97
N ALA H 230 -27.29 59.72 5.87
CA ALA H 230 -27.72 58.60 6.71
C ALA H 230 -28.01 59.12 8.11
N VAL H 231 -29.16 58.74 8.65
CA VAL H 231 -29.60 59.16 9.97
C VAL H 231 -29.55 57.95 10.88
N VAL H 232 -28.74 58.04 11.93
CA VAL H 232 -28.66 57.00 12.94
C VAL H 232 -29.36 57.54 14.17
N ILE H 233 -30.45 56.91 14.57
CA ILE H 233 -31.15 57.30 15.78
C ILE H 233 -30.68 56.36 16.89
N GLY H 234 -29.93 56.90 17.84
CA GLY H 234 -29.28 56.13 18.87
C GLY H 234 -27.79 56.11 18.67
N TYR H 235 -27.05 56.70 19.60
CA TYR H 235 -25.59 56.72 19.56
C TYR H 235 -25.00 55.93 20.72
N GLY H 236 -25.59 54.79 21.02
CA GLY H 236 -24.98 53.85 21.95
C GLY H 236 -23.88 53.09 21.26
N TRP H 237 -23.61 51.89 21.79
CA TRP H 237 -22.53 51.08 21.23
C TRP H 237 -22.90 50.61 19.82
N VAL H 238 -24.16 50.28 19.60
CA VAL H 238 -24.60 49.89 18.27
C VAL H 238 -24.59 51.08 17.32
N GLY H 239 -25.22 52.20 17.74
CA GLY H 239 -25.39 53.31 16.84
C GLY H 239 -24.09 53.99 16.43
N ARG H 240 -23.13 54.08 17.35
CA ARG H 240 -21.87 54.71 16.98
C ARG H 240 -21.07 53.79 16.05
N GLY H 241 -21.23 52.48 16.17
CA GLY H 241 -20.64 51.56 15.21
C GLY H 241 -21.27 51.69 13.84
N ILE H 242 -22.58 51.92 13.78
CA ILE H 242 -23.25 52.11 12.50
C ILE H 242 -22.83 53.43 11.87
N ALA H 243 -22.77 54.49 12.68
CA ALA H 243 -22.32 55.79 12.18
C ALA H 243 -20.88 55.71 11.70
N SER H 244 -20.05 54.96 12.42
CA SER H 244 -18.68 54.74 11.99
C SER H 244 -18.61 54.12 10.61
N ARG H 245 -19.48 53.14 10.33
CA ARG H 245 -19.43 52.44 9.04
C ARG H 245 -20.14 53.19 7.93
N PHE H 246 -21.24 53.90 8.22
CA PHE H 246 -21.79 54.82 7.24
C PHE H 246 -20.76 55.87 6.85
N LYS H 247 -20.02 56.39 7.85
CA LYS H 247 -18.97 57.36 7.57
C LYS H 247 -17.86 56.72 6.73
N GLY H 248 -17.48 55.48 7.04
CA GLY H 248 -16.49 54.78 6.26
C GLY H 248 -16.93 54.41 4.86
N MET H 249 -18.24 54.33 4.61
CA MET H 249 -18.75 54.07 3.28
C MET H 249 -19.01 55.35 2.50
N GLY H 250 -18.65 56.50 3.07
CA GLY H 250 -18.75 57.77 2.38
C GLY H 250 -19.98 58.59 2.69
N ALA H 251 -20.83 58.15 3.61
CA ALA H 251 -22.09 58.85 3.84
C ALA H 251 -21.91 60.07 4.73
N ARG H 252 -22.88 60.98 4.65
CA ARG H 252 -23.02 62.11 5.57
C ARG H 252 -23.92 61.64 6.73
N VAL H 253 -23.33 61.44 7.90
CA VAL H 253 -24.03 60.81 9.00
C VAL H 253 -24.64 61.85 9.90
N ILE H 254 -25.93 61.68 10.21
CA ILE H 254 -26.65 62.50 11.17
C ILE H 254 -27.08 61.62 12.34
N VAL H 255 -26.88 62.12 13.56
CA VAL H 255 -27.22 61.39 14.78
C VAL H 255 -28.38 62.09 15.49
N VAL H 256 -29.34 61.28 15.94
CA VAL H 256 -30.41 61.72 16.83
C VAL H 256 -30.22 61.02 18.16
N GLU H 257 -30.23 61.78 19.25
CA GLU H 257 -29.99 61.19 20.56
C GLU H 257 -30.96 61.77 21.58
N SER H 258 -31.24 60.97 22.62
CA SER H 258 -32.03 61.39 23.76
C SER H 258 -31.20 61.63 25.00
N SER H 259 -29.95 61.18 25.02
CA SER H 259 -28.99 61.41 26.09
C SER H 259 -28.13 62.63 25.77
N PRO H 260 -28.01 63.59 26.68
CA PRO H 260 -27.08 64.70 26.45
C PRO H 260 -25.63 64.27 26.32
N PHE H 261 -25.19 63.26 27.07
CA PHE H 261 -23.80 62.82 26.96
C PHE H 261 -23.46 62.32 25.56
N ARG H 262 -24.30 61.44 25.02
CA ARG H 262 -23.99 60.80 23.74
C ARG H 262 -24.24 61.71 22.55
N ALA H 263 -25.14 62.68 22.68
CA ALA H 263 -25.28 63.69 21.63
C ALA H 263 -24.02 64.54 21.54
N LEU H 264 -23.42 64.85 22.70
CA LEU H 264 -22.11 65.51 22.72
C LEU H 264 -21.02 64.58 22.21
N GLU H 265 -21.11 63.29 22.53
CA GLU H 265 -20.18 62.32 21.95
C GLU H 265 -20.27 62.31 20.43
N ALA H 266 -21.50 62.31 19.90
CA ALA H 266 -21.67 62.24 18.45
C ALA H 266 -21.24 63.54 17.77
N LEU H 267 -21.50 64.69 18.42
CA LEU H 267 -21.07 65.97 17.85
C LEU H 267 -19.55 66.06 17.80
N MET H 268 -18.88 65.70 18.89
CA MET H 268 -17.43 65.77 18.92
C MET H 268 -16.77 64.72 18.05
N ASP H 269 -17.50 63.71 17.61
CA ASP H 269 -17.02 62.77 16.60
C ASP H 269 -17.31 63.24 15.19
N GLY H 270 -17.78 64.48 15.03
CA GLY H 270 -17.95 65.08 13.73
C GLY H 270 -19.29 64.88 13.05
N PHE H 271 -20.31 64.44 13.77
CA PHE H 271 -21.62 64.18 13.19
C PHE H 271 -22.60 65.30 13.53
N ASP H 272 -23.43 65.64 12.55
CA ASP H 272 -24.53 66.57 12.76
C ASP H 272 -25.58 65.95 13.69
N VAL H 273 -25.89 66.63 14.79
CA VAL H 273 -26.84 66.13 15.78
C VAL H 273 -28.08 67.03 15.76
N MET H 274 -29.27 66.41 15.65
CA MET H 274 -30.51 67.16 15.54
C MET H 274 -31.68 66.30 16.01
N THR H 275 -32.87 66.90 16.00
CA THR H 275 -34.10 66.21 16.35
C THR H 275 -34.55 65.28 15.22
N MET H 276 -35.38 64.29 15.59
CA MET H 276 -36.00 63.46 14.58
C MET H 276 -36.88 64.27 13.63
N ASN H 277 -37.53 65.33 14.14
CA ASN H 277 -38.34 66.17 13.28
C ASN H 277 -37.50 66.84 12.20
N ARG H 278 -36.32 67.34 12.58
CA ARG H 278 -35.41 67.91 11.59
C ARG H 278 -34.72 66.82 10.79
N ALA H 279 -34.28 65.75 11.45
CA ALA H 279 -33.59 64.67 10.73
C ALA H 279 -34.51 64.00 9.71
N SER H 280 -35.82 63.98 9.98
CA SER H 280 -36.77 63.34 9.08
C SER H 280 -36.85 63.99 7.70
N GLU H 281 -36.58 65.29 7.58
CA GLU H 281 -36.82 65.99 6.34
C GLU H 281 -35.65 65.95 5.36
N ILE H 282 -34.48 65.47 5.78
CA ILE H 282 -33.27 65.52 4.98
C ILE H 282 -32.72 64.11 4.76
N GLY H 283 -32.99 63.21 5.70
CA GLY H 283 -32.35 61.90 5.66
C GLY H 283 -32.81 61.08 4.47
N ASP H 284 -31.87 60.31 3.91
CA ASP H 284 -32.11 59.32 2.88
C ASP H 284 -32.25 57.92 3.43
N ILE H 285 -31.47 57.59 4.45
CA ILE H 285 -31.50 56.30 5.13
C ILE H 285 -31.63 56.57 6.62
N PHE H 286 -32.52 55.84 7.28
CA PHE H 286 -32.72 55.93 8.71
C PHE H 286 -32.53 54.55 9.31
N VAL H 287 -31.60 54.45 10.27
CA VAL H 287 -31.39 53.22 11.01
C VAL H 287 -31.58 53.53 12.48
N THR H 288 -32.44 52.77 13.15
CA THR H 288 -32.69 52.95 14.56
C THR H 288 -31.85 51.96 15.36
N ALA H 289 -31.27 52.45 16.44
CA ALA H 289 -30.40 51.64 17.28
C ALA H 289 -30.59 52.08 18.73
N THR H 290 -31.85 52.18 19.12
CA THR H 290 -32.31 52.41 20.48
C THR H 290 -32.85 51.09 21.00
N GLY H 291 -33.16 51.04 22.29
CA GLY H 291 -33.93 49.91 22.76
C GLY H 291 -35.38 50.27 23.00
N ASN H 292 -35.95 51.09 22.13
CA ASN H 292 -37.12 51.88 22.49
C ASN H 292 -38.24 51.76 21.45
N LEU H 293 -39.32 52.48 21.73
CA LEU H 293 -40.61 52.32 21.05
C LEU H 293 -40.91 53.53 20.19
N ASN H 294 -41.38 53.27 18.97
CA ASN H 294 -41.84 54.30 18.02
C ASN H 294 -40.85 55.45 17.97
N VAL H 295 -39.58 55.11 17.84
CA VAL H 295 -38.53 56.12 17.76
C VAL H 295 -38.54 56.76 16.37
N VAL H 296 -39.03 56.04 15.36
CA VAL H 296 -39.38 56.61 14.07
C VAL H 296 -40.89 56.49 13.98
N SER H 297 -41.58 57.62 14.11
CA SER H 297 -43.01 57.67 14.34
C SER H 297 -43.80 57.90 13.04
N ARG H 298 -45.12 57.77 13.16
CA ARG H 298 -46.01 58.08 12.04
C ARG H 298 -45.82 59.53 11.61
N ASP H 299 -45.72 60.43 12.60
CA ASP H 299 -45.50 61.85 12.32
C ASP H 299 -44.17 62.10 11.62
N HIS H 300 -43.14 61.37 12.02
CA HIS H 300 -41.84 61.50 11.35
C HIS H 300 -41.90 61.07 9.90
N ILE H 301 -42.56 59.94 9.61
CA ILE H 301 -42.57 59.42 8.24
C ILE H 301 -43.33 60.34 7.31
N LEU H 302 -44.36 61.04 7.81
CA LEU H 302 -45.12 61.94 6.97
C LEU H 302 -44.25 63.10 6.46
N ARG H 303 -43.17 63.42 7.17
CA ARG H 303 -42.26 64.49 6.78
C ARG H 303 -41.09 64.04 5.92
N MET H 304 -40.90 62.74 5.72
CA MET H 304 -39.68 62.27 5.08
C MET H 304 -39.70 62.51 3.59
N LYS H 305 -38.52 62.45 2.99
CA LYS H 305 -38.47 62.62 1.54
C LYS H 305 -38.98 61.37 0.85
N ASP H 306 -39.32 61.53 -0.42
CA ASP H 306 -39.77 60.41 -1.23
C ASP H 306 -38.59 59.51 -1.59
N GLY H 307 -38.69 58.23 -1.24
CA GLY H 307 -37.63 57.27 -1.45
C GLY H 307 -36.81 56.92 -0.23
N ALA H 308 -37.11 57.49 0.93
CA ALA H 308 -36.36 57.21 2.15
C ALA H 308 -36.38 55.73 2.51
N VAL H 309 -35.24 55.24 2.96
CA VAL H 309 -35.09 53.85 3.39
C VAL H 309 -35.10 53.81 4.91
N LEU H 310 -35.90 52.91 5.48
CA LEU H 310 -35.95 52.70 6.92
C LEU H 310 -35.49 51.30 7.28
N ALA H 311 -34.64 51.20 8.30
CA ALA H 311 -34.21 49.92 8.82
C ALA H 311 -34.06 50.02 10.33
N ASN H 312 -34.15 48.87 11.00
CA ASN H 312 -34.03 48.80 12.45
C ASN H 312 -32.89 47.85 12.82
N SER H 313 -32.06 48.26 13.78
CA SER H 313 -31.00 47.42 14.28
C SER H 313 -31.15 47.03 15.74
N GLY H 314 -32.03 47.70 16.49
CA GLY H 314 -32.34 47.24 17.82
C GLY H 314 -33.21 46.00 17.78
N HIS H 315 -33.27 45.29 18.91
CA HIS H 315 -34.11 44.10 18.93
C HIS H 315 -35.58 44.50 19.04
N PHE H 316 -36.44 43.65 18.46
CA PHE H 316 -37.89 43.85 18.38
C PHE H 316 -38.22 44.93 17.37
N ASN H 317 -39.30 44.73 16.61
CA ASN H 317 -39.69 45.59 15.49
C ASN H 317 -40.53 46.78 15.93
N VAL H 318 -40.26 47.38 17.08
CA VAL H 318 -41.08 48.46 17.60
C VAL H 318 -40.36 49.80 17.59
N GLU H 319 -39.14 49.86 17.06
CA GLU H 319 -38.41 51.12 16.99
C GLU H 319 -39.00 52.03 15.92
N ILE H 320 -39.41 51.47 14.80
CA ILE H 320 -40.18 52.15 13.77
C ILE H 320 -41.64 51.79 13.97
N ASP H 321 -42.52 52.80 13.89
CA ASP H 321 -43.94 52.53 13.94
C ASP H 321 -44.37 51.81 12.66
N VAL H 322 -43.99 50.54 12.55
CA VAL H 322 -44.33 49.79 11.33
C VAL H 322 -45.83 49.60 11.25
N LYS H 323 -46.49 49.39 12.39
CA LYS H 323 -47.94 49.29 12.39
C LYS H 323 -48.56 50.60 11.95
N GLY H 324 -48.00 51.72 12.41
CA GLY H 324 -48.48 53.01 11.98
C GLY H 324 -48.21 53.25 10.50
N LEU H 325 -47.06 52.81 10.01
CA LEU H 325 -46.73 53.03 8.61
C LEU H 325 -47.71 52.28 7.70
N LYS H 326 -48.15 51.09 8.11
CA LYS H 326 -49.14 50.36 7.31
C LYS H 326 -50.51 50.99 7.34
N GLU H 327 -50.88 51.67 8.43
CA GLU H 327 -52.23 52.24 8.45
C GLU H 327 -52.29 53.59 7.77
N ILE H 328 -51.15 54.28 7.62
CA ILE H 328 -51.12 55.54 6.89
C ILE H 328 -50.79 55.37 5.41
N SER H 329 -50.47 54.16 4.96
CA SER H 329 -50.09 53.89 3.58
C SER H 329 -51.27 53.37 2.76
N VAL H 330 -51.22 53.58 1.44
CA VAL H 330 -52.28 53.15 0.53
C VAL H 330 -51.90 51.91 -0.26
N GLU H 331 -50.60 51.68 -0.46
CA GLU H 331 -50.17 50.53 -1.23
C GLU H 331 -48.85 50.00 -0.68
N THR H 332 -48.76 48.69 -0.53
CA THR H 332 -47.52 48.02 -0.16
C THR H 332 -47.20 46.93 -1.16
N ARG H 333 -45.91 46.68 -1.36
CA ARG H 333 -45.50 45.62 -2.27
C ARG H 333 -44.05 45.26 -2.01
N GLU H 334 -43.71 44.01 -2.31
CA GLU H 334 -42.33 43.55 -2.21
C GLU H 334 -41.66 43.79 -3.55
N VAL H 335 -40.57 44.56 -3.54
CA VAL H 335 -39.74 44.75 -4.72
C VAL H 335 -38.66 43.68 -4.80
N ARG H 336 -38.09 43.31 -3.66
CA ARG H 336 -37.17 42.18 -3.58
C ARG H 336 -37.17 41.67 -2.15
N GLN H 337 -36.41 40.61 -1.91
CA GLN H 337 -36.30 40.04 -0.57
C GLN H 337 -35.89 41.11 0.44
N ASN H 338 -36.71 41.27 1.48
CA ASN H 338 -36.48 42.16 2.62
C ASN H 338 -36.62 43.64 2.27
N LEU H 339 -37.14 43.97 1.10
CA LEU H 339 -37.38 45.36 0.71
C LEU H 339 -38.84 45.50 0.31
N GLU H 340 -39.61 46.17 1.17
CA GLU H 340 -41.02 46.46 0.92
C GLU H 340 -41.19 47.94 0.61
N GLU H 341 -41.98 48.25 -0.42
CA GLU H 341 -42.29 49.63 -0.76
C GLU H 341 -43.68 49.99 -0.26
N TYR H 342 -43.78 51.14 0.39
CA TYR H 342 -45.05 51.68 0.85
C TYR H 342 -45.30 52.98 0.11
N LYS H 343 -46.48 53.09 -0.48
CA LYS H 343 -46.94 54.33 -1.09
C LYS H 343 -47.77 55.10 -0.08
N LEU H 344 -47.41 56.34 0.15
CA LEU H 344 -48.13 57.17 1.09
C LEU H 344 -49.22 57.95 0.36
N ARG H 345 -50.15 58.49 1.15
CA ARG H 345 -51.24 59.27 0.57
C ARG H 345 -50.74 60.51 -0.14
N ASN H 346 -49.68 61.14 0.38
CA ASN H 346 -49.08 62.27 -0.32
C ASN H 346 -48.43 61.85 -1.64
N GLY H 347 -48.47 60.56 -1.99
CA GLY H 347 -47.81 60.06 -3.18
C GLY H 347 -46.37 59.67 -2.97
N LYS H 348 -45.80 59.97 -1.83
CA LYS H 348 -44.39 59.67 -1.60
C LYS H 348 -44.21 58.21 -1.24
N ARG H 349 -43.08 57.65 -1.65
CA ARG H 349 -42.75 56.24 -1.43
C ARG H 349 -41.82 56.10 -0.24
N ILE H 350 -42.12 55.15 0.64
CA ILE H 350 -41.27 54.82 1.78
C ILE H 350 -40.88 53.35 1.70
N TYR H 351 -39.58 53.07 1.79
CA TYR H 351 -39.04 51.72 1.71
C TYR H 351 -38.71 51.19 3.10
N LEU H 352 -39.30 50.05 3.45
CA LEU H 352 -39.03 49.38 4.71
C LEU H 352 -38.15 48.16 4.49
N LEU H 353 -37.17 47.98 5.38
CA LEU H 353 -36.20 46.91 5.29
C LEU H 353 -36.52 45.86 6.35
N ALA H 354 -36.56 44.60 5.94
CA ALA H 354 -36.65 43.46 6.86
C ALA H 354 -37.84 43.55 7.80
N ASP H 355 -38.95 44.15 7.32
CA ASP H 355 -40.17 44.33 8.12
C ASP H 355 -39.90 45.03 9.45
N GLY H 356 -38.91 45.91 9.48
CA GLY H 356 -38.59 46.59 10.71
C GLY H 356 -37.90 45.72 11.74
N ARG H 357 -37.48 44.52 11.39
CA ARG H 357 -36.73 43.65 12.26
C ARG H 357 -35.25 43.88 12.01
N LEU H 358 -34.40 43.39 12.94
CA LEU H 358 -32.95 43.63 12.83
C LEU H 358 -32.45 43.31 11.44
N VAL H 359 -32.07 44.35 10.69
CA VAL H 359 -31.83 44.19 9.26
C VAL H 359 -30.55 43.40 9.02
N ASN H 360 -29.61 43.44 9.97
CA ASN H 360 -28.39 42.66 9.84
C ASN H 360 -28.68 41.16 9.89
N LEU H 361 -29.53 40.73 10.82
CA LEU H 361 -29.77 39.30 10.99
C LEU H 361 -30.88 38.77 10.10
N VAL H 362 -31.64 39.63 9.43
CA VAL H 362 -32.75 39.21 8.61
C VAL H 362 -32.47 39.40 7.12
N ALA H 363 -31.79 40.49 6.75
CA ALA H 363 -31.44 40.75 5.37
C ALA H 363 -30.03 40.30 5.05
N ALA H 364 -29.27 39.89 6.07
CA ALA H 364 -27.91 39.41 5.92
C ALA H 364 -27.74 38.26 6.89
N GLU H 365 -26.54 38.08 7.44
CA GLU H 365 -26.28 36.92 8.27
C GLU H 365 -25.87 37.29 9.70
N GLY H 366 -26.12 38.51 10.13
CA GLY H 366 -25.65 38.90 11.45
C GLY H 366 -24.16 39.14 11.43
N HIS H 367 -23.61 39.24 12.65
CA HIS H 367 -22.19 39.54 12.81
C HIS H 367 -21.32 38.41 12.26
N PRO H 368 -20.14 38.75 11.75
CA PRO H 368 -19.17 37.73 11.36
C PRO H 368 -18.86 36.79 12.51
N SER H 369 -18.36 35.61 12.15
CA SER H 369 -18.03 34.62 13.17
C SER H 369 -16.90 35.10 14.06
N GLU H 370 -15.98 35.89 13.51
CA GLU H 370 -14.84 36.38 14.28
C GLU H 370 -15.29 37.25 15.44
N VAL H 371 -16.40 37.97 15.29
CA VAL H 371 -16.90 38.78 16.39
C VAL H 371 -17.73 37.94 17.36
N MET H 372 -18.55 37.02 16.87
CA MET H 372 -19.32 36.16 17.75
C MET H 372 -18.44 35.20 18.53
N ASP H 373 -17.23 34.96 18.03
CA ASP H 373 -16.23 34.23 18.81
C ASP H 373 -16.07 34.84 20.19
N LEU H 374 -16.01 36.18 20.26
CA LEU H 374 -15.84 36.84 21.55
C LEU H 374 -17.10 36.72 22.41
N SER H 375 -18.28 36.98 21.83
CA SER H 375 -19.51 36.99 22.62
C SER H 375 -19.91 35.60 23.08
N PHE H 376 -19.73 34.59 22.23
CA PHE H 376 -20.12 33.24 22.59
C PHE H 376 -19.05 32.53 23.40
N CYS H 377 -17.83 33.09 23.46
CA CYS H 377 -16.86 32.63 24.44
C CYS H 377 -17.28 33.05 25.84
N ASN H 378 -17.80 34.28 25.99
CA ASN H 378 -18.36 34.68 27.27
C ASN H 378 -19.58 33.83 27.60
N GLN H 379 -20.42 33.59 26.59
CA GLN H 379 -21.57 32.70 26.74
C GLN H 379 -21.12 31.35 27.30
N ALA H 380 -20.18 30.70 26.61
CA ALA H 380 -19.74 29.37 27.00
C ALA H 380 -19.11 29.38 28.39
N LEU H 381 -18.19 30.31 28.63
CA LEU H 381 -17.54 30.39 29.93
C LEU H 381 -18.50 30.81 31.05
N SER H 382 -19.56 31.56 30.72
CA SER H 382 -20.48 31.99 31.76
C SER H 382 -21.47 30.90 32.14
N VAL H 383 -21.73 29.95 31.24
CA VAL H 383 -22.56 28.81 31.60
C VAL H 383 -21.84 27.91 32.58
N GLU H 384 -20.56 27.59 32.30
CA GLU H 384 -19.78 26.81 33.25
C GLU H 384 -19.68 27.49 34.60
N HIS H 385 -19.51 28.82 34.61
CA HIS H 385 -19.43 29.54 35.88
C HIS H 385 -20.76 29.47 36.61
N LEU H 386 -21.87 29.40 35.87
CA LEU H 386 -23.18 29.24 36.49
C LEU H 386 -23.35 27.83 37.08
N ILE H 387 -22.78 26.82 36.44
CA ILE H 387 -22.92 25.45 36.93
C ILE H 387 -21.92 25.18 38.05
N LYS H 388 -20.67 25.64 37.89
CA LYS H 388 -19.68 25.48 38.94
C LYS H 388 -20.12 26.11 40.25
N ASN H 389 -21.00 27.11 40.19
CA ASN H 389 -21.51 27.79 41.36
C ASN H 389 -23.00 27.51 41.51
N LYS H 390 -23.52 27.87 42.69
CA LYS H 390 -24.90 27.63 43.06
C LYS H 390 -25.16 28.37 44.37
N GLY H 391 -24.10 28.99 44.89
CA GLY H 391 -24.20 29.86 46.04
C GLY H 391 -24.27 31.31 45.61
N LYS H 392 -24.83 31.55 44.43
CA LYS H 392 -25.06 32.91 43.98
C LYS H 392 -26.49 33.30 44.37
N LEU H 393 -26.72 34.61 44.47
CA LEU H 393 -28.03 35.09 44.87
C LEU H 393 -29.03 34.76 43.78
N GLU H 394 -29.95 33.83 44.04
CA GLU H 394 -30.87 33.43 42.99
C GLU H 394 -31.92 34.51 42.71
N ASN H 395 -31.50 35.79 42.76
CA ASN H 395 -32.44 36.88 42.45
C ASN H 395 -31.75 38.10 41.88
N LYS H 396 -30.56 37.99 41.29
CA LYS H 396 -29.78 39.15 40.87
C LYS H 396 -29.15 38.88 39.51
N VAL H 397 -29.06 39.92 38.69
CA VAL H 397 -28.31 39.87 37.44
C VAL H 397 -26.87 40.28 37.70
N TYR H 398 -25.93 39.48 37.23
CA TYR H 398 -24.51 39.75 37.37
C TYR H 398 -23.90 40.14 36.05
N ASN H 399 -22.84 40.95 36.13
CA ASN H 399 -21.98 41.19 34.99
C ASN H 399 -21.07 39.99 34.80
N VAL H 400 -20.46 39.90 33.63
CA VAL H 400 -19.52 38.79 33.42
C VAL H 400 -18.35 38.95 34.38
N PRO H 401 -17.93 37.89 35.06
CA PRO H 401 -16.74 38.00 35.91
C PRO H 401 -15.54 38.49 35.12
N ILE H 402 -14.83 39.47 35.69
CA ILE H 402 -13.71 40.10 35.00
C ILE H 402 -12.65 39.07 34.63
N GLU H 403 -12.57 37.99 35.41
CA GLU H 403 -11.66 36.90 35.09
C GLU H 403 -12.02 36.24 33.76
N ILE H 404 -13.32 36.02 33.51
CA ILE H 404 -13.75 35.41 32.26
C ILE H 404 -13.59 36.38 31.11
N ASP H 405 -13.96 37.64 31.33
CA ASP H 405 -13.75 38.69 30.34
C ASP H 405 -12.28 38.77 29.93
N GLU H 406 -11.36 38.61 30.88
CA GLU H 406 -9.94 38.73 30.58
C GLU H 406 -9.41 37.56 29.76
N GLN H 407 -9.87 36.34 30.06
CA GLN H 407 -9.43 35.19 29.28
C GLN H 407 -9.95 35.26 27.84
N VAL H 408 -11.19 35.74 27.66
CA VAL H 408 -11.74 35.86 26.31
C VAL H 408 -10.85 36.73 25.45
N ALA H 409 -10.42 37.88 25.99
CA ALA H 409 -9.56 38.77 25.22
C ALA H 409 -8.21 38.11 24.93
N ARG H 410 -7.61 37.47 25.92
CA ARG H 410 -6.32 36.81 25.70
C ARG H 410 -6.41 35.66 24.71
N LEU H 411 -7.54 34.92 24.73
CA LEU H 411 -7.71 33.85 23.75
C LEU H 411 -7.82 34.40 22.33
N LYS H 412 -8.55 35.50 22.15
CA LYS H 412 -8.62 36.11 20.83
C LYS H 412 -7.28 36.68 20.40
N LEU H 413 -6.58 37.37 21.30
CA LEU H 413 -5.28 37.96 20.94
C LEU H 413 -4.25 36.90 20.59
N LYS H 414 -4.15 35.85 21.41
CA LYS H 414 -3.26 34.74 21.11
C LYS H 414 -3.59 34.09 19.77
N ALA H 415 -4.87 33.86 19.51
CA ALA H 415 -5.26 33.24 18.24
C ALA H 415 -4.98 34.16 17.06
N LEU H 416 -5.03 35.47 17.27
CA LEU H 416 -4.72 36.43 16.23
C LEU H 416 -3.23 36.71 16.10
N GLY H 417 -2.41 36.12 16.98
CA GLY H 417 -0.98 36.31 16.90
C GLY H 417 -0.49 37.65 17.40
N ILE H 418 -1.19 38.24 18.37
CA ILE H 418 -0.91 39.58 18.87
C ILE H 418 -0.23 39.48 20.23
N GLU H 419 0.96 40.07 20.32
CA GLU H 419 1.70 40.11 21.57
C GLU H 419 1.47 41.46 22.25
N ILE H 420 1.25 41.42 23.55
CA ILE H 420 1.00 42.60 24.36
C ILE H 420 2.17 42.81 25.32
N GLU H 421 2.41 44.08 25.67
CA GLU H 421 3.55 44.42 26.49
C GLU H 421 3.41 43.92 27.92
N GLU H 422 4.52 43.47 28.49
CA GLU H 422 4.59 43.03 29.88
C GLU H 422 5.23 44.11 30.75
N LEU H 423 4.52 44.51 31.82
CA LEU H 423 5.02 45.53 32.73
C LEU H 423 6.14 44.98 33.62
N THR H 424 7.14 45.81 33.87
CA THR H 424 8.25 45.47 34.73
C THR H 424 7.82 45.51 36.20
N ILE H 425 8.70 44.97 37.06
CA ILE H 425 8.48 45.03 38.51
C ILE H 425 8.58 46.47 38.97
N GLU H 426 9.49 47.24 38.37
CA GLU H 426 9.64 48.66 38.66
C GLU H 426 8.40 49.44 38.24
N GLN H 427 7.77 49.04 37.13
CA GLN H 427 6.57 49.72 36.66
C GLN H 427 5.36 49.40 37.54
N LYS H 428 5.28 48.16 38.04
CA LYS H 428 4.16 47.78 38.88
C LYS H 428 4.18 48.52 40.22
N GLU H 429 5.38 48.82 40.73
CA GLU H 429 5.49 49.58 41.97
C GLU H 429 5.11 51.05 41.75
N TYR H 430 5.75 51.71 40.79
CA TYR H 430 5.28 53.03 40.36
C TYR H 430 3.89 52.90 39.75
N ILE H 431 2.87 53.15 40.57
CA ILE H 431 1.45 53.07 40.22
C ILE H 431 0.73 52.97 41.56
N LYS H 432 1.44 52.46 42.57
CA LYS H 432 0.93 52.34 43.92
C LYS H 432 1.53 53.37 44.87
N GLN H 433 2.57 54.09 44.46
CA GLN H 433 3.12 55.16 45.26
C GLN H 433 2.57 56.51 44.83
N TRP H 434 2.63 57.46 45.75
CA TRP H 434 2.10 58.80 45.59
C TRP H 434 3.02 59.88 46.14
N LYS H 435 4.02 59.51 46.94
CA LYS H 435 4.99 60.36 47.60
C LYS H 435 5.73 61.21 46.55
N TYR H 436 6.64 62.07 47.02
CA TYR H 436 7.45 62.87 46.11
C TYR H 436 8.53 61.98 45.51
N GLY H 437 8.11 60.98 44.74
CA GLY H 437 9.04 60.09 44.09
C GLY H 437 9.44 58.94 44.99
N THR H 438 10.67 58.46 44.81
CA THR H 438 11.22 57.40 45.65
C THR H 438 12.56 57.82 46.25
#